data_2VAT
#
_entry.id   2VAT
#
_cell.length_a   121.959
_cell.length_b   109.278
_cell.length_c   197.001
_cell.angle_alpha   90.00
_cell.angle_beta   90.23
_cell.angle_gamma   90.00
#
_symmetry.space_group_name_H-M   'P 1 21 1'
#
loop_
_entity.id
_entity.type
_entity.pdbx_description
1 polymer 'ACETYL-COA--DEACETYLCEPHALOSPORIN C ACETYLTRANSFERASE'
2 non-polymer 'COENZYME A'
3 non-polymer 'ACETATE ION'
4 non-polymer GLYCEROL
5 water water
#
_entity_poly.entity_id   1
_entity_poly.type   'polypeptide(L)'
_entity_poly.pdbx_seq_one_letter_code
;MLPSAQVARLKPDPFPPSLSPIPHGAVTFAALAPCHNLPIFSSRQMLRDSLTYSHTSPTMSPQIANRFEASLDAQDIARI
SLFTLESGVILRDVPVAYKSWGRMNVSRDNCVIVCHTLTSSAHVTSWWPTLFGQGRAFDTSRYFIICLNYLGSPFGSAGP
CSPDPDAEGQRPYGAKFPRTTIRDDVRIHRQVLDRLGVRQIAAVVGASMGGMHTLEWAFFGPEYVRKIVPIATSCRQSGW
CAAWFETQRQCIYDDPKYLDGEYDVDDQPVRGLETARKIANLTYKSKPAMDERFHMAPGVQAGRNISSQDAKKEINGTDS
GNSHRAGQPIEAVSSYLRYQAQKFAASFDANCYIAMTLKFDTHDISRGRAGSIPEALAMITQPALIICARSDGLYSFDEH
VEMGRSIPNSRLCVVDTNEGHDFFVMEADKVNDAVRGFLDQSLM
;
_entity_poly.pdbx_strand_id   A,B,C,D,E,F,G,H,I,J,K,L
#
loop_
_chem_comp.id
_chem_comp.type
_chem_comp.name
_chem_comp.formula
ACT non-polymer 'ACETATE ION' 'C2 H3 O2 -1'
COA non-polymer 'COENZYME A' 'C21 H36 N7 O16 P3 S'
GOL non-polymer GLYCEROL 'C3 H8 O3'
#
# COMPACT_ATOMS: atom_id res chain seq x y z
N ASN A 66 -25.81 -15.25 28.22
CA ASN A 66 -24.34 -15.57 28.18
C ASN A 66 -23.78 -15.93 29.56
N ARG A 67 -23.72 -17.24 29.82
CA ARG A 67 -23.28 -17.75 31.11
C ARG A 67 -21.78 -17.54 31.38
N PHE A 68 -20.99 -17.41 30.30
CA PHE A 68 -19.56 -17.13 30.43
C PHE A 68 -19.32 -15.72 30.98
N GLU A 69 -19.97 -14.74 30.35
CA GLU A 69 -19.93 -13.35 30.77
C GLU A 69 -20.56 -13.15 32.17
N ALA A 70 -21.67 -13.85 32.45
CA ALA A 70 -22.30 -13.85 33.80
C ALA A 70 -21.39 -14.28 34.95
N SER A 71 -20.39 -15.11 34.66
CA SER A 71 -19.53 -15.69 35.70
C SER A 71 -18.47 -14.71 36.22
N LEU A 72 -18.35 -13.59 35.52
CA LEU A 72 -17.26 -12.66 35.77
C LEU A 72 -17.57 -11.67 36.88
N ASP A 73 -16.53 -11.11 37.47
CA ASP A 73 -16.65 -9.93 38.27
C ASP A 73 -17.17 -8.78 37.42
N ALA A 74 -17.56 -7.68 38.07
CA ALA A 74 -18.09 -6.50 37.40
C ALA A 74 -17.10 -5.93 36.39
N GLN A 75 -17.60 -5.57 35.23
CA GLN A 75 -16.77 -4.94 34.20
C GLN A 75 -17.60 -3.92 33.39
N ASP A 76 -16.93 -3.12 32.58
CA ASP A 76 -17.58 -2.12 31.74
C ASP A 76 -17.78 -2.59 30.31
N ILE A 77 -18.80 -2.03 29.66
CA ILE A 77 -19.09 -2.30 28.25
C ILE A 77 -19.18 -0.96 27.52
N ALA A 78 -18.38 -0.80 26.46
CA ALA A 78 -18.54 0.29 25.51
C ALA A 78 -19.24 -0.28 24.28
N ARG A 79 -20.22 0.46 23.75
CA ARG A 79 -20.91 0.03 22.58
C ARG A 79 -20.56 0.90 21.36
N ILE A 80 -20.13 0.21 20.30
CA ILE A 80 -19.69 0.86 19.07
C ILE A 80 -20.78 0.63 18.07
N SER A 81 -21.42 1.71 17.60
CA SER A 81 -22.68 1.52 16.84
C SER A 81 -22.42 0.89 15.44
N LEU A 82 -21.29 1.23 14.82
CA LEU A 82 -20.89 0.61 13.55
C LEU A 82 -19.39 0.39 13.51
N PHE A 83 -18.97 -0.82 13.18
CA PHE A 83 -17.58 -1.15 13.04
C PHE A 83 -17.29 -1.96 11.76
N THR A 84 -16.38 -1.46 10.94
CA THR A 84 -16.02 -2.15 9.69
C THR A 84 -14.81 -3.07 9.92
N LEU A 85 -15.03 -4.36 9.85
CA LEU A 85 -13.94 -5.32 9.93
C LEU A 85 -13.11 -5.19 8.66
N GLU A 86 -11.84 -5.59 8.73
CA GLU A 86 -10.95 -5.41 7.57
C GLU A 86 -11.35 -6.26 6.38
N SER A 87 -12.20 -7.26 6.61
CA SER A 87 -12.82 -8.03 5.55
C SER A 87 -13.81 -7.14 4.75
N GLY A 88 -14.28 -6.08 5.39
CA GLY A 88 -15.34 -5.26 4.84
C GLY A 88 -16.71 -5.56 5.45
N VAL A 89 -16.84 -6.65 6.19
CA VAL A 89 -18.07 -6.95 6.90
C VAL A 89 -18.28 -5.89 8.03
N ILE A 90 -19.51 -5.39 8.12
CA ILE A 90 -19.83 -4.38 9.10
C ILE A 90 -20.55 -5.00 10.32
N LEU A 91 -20.01 -4.78 11.50
CA LEU A 91 -20.69 -5.16 12.75
C LEU A 91 -21.47 -4.00 13.30
N ARG A 92 -22.67 -4.28 13.82
CA ARG A 92 -23.53 -3.24 14.38
C ARG A 92 -23.75 -3.39 15.87
N ASP A 93 -23.80 -2.26 16.57
CA ASP A 93 -24.19 -2.22 17.98
C ASP A 93 -23.26 -3.14 18.75
N VAL A 94 -21.96 -2.87 18.66
CA VAL A 94 -20.91 -3.82 19.00
C VAL A 94 -20.45 -3.59 20.44
N PRO A 95 -20.70 -4.58 21.32
CA PRO A 95 -20.12 -4.40 22.67
C PRO A 95 -18.62 -4.71 22.74
N VAL A 96 -17.91 -3.89 23.49
CA VAL A 96 -16.55 -4.11 23.78
C VAL A 96 -16.42 -4.05 25.31
N ALA A 97 -16.08 -5.18 25.93
CA ALA A 97 -15.94 -5.25 27.38
C ALA A 97 -14.52 -4.90 27.75
N TYR A 98 -14.38 -4.31 28.92
CA TYR A 98 -13.09 -3.93 29.40
C TYR A 98 -13.14 -3.81 30.92
N LYS A 99 -11.97 -3.82 31.52
CA LYS A 99 -11.81 -3.67 32.92
C LYS A 99 -10.57 -2.79 33.08
N SER A 100 -10.66 -1.78 33.93
CA SER A 100 -9.52 -0.91 34.21
C SER A 100 -9.29 -0.83 35.71
N TRP A 101 -8.06 -0.43 36.07
CA TRP A 101 -7.64 -0.26 37.44
C TRP A 101 -6.87 1.03 37.47
N GLY A 102 -7.02 1.79 38.54
CA GLY A 102 -6.29 3.03 38.70
C GLY A 102 -6.99 4.16 38.01
N ARG A 103 -6.30 5.27 37.89
CA ARG A 103 -6.89 6.53 37.45
C ARG A 103 -5.96 7.23 36.46
N MET A 104 -6.51 7.78 35.38
CA MET A 104 -5.72 8.61 34.47
C MET A 104 -5.20 9.84 35.15
N ASN A 105 -3.95 10.21 34.90
CA ASN A 105 -3.45 11.50 35.33
C ASN A 105 -4.10 12.65 34.46
N VAL A 106 -3.65 13.88 34.63
CA VAL A 106 -4.44 14.97 34.06
C VAL A 106 -4.05 15.11 32.61
N SER A 107 -2.79 14.79 32.30
CA SER A 107 -2.34 14.65 30.89
C SER A 107 -2.95 13.47 30.15
N ARG A 108 -3.59 12.54 30.86
CA ARG A 108 -4.21 11.40 30.27
C ARG A 108 -3.18 10.56 29.43
N ASP A 109 -1.93 10.52 29.93
CA ASP A 109 -0.80 9.89 29.25
C ASP A 109 -0.09 8.78 30.08
N ASN A 110 -0.79 8.27 31.10
CA ASN A 110 -0.25 7.24 32.00
C ASN A 110 -1.01 5.91 31.81
N CYS A 111 -1.47 5.65 30.58
CA CYS A 111 -2.26 4.46 30.28
C CYS A 111 -1.36 3.29 29.96
N VAL A 112 -1.63 2.18 30.60
CA VAL A 112 -0.93 0.93 30.32
C VAL A 112 -2.01 -0.03 29.83
N ILE A 113 -1.83 -0.54 28.61
CA ILE A 113 -2.75 -1.55 28.04
C ILE A 113 -2.13 -2.94 28.30
N VAL A 114 -2.93 -3.82 28.86
CA VAL A 114 -2.57 -5.20 28.94
C VAL A 114 -3.43 -5.98 27.96
N CYS A 115 -2.80 -6.85 27.18
CA CYS A 115 -3.55 -7.66 26.25
C CYS A 115 -3.64 -9.09 26.80
N HIS A 116 -4.86 -9.64 26.83
CA HIS A 116 -5.09 -10.93 27.51
C HIS A 116 -4.78 -12.18 26.63
N THR A 117 -4.99 -13.37 27.16
CA THR A 117 -4.64 -14.57 26.44
C THR A 117 -5.91 -15.14 25.76
N LEU A 118 -5.72 -16.19 24.97
CA LEU A 118 -6.76 -16.86 24.23
C LEU A 118 -8.04 -17.17 24.98
N THR A 119 -7.93 -17.69 26.20
CA THR A 119 -9.14 -18.17 26.88
C THR A 119 -9.46 -17.37 28.15
N SER A 120 -8.71 -16.32 28.40
CA SER A 120 -9.05 -15.44 29.53
C SER A 120 -10.07 -14.33 29.15
N SER A 121 -10.58 -13.69 30.19
CA SER A 121 -11.44 -12.52 30.07
C SER A 121 -10.51 -11.31 30.19
N ALA A 122 -11.08 -10.11 30.25
CA ALA A 122 -10.28 -8.90 30.49
C ALA A 122 -9.75 -8.76 31.95
N HIS A 123 -10.24 -9.59 32.87
CA HIS A 123 -9.83 -9.54 34.30
C HIS A 123 -8.47 -10.14 34.58
N VAL A 124 -7.44 -9.37 34.24
CA VAL A 124 -6.04 -9.84 34.23
C VAL A 124 -5.57 -10.26 35.63
N THR A 125 -6.11 -9.58 36.63
CA THR A 125 -5.90 -9.90 38.03
C THR A 125 -6.15 -11.37 38.36
N SER A 126 -7.03 -12.04 37.62
CA SER A 126 -7.33 -13.42 37.96
C SER A 126 -6.21 -14.43 37.62
N TRP A 127 -5.35 -14.12 36.67
CA TRP A 127 -4.25 -15.03 36.39
C TRP A 127 -2.88 -14.37 36.49
N TRP A 128 -2.86 -13.04 36.52
CA TRP A 128 -1.65 -12.30 36.81
C TRP A 128 -1.77 -11.41 38.08
N PRO A 129 -2.29 -11.97 39.21
CA PRO A 129 -2.55 -11.12 40.40
C PRO A 129 -1.31 -10.43 40.96
N THR A 130 -0.15 -11.07 40.90
CA THR A 130 1.04 -10.48 41.50
C THR A 130 1.71 -9.39 40.69
N LEU A 131 1.18 -9.09 39.51
CA LEU A 131 1.71 -7.96 38.73
C LEU A 131 1.04 -6.62 39.08
N PHE A 132 -0.02 -6.67 39.88
CA PHE A 132 -0.78 -5.50 40.30
C PHE A 132 -0.42 -4.96 41.69
N GLY A 133 -0.52 -3.64 41.85
CA GLY A 133 -0.35 -3.02 43.16
C GLY A 133 0.85 -2.09 43.25
N GLN A 134 0.91 -1.36 44.37
CA GLN A 134 2.00 -0.42 44.67
C GLN A 134 3.37 -1.06 44.52
N GLY A 135 4.27 -0.42 43.77
CA GLY A 135 5.63 -0.94 43.57
C GLY A 135 5.73 -2.12 42.60
N ARG A 136 4.58 -2.68 42.17
CA ARG A 136 4.54 -3.78 41.14
C ARG A 136 4.45 -3.22 39.73
N ALA A 137 4.51 -4.11 38.73
CA ALA A 137 4.52 -3.68 37.31
C ALA A 137 3.28 -2.82 37.00
N PHE A 138 2.12 -3.35 37.34
CA PHE A 138 0.88 -2.68 37.06
C PHE A 138 0.51 -1.89 38.31
N ASP A 139 1.27 -0.82 38.54
CA ASP A 139 1.18 0.03 39.73
C ASP A 139 0.04 1.04 39.62
N THR A 140 -1.08 0.74 40.26
CA THR A 140 -2.32 1.50 40.10
C THR A 140 -2.27 2.86 40.82
N SER A 141 -1.12 3.17 41.41
CA SER A 141 -0.88 4.49 41.98
CA SER A 141 -0.87 4.49 41.98
C SER A 141 -0.14 5.39 40.98
N ARG A 142 0.37 4.79 39.90
CA ARG A 142 1.10 5.53 38.88
C ARG A 142 0.38 5.50 37.52
N TYR A 143 -0.34 4.40 37.24
CA TYR A 143 -0.87 4.14 35.91
C TYR A 143 -2.35 3.93 35.92
N PHE A 144 -2.99 4.33 34.81
CA PHE A 144 -4.32 3.81 34.44
C PHE A 144 -4.14 2.48 33.66
N ILE A 145 -4.47 1.34 34.28
CA ILE A 145 -4.23 0.06 33.63
C ILE A 145 -5.53 -0.38 33.02
N ILE A 146 -5.49 -0.88 31.77
CA ILE A 146 -6.73 -1.30 31.14
C ILE A 146 -6.55 -2.56 30.26
N CYS A 147 -7.52 -3.47 30.35
CA CYS A 147 -7.52 -4.60 29.49
C CYS A 147 -8.85 -4.72 28.79
N LEU A 148 -8.83 -4.89 27.47
CA LEU A 148 -10.09 -5.04 26.71
C LEU A 148 -10.29 -6.46 26.15
N ASN A 149 -11.50 -6.98 26.26
CA ASN A 149 -11.85 -8.30 25.77
C ASN A 149 -11.83 -8.28 24.19
N TYR A 150 -11.18 -9.30 23.61
CA TYR A 150 -11.09 -9.43 22.13
C TYR A 150 -12.43 -9.80 21.55
N LEU A 151 -12.65 -9.39 20.30
CA LEU A 151 -13.77 -9.89 19.53
C LEU A 151 -13.62 -11.41 19.39
N GLY A 152 -14.72 -12.12 19.42
CA GLY A 152 -14.68 -13.58 19.27
C GLY A 152 -14.73 -14.32 20.59
N SER A 153 -14.54 -13.60 21.69
CA SER A 153 -14.43 -14.13 23.05
C SER A 153 -15.81 -14.21 23.72
N PRO A 154 -16.02 -15.17 24.64
CA PRO A 154 -17.32 -15.26 25.33
C PRO A 154 -17.49 -14.25 26.48
N PHE A 155 -16.46 -13.44 26.75
CA PHE A 155 -16.40 -12.68 28.00
C PHE A 155 -16.84 -11.19 27.97
N GLY A 156 -17.75 -10.86 27.07
CA GLY A 156 -18.32 -9.53 27.02
C GLY A 156 -18.27 -8.81 25.70
N SER A 157 -17.17 -8.97 24.96
CA SER A 157 -17.06 -8.34 23.66
C SER A 157 -17.87 -9.15 22.65
N ALA A 158 -18.17 -8.52 21.50
CA ALA A 158 -18.92 -9.16 20.42
C ALA A 158 -18.26 -10.50 20.02
N GLY A 159 -19.05 -11.54 19.86
CA GLY A 159 -18.57 -12.83 19.52
C GLY A 159 -19.75 -13.75 19.34
N PRO A 160 -19.49 -15.04 19.12
CA PRO A 160 -20.51 -16.11 19.00
C PRO A 160 -21.59 -16.13 20.10
N CYS A 161 -21.24 -15.73 21.32
CA CYS A 161 -22.15 -15.79 22.47
C CYS A 161 -22.90 -14.48 22.72
N SER A 162 -22.65 -13.46 21.91
CA SER A 162 -23.29 -12.19 22.14
C SER A 162 -24.47 -12.01 21.18
N PRO A 163 -25.45 -11.15 21.56
CA PRO A 163 -26.66 -11.02 20.73
C PRO A 163 -26.40 -10.51 19.30
N ASP A 164 -27.03 -11.17 18.33
CA ASP A 164 -26.93 -10.79 16.93
C ASP A 164 -27.99 -9.72 16.63
N PRO A 165 -27.54 -8.48 16.36
CA PRO A 165 -28.49 -7.39 16.13
C PRO A 165 -29.45 -7.64 14.95
N ASP A 166 -29.06 -8.46 13.98
CA ASP A 166 -29.90 -8.74 12.83
C ASP A 166 -30.92 -9.87 13.06
N ALA A 167 -31.26 -10.13 14.32
CA ALA A 167 -32.30 -11.10 14.67
C ALA A 167 -32.88 -10.86 16.09
N GLU A 168 -32.27 -9.92 16.83
CA GLU A 168 -32.49 -9.78 18.27
C GLU A 168 -32.63 -8.33 18.64
N ARG A 171 -31.35 -14.07 19.95
CA ARG A 171 -30.49 -15.04 19.29
C ARG A 171 -29.07 -14.47 19.15
N PRO A 172 -28.08 -15.22 19.67
CA PRO A 172 -26.66 -14.86 19.53
C PRO A 172 -26.19 -15.11 18.10
N TYR A 173 -25.02 -14.55 17.76
CA TYR A 173 -24.38 -14.85 16.49
C TYR A 173 -24.17 -16.33 16.27
N GLY A 174 -23.80 -17.07 17.32
CA GLY A 174 -23.48 -18.48 17.20
C GLY A 174 -22.37 -18.74 16.22
N ALA A 175 -22.60 -19.70 15.33
CA ALA A 175 -21.59 -20.13 14.37
C ALA A 175 -21.37 -19.11 13.23
N LYS A 176 -22.21 -18.08 13.21
CA LYS A 176 -22.15 -17.08 12.13
C LYS A 176 -21.39 -15.80 12.47
N PHE A 177 -20.71 -15.74 13.62
CA PHE A 177 -19.91 -14.59 13.96
C PHE A 177 -18.78 -14.48 12.90
N PRO A 178 -18.67 -13.31 12.24
CA PRO A 178 -17.67 -13.05 11.19
C PRO A 178 -16.24 -13.25 11.69
N ARG A 179 -15.35 -13.65 10.79
CA ARG A 179 -13.93 -13.73 11.07
C ARG A 179 -13.39 -12.33 11.42
N THR A 180 -12.50 -12.30 12.42
CA THR A 180 -11.88 -11.09 12.92
C THR A 180 -10.39 -11.35 12.99
N THR A 181 -9.58 -10.29 12.94
CA THR A 181 -8.17 -10.39 12.93
C THR A 181 -7.63 -9.75 14.18
N ILE A 182 -6.35 -10.00 14.49
CA ILE A 182 -5.65 -9.28 15.51
C ILE A 182 -5.79 -7.74 15.29
N ARG A 183 -5.63 -7.32 14.03
CA ARG A 183 -5.72 -5.90 13.67
C ARG A 183 -7.10 -5.29 13.91
N ASP A 184 -8.18 -6.05 13.67
CA ASP A 184 -9.54 -5.67 14.02
C ASP A 184 -9.70 -5.34 15.50
N ASP A 185 -9.15 -6.20 16.35
CA ASP A 185 -9.20 -6.04 17.82
C ASP A 185 -8.45 -4.77 18.20
N VAL A 186 -7.24 -4.60 17.67
CA VAL A 186 -6.44 -3.42 18.01
C VAL A 186 -7.22 -2.14 17.59
N ARG A 187 -7.85 -2.18 16.41
CA ARG A 187 -8.62 -1.03 15.89
C ARG A 187 -9.85 -0.64 16.77
N ILE A 188 -10.71 -1.60 17.10
CA ILE A 188 -11.87 -1.32 17.89
C ILE A 188 -11.48 -0.98 19.33
N HIS A 189 -10.40 -1.58 19.84
CA HIS A 189 -9.93 -1.27 21.21
C HIS A 189 -9.44 0.15 21.28
N ARG A 190 -8.77 0.62 20.25
CA ARG A 190 -8.35 2.03 20.22
CA ARG A 190 -8.35 2.02 20.22
C ARG A 190 -9.52 3.02 20.16
N GLN A 191 -10.60 2.65 19.50
CA GLN A 191 -11.79 3.48 19.46
C GLN A 191 -12.35 3.66 20.89
N VAL A 192 -12.38 2.58 21.67
CA VAL A 192 -12.76 2.64 23.09
C VAL A 192 -11.81 3.54 23.88
N LEU A 193 -10.50 3.40 23.70
CA LEU A 193 -9.57 4.26 24.42
C LEU A 193 -9.78 5.76 24.09
N ASP A 194 -10.07 6.07 22.82
CA ASP A 194 -10.44 7.44 22.39
C ASP A 194 -11.71 7.95 23.09
N ARG A 195 -12.71 7.07 23.26
CA ARG A 195 -13.93 7.39 24.00
C ARG A 195 -13.68 7.73 25.47
N LEU A 196 -12.71 7.03 26.09
CA LEU A 196 -12.30 7.24 27.48
C LEU A 196 -11.38 8.44 27.63
N GLY A 197 -10.87 8.96 26.52
CA GLY A 197 -10.01 10.13 26.59
C GLY A 197 -8.55 9.86 26.77
N VAL A 198 -8.08 8.67 26.40
CA VAL A 198 -6.69 8.36 26.59
C VAL A 198 -5.92 9.18 25.55
N ARG A 199 -4.88 9.89 25.98
CA ARG A 199 -4.17 10.76 25.08
C ARG A 199 -2.90 10.06 24.58
N GLN A 200 -2.27 9.30 25.49
CA GLN A 200 -1.07 8.59 25.14
C GLN A 200 -0.95 7.32 25.94
N ILE A 201 -0.38 6.30 25.31
CA ILE A 201 -0.17 5.03 25.99
C ILE A 201 1.28 4.91 26.46
N ALA A 202 1.46 4.76 27.77
CA ALA A 202 2.79 4.61 28.37
C ALA A 202 3.43 3.26 27.99
N ALA A 203 2.62 2.19 27.96
CA ALA A 203 3.12 0.88 27.54
C ALA A 203 1.98 -0.02 27.12
N VAL A 204 2.26 -0.91 26.17
CA VAL A 204 1.42 -2.10 25.97
C VAL A 204 2.20 -3.35 26.33
N VAL A 205 1.53 -4.23 27.06
CA VAL A 205 2.13 -5.45 27.56
C VAL A 205 1.17 -6.58 27.24
N GLY A 206 1.70 -7.65 26.64
CA GLY A 206 0.87 -8.84 26.34
C GLY A 206 1.71 -10.06 26.07
N ALA A 207 1.23 -11.20 26.54
CA ALA A 207 1.87 -12.49 26.37
C ALA A 207 1.06 -13.39 25.42
N SER A 208 1.77 -14.16 24.60
CA SER A 208 1.16 -15.22 23.82
C SER A 208 0.26 -14.56 22.77
N MET A 209 -1.03 -14.86 22.71
CA MET A 209 -1.87 -14.14 21.77
C MET A 209 -1.77 -12.63 21.99
N GLY A 210 -1.82 -12.21 23.26
CA GLY A 210 -1.64 -10.80 23.62
C GLY A 210 -0.36 -10.15 23.15
N GLY A 211 0.71 -10.93 22.95
CA GLY A 211 1.94 -10.40 22.36
C GLY A 211 1.80 -10.06 20.87
N MET A 212 0.87 -10.72 20.22
CA MET A 212 0.54 -10.45 18.80
C MET A 212 -0.17 -9.09 18.67
N HIS A 213 -1.25 -8.90 19.42
CA HIS A 213 -1.89 -7.56 19.62
C HIS A 213 -0.86 -6.47 20.01
N THR A 214 0.04 -6.78 20.93
CA THR A 214 1.09 -5.85 21.39
C THR A 214 1.95 -5.34 20.24
N LEU A 215 2.39 -6.27 19.42
CA LEU A 215 3.19 -5.89 18.26
C LEU A 215 2.37 -5.07 17.27
N GLU A 216 1.11 -5.42 17.08
CA GLU A 216 0.24 -4.61 16.23
C GLU A 216 -0.04 -3.20 16.78
N TRP A 217 -0.21 -3.06 18.10
CA TRP A 217 -0.33 -1.75 18.77
C TRP A 217 0.84 -0.83 18.44
N ALA A 218 2.04 -1.39 18.43
CA ALA A 218 3.27 -0.62 18.16
C ALA A 218 3.24 0.22 16.88
N PHE A 219 2.45 -0.22 15.88
CA PHE A 219 2.43 0.42 14.56
C PHE A 219 1.67 1.74 14.54
N PHE A 220 0.92 2.04 15.61
CA PHE A 220 0.36 3.41 15.80
C PHE A 220 1.48 4.46 15.96
N GLY A 221 2.68 4.00 16.33
CA GLY A 221 3.85 4.80 16.32
C GLY A 221 4.20 5.22 17.74
N PRO A 222 5.43 5.72 17.92
CA PRO A 222 5.97 6.10 19.23
C PRO A 222 5.33 7.33 19.91
N GLU A 223 4.63 8.19 19.16
CA GLU A 223 3.92 9.26 19.82
C GLU A 223 2.66 8.80 20.52
N TYR A 224 1.96 7.79 20.01
CA TYR A 224 0.77 7.32 20.68
C TYR A 224 1.12 6.17 21.64
N VAL A 225 2.01 5.28 21.20
CA VAL A 225 2.41 4.11 21.98
C VAL A 225 3.90 4.21 22.37
N ARG A 226 4.19 4.51 23.63
CA ARG A 226 5.57 4.84 24.00
C ARG A 226 6.53 3.66 24.13
N LYS A 227 6.00 2.50 24.55
CA LYS A 227 6.80 1.31 24.83
C LYS A 227 5.95 0.07 24.58
N ILE A 228 6.60 -1.04 24.25
CA ILE A 228 5.88 -2.32 24.14
C ILE A 228 6.65 -3.40 24.89
N VAL A 229 5.89 -4.36 25.43
CA VAL A 229 6.47 -5.58 26.06
C VAL A 229 5.80 -6.84 25.49
N PRO A 230 6.26 -7.29 24.30
CA PRO A 230 5.80 -8.56 23.75
C PRO A 230 6.48 -9.75 24.47
N ILE A 231 5.67 -10.69 24.90
CA ILE A 231 6.13 -11.79 25.68
C ILE A 231 5.67 -13.07 25.02
N ALA A 232 6.58 -14.03 24.82
CA ALA A 232 6.22 -15.40 24.47
C ALA A 232 5.26 -15.42 23.28
N THR A 233 5.72 -14.90 22.17
CA THR A 233 4.80 -14.64 21.07
C THR A 233 5.48 -14.77 19.71
N SER A 234 4.76 -14.40 18.64
CA SER A 234 5.31 -14.40 17.28
C SER A 234 4.90 -13.16 16.46
N CYS A 235 5.61 -12.93 15.36
CA CYS A 235 5.34 -11.85 14.40
C CYS A 235 4.33 -12.23 13.33
N ARG A 236 4.16 -13.53 13.09
CA ARG A 236 3.14 -14.00 12.17
C ARG A 236 2.90 -15.45 12.46
N GLN A 237 1.78 -15.97 11.94
CA GLN A 237 1.48 -17.41 12.02
C GLN A 237 2.61 -18.31 11.42
N SER A 238 2.85 -19.43 12.09
CA SER A 238 3.83 -20.42 11.65
C SER A 238 3.09 -21.74 11.34
N GLY A 239 3.65 -22.57 10.45
CA GLY A 239 3.05 -23.85 10.18
C GLY A 239 2.88 -24.76 11.40
N TRP A 240 3.86 -24.73 12.29
CA TRP A 240 3.81 -25.47 13.59
C TRP A 240 2.56 -25.12 14.45
N CYS A 241 2.39 -23.84 14.77
CA CYS A 241 1.22 -23.43 15.53
C CYS A 241 -0.07 -23.59 14.74
N ALA A 242 -0.03 -23.36 13.45
CA ALA A 242 -1.25 -23.55 12.65
C ALA A 242 -1.70 -24.98 12.75
N ALA A 243 -0.75 -25.92 12.68
CA ALA A 243 -1.04 -27.38 12.76
C ALA A 243 -1.56 -27.80 14.13
N TRP A 244 -0.91 -27.32 15.23
CA TRP A 244 -1.43 -27.59 16.57
C TRP A 244 -2.86 -27.06 16.81
N PHE A 245 -3.13 -25.82 16.43
CA PHE A 245 -4.44 -25.26 16.63
C PHE A 245 -5.54 -25.82 15.71
N GLU A 246 -5.20 -26.13 14.45
CA GLU A 246 -6.14 -26.82 13.59
C GLU A 246 -6.48 -28.24 14.11
N THR A 247 -5.46 -28.98 14.56
CA THR A 247 -5.73 -30.26 15.21
C THR A 247 -6.75 -30.09 16.35
N GLN A 248 -6.54 -29.07 17.19
CA GLN A 248 -7.51 -28.78 18.26
C GLN A 248 -8.93 -28.45 17.71
N ARG A 249 -9.02 -27.67 16.66
CA ARG A 249 -10.34 -27.33 16.11
C ARG A 249 -11.03 -28.57 15.57
N GLN A 250 -10.26 -29.40 14.85
CA GLN A 250 -10.82 -30.65 14.30
C GLN A 250 -11.43 -31.55 15.38
N CYS A 251 -10.86 -31.55 16.59
CA CYS A 251 -11.50 -32.26 17.73
C CYS A 251 -12.94 -31.80 17.96
N ILE A 252 -13.14 -30.47 17.88
CA ILE A 252 -14.47 -29.86 18.00
C ILE A 252 -15.33 -30.22 16.78
N TYR A 253 -14.79 -29.98 15.58
CA TYR A 253 -15.52 -30.31 14.37
C TYR A 253 -16.02 -31.76 14.37
N ASP A 254 -15.23 -32.69 14.94
CA ASP A 254 -15.52 -34.13 14.89
C ASP A 254 -16.44 -34.63 15.98
N ASP A 255 -16.65 -33.81 17.00
CA ASP A 255 -17.59 -34.12 18.07
C ASP A 255 -19.02 -34.02 17.51
N PRO A 256 -19.82 -35.11 17.67
CA PRO A 256 -21.18 -35.11 17.12
C PRO A 256 -22.13 -34.11 17.78
N LYS A 257 -21.74 -33.60 18.95
CA LYS A 257 -22.52 -32.60 19.62
C LYS A 257 -22.35 -31.20 19.02
N TYR A 258 -21.39 -31.05 18.12
CA TYR A 258 -21.01 -29.74 17.59
C TYR A 258 -22.05 -29.23 16.62
N LEU A 259 -22.61 -30.15 15.82
CA LEU A 259 -23.74 -29.87 14.97
C LEU A 259 -23.48 -28.65 14.09
N ASP A 260 -22.29 -28.58 13.48
CA ASP A 260 -21.91 -27.43 12.64
C ASP A 260 -21.93 -26.07 13.30
N GLY A 261 -21.80 -26.03 14.63
CA GLY A 261 -21.80 -24.79 15.36
C GLY A 261 -23.19 -24.43 15.88
N GLU A 262 -24.17 -25.28 15.57
CA GLU A 262 -25.56 -25.02 15.90
C GLU A 262 -25.97 -25.62 17.23
N TYR A 263 -25.00 -26.11 18.00
CA TYR A 263 -25.30 -26.70 19.31
C TYR A 263 -25.97 -25.69 20.27
N ASP A 264 -26.79 -26.21 21.19
CA ASP A 264 -27.28 -25.41 22.32
C ASP A 264 -26.13 -25.06 23.27
N VAL A 265 -26.10 -23.82 23.73
CA VAL A 265 -25.03 -23.34 24.58
C VAL A 265 -24.79 -24.14 25.86
N ASP A 266 -25.81 -24.88 26.29
CA ASP A 266 -25.70 -25.68 27.50
C ASP A 266 -25.50 -27.17 27.16
N ASP A 267 -25.41 -27.47 25.86
CA ASP A 267 -25.09 -28.81 25.40
C ASP A 267 -23.87 -28.73 24.43
N GLN A 268 -22.76 -28.20 24.95
CA GLN A 268 -21.50 -28.01 24.17
C GLN A 268 -20.91 -29.33 23.64
N PRO A 269 -20.09 -29.25 22.57
CA PRO A 269 -19.28 -30.40 22.18
C PRO A 269 -18.12 -30.63 23.18
N VAL A 270 -18.50 -31.19 24.32
CA VAL A 270 -17.62 -31.33 25.47
C VAL A 270 -16.38 -32.22 25.23
N ARG A 271 -16.55 -33.32 24.51
CA ARG A 271 -15.41 -34.17 24.16
C ARG A 271 -14.40 -33.45 23.30
N GLY A 272 -14.91 -32.72 22.31
CA GLY A 272 -14.07 -31.89 21.48
C GLY A 272 -13.26 -30.86 22.26
N LEU A 273 -13.95 -30.12 23.13
CA LEU A 273 -13.29 -29.09 23.97
C LEU A 273 -12.28 -29.68 24.93
N GLU A 274 -12.64 -30.81 25.53
CA GLU A 274 -11.75 -31.50 26.46
C GLU A 274 -10.45 -31.92 25.80
N THR A 275 -10.55 -32.49 24.61
CA THR A 275 -9.40 -33.03 23.89
C THR A 275 -8.55 -31.87 23.38
N ALA A 276 -9.21 -30.79 22.95
CA ALA A 276 -8.49 -29.60 22.53
C ALA A 276 -7.64 -29.07 23.71
N ARG A 277 -8.21 -29.06 24.91
CA ARG A 277 -7.46 -28.63 26.13
C ARG A 277 -6.29 -29.50 26.50
N LYS A 278 -6.49 -30.81 26.53
CA LYS A 278 -5.39 -31.71 26.81
C LYS A 278 -4.20 -31.46 25.90
N ILE A 279 -4.46 -31.38 24.60
CA ILE A 279 -3.43 -31.08 23.63
C ILE A 279 -2.78 -29.73 23.93
N ALA A 280 -3.61 -28.66 24.03
CA ALA A 280 -3.09 -27.30 24.24
C ALA A 280 -2.21 -27.22 25.50
N ASN A 281 -2.70 -27.78 26.59
CA ASN A 281 -1.94 -27.83 27.85
C ASN A 281 -0.54 -28.40 27.72
N LEU A 282 -0.41 -29.48 26.96
CA LEU A 282 0.91 -30.07 26.77
C LEU A 282 1.81 -29.25 25.90
N THR A 283 1.25 -28.65 24.84
CA THR A 283 2.04 -27.73 24.04
C THR A 283 2.47 -26.51 24.86
N TYR A 284 1.72 -26.19 25.93
CA TYR A 284 2.11 -25.05 26.84
C TYR A 284 3.21 -25.36 27.86
N LYS A 285 3.51 -26.65 28.06
CA LYS A 285 4.51 -27.07 29.03
C LYS A 285 5.78 -27.49 28.31
N SER A 286 6.58 -28.30 28.96
CA SER A 286 7.80 -28.79 28.38
C SER A 286 8.01 -30.20 28.92
N LYS A 287 8.93 -30.93 28.27
CA LYS A 287 9.39 -32.22 28.76
C LYS A 287 9.89 -32.16 30.21
N PRO A 288 10.88 -31.30 30.53
CA PRO A 288 11.31 -31.22 31.97
C PRO A 288 10.19 -30.85 32.96
N ALA A 289 9.24 -30.01 32.55
CA ALA A 289 8.18 -29.63 33.47
C ALA A 289 7.20 -30.79 33.74
N MET A 290 6.87 -31.53 32.69
CA MET A 290 6.03 -32.69 32.85
C MET A 290 6.73 -33.85 33.55
N ASP A 291 8.04 -33.98 33.33
CA ASP A 291 8.84 -35.03 33.96
C ASP A 291 8.96 -34.79 35.47
N GLU A 292 9.01 -33.52 35.89
CA GLU A 292 9.01 -33.17 37.34
C GLU A 292 7.67 -33.46 37.99
N ARG A 293 6.59 -33.21 37.27
CA ARG A 293 5.25 -33.46 37.74
C ARG A 293 4.84 -34.95 37.80
N PHE A 294 5.31 -35.75 36.84
CA PHE A 294 5.00 -37.19 36.77
C PHE A 294 6.25 -37.99 36.45
N HIS A 295 6.56 -38.94 37.33
CA HIS A 295 7.74 -39.76 37.16
C HIS A 295 7.59 -41.15 37.80
N MET A 296 8.38 -42.10 37.31
CA MET A 296 8.45 -43.44 37.86
C MET A 296 9.18 -43.45 39.23
N ALA A 297 8.93 -44.47 40.05
CA ALA A 297 9.71 -44.68 41.27
C ALA A 297 11.15 -45.13 40.95
N PRO A 298 12.12 -44.83 41.84
CA PRO A 298 13.49 -45.38 41.66
C PRO A 298 13.45 -46.93 41.49
N GLY A 299 14.37 -47.45 40.67
CA GLY A 299 14.36 -48.84 40.24
C GLY A 299 14.33 -49.85 41.38
N VAL A 300 15.05 -49.50 42.45
CA VAL A 300 15.13 -50.37 43.64
C VAL A 300 15.04 -49.54 44.95
N GLN A 328 1.81 -37.53 41.33
CA GLN A 328 3.23 -37.53 40.89
C GLN A 328 3.66 -38.82 40.16
N PRO A 329 3.17 -39.99 40.53
CA PRO A 329 3.45 -41.18 39.74
C PRO A 329 2.85 -41.25 38.33
N ILE A 330 3.38 -42.11 37.48
CA ILE A 330 2.96 -42.17 36.07
C ILE A 330 1.45 -42.50 35.97
N GLU A 331 0.97 -43.38 36.82
CA GLU A 331 -0.44 -43.76 36.89
C GLU A 331 -1.39 -42.57 37.12
N ALA A 332 -0.84 -41.47 37.67
CA ALA A 332 -1.67 -40.32 37.99
C ALA A 332 -1.97 -39.43 36.75
N VAL A 333 -1.26 -39.68 35.66
CA VAL A 333 -1.33 -38.83 34.45
C VAL A 333 -2.79 -38.79 33.93
N SER A 334 -3.44 -39.94 33.90
CA SER A 334 -4.76 -40.06 33.37
C SER A 334 -5.74 -39.11 34.03
N SER A 335 -5.75 -39.16 35.34
CA SER A 335 -6.60 -38.32 36.16
C SER A 335 -6.29 -36.83 35.99
N TYR A 336 -5.02 -36.49 35.92
CA TYR A 336 -4.61 -35.14 35.69
C TYR A 336 -5.15 -34.57 34.36
N LEU A 337 -5.09 -35.38 33.30
CA LEU A 337 -5.52 -34.97 31.99
C LEU A 337 -7.04 -34.77 31.96
N ARG A 338 -7.77 -35.67 32.60
CA ARG A 338 -9.22 -35.62 32.61
C ARG A 338 -9.66 -34.41 33.39
N TYR A 339 -9.00 -34.13 34.51
CA TYR A 339 -9.35 -32.99 35.33
C TYR A 339 -9.10 -31.66 34.58
N GLN A 340 -7.90 -31.48 34.04
CA GLN A 340 -7.57 -30.28 33.23
C GLN A 340 -8.60 -30.04 32.11
N ALA A 341 -8.91 -31.09 31.38
CA ALA A 341 -9.82 -31.00 30.22
C ALA A 341 -11.25 -30.63 30.62
N GLN A 342 -11.81 -31.34 31.59
CA GLN A 342 -13.15 -31.09 32.12
C GLN A 342 -13.34 -29.65 32.65
N LYS A 343 -12.35 -29.15 33.35
CA LYS A 343 -12.37 -27.81 33.90
C LYS A 343 -12.53 -26.76 32.76
N PHE A 344 -11.73 -26.91 31.70
CA PHE A 344 -11.82 -26.03 30.52
C PHE A 344 -13.15 -26.16 29.77
N ALA A 345 -13.60 -27.39 29.56
CA ALA A 345 -14.84 -27.64 28.81
C ALA A 345 -16.12 -27.09 29.48
N ALA A 346 -16.07 -26.98 30.82
CA ALA A 346 -17.18 -26.44 31.61
C ALA A 346 -17.23 -24.90 31.55
N SER A 347 -16.13 -24.27 31.17
CA SER A 347 -16.00 -22.83 31.30
C SER A 347 -15.66 -22.02 29.99
N PHE A 348 -15.80 -22.66 28.83
CA PHE A 348 -15.53 -21.98 27.57
C PHE A 348 -16.46 -22.44 26.50
N ASP A 349 -16.63 -21.61 25.46
CA ASP A 349 -17.58 -21.92 24.39
C ASP A 349 -16.83 -22.43 23.15
N ALA A 350 -17.38 -23.43 22.49
CA ALA A 350 -16.73 -24.10 21.34
C ALA A 350 -16.59 -23.17 20.12
N ASN A 351 -17.70 -22.52 19.73
CA ASN A 351 -17.67 -21.51 18.67
C ASN A 351 -16.68 -20.38 18.89
N CYS A 352 -16.63 -19.87 20.11
CA CYS A 352 -15.59 -18.90 20.48
C CYS A 352 -14.19 -19.46 20.36
N TYR A 353 -14.00 -20.72 20.76
CA TYR A 353 -12.65 -21.32 20.68
C TYR A 353 -12.20 -21.38 19.21
N ILE A 354 -13.10 -21.81 18.35
CA ILE A 354 -12.89 -21.76 16.89
C ILE A 354 -12.62 -20.34 16.38
N ALA A 355 -13.50 -19.39 16.74
CA ALA A 355 -13.35 -18.02 16.24
C ALA A 355 -12.01 -17.45 16.64
N MET A 356 -11.63 -17.62 17.90
CA MET A 356 -10.41 -17.00 18.41
C MET A 356 -9.11 -17.63 17.91
N THR A 357 -9.06 -18.96 17.80
CA THR A 357 -7.84 -19.60 17.31
C THR A 357 -7.63 -19.31 15.82
N LEU A 358 -8.72 -19.20 15.08
CA LEU A 358 -8.63 -18.80 13.68
C LEU A 358 -7.95 -17.42 13.50
N LYS A 359 -7.98 -16.58 14.53
CA LYS A 359 -7.29 -15.24 14.51
C LYS A 359 -5.80 -15.41 14.38
N PHE A 360 -5.29 -16.51 14.93
CA PHE A 360 -3.87 -16.81 14.86
C PHE A 360 -3.43 -16.93 13.41
N ASP A 361 -4.25 -17.57 12.59
CA ASP A 361 -3.92 -17.84 11.19
C ASP A 361 -3.75 -16.57 10.30
N THR A 362 -4.34 -15.45 10.71
CA THR A 362 -4.21 -14.21 9.91
C THR A 362 -3.26 -13.19 10.54
N HIS A 363 -2.54 -13.62 11.58
CA HIS A 363 -1.57 -12.77 12.19
C HIS A 363 -0.29 -12.66 11.33
N ASP A 364 0.12 -11.43 11.03
CA ASP A 364 1.32 -11.20 10.23
C ASP A 364 1.55 -9.69 10.25
N ILE A 365 2.49 -9.26 11.05
CA ILE A 365 2.72 -7.83 11.16
C ILE A 365 3.21 -7.16 9.83
N SER A 366 3.68 -7.96 8.89
CA SER A 366 4.20 -7.46 7.63
C SER A 366 3.14 -7.31 6.53
N ARG A 367 1.99 -7.98 6.65
CA ARG A 367 1.09 -8.04 5.53
C ARG A 367 0.49 -6.64 5.19
N GLY A 368 0.54 -6.27 3.91
CA GLY A 368 0.21 -4.91 3.45
C GLY A 368 1.19 -3.81 3.84
N ARG A 369 2.19 -4.12 4.64
CA ARG A 369 3.08 -3.09 5.19
C ARG A 369 4.47 -3.13 4.65
N ALA A 370 5.02 -4.34 4.53
CA ALA A 370 6.44 -4.53 4.25
C ALA A 370 6.64 -5.83 3.50
N GLY A 371 7.81 -6.01 2.91
CA GLY A 371 8.05 -7.17 2.07
C GLY A 371 8.50 -8.36 2.86
N SER A 372 8.90 -8.13 4.11
CA SER A 372 9.32 -9.21 5.00
C SER A 372 9.07 -8.88 6.46
N ILE A 373 9.19 -9.89 7.31
CA ILE A 373 9.09 -9.73 8.74
C ILE A 373 10.18 -8.81 9.29
N PRO A 374 11.46 -9.04 8.92
CA PRO A 374 12.51 -8.12 9.41
C PRO A 374 12.28 -6.64 9.07
N GLU A 375 11.71 -6.40 7.91
CA GLU A 375 11.42 -5.06 7.46
C GLU A 375 10.24 -4.45 8.21
N ALA A 376 9.24 -5.27 8.57
CA ALA A 376 8.12 -4.80 9.40
C ALA A 376 8.60 -4.48 10.82
N LEU A 377 9.39 -5.37 11.40
CA LEU A 377 9.99 -5.17 12.72
C LEU A 377 10.77 -3.86 12.81
N ALA A 378 11.47 -3.52 11.73
CA ALA A 378 12.30 -2.30 11.64
C ALA A 378 11.46 -1.03 11.74
N MET A 379 10.17 -1.14 11.48
CA MET A 379 9.25 0.00 11.55
C MET A 379 8.73 0.19 12.98
N ILE A 380 9.16 -0.66 13.89
CA ILE A 380 8.79 -0.51 15.28
C ILE A 380 9.87 0.32 15.98
N THR A 381 9.50 1.54 16.27
CA THR A 381 10.41 2.57 16.66
C THR A 381 10.47 2.77 18.19
N GLN A 382 9.38 2.41 18.91
CA GLN A 382 9.31 2.44 20.39
C GLN A 382 10.42 1.59 20.99
N PRO A 383 10.87 1.93 22.21
CA PRO A 383 11.59 0.93 23.02
C PRO A 383 10.75 -0.37 23.22
N ALA A 384 11.41 -1.52 23.06
CA ALA A 384 10.74 -2.82 23.24
C ALA A 384 11.47 -3.69 24.24
N LEU A 385 10.72 -4.31 25.13
CA LEU A 385 11.25 -5.38 25.97
C LEU A 385 10.59 -6.72 25.53
N ILE A 386 11.41 -7.65 25.01
CA ILE A 386 10.95 -8.94 24.46
C ILE A 386 11.25 -9.99 25.49
N ILE A 387 10.21 -10.62 26.04
CA ILE A 387 10.41 -11.62 27.07
C ILE A 387 10.06 -13.03 26.56
N CYS A 388 10.96 -13.98 26.84
CA CYS A 388 10.80 -15.34 26.35
C CYS A 388 11.51 -16.33 27.24
N ALA A 389 11.23 -17.63 27.02
CA ALA A 389 11.93 -18.78 27.62
C ALA A 389 12.40 -19.73 26.50
N ARG A 390 13.64 -20.21 26.62
CA ARG A 390 14.17 -21.27 25.71
C ARG A 390 13.28 -22.53 25.67
N SER A 391 12.62 -22.85 26.79
CA SER A 391 11.78 -24.03 26.90
C SER A 391 10.36 -23.91 26.31
N ASP A 392 10.00 -22.72 25.81
CA ASP A 392 8.72 -22.53 25.13
C ASP A 392 8.71 -23.38 23.83
N GLY A 393 7.79 -24.34 23.75
CA GLY A 393 7.73 -25.24 22.58
C GLY A 393 6.84 -24.75 21.45
N LEU A 394 6.12 -23.65 21.67
CA LEU A 394 5.28 -23.11 20.59
C LEU A 394 5.91 -21.88 19.93
N TYR A 395 6.46 -20.99 20.73
CA TYR A 395 7.08 -19.74 20.23
C TYR A 395 8.56 -19.84 20.55
N SER A 396 9.38 -20.03 19.53
CA SER A 396 10.77 -20.35 19.73
C SER A 396 11.63 -19.20 20.21
N PHE A 397 12.74 -19.59 20.85
CA PHE A 397 13.73 -18.66 21.30
C PHE A 397 14.25 -17.88 20.10
N ASP A 398 14.54 -18.59 19.01
CA ASP A 398 15.06 -18.00 17.78
C ASP A 398 14.20 -16.90 17.22
N GLU A 399 12.89 -17.07 17.26
CA GLU A 399 12.00 -16.06 16.68
C GLU A 399 11.92 -14.79 17.54
N HIS A 400 12.12 -14.95 18.85
CA HIS A 400 12.31 -13.81 19.75
C HIS A 400 13.65 -13.11 19.52
N VAL A 401 14.73 -13.89 19.32
CA VAL A 401 16.01 -13.32 18.87
C VAL A 401 15.88 -12.53 17.55
N GLU A 402 15.16 -13.08 16.58
CA GLU A 402 14.86 -12.33 15.35
C GLU A 402 14.13 -11.01 15.60
N MET A 403 13.13 -11.00 16.50
CA MET A 403 12.50 -9.76 16.89
C MET A 403 13.52 -8.75 17.39
N GLY A 404 14.37 -9.19 18.31
CA GLY A 404 15.39 -8.34 18.90
C GLY A 404 16.39 -7.77 17.92
N ARG A 405 16.69 -8.53 16.87
CA ARG A 405 17.63 -8.11 15.88
C ARG A 405 17.08 -7.00 15.02
N SER A 406 15.78 -7.06 14.70
CA SER A 406 15.19 -6.11 13.76
C SER A 406 14.48 -4.90 14.36
N ILE A 407 13.96 -5.02 15.60
CA ILE A 407 13.44 -3.85 16.30
C ILE A 407 14.67 -3.05 16.80
N PRO A 408 14.86 -1.82 16.27
CA PRO A 408 16.10 -1.03 16.48
C PRO A 408 16.39 -0.69 17.94
N ASN A 409 15.36 -0.42 18.73
CA ASN A 409 15.56 -0.12 20.15
C ASN A 409 14.92 -1.19 21.03
N SER A 410 15.54 -2.35 21.07
CA SER A 410 14.96 -3.47 21.80
C SER A 410 15.97 -4.16 22.71
N ARG A 411 15.46 -4.79 23.75
CA ARG A 411 16.25 -5.63 24.61
C ARG A 411 15.53 -6.97 24.82
N LEU A 412 16.29 -8.04 24.81
CA LEU A 412 15.71 -9.36 24.96
C LEU A 412 15.93 -9.82 26.38
N CYS A 413 14.85 -10.23 27.04
CA CYS A 413 14.92 -10.81 28.38
C CYS A 413 14.55 -12.31 28.31
N VAL A 414 15.53 -13.15 28.56
CA VAL A 414 15.37 -14.63 28.58
C VAL A 414 15.19 -15.08 30.03
N VAL A 415 14.01 -15.61 30.34
CA VAL A 415 13.71 -16.04 31.66
C VAL A 415 14.30 -17.48 31.84
N ASP A 416 15.01 -17.67 32.92
CA ASP A 416 15.65 -18.97 33.23
C ASP A 416 14.64 -19.90 33.90
N THR A 417 14.08 -20.81 33.13
CA THR A 417 12.93 -21.58 33.60
C THR A 417 12.77 -22.80 32.73
N ASN A 418 12.12 -23.83 33.26
CA ASN A 418 11.81 -25.01 32.45
C ASN A 418 10.33 -25.16 32.16
N GLU A 419 9.56 -24.09 32.43
CA GLU A 419 8.11 -24.20 32.45
C GLU A 419 7.42 -24.30 31.05
N GLY A 420 8.15 -23.97 29.99
CA GLY A 420 7.56 -23.94 28.66
C GLY A 420 6.82 -22.63 28.44
N HIS A 421 5.86 -22.63 27.52
CA HIS A 421 5.08 -21.44 27.19
C HIS A 421 4.35 -20.80 28.40
N ASP A 422 3.82 -21.65 29.29
CA ASP A 422 3.19 -21.26 30.55
C ASP A 422 4.12 -20.47 31.53
N PHE A 423 5.41 -20.30 31.19
CA PHE A 423 6.33 -19.58 32.13
C PHE A 423 5.81 -18.16 32.50
N PHE A 424 5.12 -17.46 31.59
CA PHE A 424 4.80 -16.05 31.86
C PHE A 424 3.78 -15.95 33.01
N VAL A 425 3.07 -17.05 33.26
CA VAL A 425 2.20 -17.15 34.42
C VAL A 425 2.88 -17.81 35.63
N MET A 426 3.77 -18.78 35.40
CA MET A 426 4.40 -19.57 36.47
C MET A 426 5.51 -18.76 37.10
N GLU A 427 6.20 -17.97 36.29
CA GLU A 427 7.31 -17.13 36.73
C GLU A 427 6.86 -15.66 36.78
N ALA A 428 5.66 -15.43 37.28
CA ALA A 428 5.03 -14.11 37.23
C ALA A 428 5.89 -13.05 37.94
N ASP A 429 6.54 -13.45 39.04
CA ASP A 429 7.45 -12.55 39.76
C ASP A 429 8.60 -12.06 38.91
N LYS A 430 9.19 -12.96 38.13
CA LYS A 430 10.30 -12.56 37.29
C LYS A 430 9.79 -11.67 36.14
N VAL A 431 8.60 -11.99 35.62
CA VAL A 431 7.99 -11.15 34.59
C VAL A 431 7.64 -9.78 35.22
N ASN A 432 7.03 -9.76 36.40
CA ASN A 432 6.77 -8.49 37.08
C ASN A 432 8.00 -7.59 37.16
N ASP A 433 9.10 -8.13 37.69
CA ASP A 433 10.34 -7.35 37.88
C ASP A 433 10.89 -6.84 36.58
N ALA A 434 10.87 -7.67 35.54
CA ALA A 434 11.35 -7.25 34.23
C ALA A 434 10.50 -6.08 33.66
N VAL A 435 9.19 -6.19 33.77
CA VAL A 435 8.28 -5.20 33.23
C VAL A 435 8.38 -3.88 34.02
N ARG A 436 8.36 -3.99 35.36
CA ARG A 436 8.54 -2.84 36.24
C ARG A 436 9.87 -2.11 35.99
N GLY A 437 10.97 -2.84 35.89
CA GLY A 437 12.25 -2.23 35.57
C GLY A 437 12.33 -1.51 34.22
N PHE A 438 11.53 -1.95 33.25
CA PHE A 438 11.53 -1.36 31.92
C PHE A 438 10.63 -0.11 31.89
N LEU A 439 9.47 -0.23 32.51
CA LEU A 439 8.60 0.91 32.74
C LEU A 439 9.26 2.04 33.56
N ASP A 440 10.17 1.70 34.49
CA ASP A 440 10.89 2.68 35.32
C ASP A 440 11.95 3.44 34.55
N GLN A 441 12.46 2.88 33.47
CA GLN A 441 13.51 3.56 32.69
C GLN A 441 13.06 4.88 32.04
N ASN B 66 1.13 23.48 -1.63
CA ASN B 66 0.14 22.78 -2.51
C ASN B 66 -0.70 23.76 -3.36
N ARG B 67 -0.24 23.97 -4.59
CA ARG B 67 -0.89 24.92 -5.50
C ARG B 67 -2.28 24.50 -5.97
N PHE B 68 -2.58 23.21 -5.87
CA PHE B 68 -3.90 22.71 -6.26
C PHE B 68 -4.93 23.05 -5.19
N GLU B 69 -4.55 22.80 -3.95
CA GLU B 69 -5.36 23.15 -2.80
C GLU B 69 -5.51 24.67 -2.69
N ALA B 70 -4.42 25.40 -2.92
CA ALA B 70 -4.44 26.89 -2.86
C ALA B 70 -5.40 27.57 -3.86
N SER B 71 -5.75 26.87 -4.92
CA SER B 71 -6.59 27.45 -6.00
C SER B 71 -8.09 27.50 -5.64
N LEU B 72 -8.47 26.77 -4.59
CA LEU B 72 -9.86 26.51 -4.23
C LEU B 72 -10.44 27.60 -3.37
N ASP B 73 -11.76 27.69 -3.37
CA ASP B 73 -12.46 28.49 -2.41
C ASP B 73 -12.17 27.91 -1.02
N ALA B 74 -12.48 28.69 0.00
CA ALA B 74 -12.35 28.27 1.39
C ALA B 74 -13.07 26.95 1.66
N GLN B 75 -12.44 26.09 2.45
CA GLN B 75 -13.08 24.84 2.87
C GLN B 75 -12.55 24.47 4.25
N ASP B 76 -13.13 23.45 4.85
CA ASP B 76 -12.72 22.98 6.15
C ASP B 76 -11.76 21.77 6.07
N ILE B 77 -10.98 21.59 7.14
CA ILE B 77 -10.09 20.47 7.28
C ILE B 77 -10.38 19.84 8.67
N ALA B 78 -10.68 18.53 8.66
CA ALA B 78 -10.65 17.72 9.89
C ALA B 78 -9.29 17.02 10.00
N ARG B 79 -8.73 17.01 11.20
CA ARG B 79 -7.47 16.36 11.44
C ARG B 79 -7.64 15.04 12.21
N ILE B 80 -7.32 13.93 11.56
CA ILE B 80 -7.41 12.58 12.20
C ILE B 80 -5.99 12.17 12.58
N SER B 81 -5.72 12.09 13.88
CA SER B 81 -4.34 11.86 14.33
C SER B 81 -3.75 10.50 13.84
N LEU B 82 -4.57 9.44 13.85
CA LEU B 82 -4.16 8.14 13.37
C LEU B 82 -5.27 7.51 12.56
N PHE B 83 -4.91 6.98 11.39
CA PHE B 83 -5.86 6.20 10.59
C PHE B 83 -5.24 4.92 10.01
N THR B 84 -5.84 3.78 10.31
CA THR B 84 -5.38 2.50 9.76
C THR B 84 -6.04 2.16 8.43
N LEU B 85 -5.27 2.18 7.36
CA LEU B 85 -5.77 1.78 6.02
C LEU B 85 -6.03 0.30 6.07
N GLU B 86 -6.88 -0.21 5.18
CA GLU B 86 -7.17 -1.62 5.19
C GLU B 86 -5.98 -2.52 4.83
N SER B 87 -4.95 -1.93 4.25
CA SER B 87 -3.69 -2.62 3.98
C SER B 87 -2.94 -2.89 5.28
N GLY B 88 -3.26 -2.10 6.29
CA GLY B 88 -2.58 -2.18 7.60
C GLY B 88 -1.62 -1.01 7.79
N VAL B 89 -1.33 -0.28 6.72
CA VAL B 89 -0.49 0.89 6.79
C VAL B 89 -1.23 1.97 7.60
N ILE B 90 -0.52 2.57 8.52
CA ILE B 90 -1.08 3.59 9.36
C ILE B 90 -0.71 4.99 8.84
N LEU B 91 -1.71 5.81 8.59
CA LEU B 91 -1.47 7.21 8.26
C LEU B 91 -1.58 8.06 9.53
N ARG B 92 -0.67 9.02 9.65
CA ARG B 92 -0.58 9.92 10.79
C ARG B 92 -0.93 11.38 10.41
N ASP B 93 -1.58 12.10 11.34
CA ASP B 93 -1.80 13.55 11.21
C ASP B 93 -2.49 13.80 9.89
N VAL B 94 -3.66 13.20 9.72
CA VAL B 94 -4.31 13.06 8.43
C VAL B 94 -5.34 14.20 8.22
N PRO B 95 -5.07 15.09 7.24
CA PRO B 95 -6.13 16.03 6.91
C PRO B 95 -7.19 15.37 6.03
N VAL B 96 -8.44 15.64 6.38
CA VAL B 96 -9.54 15.37 5.50
C VAL B 96 -10.24 16.71 5.18
N ALA B 97 -10.20 17.12 3.91
CA ALA B 97 -10.88 18.34 3.47
C ALA B 97 -12.34 18.05 3.12
N TYR B 98 -13.18 19.03 3.37
CA TYR B 98 -14.59 18.89 3.07
C TYR B 98 -15.22 20.26 2.91
N LYS B 99 -16.37 20.27 2.28
CA LYS B 99 -17.14 21.47 2.05
C LYS B 99 -18.59 21.11 2.28
N SER B 100 -19.29 21.94 3.04
CA SER B 100 -20.71 21.72 3.30
C SER B 100 -21.54 22.95 2.94
N TRP B 101 -22.82 22.72 2.69
CA TRP B 101 -23.77 23.78 2.39
C TRP B 101 -24.98 23.47 3.25
N GLY B 102 -25.61 24.49 3.80
CA GLY B 102 -26.84 24.30 4.55
C GLY B 102 -26.53 24.03 5.98
N ARG B 103 -27.55 23.63 6.73
CA ARG B 103 -27.45 23.53 8.17
C ARG B 103 -28.12 22.24 8.64
N MET B 104 -27.52 21.55 9.59
CA MET B 104 -28.20 20.39 10.16
C MET B 104 -29.43 20.82 10.92
N ASN B 105 -30.50 20.02 10.87
CA ASN B 105 -31.64 20.18 11.76
C ASN B 105 -31.30 19.72 13.21
N VAL B 106 -32.30 19.79 14.11
CA VAL B 106 -32.04 19.50 15.53
C VAL B 106 -31.71 18.03 15.73
N SER B 107 -32.40 17.18 14.98
CA SER B 107 -32.16 15.72 14.99
C SER B 107 -30.85 15.31 14.33
N ARG B 108 -30.26 16.22 13.56
CA ARG B 108 -29.04 15.96 12.81
C ARG B 108 -29.16 14.73 11.90
N ASP B 109 -30.32 14.61 11.27
CA ASP B 109 -30.63 13.49 10.39
C ASP B 109 -31.07 13.95 8.97
N ASN B 110 -30.78 15.20 8.64
CA ASN B 110 -30.99 15.72 7.28
C ASN B 110 -29.68 15.86 6.43
N CYS B 111 -28.69 14.99 6.71
CA CYS B 111 -27.42 15.00 5.98
C CYS B 111 -27.54 14.34 4.61
N VAL B 112 -27.12 15.07 3.59
CA VAL B 112 -26.90 14.49 2.24
C VAL B 112 -25.41 14.48 1.90
N ILE B 113 -24.86 13.29 1.63
CA ILE B 113 -23.45 13.19 1.22
C ILE B 113 -23.39 13.16 -0.31
N VAL B 114 -22.52 14.00 -0.87
CA VAL B 114 -22.23 13.92 -2.27
C VAL B 114 -20.83 13.39 -2.44
N CYS B 115 -20.67 12.39 -3.28
CA CYS B 115 -19.33 11.84 -3.52
C CYS B 115 -18.79 12.34 -4.86
N HIS B 116 -17.59 12.93 -4.85
CA HIS B 116 -17.08 13.62 -6.03
C HIS B 116 -16.46 12.68 -7.10
N THR B 117 -15.90 13.24 -8.17
CA THR B 117 -15.37 12.43 -9.27
C THR B 117 -13.87 12.45 -9.14
N LEU B 118 -13.21 11.67 -10.00
CA LEU B 118 -11.76 11.41 -9.98
C LEU B 118 -10.88 12.66 -9.85
N THR B 119 -11.18 13.69 -10.63
CA THR B 119 -10.29 14.85 -10.71
C THR B 119 -10.90 16.14 -10.16
N SER B 120 -12.07 16.04 -9.58
CA SER B 120 -12.63 17.20 -8.91
C SER B 120 -12.17 17.35 -7.45
N SER B 121 -12.44 18.52 -6.88
CA SER B 121 -12.31 18.75 -5.44
C SER B 121 -13.63 18.42 -4.77
N ALA B 122 -13.79 18.80 -3.51
CA ALA B 122 -15.05 18.65 -2.79
C ALA B 122 -16.07 19.70 -3.14
N HIS B 123 -15.67 20.70 -3.94
CA HIS B 123 -16.57 21.84 -4.27
C HIS B 123 -17.47 21.49 -5.45
N VAL B 124 -18.50 20.70 -5.16
CA VAL B 124 -19.43 20.12 -6.10
C VAL B 124 -20.13 21.19 -6.94
N THR B 125 -20.36 22.34 -6.33
CA THR B 125 -20.98 23.49 -7.00
C THR B 125 -20.21 23.89 -8.26
N SER B 126 -18.93 23.52 -8.36
CA SER B 126 -18.18 23.99 -9.50
C SER B 126 -18.45 23.22 -10.78
N TRP B 127 -18.99 22.00 -10.67
CA TRP B 127 -19.36 21.25 -11.87
C TRP B 127 -20.81 20.73 -11.85
N TRP B 128 -21.45 20.79 -10.68
CA TRP B 128 -22.87 20.52 -10.57
C TRP B 128 -23.64 21.74 -10.01
N PRO B 129 -23.38 22.96 -10.53
CA PRO B 129 -24.00 24.14 -9.90
C PRO B 129 -25.55 24.14 -9.91
N THR B 130 -26.17 23.53 -10.92
CA THR B 130 -27.61 23.58 -11.04
C THR B 130 -28.36 22.57 -10.18
N LEU B 131 -27.63 21.71 -9.46
CA LEU B 131 -28.28 20.80 -8.52
C LEU B 131 -28.49 21.43 -7.14
N PHE B 132 -27.94 22.63 -6.95
CA PHE B 132 -27.98 23.34 -5.66
C PHE B 132 -29.03 24.45 -5.61
N GLY B 133 -29.70 24.58 -4.48
CA GLY B 133 -30.65 25.68 -4.28
C GLY B 133 -32.04 25.24 -3.91
N GLN B 134 -32.89 26.20 -3.57
CA GLN B 134 -34.25 25.88 -3.12
C GLN B 134 -35.04 25.21 -4.24
N GLY B 135 -35.72 24.13 -3.88
CA GLY B 135 -36.45 23.34 -4.87
C GLY B 135 -35.63 22.44 -5.77
N ARG B 136 -34.29 22.49 -5.65
CA ARG B 136 -33.40 21.62 -6.45
C ARG B 136 -33.03 20.41 -5.62
N ALA B 137 -32.22 19.51 -6.18
CA ALA B 137 -31.88 18.25 -5.53
C ALA B 137 -31.16 18.51 -4.20
N PHE B 138 -30.11 19.32 -4.27
CA PHE B 138 -29.34 19.71 -3.10
C PHE B 138 -29.90 21.01 -2.53
N ASP B 139 -31.05 20.87 -1.89
CA ASP B 139 -31.84 21.97 -1.39
C ASP B 139 -31.36 22.38 0.00
N THR B 140 -30.60 23.47 0.06
CA THR B 140 -29.88 23.88 1.28
C THR B 140 -30.81 24.47 2.35
N SER B 141 -32.10 24.50 2.05
CA SER B 141 -33.16 24.85 2.99
C SER B 141 -33.74 23.64 3.69
N ARG B 142 -33.46 22.45 3.16
CA ARG B 142 -33.94 21.22 3.72
C ARG B 142 -32.82 20.34 4.29
N TYR B 143 -31.64 20.42 3.68
CA TYR B 143 -30.60 19.46 3.95
C TYR B 143 -29.34 20.13 4.31
N PHE B 144 -28.53 19.41 5.10
CA PHE B 144 -27.11 19.67 5.26
C PHE B 144 -26.35 18.83 4.19
N ILE B 145 -25.81 19.50 3.19
CA ILE B 145 -25.15 18.81 2.07
C ILE B 145 -23.69 18.87 2.36
N ILE B 146 -23.01 17.72 2.28
CA ILE B 146 -21.56 17.69 2.50
C ILE B 146 -20.83 16.85 1.44
N CYS B 147 -19.66 17.30 1.01
CA CYS B 147 -18.80 16.49 0.18
C CYS B 147 -17.43 16.52 0.77
N LEU B 148 -16.82 15.35 0.90
CA LEU B 148 -15.47 15.21 1.43
C LEU B 148 -14.48 14.72 0.37
N ASN B 149 -13.26 15.22 0.44
CA ASN B 149 -12.25 15.01 -0.58
C ASN B 149 -11.65 13.62 -0.27
N TYR B 150 -11.53 12.79 -1.31
CA TYR B 150 -10.92 11.46 -1.18
C TYR B 150 -9.45 11.53 -0.77
N LEU B 151 -8.98 10.49 -0.08
CA LEU B 151 -7.53 10.27 0.06
C LEU B 151 -6.86 10.05 -1.33
N GLY B 152 -5.65 10.56 -1.50
CA GLY B 152 -5.00 10.48 -2.81
C GLY B 152 -5.18 11.67 -3.73
N SER B 153 -6.14 12.54 -3.40
CA SER B 153 -6.47 13.77 -4.16
C SER B 153 -5.56 14.94 -3.80
N PRO B 154 -5.27 15.84 -4.78
CA PRO B 154 -4.48 17.03 -4.51
C PRO B 154 -5.22 18.18 -3.81
N PHE B 155 -6.50 18.00 -3.49
CA PHE B 155 -7.41 19.12 -3.12
C PHE B 155 -7.72 19.32 -1.61
N GLY B 156 -6.83 18.83 -0.75
CA GLY B 156 -6.94 19.08 0.68
C GLY B 156 -6.81 17.85 1.58
N SER B 157 -7.33 16.69 1.14
CA SER B 157 -7.19 15.47 1.91
C SER B 157 -5.78 14.91 1.76
N ALA B 158 -5.40 14.00 2.65
CA ALA B 158 -4.06 13.40 2.62
C ALA B 158 -3.85 12.71 1.25
N GLY B 159 -2.68 12.90 0.69
CA GLY B 159 -2.36 12.44 -0.63
C GLY B 159 -0.96 12.84 -0.95
N PRO B 160 -0.49 12.49 -2.18
CA PRO B 160 0.88 12.81 -2.64
C PRO B 160 1.35 14.29 -2.49
N CYS B 161 0.40 15.23 -2.58
CA CYS B 161 0.69 16.65 -2.45
C CYS B 161 0.66 17.21 -1.01
N SER B 162 0.24 16.41 -0.05
CA SER B 162 0.13 16.86 1.31
C SER B 162 1.39 16.50 2.12
N PRO B 163 1.68 17.24 3.22
CA PRO B 163 2.90 17.00 4.02
C PRO B 163 2.98 15.57 4.61
N ASP B 164 4.18 15.00 4.49
CA ASP B 164 4.49 13.71 5.06
C ASP B 164 4.97 13.88 6.50
N PRO B 165 4.16 13.45 7.48
CA PRO B 165 4.51 13.70 8.89
C PRO B 165 5.84 13.05 9.34
N ASP B 166 6.30 12.04 8.61
CA ASP B 166 7.55 11.36 8.95
C ASP B 166 8.78 11.91 8.21
N ALA B 167 8.61 12.92 7.37
CA ALA B 167 9.72 13.54 6.67
C ALA B 167 10.20 14.83 7.35
N ARG B 171 8.40 18.02 3.46
CA ARG B 171 8.27 17.28 2.23
C ARG B 171 6.94 16.60 2.15
N PRO B 172 6.28 16.72 1.02
CA PRO B 172 5.07 15.98 0.76
C PRO B 172 5.36 14.49 0.60
N TYR B 173 4.34 13.66 0.77
CA TYR B 173 4.44 12.23 0.49
C TYR B 173 5.06 11.96 -0.89
N GLY B 174 4.70 12.76 -1.88
CA GLY B 174 5.12 12.52 -3.29
C GLY B 174 4.69 11.18 -3.84
N ALA B 175 5.66 10.42 -4.39
CA ALA B 175 5.43 9.07 -4.93
C ALA B 175 5.25 7.97 -3.84
N LYS B 176 5.47 8.34 -2.58
CA LYS B 176 5.38 7.38 -1.48
C LYS B 176 4.03 7.38 -0.72
N PHE B 177 3.02 8.11 -1.22
CA PHE B 177 1.69 8.01 -0.62
C PHE B 177 1.13 6.55 -0.73
N PRO B 178 0.75 5.95 0.42
CA PRO B 178 0.29 4.55 0.46
C PRO B 178 -0.95 4.38 -0.39
N ARG B 179 -1.13 3.19 -0.93
CA ARG B 179 -2.35 2.86 -1.62
C ARG B 179 -3.53 2.91 -0.67
N THR B 180 -4.62 3.46 -1.19
CA THR B 180 -5.90 3.56 -0.50
C THR B 180 -7.00 2.95 -1.35
N THR B 181 -8.09 2.58 -0.72
CA THR B 181 -9.19 1.95 -1.41
C THR B 181 -10.42 2.87 -1.29
N ILE B 182 -11.43 2.62 -2.10
CA ILE B 182 -12.74 3.21 -1.94
C ILE B 182 -13.28 3.06 -0.48
N ARG B 183 -13.17 1.85 0.05
CA ARG B 183 -13.52 1.55 1.46
C ARG B 183 -12.76 2.41 2.51
N ASP B 184 -11.46 2.66 2.32
CA ASP B 184 -10.67 3.56 3.18
C ASP B 184 -11.30 4.97 3.24
N ASP B 185 -11.61 5.52 2.06
CA ASP B 185 -12.27 6.84 1.93
C ASP B 185 -13.57 6.88 2.70
N VAL B 186 -14.45 5.93 2.42
CA VAL B 186 -15.71 5.82 3.13
C VAL B 186 -15.48 5.80 4.66
N ARG B 187 -14.53 4.99 5.11
CA ARG B 187 -14.26 4.84 6.55
C ARG B 187 -13.83 6.14 7.19
N ILE B 188 -12.80 6.77 6.65
CA ILE B 188 -12.31 8.01 7.20
C ILE B 188 -13.36 9.16 7.07
N HIS B 189 -14.12 9.17 5.97
CA HIS B 189 -15.20 10.16 5.82
C HIS B 189 -16.29 10.00 6.91
N ARG B 190 -16.69 8.76 7.21
CA ARG B 190 -17.66 8.56 8.26
CA ARG B 190 -17.66 8.56 8.27
C ARG B 190 -17.14 9.03 9.65
N GLN B 191 -15.85 8.89 9.90
CA GLN B 191 -15.22 9.44 11.11
C GLN B 191 -15.37 10.96 11.21
N VAL B 192 -15.17 11.66 10.13
CA VAL B 192 -15.46 13.09 10.07
C VAL B 192 -16.95 13.35 10.37
N LEU B 193 -17.84 12.58 9.77
CA LEU B 193 -19.23 12.82 10.00
C LEU B 193 -19.61 12.66 11.48
N ASP B 194 -18.99 11.68 12.13
CA ASP B 194 -19.23 11.43 13.54
C ASP B 194 -18.77 12.63 14.38
N ARG B 195 -17.63 13.20 14.04
CA ARG B 195 -17.16 14.42 14.69
C ARG B 195 -18.09 15.62 14.51
N LEU B 196 -18.70 15.73 13.34
CA LEU B 196 -19.67 16.78 13.06
C LEU B 196 -21.05 16.51 13.71
N GLY B 197 -21.24 15.30 14.25
CA GLY B 197 -22.48 14.99 14.95
C GLY B 197 -23.62 14.50 14.07
N VAL B 198 -23.27 14.05 12.85
CA VAL B 198 -24.29 13.56 11.96
C VAL B 198 -24.85 12.30 12.60
N ARG B 199 -26.17 12.27 12.78
CA ARG B 199 -26.79 11.13 13.41
C ARG B 199 -27.38 10.17 12.35
N GLN B 200 -27.73 10.72 11.19
CA GLN B 200 -28.27 9.87 10.16
C GLN B 200 -28.09 10.55 8.82
N ILE B 201 -27.94 9.75 7.76
CA ILE B 201 -27.75 10.30 6.43
C ILE B 201 -29.01 10.06 5.62
N ALA B 202 -29.60 11.14 5.12
CA ALA B 202 -30.83 11.09 4.39
C ALA B 202 -30.64 10.42 3.01
N ALA B 203 -29.50 10.70 2.36
CA ALA B 203 -29.14 10.08 1.09
C ALA B 203 -27.66 10.22 0.81
N VAL B 204 -27.10 9.25 0.10
CA VAL B 204 -25.85 9.48 -0.57
C VAL B 204 -25.93 9.42 -2.11
N VAL B 205 -25.35 10.44 -2.76
CA VAL B 205 -25.43 10.63 -4.20
C VAL B 205 -24.01 10.71 -4.76
N GLY B 206 -23.71 9.94 -5.79
CA GLY B 206 -22.41 10.04 -6.46
C GLY B 206 -22.42 9.44 -7.85
N ALA B 207 -21.62 10.03 -8.76
CA ALA B 207 -21.50 9.60 -10.14
C ALA B 207 -20.09 9.10 -10.35
N SER B 208 -19.97 8.05 -11.20
CA SER B 208 -18.71 7.56 -11.71
C SER B 208 -17.88 6.98 -10.56
N MET B 209 -16.70 7.52 -10.30
CA MET B 209 -15.99 7.14 -9.07
C MET B 209 -16.84 7.34 -7.78
N GLY B 210 -17.55 8.48 -7.70
CA GLY B 210 -18.44 8.72 -6.57
C GLY B 210 -19.55 7.71 -6.43
N GLY B 211 -19.94 7.05 -7.52
CA GLY B 211 -20.95 6.00 -7.44
C GLY B 211 -20.43 4.75 -6.77
N MET B 212 -19.11 4.59 -6.78
CA MET B 212 -18.49 3.43 -6.16
C MET B 212 -18.51 3.62 -4.63
N HIS B 213 -18.04 4.81 -4.18
CA HIS B 213 -18.21 5.22 -2.77
C HIS B 213 -19.66 5.13 -2.31
N THR B 214 -20.60 5.58 -3.13
CA THR B 214 -22.03 5.54 -2.80
C THR B 214 -22.51 4.10 -2.51
N LEU B 215 -22.15 3.14 -3.36
CA LEU B 215 -22.47 1.74 -3.07
C LEU B 215 -21.83 1.23 -1.76
N GLU B 216 -20.56 1.56 -1.53
CA GLU B 216 -19.89 1.20 -0.28
C GLU B 216 -20.53 1.88 0.97
N TRP B 217 -20.98 3.15 0.86
CA TRP B 217 -21.73 3.81 1.99
C TRP B 217 -22.96 3.00 2.40
N ALA B 218 -23.65 2.41 1.43
CA ALA B 218 -24.88 1.67 1.70
C ALA B 218 -24.71 0.52 2.68
N PHE B 219 -23.52 -0.05 2.74
CA PHE B 219 -23.24 -1.19 3.65
C PHE B 219 -23.26 -0.85 5.15
N PHE B 220 -23.21 0.44 5.50
CA PHE B 220 -23.44 0.85 6.91
C PHE B 220 -24.85 0.48 7.35
N GLY B 221 -25.73 0.17 6.38
CA GLY B 221 -27.09 -0.23 6.65
C GLY B 221 -28.11 0.90 6.63
N PRO B 222 -29.40 0.54 6.51
CA PRO B 222 -30.53 1.46 6.33
C PRO B 222 -30.85 2.34 7.55
N GLU B 223 -30.31 2.00 8.70
CA GLU B 223 -30.50 2.86 9.85
C GLU B 223 -29.57 4.10 9.85
N TYR B 224 -28.34 3.96 9.34
CA TYR B 224 -27.45 5.11 9.23
C TYR B 224 -27.59 5.79 7.84
N VAL B 225 -27.68 4.99 6.77
CA VAL B 225 -27.79 5.52 5.43
C VAL B 225 -29.20 5.22 4.85
N ARG B 226 -30.06 6.23 4.73
CA ARG B 226 -31.48 5.97 4.34
C ARG B 226 -31.73 5.67 2.88
N LYS B 227 -30.92 6.27 2.00
CA LYS B 227 -31.12 6.12 0.56
C LYS B 227 -29.82 6.27 -0.15
N ILE B 228 -29.73 5.62 -1.30
CA ILE B 228 -28.58 5.82 -2.19
C ILE B 228 -28.98 6.14 -3.63
N VAL B 229 -28.18 7.00 -4.25
CA VAL B 229 -28.31 7.29 -5.70
C VAL B 229 -26.95 7.06 -6.40
N PRO B 230 -26.65 5.78 -6.76
CA PRO B 230 -25.49 5.51 -7.62
C PRO B 230 -25.73 5.90 -9.12
N ILE B 231 -24.76 6.58 -9.70
CA ILE B 231 -24.95 7.12 -11.04
C ILE B 231 -23.79 6.70 -11.88
N ALA B 232 -24.03 6.07 -13.03
CA ALA B 232 -22.96 5.89 -14.04
C ALA B 232 -21.70 5.27 -13.40
N THR B 233 -21.81 4.05 -12.92
CA THR B 233 -20.76 3.52 -12.07
C THR B 233 -20.75 1.99 -12.15
N SER B 234 -19.92 1.39 -11.31
CA SER B 234 -19.87 -0.07 -11.25
C SER B 234 -19.78 -0.60 -9.81
N CYS B 235 -20.10 -1.90 -9.65
CA CYS B 235 -19.99 -2.65 -8.39
C CYS B 235 -18.60 -3.17 -8.08
N ARG B 236 -17.77 -3.31 -9.12
CA ARG B 236 -16.35 -3.70 -8.97
C ARG B 236 -15.57 -3.32 -10.24
N GLN B 237 -14.25 -3.42 -10.18
CA GLN B 237 -13.43 -3.15 -11.32
C GLN B 237 -13.69 -4.17 -12.41
N SER B 238 -13.71 -3.68 -13.65
CA SER B 238 -13.85 -4.52 -14.85
C SER B 238 -12.52 -4.50 -15.64
N GLY B 239 -12.29 -5.53 -16.46
CA GLY B 239 -11.10 -5.60 -17.28
C GLY B 239 -11.06 -4.46 -18.29
N TRP B 240 -12.22 -4.07 -18.79
CA TRP B 240 -12.39 -2.88 -19.68
C TRP B 240 -11.84 -1.60 -19.08
N CYS B 241 -12.40 -1.21 -17.93
CA CYS B 241 -11.93 0.03 -17.26
C CYS B 241 -10.51 -0.04 -16.78
N ALA B 242 -10.12 -1.19 -16.27
CA ALA B 242 -8.75 -1.37 -15.79
C ALA B 242 -7.73 -1.16 -16.96
N ALA B 243 -8.07 -1.65 -18.16
CA ALA B 243 -7.22 -1.49 -19.33
C ALA B 243 -7.14 -0.02 -19.81
N TRP B 244 -8.27 0.68 -19.82
CA TRP B 244 -8.28 2.10 -20.16
C TRP B 244 -7.47 2.93 -19.21
N PHE B 245 -7.68 2.73 -17.90
CA PHE B 245 -6.94 3.49 -16.90
C PHE B 245 -5.45 3.14 -16.77
N GLU B 246 -5.10 1.86 -16.93
CA GLU B 246 -3.71 1.47 -16.98
C GLU B 246 -2.96 2.05 -18.22
N THR B 247 -3.58 1.97 -19.40
CA THR B 247 -3.10 2.74 -20.58
C THR B 247 -2.80 4.21 -20.24
N GLN B 248 -3.73 4.89 -19.57
CA GLN B 248 -3.52 6.30 -19.20
C GLN B 248 -2.36 6.47 -18.22
N ARG B 249 -2.26 5.61 -17.20
CA ARG B 249 -1.12 5.62 -16.28
C ARG B 249 0.21 5.39 -16.99
N GLN B 250 0.27 4.42 -17.90
CA GLN B 250 1.51 4.22 -18.70
C GLN B 250 1.99 5.47 -19.48
N CYS B 251 1.06 6.29 -19.96
CA CYS B 251 1.43 7.58 -20.56
C CYS B 251 2.29 8.40 -19.62
N ILE B 252 1.89 8.45 -18.34
CA ILE B 252 2.61 9.17 -17.30
C ILE B 252 3.92 8.47 -16.96
N TYR B 253 3.88 7.17 -16.64
CA TYR B 253 5.11 6.40 -16.42
C TYR B 253 6.16 6.61 -17.57
N ASP B 254 5.69 6.74 -18.82
CA ASP B 254 6.60 6.79 -19.99
C ASP B 254 7.11 8.20 -20.34
N ASP B 255 6.55 9.21 -19.71
CA ASP B 255 7.01 10.59 -19.82
C ASP B 255 8.36 10.71 -19.05
N PRO B 256 9.44 11.16 -19.74
CA PRO B 256 10.76 11.31 -19.10
C PRO B 256 10.80 12.35 -17.98
N LYS B 257 9.82 13.26 -17.94
CA LYS B 257 9.69 14.20 -16.84
C LYS B 257 9.10 13.58 -15.55
N TYR B 258 8.54 12.38 -15.65
CA TYR B 258 7.91 11.70 -14.52
C TYR B 258 8.91 11.30 -13.44
N LEU B 259 10.08 10.80 -13.86
CA LEU B 259 11.20 10.60 -12.95
C LEU B 259 10.86 9.65 -11.78
N ASP B 260 10.10 8.60 -12.06
CA ASP B 260 9.59 7.69 -11.04
C ASP B 260 8.71 8.32 -9.95
N GLY B 261 8.09 9.45 -10.27
CA GLY B 261 7.25 10.13 -9.34
C GLY B 261 7.99 11.16 -8.53
N GLU B 262 9.30 11.30 -8.77
CA GLU B 262 10.13 12.26 -8.07
C GLU B 262 10.26 13.60 -8.77
N TYR B 263 9.39 13.90 -9.73
CA TYR B 263 9.37 15.21 -10.42
C TYR B 263 9.09 16.37 -9.47
N ASP B 264 9.60 17.56 -9.81
CA ASP B 264 9.22 18.80 -9.13
C ASP B 264 7.77 19.13 -9.47
N VAL B 265 7.02 19.58 -8.48
CA VAL B 265 5.58 19.81 -8.64
C VAL B 265 5.25 20.85 -9.71
N ASP B 266 6.20 21.72 -10.02
CA ASP B 266 6.02 22.73 -11.05
C ASP B 266 6.68 22.35 -12.41
N ASP B 267 7.21 21.12 -12.45
CA ASP B 267 7.74 20.53 -13.68
C ASP B 267 7.12 19.12 -13.87
N GLN B 268 5.79 19.11 -13.99
CA GLN B 268 4.97 17.88 -14.16
C GLN B 268 5.30 17.13 -15.45
N PRO B 269 5.04 15.80 -15.48
CA PRO B 269 5.03 15.06 -16.74
C PRO B 269 3.81 15.45 -17.55
N VAL B 270 3.90 16.65 -18.13
CA VAL B 270 2.78 17.27 -18.85
C VAL B 270 2.30 16.48 -20.08
N ARG B 271 3.22 15.93 -20.87
CA ARG B 271 2.86 15.13 -22.02
C ARG B 271 2.08 13.89 -21.62
N GLY B 272 2.56 13.20 -20.59
CA GLY B 272 1.83 12.06 -20.02
C GLY B 272 0.42 12.41 -19.58
N LEU B 273 0.28 13.53 -18.86
CA LEU B 273 -1.04 13.96 -18.34
C LEU B 273 -1.98 14.35 -19.46
N GLU B 274 -1.47 15.10 -20.42
CA GLU B 274 -2.20 15.50 -21.62
C GLU B 274 -2.77 14.31 -22.36
N THR B 275 -1.92 13.32 -22.63
CA THR B 275 -2.31 12.15 -23.38
C THR B 275 -3.29 11.31 -22.58
N ALA B 276 -3.05 11.17 -21.26
CA ALA B 276 -4.00 10.49 -20.36
C ALA B 276 -5.40 11.11 -20.47
N ARG B 277 -5.47 12.43 -20.43
CA ARG B 277 -6.73 13.12 -20.56
C ARG B 277 -7.38 13.05 -21.89
N LYS B 278 -6.61 13.13 -22.99
CA LYS B 278 -7.23 12.95 -24.30
C LYS B 278 -7.92 11.64 -24.34
N ILE B 279 -7.27 10.59 -23.82
CA ILE B 279 -7.83 9.24 -23.88
C ILE B 279 -9.08 9.18 -23.01
N ALA B 280 -8.94 9.61 -21.74
CA ALA B 280 -10.12 9.70 -20.83
C ALA B 280 -11.29 10.43 -21.43
N ASN B 281 -11.04 11.63 -21.97
CA ASN B 281 -12.09 12.45 -22.56
C ASN B 281 -12.92 11.74 -23.58
N LEU B 282 -12.26 11.00 -24.48
CA LEU B 282 -12.99 10.25 -25.50
C LEU B 282 -13.73 9.09 -24.95
N THR B 283 -13.18 8.37 -23.96
CA THR B 283 -13.96 7.28 -23.32
C THR B 283 -15.20 7.85 -22.60
N TYR B 284 -15.16 9.14 -22.23
CA TYR B 284 -16.32 9.79 -21.57
C TYR B 284 -17.43 10.29 -22.54
N LYS B 285 -17.16 10.23 -23.83
CA LYS B 285 -18.11 10.64 -24.85
C LYS B 285 -18.72 9.42 -25.52
N SER B 286 -19.38 9.65 -26.64
CA SER B 286 -19.92 8.58 -27.44
C SER B 286 -19.72 8.90 -28.90
N LYS B 287 -19.93 7.88 -29.74
CA LYS B 287 -19.85 8.09 -31.17
C LYS B 287 -20.81 9.19 -31.67
N PRO B 288 -22.12 9.09 -31.36
CA PRO B 288 -23.04 10.15 -31.75
C PRO B 288 -22.70 11.55 -31.22
N ALA B 289 -22.21 11.67 -29.99
CA ALA B 289 -21.84 12.98 -29.46
C ALA B 289 -20.66 13.55 -30.24
N MET B 290 -19.62 12.74 -30.48
CA MET B 290 -18.45 13.25 -31.23
C MET B 290 -18.80 13.51 -32.68
N ASP B 291 -19.71 12.71 -33.26
CA ASP B 291 -20.09 12.91 -34.66
C ASP B 291 -20.92 14.17 -34.88
N GLU B 292 -21.66 14.60 -33.84
CA GLU B 292 -22.34 15.92 -33.81
C GLU B 292 -21.37 17.06 -33.70
N ARG B 293 -20.35 16.91 -32.88
CA ARG B 293 -19.36 17.94 -32.66
C ARG B 293 -18.44 18.14 -33.89
N PHE B 294 -18.08 17.05 -34.56
CA PHE B 294 -17.14 17.12 -35.67
C PHE B 294 -17.66 16.32 -36.82
N HIS B 295 -17.82 16.96 -37.97
CA HIS B 295 -18.29 16.25 -39.15
C HIS B 295 -17.80 16.83 -40.46
N MET B 296 -17.84 16.01 -41.50
CA MET B 296 -17.44 16.45 -42.84
C MET B 296 -18.54 17.29 -43.51
N ALA B 297 -18.17 18.01 -44.56
CA ALA B 297 -19.13 18.75 -45.38
C ALA B 297 -20.05 17.82 -46.25
N PRO B 298 -21.22 18.32 -46.71
CA PRO B 298 -22.03 17.53 -47.68
C PRO B 298 -21.31 17.26 -49.02
N GLY B 299 -21.57 16.08 -49.62
CA GLY B 299 -20.79 15.55 -50.76
C GLY B 299 -20.56 16.53 -51.91
N VAL B 300 -21.65 16.96 -52.53
CA VAL B 300 -21.64 18.16 -53.39
C VAL B 300 -22.52 19.20 -52.70
N GLY B 327 -14.69 22.96 -32.73
CA GLY B 327 -14.84 23.40 -34.08
C GLY B 327 -16.11 22.76 -34.57
N GLN B 328 -16.17 22.38 -35.87
CA GLN B 328 -17.16 21.43 -36.44
C GLN B 328 -16.69 20.67 -37.70
N PRO B 329 -15.79 21.26 -38.55
CA PRO B 329 -15.11 20.40 -39.57
C PRO B 329 -14.14 19.37 -38.96
N ILE B 330 -13.89 18.28 -39.66
CA ILE B 330 -12.92 17.26 -39.19
C ILE B 330 -11.53 17.83 -38.84
N GLU B 331 -11.08 18.84 -39.56
CA GLU B 331 -9.77 19.45 -39.34
C GLU B 331 -9.62 20.13 -37.94
N ALA B 332 -10.74 20.42 -37.29
CA ALA B 332 -10.74 21.10 -36.00
C ALA B 332 -10.50 20.14 -34.82
N VAL B 333 -10.56 18.82 -35.08
CA VAL B 333 -10.41 17.78 -34.02
C VAL B 333 -9.03 17.93 -33.34
N SER B 334 -7.99 18.16 -34.15
CA SER B 334 -6.63 18.27 -33.65
C SER B 334 -6.54 19.30 -32.51
N SER B 335 -7.01 20.52 -32.81
CA SER B 335 -7.03 21.64 -31.89
C SER B 335 -7.86 21.40 -30.63
N TYR B 336 -9.01 20.79 -30.82
CA TYR B 336 -9.89 20.43 -29.75
C TYR B 336 -9.20 19.46 -28.75
N LEU B 337 -8.58 18.41 -29.26
CA LEU B 337 -7.84 17.46 -28.42
C LEU B 337 -6.70 18.12 -27.65
N ARG B 338 -5.89 18.96 -28.32
CA ARG B 338 -4.78 19.64 -27.68
C ARG B 338 -5.29 20.56 -26.56
N TYR B 339 -6.35 21.33 -26.85
CA TYR B 339 -6.93 22.26 -25.87
C TYR B 339 -7.41 21.55 -24.58
N GLN B 340 -8.20 20.49 -24.76
CA GLN B 340 -8.71 19.65 -23.63
C GLN B 340 -7.59 19.12 -22.76
N ALA B 341 -6.57 18.59 -23.43
CA ALA B 341 -5.46 17.94 -22.79
C ALA B 341 -4.62 18.92 -21.96
N GLN B 342 -4.20 20.02 -22.58
CA GLN B 342 -3.41 21.05 -21.93
C GLN B 342 -4.10 21.64 -20.67
N LYS B 343 -5.40 21.87 -20.80
CA LYS B 343 -6.22 22.41 -19.72
C LYS B 343 -6.12 21.51 -18.46
N PHE B 344 -6.23 20.21 -18.67
CA PHE B 344 -6.09 19.25 -17.58
C PHE B 344 -4.67 19.17 -17.00
N ALA B 345 -3.70 19.09 -17.89
CA ALA B 345 -2.31 18.94 -17.49
C ALA B 345 -1.80 20.09 -16.63
N ALA B 346 -2.42 21.26 -16.78
CA ALA B 346 -2.03 22.46 -16.06
C ALA B 346 -2.64 22.48 -14.64
N SER B 347 -3.69 21.70 -14.43
CA SER B 347 -4.51 21.82 -13.24
C SER B 347 -4.66 20.50 -12.41
N PHE B 348 -3.77 19.52 -12.60
CA PHE B 348 -3.82 18.29 -11.79
C PHE B 348 -2.45 17.77 -11.57
N ASP B 349 -2.29 16.90 -10.57
CA ASP B 349 -0.98 16.33 -10.25
C ASP B 349 -0.88 14.87 -10.75
N ALA B 350 0.28 14.52 -11.31
CA ALA B 350 0.53 13.20 -11.94
C ALA B 350 0.48 12.03 -10.92
N ASN B 351 1.26 12.15 -9.85
CA ASN B 351 1.18 11.21 -8.74
C ASN B 351 -0.23 10.99 -8.17
N CYS B 352 -1.01 12.06 -8.02
CA CYS B 352 -2.38 11.93 -7.56
C CYS B 352 -3.25 11.25 -8.61
N TYR B 353 -2.96 11.49 -9.91
CA TYR B 353 -3.70 10.78 -10.97
C TYR B 353 -3.48 9.31 -10.84
N ILE B 354 -2.24 8.92 -10.59
CA ILE B 354 -1.87 7.52 -10.39
C ILE B 354 -2.55 6.93 -9.16
N ALA B 355 -2.36 7.61 -8.00
CA ALA B 355 -2.95 7.18 -6.73
C ALA B 355 -4.48 6.98 -6.85
N MET B 356 -5.18 7.96 -7.40
CA MET B 356 -6.63 7.88 -7.54
C MET B 356 -7.19 6.86 -8.51
N THR B 357 -6.57 6.72 -9.69
CA THR B 357 -7.05 5.72 -10.66
C THR B 357 -6.79 4.29 -10.13
N LEU B 358 -5.71 4.12 -9.40
CA LEU B 358 -5.41 2.83 -8.80
C LEU B 358 -6.47 2.37 -7.82
N LYS B 359 -7.21 3.30 -7.23
CA LYS B 359 -8.36 3.00 -6.37
C LYS B 359 -9.44 2.23 -7.09
N PHE B 360 -9.60 2.52 -8.40
CA PHE B 360 -10.57 1.80 -9.22
C PHE B 360 -10.30 0.27 -9.18
N ASP B 361 -9.02 -0.10 -9.18
CA ASP B 361 -8.62 -1.50 -9.30
C ASP B 361 -9.04 -2.40 -8.11
N THR B 362 -9.21 -1.81 -6.93
CA THR B 362 -9.53 -2.56 -5.73
C THR B 362 -10.99 -2.39 -5.33
N HIS B 363 -11.76 -1.66 -6.16
CA HIS B 363 -13.18 -1.56 -5.94
C HIS B 363 -13.87 -2.92 -6.14
N ASP B 364 -14.59 -3.36 -5.14
CA ASP B 364 -15.43 -4.56 -5.29
C ASP B 364 -16.33 -4.64 -4.05
N ILE B 365 -17.63 -4.41 -4.21
CA ILE B 365 -18.51 -4.39 -3.05
C ILE B 365 -18.74 -5.78 -2.44
N SER B 366 -18.34 -6.83 -3.16
CA SER B 366 -18.48 -8.20 -2.67
C SER B 366 -17.26 -8.69 -1.90
N ARG B 367 -16.09 -8.10 -2.04
CA ARG B 367 -14.92 -8.71 -1.39
C ARG B 367 -15.01 -8.73 0.15
N GLY B 368 -14.82 -9.93 0.71
CA GLY B 368 -14.98 -10.20 2.13
C GLY B 368 -16.42 -10.33 2.57
N ARG B 369 -17.36 -10.18 1.65
CA ARG B 369 -18.75 -10.00 2.05
C ARG B 369 -19.61 -11.05 1.46
N ALA B 370 -19.40 -11.38 0.20
CA ALA B 370 -20.32 -12.23 -0.50
C ALA B 370 -19.57 -12.96 -1.59
N GLY B 371 -20.17 -14.02 -2.11
CA GLY B 371 -19.50 -14.88 -3.09
C GLY B 371 -19.67 -14.36 -4.48
N SER B 372 -20.54 -13.37 -4.64
CA SER B 372 -20.76 -12.78 -5.97
C SER B 372 -21.28 -11.35 -5.87
N ILE B 373 -21.27 -10.65 -7.00
CA ILE B 373 -21.76 -9.31 -7.07
C ILE B 373 -23.26 -9.25 -6.79
N PRO B 374 -24.06 -10.14 -7.44
CA PRO B 374 -25.50 -10.16 -7.14
C PRO B 374 -25.83 -10.42 -5.68
N GLU B 375 -25.03 -11.21 -5.02
CA GLU B 375 -25.25 -11.48 -3.62
C GLU B 375 -24.89 -10.32 -2.71
N ALA B 376 -23.83 -9.60 -3.04
CA ALA B 376 -23.47 -8.34 -2.37
C ALA B 376 -24.55 -7.25 -2.53
N LEU B 377 -25.06 -7.09 -3.75
CA LEU B 377 -26.13 -6.12 -4.07
C LEU B 377 -27.42 -6.40 -3.30
N ALA B 378 -27.74 -7.67 -3.12
CA ALA B 378 -28.90 -8.11 -2.32
C ALA B 378 -28.81 -7.69 -0.86
N MET B 379 -27.59 -7.45 -0.38
CA MET B 379 -27.37 -6.94 0.97
C MET B 379 -27.69 -5.45 1.12
N ILE B 380 -27.96 -4.77 0.01
CA ILE B 380 -28.28 -3.35 0.04
C ILE B 380 -29.79 -3.18 0.21
N THR B 381 -30.16 -2.80 1.42
CA THR B 381 -31.53 -2.79 1.88
C THR B 381 -32.24 -1.43 1.76
N GLN B 382 -31.45 -0.35 1.62
CA GLN B 382 -31.99 1.02 1.40
C GLN B 382 -32.70 1.12 0.05
N PRO B 383 -33.68 2.02 -0.07
CA PRO B 383 -34.16 2.42 -1.40
C PRO B 383 -32.97 2.97 -2.23
N ALA B 384 -32.88 2.55 -3.49
CA ALA B 384 -31.83 2.98 -4.40
C ALA B 384 -32.41 3.53 -5.69
N LEU B 385 -31.88 4.67 -6.15
CA LEU B 385 -32.17 5.15 -7.51
C LEU B 385 -30.88 5.07 -8.34
N ILE B 386 -30.92 4.25 -9.38
CA ILE B 386 -29.75 3.98 -10.21
C ILE B 386 -29.90 4.75 -11.50
N ILE B 387 -28.96 5.65 -11.77
CA ILE B 387 -29.10 6.56 -12.90
C ILE B 387 -28.01 6.23 -13.91
N CYS B 388 -28.42 6.03 -15.17
CA CYS B 388 -27.48 5.66 -16.23
C CYS B 388 -27.93 6.16 -17.62
N ALA B 389 -27.02 6.09 -18.61
CA ALA B 389 -27.33 6.36 -20.01
C ALA B 389 -26.87 5.15 -20.86
N ARG B 390 -27.62 4.81 -21.91
CA ARG B 390 -27.25 3.69 -22.76
C ARG B 390 -25.95 3.92 -23.47
N SER B 391 -25.64 5.20 -23.70
CA SER B 391 -24.50 5.60 -24.52
C SER B 391 -23.20 5.69 -23.77
N ASP B 392 -23.21 5.33 -22.48
CA ASP B 392 -22.01 5.32 -21.62
C ASP B 392 -21.09 4.21 -22.12
N GLY B 393 -19.87 4.59 -22.49
CA GLY B 393 -18.89 3.65 -23.04
C GLY B 393 -18.01 2.96 -22.00
N LEU B 394 -18.05 3.46 -20.77
CA LEU B 394 -17.24 2.91 -19.70
C LEU B 394 -18.07 2.05 -18.74
N TYR B 395 -19.22 2.54 -18.34
CA TYR B 395 -20.10 1.80 -17.38
C TYR B 395 -21.37 1.47 -18.09
N SER B 396 -21.58 0.18 -18.33
CA SER B 396 -22.58 -0.28 -19.29
C SER B 396 -23.97 -0.22 -18.73
N PHE B 397 -24.92 -0.09 -19.66
CA PHE B 397 -26.34 -0.15 -19.37
C PHE B 397 -26.67 -1.45 -18.67
N ASP B 398 -26.12 -2.55 -19.18
CA ASP B 398 -26.38 -3.87 -18.60
C ASP B 398 -25.95 -4.00 -17.14
N GLU B 399 -24.80 -3.44 -16.78
CA GLU B 399 -24.36 -3.52 -15.38
C GLU B 399 -25.26 -2.71 -14.40
N HIS B 400 -25.88 -1.63 -14.90
CA HIS B 400 -26.87 -0.88 -14.15
C HIS B 400 -28.18 -1.62 -14.04
N VAL B 401 -28.60 -2.27 -15.11
CA VAL B 401 -29.71 -3.21 -15.07
C VAL B 401 -29.48 -4.34 -14.05
N GLU B 402 -28.27 -4.91 -14.03
CA GLU B 402 -27.91 -5.86 -12.98
C GLU B 402 -28.09 -5.29 -11.56
N MET B 403 -27.57 -4.09 -11.29
CA MET B 403 -27.84 -3.39 -10.02
C MET B 403 -29.33 -3.35 -9.68
N GLY B 404 -30.15 -2.94 -10.65
CA GLY B 404 -31.60 -2.80 -10.47
C GLY B 404 -32.25 -4.14 -10.17
N ARG B 405 -31.72 -5.21 -10.76
CA ARG B 405 -32.25 -6.56 -10.56
C ARG B 405 -31.93 -7.14 -9.20
N SER B 406 -30.75 -6.85 -8.67
CA SER B 406 -30.35 -7.49 -7.41
C SER B 406 -30.59 -6.67 -6.12
N ILE B 407 -30.55 -5.35 -6.23
CA ILE B 407 -30.92 -4.50 -5.11
C ILE B 407 -32.45 -4.57 -4.97
N PRO B 408 -32.96 -5.15 -3.85
CA PRO B 408 -34.42 -5.42 -3.67
C PRO B 408 -35.34 -4.20 -3.78
N ASN B 409 -34.90 -3.03 -3.29
CA ASN B 409 -35.73 -1.83 -3.35
C ASN B 409 -35.08 -0.78 -4.24
N SER B 410 -35.06 -1.03 -5.54
CA SER B 410 -34.38 -0.14 -6.45
C SER B 410 -35.26 0.29 -7.60
N ARG B 411 -34.94 1.44 -8.15
CA ARG B 411 -35.56 1.91 -9.37
C ARG B 411 -34.46 2.35 -10.31
N LEU B 412 -34.60 1.97 -11.58
CA LEU B 412 -33.63 2.35 -12.59
C LEU B 412 -34.11 3.60 -13.32
N CYS B 413 -33.25 4.60 -13.38
CA CYS B 413 -33.54 5.75 -14.19
C CYS B 413 -32.58 5.81 -15.40
N VAL B 414 -33.12 5.64 -16.61
CA VAL B 414 -32.34 5.75 -17.84
C VAL B 414 -32.51 7.13 -18.47
N VAL B 415 -31.46 7.93 -18.46
CA VAL B 415 -31.53 9.27 -19.03
C VAL B 415 -31.46 9.17 -20.57
N ASP B 416 -32.41 9.84 -21.23
CA ASP B 416 -32.48 9.91 -22.68
C ASP B 416 -31.47 10.95 -23.17
N THR B 417 -30.39 10.48 -23.75
CA THR B 417 -29.28 11.35 -24.08
C THR B 417 -28.33 10.57 -24.99
N ASN B 418 -27.52 11.26 -25.77
CA ASN B 418 -26.49 10.61 -26.57
C ASN B 418 -25.09 10.93 -26.07
N GLU B 419 -24.99 11.55 -24.89
CA GLU B 419 -23.73 12.16 -24.42
C GLU B 419 -22.58 11.26 -23.91
N GLY B 420 -22.85 9.99 -23.65
CA GLY B 420 -21.81 9.12 -23.10
C GLY B 420 -21.67 9.31 -21.60
N HIS B 421 -20.57 8.84 -21.04
CA HIS B 421 -20.35 8.87 -19.58
C HIS B 421 -20.49 10.28 -18.99
N ASP B 422 -20.12 11.28 -19.78
CA ASP B 422 -20.27 12.69 -19.45
C ASP B 422 -21.70 13.15 -19.19
N PHE B 423 -22.71 12.33 -19.49
CA PHE B 423 -24.11 12.78 -19.42
C PHE B 423 -24.50 13.38 -18.03
N PHE B 424 -23.92 12.86 -16.95
CA PHE B 424 -24.37 13.25 -15.59
C PHE B 424 -24.02 14.70 -15.32
N VAL B 425 -23.06 15.21 -16.07
CA VAL B 425 -22.68 16.64 -16.09
C VAL B 425 -23.40 17.45 -17.22
N MET B 426 -23.55 16.86 -18.41
CA MET B 426 -24.20 17.52 -19.57
C MET B 426 -25.71 17.62 -19.35
N GLU B 427 -26.30 16.56 -18.80
CA GLU B 427 -27.74 16.49 -18.60
C GLU B 427 -28.10 16.76 -17.14
N ALA B 428 -27.43 17.73 -16.54
CA ALA B 428 -27.57 18.03 -15.12
C ALA B 428 -29.00 18.27 -14.68
N ASP B 429 -29.79 18.96 -15.50
CA ASP B 429 -31.19 19.18 -15.20
C ASP B 429 -31.98 17.91 -15.06
N LYS B 430 -31.77 16.95 -15.96
CA LYS B 430 -32.42 15.65 -15.88
C LYS B 430 -31.99 14.82 -14.66
N VAL B 431 -30.70 14.87 -14.33
CA VAL B 431 -30.18 14.28 -13.11
C VAL B 431 -30.79 14.99 -11.88
N ASN B 432 -30.80 16.33 -11.87
CA ASN B 432 -31.44 17.07 -10.80
C ASN B 432 -32.86 16.57 -10.52
N ASP B 433 -33.67 16.48 -11.56
CA ASP B 433 -35.08 16.18 -11.40
C ASP B 433 -35.26 14.77 -10.88
N ALA B 434 -34.44 13.85 -11.38
CA ALA B 434 -34.50 12.44 -10.93
C ALA B 434 -34.12 12.31 -9.44
N VAL B 435 -33.06 12.99 -9.05
CA VAL B 435 -32.60 12.98 -7.68
C VAL B 435 -33.61 13.64 -6.73
N ARG B 436 -34.07 14.86 -7.08
CA ARG B 436 -35.08 15.55 -6.29
CA ARG B 436 -35.08 15.54 -6.26
C ARG B 436 -36.37 14.71 -6.13
N GLY B 437 -36.85 14.14 -7.22
CA GLY B 437 -38.04 13.28 -7.16
C GLY B 437 -37.93 12.09 -6.18
N PHE B 438 -36.74 11.50 -6.13
CA PHE B 438 -36.44 10.36 -5.27
C PHE B 438 -36.32 10.78 -3.78
N LEU B 439 -35.60 11.86 -3.53
CA LEU B 439 -35.50 12.45 -2.22
C LEU B 439 -36.88 12.92 -1.68
N ASP B 440 -37.79 13.29 -2.56
CA ASP B 440 -39.15 13.70 -2.20
C ASP B 440 -40.07 12.53 -1.80
N GLN B 441 -39.62 11.31 -2.05
CA GLN B 441 -40.45 10.16 -1.77
C GLN B 441 -40.48 9.81 -0.29
N ASN C 66 -33.59 24.22 22.85
CA ASN C 66 -32.84 25.30 23.61
C ASN C 66 -32.92 26.71 22.92
N ARG C 67 -33.84 27.56 23.40
CA ARG C 67 -34.03 28.89 22.83
C ARG C 67 -32.85 29.83 23.06
N PHE C 68 -32.03 29.55 24.06
CA PHE C 68 -30.85 30.37 24.33
C PHE C 68 -29.76 30.12 23.27
N GLU C 69 -29.50 28.85 23.02
CA GLU C 69 -28.59 28.43 21.97
C GLU C 69 -29.12 28.81 20.55
N ALA C 70 -30.43 28.72 20.36
CA ALA C 70 -31.03 29.08 19.07
C ALA C 70 -30.86 30.57 18.68
N SER C 71 -30.68 31.43 19.68
CA SER C 71 -30.56 32.87 19.47
C SER C 71 -29.16 33.30 18.94
N LEU C 72 -28.20 32.37 18.94
CA LEU C 72 -26.81 32.70 18.65
C LEU C 72 -26.52 32.69 17.16
N ASP C 73 -25.46 33.39 16.74
CA ASP C 73 -24.82 33.15 15.47
C ASP C 73 -24.32 31.70 15.40
N ALA C 74 -23.96 31.28 14.18
CA ALA C 74 -23.44 29.96 13.93
C ALA C 74 -22.20 29.71 14.80
N GLN C 75 -22.09 28.51 15.33
CA GLN C 75 -20.90 28.11 16.10
C GLN C 75 -20.72 26.61 15.86
N ASP C 76 -19.62 26.05 16.38
CA ASP C 76 -19.37 24.61 16.28
C ASP C 76 -19.71 23.85 17.59
N ILE C 77 -19.95 22.56 17.47
CA ILE C 77 -20.13 21.68 18.63
C ILE C 77 -19.20 20.48 18.48
N ALA C 78 -18.33 20.26 19.48
CA ALA C 78 -17.59 19.02 19.56
C ALA C 78 -18.33 18.13 20.51
N ARG C 79 -18.30 16.82 20.28
CA ARG C 79 -18.96 15.87 21.19
CA ARG C 79 -18.94 15.92 21.23
C ARG C 79 -17.96 14.96 21.87
N ILE C 80 -17.97 14.94 23.20
CA ILE C 80 -17.10 14.08 23.97
C ILE C 80 -17.99 12.95 24.48
N SER C 81 -17.64 11.71 24.16
CA SER C 81 -18.56 10.62 24.42
C SER C 81 -18.64 10.29 25.90
N LEU C 82 -17.52 10.39 26.60
CA LEU C 82 -17.45 10.23 28.04
C LEU C 82 -16.56 11.27 28.67
N PHE C 83 -17.05 11.86 29.77
CA PHE C 83 -16.23 12.78 30.55
C PHE C 83 -16.45 12.63 32.05
N THR C 84 -15.39 12.31 32.77
CA THR C 84 -15.46 12.20 34.23
C THR C 84 -15.18 13.50 34.95
N LEU C 85 -16.21 14.00 35.63
CA LEU C 85 -16.11 15.23 36.45
C LEU C 85 -15.20 14.97 37.65
N GLU C 86 -14.56 16.01 38.15
CA GLU C 86 -13.74 15.83 39.34
C GLU C 86 -14.51 15.36 40.61
N SER C 87 -15.84 15.47 40.59
CA SER C 87 -16.68 14.83 41.61
C SER C 87 -16.76 13.29 41.48
N GLY C 88 -16.39 12.76 40.31
CA GLY C 88 -16.51 11.33 40.04
C GLY C 88 -17.73 11.05 39.22
N VAL C 89 -18.60 12.04 39.06
CA VAL C 89 -19.78 11.89 38.20
C VAL C 89 -19.35 11.86 36.71
N ILE C 90 -19.94 10.95 35.94
CA ILE C 90 -19.59 10.75 34.54
C ILE C 90 -20.68 11.35 33.65
N LEU C 91 -20.29 12.28 32.80
CA LEU C 91 -21.19 12.83 31.76
C LEU C 91 -20.94 12.01 30.48
N ARG C 92 -21.99 11.72 29.74
CA ARG C 92 -21.88 11.04 28.44
C ARG C 92 -22.44 11.90 27.29
N ASP C 93 -21.90 11.71 26.09
CA ASP C 93 -22.48 12.33 24.88
C ASP C 93 -22.51 13.85 25.09
N VAL C 94 -21.37 14.42 25.41
CA VAL C 94 -21.33 15.76 25.97
C VAL C 94 -21.03 16.81 24.91
N PRO C 95 -22.00 17.69 24.59
CA PRO C 95 -21.68 18.75 23.61
C PRO C 95 -20.78 19.82 24.22
N VAL C 96 -19.79 20.27 23.47
CA VAL C 96 -19.01 21.44 23.85
C VAL C 96 -19.08 22.42 22.68
N ALA C 97 -19.69 23.59 22.90
CA ALA C 97 -19.80 24.59 21.87
C ALA C 97 -18.58 25.45 21.86
N TYR C 98 -18.20 25.89 20.67
CA TYR C 98 -17.09 26.81 20.53
C TYR C 98 -17.23 27.67 19.26
N LYS C 99 -16.51 28.76 19.29
CA LYS C 99 -16.42 29.67 18.17
C LYS C 99 -14.95 30.01 18.00
N SER C 100 -14.48 29.94 16.77
CA SER C 100 -13.12 30.31 16.46
C SER C 100 -13.03 31.36 15.37
N TRP C 101 -11.91 32.07 15.32
CA TRP C 101 -11.65 33.09 14.30
C TRP C 101 -10.23 32.89 13.82
N GLY C 102 -9.97 33.13 12.53
CA GLY C 102 -8.64 32.97 12.00
C GLY C 102 -8.30 31.50 11.73
N ARG C 103 -7.02 31.22 11.52
CA ARG C 103 -6.60 29.94 11.00
C ARG C 103 -5.34 29.49 11.75
N MET C 104 -5.25 28.20 12.08
CA MET C 104 -4.00 27.66 12.60
C MET C 104 -2.89 27.73 11.56
N ASN C 105 -1.67 28.06 12.00
CA ASN C 105 -0.48 27.92 11.18
C ASN C 105 -0.05 26.44 11.03
N VAL C 106 1.04 26.21 10.31
CA VAL C 106 1.40 24.85 9.95
C VAL C 106 1.84 24.06 11.19
N SER C 107 2.56 24.73 12.08
CA SER C 107 2.95 24.17 13.39
C SER C 107 1.77 23.95 14.39
N ARG C 108 0.61 24.53 14.07
CA ARG C 108 -0.56 24.56 14.96
C ARG C 108 -0.19 25.01 16.38
N ASP C 109 0.66 26.06 16.46
CA ASP C 109 1.10 26.61 17.74
C ASP C 109 0.72 28.10 17.94
N ASN C 110 -0.19 28.61 17.11
CA ASN C 110 -0.57 30.00 17.16
C ASN C 110 -2.00 30.15 17.77
N CYS C 111 -2.35 29.25 18.68
CA CYS C 111 -3.69 29.27 19.24
C CYS C 111 -3.76 30.26 20.43
N VAL C 112 -4.79 31.11 20.42
CA VAL C 112 -5.09 31.95 21.57
C VAL C 112 -6.45 31.57 22.08
N ILE C 113 -6.52 31.26 23.37
CA ILE C 113 -7.79 30.90 23.99
C ILE C 113 -8.33 32.11 24.72
N VAL C 114 -9.59 32.40 24.47
CA VAL C 114 -10.29 33.41 25.23
C VAL C 114 -11.34 32.74 26.07
N CYS C 115 -11.34 33.07 27.36
CA CYS C 115 -12.29 32.52 28.31
C CYS C 115 -13.36 33.55 28.58
N HIS C 116 -14.63 33.15 28.42
CA HIS C 116 -15.72 34.06 28.50
C HIS C 116 -16.21 34.31 29.95
N THR C 117 -17.29 35.08 30.07
CA THR C 117 -17.79 35.50 31.40
C THR C 117 -19.01 34.68 31.78
N LEU C 118 -19.46 34.89 33.01
CA LEU C 118 -20.55 34.14 33.62
C LEU C 118 -21.79 33.97 32.74
N THR C 119 -22.26 35.08 32.16
CA THR C 119 -23.52 35.03 31.41
C THR C 119 -23.34 35.21 29.89
N SER C 120 -22.11 35.18 29.40
CA SER C 120 -21.91 35.28 27.94
C SER C 120 -21.86 33.93 27.27
N SER C 121 -21.96 33.96 25.94
CA SER C 121 -21.74 32.78 25.12
C SER C 121 -20.27 32.76 24.71
N ALA C 122 -19.92 31.90 23.76
CA ALA C 122 -18.55 31.79 23.29
C ALA C 122 -18.26 32.88 22.24
N HIS C 123 -19.27 33.63 21.86
CA HIS C 123 -19.13 34.71 20.86
C HIS C 123 -18.57 36.00 21.45
N VAL C 124 -17.26 35.97 21.72
CA VAL C 124 -16.52 37.06 22.41
C VAL C 124 -16.68 38.41 21.69
N THR C 125 -16.82 38.34 20.39
CA THR C 125 -16.99 39.49 19.53
C THR C 125 -18.18 40.35 19.94
N SER C 126 -19.18 39.76 20.59
CA SER C 126 -20.38 40.50 20.90
C SER C 126 -20.17 41.48 22.09
N TRP C 127 -19.16 41.23 22.92
CA TRP C 127 -18.89 42.16 24.02
C TRP C 127 -17.46 42.67 24.06
N TRP C 128 -16.57 42.01 23.33
CA TRP C 128 -15.22 42.52 23.12
C TRP C 128 -14.92 42.77 21.63
N PRO C 129 -15.84 43.41 20.87
CA PRO C 129 -15.61 43.56 19.42
C PRO C 129 -14.29 44.26 19.05
N THR C 130 -13.84 45.23 19.84
CA THR C 130 -12.69 46.00 19.43
C THR C 130 -11.35 45.31 19.66
N LEU C 131 -11.37 44.15 20.33
CA LEU C 131 -10.13 43.37 20.53
C LEU C 131 -9.75 42.49 19.35
N PHE C 132 -10.64 42.43 18.35
CA PHE C 132 -10.48 41.57 17.19
C PHE C 132 -10.03 42.30 15.95
N GLY C 133 -9.10 41.68 15.25
CA GLY C 133 -8.71 42.16 13.95
C GLY C 133 -7.24 42.38 13.80
N GLN C 134 -6.81 42.63 12.58
CA GLN C 134 -5.42 42.93 12.30
CA GLN C 134 -5.43 42.96 12.29
C GLN C 134 -4.92 44.12 13.15
N GLY C 135 -3.75 43.91 13.76
CA GLY C 135 -3.13 44.89 14.64
C GLY C 135 -3.78 45.04 16.01
N ARG C 136 -4.80 44.25 16.31
CA ARG C 136 -5.49 44.27 17.61
C ARG C 136 -5.01 43.08 18.46
N ALA C 137 -5.48 42.98 19.71
CA ALA C 137 -5.04 41.93 20.63
C ALA C 137 -5.33 40.55 20.08
N PHE C 138 -6.56 40.32 19.66
CA PHE C 138 -6.95 39.08 19.00
C PHE C 138 -6.82 39.22 17.49
N ASP C 139 -5.57 39.16 17.05
CA ASP C 139 -5.23 39.37 15.65
C ASP C 139 -5.48 38.10 14.86
N THR C 140 -6.61 38.08 14.15
CA THR C 140 -7.01 36.94 13.33
C THR C 140 -6.15 36.70 12.07
N SER C 141 -5.17 37.59 11.83
CA SER C 141 -4.13 37.46 10.81
C SER C 141 -2.97 36.61 11.26
N ARG C 142 -2.77 36.56 12.57
CA ARG C 142 -1.60 35.95 13.18
C ARG C 142 -1.97 34.69 13.94
N TYR C 143 -3.18 34.68 14.52
CA TYR C 143 -3.55 33.69 15.52
C TYR C 143 -4.80 32.95 15.11
N PHE C 144 -4.93 31.74 15.66
CA PHE C 144 -6.18 31.02 15.69
C PHE C 144 -6.82 31.27 17.08
N ILE C 145 -7.86 32.11 17.12
CA ILE C 145 -8.48 32.54 18.36
C ILE C 145 -9.67 31.63 18.55
N ILE C 146 -9.84 31.11 19.75
CA ILE C 146 -10.96 30.24 20.03
C ILE C 146 -11.55 30.51 21.43
N CYS C 147 -12.86 30.48 21.49
CA CYS C 147 -13.52 30.52 22.79
C CYS C 147 -14.45 29.36 22.90
N LEU C 148 -14.40 28.65 24.03
CA LEU C 148 -15.28 27.51 24.31
C LEU C 148 -16.26 27.81 25.44
N ASN C 149 -17.51 27.35 25.28
CA ASN C 149 -18.60 27.60 26.18
C ASN C 149 -18.41 26.66 27.37
N TYR C 150 -18.56 27.19 28.58
CA TYR C 150 -18.43 26.41 29.81
C TYR C 150 -19.56 25.40 29.94
N LEU C 151 -19.28 24.29 30.62
CA LEU C 151 -20.35 23.42 31.13
C LEU C 151 -21.28 24.19 32.11
N GLY C 152 -22.57 23.90 32.05
CA GLY C 152 -23.54 24.62 32.85
C GLY C 152 -24.14 25.85 32.21
N SER C 153 -23.59 26.25 31.07
CA SER C 153 -24.07 27.45 30.36
C SER C 153 -25.27 27.11 29.43
N PRO C 154 -26.15 28.09 29.13
CA PRO C 154 -27.27 27.76 28.22
C PRO C 154 -26.92 27.81 26.72
N PHE C 155 -25.68 28.15 26.41
CA PHE C 155 -25.28 28.53 25.06
C PHE C 155 -24.59 27.47 24.19
N GLY C 156 -24.88 26.20 24.45
CA GLY C 156 -24.43 25.11 23.58
C GLY C 156 -23.73 23.97 24.27
N SER C 157 -22.92 24.29 25.29
CA SER C 157 -22.21 23.23 26.00
C SER C 157 -23.18 22.50 26.93
N ALA C 158 -22.77 21.35 27.42
CA ALA C 158 -23.64 20.57 28.26
C ALA C 158 -24.02 21.38 29.51
N GLY C 159 -25.30 21.33 29.89
CA GLY C 159 -25.80 22.09 31.04
C GLY C 159 -27.27 21.82 31.17
N PRO C 160 -27.94 22.52 32.11
CA PRO C 160 -29.36 22.42 32.38
C PRO C 160 -30.28 22.48 31.16
N CYS C 161 -29.88 23.23 30.13
CA CYS C 161 -30.72 23.41 28.93
C CYS C 161 -30.43 22.39 27.82
N SER C 162 -29.42 21.56 28.01
CA SER C 162 -29.08 20.62 26.97
C SER C 162 -29.70 19.23 27.20
N PRO C 163 -29.89 18.44 26.12
CA PRO C 163 -30.59 17.13 26.26
C PRO C 163 -29.91 16.16 27.23
N ASP C 164 -30.71 15.56 28.10
CA ASP C 164 -30.25 14.55 29.04
C ASP C 164 -30.21 13.18 28.36
N PRO C 165 -29.01 12.63 28.14
CA PRO C 165 -28.91 11.37 27.41
C PRO C 165 -29.61 10.17 28.10
N ASP C 166 -29.78 10.25 29.41
CA ASP C 166 -30.48 9.20 30.16
C ASP C 166 -31.99 9.35 30.11
N ALA C 167 -32.42 9.93 28.98
CA ALA C 167 -33.80 10.26 28.63
C ALA C 167 -33.85 10.28 27.08
N GLU C 168 -32.82 9.67 26.47
CA GLU C 168 -32.61 9.62 25.00
C GLU C 168 -32.44 10.98 24.33
N GLY C 169 -32.09 12.00 25.13
CA GLY C 169 -31.95 13.36 24.61
C GLY C 169 -33.28 13.97 24.25
N GLN C 170 -34.34 13.46 24.86
CA GLN C 170 -35.71 13.93 24.60
C GLN C 170 -36.14 15.00 25.61
N ARG C 171 -35.58 14.92 26.82
CA ARG C 171 -35.72 15.98 27.82
C ARG C 171 -34.35 16.62 28.10
N PRO C 172 -34.33 17.85 28.64
CA PRO C 172 -33.10 18.41 29.19
C PRO C 172 -32.75 17.96 30.61
N TYR C 173 -31.47 18.10 30.95
CA TYR C 173 -31.03 17.91 32.34
C TYR C 173 -31.85 18.66 33.36
N GLY C 174 -32.21 19.92 33.06
CA GLY C 174 -32.95 20.75 34.02
C GLY C 174 -32.23 20.96 35.33
N ALA C 175 -32.95 20.79 36.44
CA ALA C 175 -32.37 20.99 37.78
C ALA C 175 -31.34 19.94 38.17
N LYS C 176 -31.24 18.88 37.37
CA LYS C 176 -30.39 17.72 37.70
C LYS C 176 -29.03 17.68 37.00
N PHE C 177 -28.63 18.75 36.32
CA PHE C 177 -27.28 18.84 35.78
C PHE C 177 -26.26 18.84 36.92
N PRO C 178 -25.26 17.93 36.87
CA PRO C 178 -24.30 17.75 37.92
C PRO C 178 -23.43 18.96 38.11
N ARG C 179 -22.94 19.13 39.33
CA ARG C 179 -21.98 20.18 39.67
CA ARG C 179 -22.00 20.20 39.64
C ARG C 179 -20.70 20.04 38.86
N THR C 180 -20.24 21.16 38.28
CA THR C 180 -19.00 21.19 37.53
C THR C 180 -18.04 22.24 38.10
N THR C 181 -16.77 22.08 37.84
CA THR C 181 -15.83 22.99 38.40
C THR C 181 -15.14 23.72 37.27
N ILE C 182 -14.40 24.76 37.65
CA ILE C 182 -13.52 25.46 36.72
C ILE C 182 -12.54 24.46 36.05
N ARG C 183 -11.92 23.62 36.85
CA ARG C 183 -11.04 22.56 36.36
C ARG C 183 -11.69 21.58 35.37
N ASP C 184 -12.96 21.21 35.60
CA ASP C 184 -13.71 20.34 34.70
C ASP C 184 -13.80 20.98 33.32
N ASP C 185 -14.17 22.29 33.30
CA ASP C 185 -14.21 23.09 32.06
C ASP C 185 -12.89 23.09 31.32
N VAL C 186 -11.83 23.48 32.00
CA VAL C 186 -10.50 23.53 31.39
C VAL C 186 -10.14 22.16 30.76
N ARG C 187 -10.42 21.09 31.50
CA ARG C 187 -10.10 19.73 31.08
C ARG C 187 -10.91 19.23 29.88
N ILE C 188 -12.21 19.44 29.85
CA ILE C 188 -12.96 19.07 28.66
C ILE C 188 -12.64 19.97 27.43
N HIS C 189 -12.35 21.25 27.67
CA HIS C 189 -11.98 22.17 26.57
C HIS C 189 -10.69 21.72 25.93
N ARG C 190 -9.74 21.29 26.75
CA ARG C 190 -8.47 20.83 26.25
C ARG C 190 -8.62 19.57 25.37
N GLN C 191 -9.58 18.69 25.72
CA GLN C 191 -9.93 17.57 24.87
C GLN C 191 -10.44 17.96 23.50
N VAL C 192 -11.31 18.96 23.46
CA VAL C 192 -11.73 19.56 22.20
C VAL C 192 -10.58 20.11 21.41
N LEU C 193 -9.65 20.81 22.05
CA LEU C 193 -8.54 21.35 21.30
C LEU C 193 -7.65 20.25 20.68
N ASP C 194 -7.45 19.17 21.43
CA ASP C 194 -6.70 18.00 20.93
C ASP C 194 -7.37 17.45 19.66
N ARG C 195 -8.69 17.32 19.66
CA ARG C 195 -9.41 16.93 18.46
C ARG C 195 -9.23 17.85 17.28
N LEU C 196 -9.15 19.14 17.55
CA LEU C 196 -8.92 20.16 16.51
C LEU C 196 -7.46 20.17 16.01
N GLY C 197 -6.58 19.49 16.73
CA GLY C 197 -5.19 19.40 16.34
C GLY C 197 -4.29 20.52 16.85
N VAL C 198 -4.77 21.29 17.84
CA VAL C 198 -3.94 22.37 18.43
C VAL C 198 -2.74 21.73 19.14
N ARG C 199 -1.54 22.19 18.83
CA ARG C 199 -0.36 21.63 19.44
C ARG C 199 0.18 22.47 20.59
N GLN C 200 0.00 23.79 20.49
CA GLN C 200 0.48 24.71 21.53
C GLN C 200 -0.40 25.97 21.60
N ILE C 201 -0.53 26.50 22.81
CA ILE C 201 -1.31 27.71 23.05
C ILE C 201 -0.42 28.93 23.27
N ALA C 202 -0.57 29.89 22.37
CA ALA C 202 0.22 31.09 22.38
C ALA C 202 -0.12 31.92 23.63
N ALA C 203 -1.41 32.01 23.97
CA ALA C 203 -1.86 32.77 25.12
C ALA C 203 -3.25 32.35 25.54
N VAL C 204 -3.53 32.42 26.84
CA VAL C 204 -4.91 32.43 27.30
C VAL C 204 -5.29 33.73 28.03
N VAL C 205 -6.47 34.26 27.67
CA VAL C 205 -6.93 35.59 28.07
C VAL C 205 -8.33 35.45 28.59
N GLY C 206 -8.59 35.98 29.77
CA GLY C 206 -9.97 35.96 30.27
C GLY C 206 -10.16 36.90 31.44
N ALA C 207 -11.33 37.48 31.54
CA ALA C 207 -11.71 38.43 32.61
C ALA C 207 -12.75 37.85 33.50
N SER C 208 -12.66 38.20 34.78
CA SER C 208 -13.70 37.88 35.75
C SER C 208 -13.74 36.33 35.95
N MET C 209 -14.87 35.67 35.73
CA MET C 209 -14.90 34.19 35.71
C MET C 209 -13.83 33.61 34.77
N GLY C 210 -13.66 34.20 33.58
CA GLY C 210 -12.68 33.68 32.61
C GLY C 210 -11.25 33.88 33.03
N GLY C 211 -11.04 34.81 33.95
CA GLY C 211 -9.72 34.98 34.57
C GLY C 211 -9.40 33.77 35.46
N MET C 212 -10.43 33.12 35.99
CA MET C 212 -10.26 31.95 36.87
C MET C 212 -9.84 30.71 36.05
N HIS C 213 -10.64 30.37 35.04
CA HIS C 213 -10.23 29.48 33.95
C HIS C 213 -8.81 29.76 33.40
N THR C 214 -8.49 31.03 33.16
CA THR C 214 -7.17 31.43 32.66
C THR C 214 -6.03 30.96 33.58
N LEU C 215 -6.19 31.21 34.88
CA LEU C 215 -5.21 30.81 35.86
C LEU C 215 -5.14 29.28 35.90
N GLU C 216 -6.27 28.60 35.78
CA GLU C 216 -6.26 27.13 35.78
C GLU C 216 -5.55 26.59 34.52
N TRP C 217 -5.75 27.23 33.35
CA TRP C 217 -5.04 26.79 32.09
C TRP C 217 -3.54 26.74 32.25
N ALA C 218 -3.00 27.67 33.04
CA ALA C 218 -1.55 27.81 33.22
C ALA C 218 -0.95 26.52 33.76
N PHE C 219 -1.75 25.76 34.49
CA PHE C 219 -1.24 24.59 35.20
C PHE C 219 -1.03 23.38 34.30
N PHE C 220 -1.28 23.54 33.01
CA PHE C 220 -0.76 22.62 32.00
C PHE C 220 0.75 22.79 31.71
N GLY C 221 1.38 23.84 32.23
CA GLY C 221 2.83 24.05 32.02
C GLY C 221 3.12 24.97 30.85
N PRO C 222 4.32 25.59 30.85
CA PRO C 222 4.75 26.58 29.85
C PRO C 222 5.01 25.99 28.47
N GLU C 223 4.96 24.67 28.40
CA GLU C 223 5.14 23.89 27.22
C GLU C 223 3.90 23.94 26.37
N TYR C 224 2.78 23.69 27.01
CA TYR C 224 1.51 23.73 26.35
C TYR C 224 0.86 25.14 26.32
N VAL C 225 0.92 25.86 27.42
CA VAL C 225 0.39 27.24 27.52
C VAL C 225 1.52 28.21 27.69
N ARG C 226 1.79 29.04 26.69
CA ARG C 226 2.97 29.92 26.69
C ARG C 226 2.86 31.17 27.56
N LYS C 227 1.65 31.77 27.63
CA LYS C 227 1.43 33.05 28.29
C LYS C 227 0.00 33.07 28.82
N ILE C 228 -0.20 33.79 29.93
CA ILE C 228 -1.52 34.04 30.43
C ILE C 228 -1.79 35.55 30.72
N VAL C 229 -3.03 35.95 30.51
CA VAL C 229 -3.50 37.29 30.81
C VAL C 229 -4.81 37.14 31.62
N PRO C 230 -4.70 36.97 32.94
CA PRO C 230 -5.85 37.06 33.87
C PRO C 230 -6.27 38.53 34.15
N ILE C 231 -7.56 38.82 34.03
CA ILE C 231 -8.07 40.17 34.14
C ILE C 231 -9.20 40.17 35.16
N ALA C 232 -9.09 41.06 36.16
CA ALA C 232 -10.23 41.37 37.05
C ALA C 232 -10.80 40.08 37.67
N THR C 233 -9.96 39.39 38.42
CA THR C 233 -10.31 38.05 38.79
C THR C 233 -9.71 37.66 40.15
N SER C 234 -9.85 36.38 40.52
CA SER C 234 -9.28 35.89 41.78
C SER C 234 -8.64 34.51 41.65
N CYS C 235 -7.80 34.16 42.64
CA CYS C 235 -7.14 32.85 42.72
C CYS C 235 -7.96 31.78 43.39
N ARG C 236 -8.95 32.20 44.19
CA ARG C 236 -9.88 31.30 44.85
C ARG C 236 -11.07 32.10 45.34
N GLN C 237 -12.12 31.42 45.81
CA GLN C 237 -13.33 32.05 46.26
C GLN C 237 -13.06 32.84 47.56
N SER C 238 -13.69 34.02 47.67
CA SER C 238 -13.60 34.84 48.87
C SER C 238 -14.96 34.86 49.50
N GLY C 239 -15.02 35.16 50.80
CA GLY C 239 -16.30 35.25 51.49
C GLY C 239 -17.18 36.38 50.95
N TRP C 240 -16.57 37.47 50.56
CA TRP C 240 -17.25 38.62 49.93
C TRP C 240 -18.04 38.28 48.65
N CYS C 241 -17.35 37.71 47.66
CA CYS C 241 -18.02 37.20 46.45
C CYS C 241 -18.98 36.08 46.72
N ALA C 242 -18.63 35.14 47.63
CA ALA C 242 -19.54 34.05 47.96
C ALA C 242 -20.85 34.57 48.50
N ALA C 243 -20.77 35.60 49.34
CA ALA C 243 -22.00 36.18 49.96
C ALA C 243 -22.87 36.92 48.91
N TRP C 244 -22.24 37.67 48.01
CA TRP C 244 -22.97 38.37 46.93
C TRP C 244 -23.72 37.43 45.97
N PHE C 245 -23.00 36.44 45.46
CA PHE C 245 -23.60 35.42 44.58
C PHE C 245 -24.59 34.47 45.26
N GLU C 246 -24.32 34.08 46.53
CA GLU C 246 -25.38 33.35 47.34
C GLU C 246 -26.70 34.15 47.51
N THR C 247 -26.56 35.44 47.83
CA THR C 247 -27.71 36.32 47.93
C THR C 247 -28.48 36.35 46.61
N GLN C 248 -27.78 36.49 45.48
CA GLN C 248 -28.43 36.38 44.16
C GLN C 248 -29.16 35.04 43.96
N ARG C 249 -28.50 33.92 44.27
CA ARG C 249 -29.15 32.61 44.14
C ARG C 249 -30.41 32.46 45.01
N GLN C 250 -30.35 32.90 46.28
CA GLN C 250 -31.54 32.94 47.17
C GLN C 250 -32.74 33.71 46.62
N CYS C 251 -32.50 34.79 45.84
CA CYS C 251 -33.59 35.45 45.08
C CYS C 251 -34.30 34.51 44.14
N ILE C 252 -33.52 33.69 43.42
CA ILE C 252 -34.12 32.63 42.57
C ILE C 252 -34.85 31.54 43.40
N TYR C 253 -34.17 31.02 44.45
CA TYR C 253 -34.75 30.00 45.30
C TYR C 253 -36.08 30.45 45.89
N ASP C 254 -36.20 31.76 46.19
CA ASP C 254 -37.39 32.31 46.90
C ASP C 254 -38.53 32.68 46.00
N ASP C 255 -38.27 32.69 44.70
CA ASP C 255 -39.29 32.95 43.69
C ASP C 255 -40.21 31.73 43.60
N PRO C 256 -41.52 31.92 43.83
CA PRO C 256 -42.45 30.77 43.78
C PRO C 256 -42.50 30.05 42.42
N LYS C 257 -42.10 30.73 41.35
CA LYS C 257 -42.04 30.12 40.02
C LYS C 257 -40.86 29.14 39.81
N TYR C 258 -39.90 29.16 40.73
CA TYR C 258 -38.69 28.32 40.66
C TYR C 258 -38.97 26.82 40.84
N LEU C 259 -39.87 26.48 41.77
CA LEU C 259 -40.39 25.13 41.87
C LEU C 259 -39.26 24.11 41.99
N ASP C 260 -38.29 24.42 42.84
CA ASP C 260 -37.13 23.55 43.04
C ASP C 260 -36.27 23.25 41.81
N GLY C 261 -36.30 24.14 40.81
CA GLY C 261 -35.63 23.91 39.57
C GLY C 261 -36.47 23.20 38.53
N GLU C 262 -37.70 22.82 38.90
CA GLU C 262 -38.59 22.08 37.99
C GLU C 262 -39.49 22.96 37.14
N TYR C 263 -39.23 24.26 37.09
CA TYR C 263 -40.06 25.17 36.30
C TYR C 263 -40.00 24.83 34.80
N ASP C 264 -41.05 25.20 34.05
CA ASP C 264 -41.03 25.14 32.58
C ASP C 264 -40.10 26.24 32.02
N VAL C 265 -39.35 25.90 30.98
CA VAL C 265 -38.31 26.80 30.46
C VAL C 265 -38.84 28.13 29.94
N ASP C 266 -40.15 28.14 29.66
CA ASP C 266 -40.83 29.35 29.20
C ASP C 266 -41.64 30.03 30.30
N ASP C 267 -41.56 29.47 31.51
CA ASP C 267 -42.16 30.08 32.69
C ASP C 267 -41.11 30.17 33.82
N GLN C 268 -40.03 30.91 33.54
CA GLN C 268 -38.88 31.07 34.44
C GLN C 268 -39.24 31.78 35.75
N PRO C 269 -38.40 31.60 36.80
CA PRO C 269 -38.53 32.47 37.98
C PRO C 269 -38.01 33.89 37.67
N VAL C 270 -38.83 34.64 36.95
CA VAL C 270 -38.43 35.92 36.38
C VAL C 270 -38.09 36.99 37.46
N ARG C 271 -38.85 37.02 38.54
CA ARG C 271 -38.59 37.97 39.62
C ARG C 271 -37.27 37.71 40.29
N GLY C 272 -36.99 36.43 40.55
CA GLY C 272 -35.71 36.01 41.09
C GLY C 272 -34.54 36.42 40.19
N LEU C 273 -34.65 36.14 38.88
CA LEU C 273 -33.58 36.45 37.92
C LEU C 273 -33.33 37.95 37.79
N GLU C 274 -34.43 38.70 37.71
CA GLU C 274 -34.41 40.17 37.75
C GLU C 274 -33.69 40.76 38.94
N THR C 275 -34.03 40.29 40.14
CA THR C 275 -33.43 40.82 41.36
C THR C 275 -31.96 40.44 41.47
N ALA C 276 -31.63 39.21 41.09
CA ALA C 276 -30.24 38.77 41.02
C ALA C 276 -29.39 39.69 40.11
N ARG C 277 -29.88 40.00 38.90
CA ARG C 277 -29.11 40.94 37.99
C ARG C 277 -29.06 42.37 38.48
N LYS C 278 -30.12 42.86 39.10
CA LYS C 278 -30.04 44.19 39.70
C LYS C 278 -28.92 44.27 40.71
N ILE C 279 -28.84 43.27 41.58
CA ILE C 279 -27.75 43.20 42.57
C ILE C 279 -26.42 43.10 41.86
N ALA C 280 -26.32 42.17 40.89
CA ALA C 280 -25.01 41.90 40.23
C ALA C 280 -24.52 43.12 39.52
N ASN C 281 -25.43 43.78 38.80
CA ASN C 281 -25.10 44.98 38.06
C ASN C 281 -24.47 46.04 38.90
N LEU C 282 -25.01 46.28 40.10
CA LEU C 282 -24.40 47.31 40.99
C LEU C 282 -23.04 46.91 41.56
N THR C 283 -22.90 45.62 41.94
CA THR C 283 -21.58 45.11 42.33
C THR C 283 -20.57 45.21 41.20
N TYR C 284 -21.01 45.30 39.95
CA TYR C 284 -20.08 45.45 38.80
C TYR C 284 -19.66 46.90 38.53
N LYS C 285 -20.35 47.84 39.17
CA LYS C 285 -20.05 49.27 38.96
C LYS C 285 -19.36 49.82 40.20
N SER C 286 -19.23 51.13 40.26
CA SER C 286 -18.60 51.78 41.38
C SER C 286 -19.48 52.93 41.79
N LYS C 287 -19.23 53.46 43.00
CA LYS C 287 -19.87 54.71 43.44
C LYS C 287 -19.72 55.88 42.43
N PRO C 288 -18.47 56.27 42.11
CA PRO C 288 -18.30 57.32 41.11
C PRO C 288 -19.04 57.06 39.79
N ALA C 289 -19.05 55.82 39.27
CA ALA C 289 -19.76 55.50 38.00
C ALA C 289 -21.23 55.71 38.16
N MET C 290 -21.78 55.27 39.28
CA MET C 290 -23.24 55.42 39.47
C MET C 290 -23.64 56.87 39.75
N ASP C 291 -22.77 57.59 40.44
CA ASP C 291 -22.97 59.03 40.74
C ASP C 291 -22.91 59.91 39.49
N GLU C 292 -22.10 59.54 38.49
CA GLU C 292 -22.09 60.23 37.20
C GLU C 292 -23.39 59.92 36.42
N ARG C 293 -23.88 58.70 36.54
CA ARG C 293 -25.07 58.31 35.77
C ARG C 293 -26.36 58.89 36.36
N PHE C 294 -26.40 59.05 37.68
CA PHE C 294 -27.61 59.53 38.36
C PHE C 294 -27.22 60.48 39.45
N HIS C 295 -27.75 61.71 39.37
CA HIS C 295 -27.41 62.77 40.31
C HIS C 295 -28.54 63.77 40.48
N MET C 296 -28.57 64.41 41.64
CA MET C 296 -29.54 65.49 41.92
C MET C 296 -29.23 66.77 41.10
N GLN C 328 -30.52 60.62 34.03
CA GLN C 328 -29.65 61.34 34.96
C GLN C 328 -30.29 61.87 36.27
N PRO C 329 -31.61 62.10 36.28
CA PRO C 329 -32.18 62.41 37.60
C PRO C 329 -32.38 61.17 38.49
N ILE C 330 -32.39 61.37 39.81
CA ILE C 330 -32.45 60.27 40.77
C ILE C 330 -33.80 59.55 40.76
N GLU C 331 -34.78 60.18 40.14
CA GLU C 331 -36.08 59.60 39.98
C GLU C 331 -36.06 58.57 38.85
N ALA C 332 -35.08 58.69 37.95
CA ALA C 332 -34.86 57.76 36.84
C ALA C 332 -34.18 56.42 37.23
N VAL C 333 -33.75 56.29 38.48
CA VAL C 333 -33.04 55.10 38.96
C VAL C 333 -33.96 53.86 38.90
N SER C 334 -35.18 54.04 39.39
CA SER C 334 -36.18 52.96 39.37
C SER C 334 -36.34 52.28 38.01
N SER C 335 -36.63 53.09 37.00
CA SER C 335 -36.76 52.64 35.63
C SER C 335 -35.50 51.95 35.05
N TYR C 336 -34.34 52.52 35.32
CA TYR C 336 -33.05 51.94 34.92
C TYR C 336 -32.86 50.54 35.53
N LEU C 337 -33.22 50.37 36.80
CA LEU C 337 -33.05 49.07 37.48
C LEU C 337 -34.00 48.01 36.92
N ARG C 338 -35.27 48.39 36.73
CA ARG C 338 -36.27 47.51 36.08
C ARG C 338 -35.88 47.12 34.66
N TYR C 339 -35.34 48.05 33.89
CA TYR C 339 -34.95 47.74 32.50
C TYR C 339 -33.82 46.72 32.45
N GLN C 340 -32.74 47.01 33.19
CA GLN C 340 -31.58 46.16 33.25
C GLN C 340 -31.99 44.73 33.61
N ALA C 341 -32.84 44.61 34.62
CA ALA C 341 -33.24 43.34 35.20
C ALA C 341 -34.10 42.48 34.25
N GLN C 342 -35.08 43.13 33.63
CA GLN C 342 -36.00 42.49 32.69
C GLN C 342 -35.25 41.97 31.46
N LYS C 343 -34.30 42.75 30.98
CA LYS C 343 -33.49 42.41 29.82
C LYS C 343 -32.75 41.09 30.09
N PHE C 344 -32.10 40.98 31.24
CA PHE C 344 -31.40 39.73 31.62
C PHE C 344 -32.34 38.57 31.86
N ALA C 345 -33.41 38.80 32.60
CA ALA C 345 -34.37 37.74 32.91
C ALA C 345 -35.03 37.12 31.68
N ALA C 346 -35.09 37.88 30.59
CA ALA C 346 -35.67 37.37 29.30
C ALA C 346 -34.65 36.50 28.53
N SER C 347 -33.39 36.64 28.84
CA SER C 347 -32.38 36.08 27.99
C SER C 347 -31.44 35.05 28.69
N PHE C 348 -31.81 34.59 29.87
CA PHE C 348 -30.97 33.62 30.60
C PHE C 348 -31.80 32.61 31.35
N ASP C 349 -31.20 31.47 31.67
CA ASP C 349 -31.90 30.41 32.37
C ASP C 349 -31.53 30.36 33.85
N ALA C 350 -32.54 30.18 34.70
CA ALA C 350 -32.34 30.17 36.15
C ALA C 350 -31.43 29.04 36.65
N ASN C 351 -31.74 27.81 36.23
CA ASN C 351 -30.87 26.64 36.56
C ASN C 351 -29.41 26.84 36.15
N CYS C 352 -29.19 27.36 34.93
CA CYS C 352 -27.82 27.68 34.47
C CYS C 352 -27.13 28.79 35.29
N TYR C 353 -27.90 29.80 35.70
CA TYR C 353 -27.37 30.83 36.56
C TYR C 353 -26.87 30.20 37.87
N ILE C 354 -27.70 29.37 38.49
CA ILE C 354 -27.29 28.62 39.66
C ILE C 354 -26.03 27.78 39.38
N ALA C 355 -26.09 26.93 38.36
CA ALA C 355 -24.98 26.03 38.00
C ALA C 355 -23.65 26.75 37.82
N MET C 356 -23.66 27.83 37.04
CA MET C 356 -22.46 28.64 36.83
C MET C 356 -21.91 29.40 38.01
N THR C 357 -22.78 30.01 38.82
CA THR C 357 -22.22 30.78 39.97
C THR C 357 -21.60 29.81 40.98
N LEU C 358 -22.19 28.62 41.09
CA LEU C 358 -21.63 27.59 41.98
C LEU C 358 -20.19 27.26 41.61
N LYS C 359 -19.81 27.46 40.34
CA LYS C 359 -18.42 27.28 39.96
C LYS C 359 -17.47 28.19 40.74
N PHE C 360 -17.92 29.42 40.99
CA PHE C 360 -17.12 30.35 41.79
C PHE C 360 -16.68 29.73 43.11
N ASP C 361 -17.58 28.95 43.75
CA ASP C 361 -17.34 28.46 45.12
C ASP C 361 -16.26 27.40 45.26
N THR C 362 -15.96 26.71 44.17
CA THR C 362 -14.95 25.66 44.22
C THR C 362 -13.69 26.08 43.56
N HIS C 363 -13.62 27.36 43.15
CA HIS C 363 -12.43 27.88 42.53
C HIS C 363 -11.33 28.03 43.57
N ASP C 364 -10.15 27.47 43.28
CA ASP C 364 -8.98 27.56 44.17
C ASP C 364 -7.79 26.95 43.50
N ILE C 365 -6.85 27.78 43.04
CA ILE C 365 -5.75 27.21 42.25
C ILE C 365 -4.76 26.39 43.12
N SER C 366 -4.92 26.47 44.44
CA SER C 366 -3.99 25.79 45.32
C SER C 366 -4.50 24.39 45.72
N ARG C 367 -5.81 24.12 45.60
CA ARG C 367 -6.32 22.82 46.06
C ARG C 367 -5.70 21.62 45.30
N GLY C 368 -5.16 20.70 46.09
CA GLY C 368 -4.47 19.54 45.57
C GLY C 368 -3.10 19.85 45.01
N ARG C 369 -2.62 21.07 45.16
CA ARG C 369 -1.36 21.45 44.51
C ARG C 369 -0.32 22.07 45.47
N ALA C 370 -0.78 22.85 46.44
CA ALA C 370 0.12 23.63 47.27
C ALA C 370 -0.55 23.95 48.61
N GLY C 371 0.23 24.40 49.56
CA GLY C 371 -0.25 24.62 50.92
C GLY C 371 -0.85 25.99 51.09
N SER C 372 -0.54 26.85 50.13
CA SER C 372 -1.09 28.21 50.11
C SER C 372 -1.30 28.75 48.68
N ILE C 373 -2.03 29.86 48.59
CA ILE C 373 -2.20 30.58 47.33
C ILE C 373 -0.88 31.12 46.79
N PRO C 374 -0.07 31.80 47.64
CA PRO C 374 1.25 32.24 47.14
C PRO C 374 2.15 31.12 46.61
N GLU C 375 2.08 29.94 47.21
CA GLU C 375 2.86 28.81 46.72
C GLU C 375 2.33 28.26 45.39
N ALA C 376 0.99 28.25 45.25
CA ALA C 376 0.36 27.87 43.97
C ALA C 376 0.70 28.83 42.87
N LEU C 377 0.61 30.15 43.13
CA LEU C 377 1.01 31.17 42.17
C LEU C 377 2.47 31.02 41.72
N ALA C 378 3.36 30.66 42.65
CA ALA C 378 4.80 30.44 42.35
C ALA C 378 5.04 29.31 41.32
N MET C 379 4.11 28.37 41.23
CA MET C 379 4.22 27.29 40.25
C MET C 379 3.86 27.73 38.84
N ILE C 380 3.43 28.99 38.66
CA ILE C 380 3.05 29.49 37.35
C ILE C 380 4.24 30.09 36.74
N THR C 381 4.78 29.39 35.77
CA THR C 381 6.08 29.70 35.20
C THR C 381 6.05 30.55 33.89
N GLN C 382 4.88 30.57 33.24
CA GLN C 382 4.63 31.39 32.05
C GLN C 382 4.77 32.89 32.34
N PRO C 383 5.20 33.67 31.33
CA PRO C 383 4.97 35.11 31.45
C PRO C 383 3.45 35.40 31.67
N ALA C 384 3.15 36.33 32.58
CA ALA C 384 1.77 36.68 32.93
C ALA C 384 1.61 38.21 32.90
N LEU C 385 0.52 38.67 32.29
CA LEU C 385 0.09 40.06 32.39
C LEU C 385 -1.18 40.05 33.21
N ILE C 386 -1.13 40.67 34.40
CA ILE C 386 -2.28 40.77 35.29
C ILE C 386 -2.93 42.16 35.08
N ILE C 387 -4.20 42.18 34.69
CA ILE C 387 -4.88 43.45 34.47
C ILE C 387 -6.02 43.65 35.51
N CYS C 388 -6.02 44.83 36.11
CA CYS C 388 -7.03 45.18 37.14
C CYS C 388 -7.34 46.70 37.18
N ALA C 389 -8.42 47.07 37.90
CA ALA C 389 -8.75 48.46 38.24
C ALA C 389 -8.89 48.61 39.78
N ARG C 390 -8.38 49.71 40.31
CA ARG C 390 -8.46 49.99 41.76
C ARG C 390 -9.91 50.12 42.20
N SER C 391 -10.79 50.49 41.26
CA SER C 391 -12.21 50.74 41.59
C SER C 391 -13.11 49.49 41.51
N ASP C 392 -12.51 48.32 41.25
CA ASP C 392 -13.24 47.04 41.19
C ASP C 392 -13.71 46.71 42.61
N GLY C 393 -15.02 46.57 42.81
CA GLY C 393 -15.57 46.34 44.13
C GLY C 393 -15.67 44.87 44.49
N LEU C 394 -15.44 43.99 43.51
CA LEU C 394 -15.51 42.52 43.75
C LEU C 394 -14.13 41.86 43.86
N TYR C 395 -13.19 42.24 42.99
CA TYR C 395 -11.83 41.66 42.94
C TYR C 395 -10.88 42.80 43.22
N SER C 396 -10.13 42.69 44.30
CA SER C 396 -9.44 43.81 44.85
C SER C 396 -8.11 44.04 44.19
N PHE C 397 -7.68 45.30 44.24
CA PHE C 397 -6.40 45.70 43.75
C PHE C 397 -5.30 44.91 44.48
N ASP C 398 -5.43 44.81 45.80
CA ASP C 398 -4.48 44.03 46.63
C ASP C 398 -4.31 42.59 46.15
N GLU C 399 -5.40 41.92 45.80
CA GLU C 399 -5.31 40.51 45.38
C GLU C 399 -4.65 40.31 44.03
N HIS C 400 -4.74 41.31 43.16
CA HIS C 400 -3.95 41.36 41.94
C HIS C 400 -2.49 41.67 42.17
N VAL C 401 -2.22 42.60 43.09
CA VAL C 401 -0.83 42.80 43.57
C VAL C 401 -0.22 41.48 44.10
N GLU C 402 -0.96 40.77 44.94
CA GLU C 402 -0.52 39.48 45.44
C GLU C 402 -0.15 38.52 44.28
N MET C 403 -1.03 38.40 43.27
CA MET C 403 -0.71 37.64 42.02
C MET C 403 0.62 38.06 41.46
N GLY C 404 0.84 39.37 41.33
CA GLY C 404 2.05 39.94 40.75
C GLY C 404 3.32 39.64 41.55
N ARG C 405 3.17 39.48 42.88
CA ARG C 405 4.31 39.24 43.77
C ARG C 405 4.78 37.79 43.74
N SER C 406 3.83 36.88 43.56
CA SER C 406 4.10 35.45 43.61
C SER C 406 4.32 34.75 42.24
N ILE C 407 3.67 35.24 41.19
CA ILE C 407 3.98 34.75 39.84
C ILE C 407 5.34 35.31 39.40
N PRO C 408 6.37 34.45 39.26
CA PRO C 408 7.74 34.94 39.07
C PRO C 408 8.00 35.80 37.83
N ASN C 409 7.28 35.55 36.74
CA ASN C 409 7.48 36.35 35.53
C ASN C 409 6.17 37.06 35.17
N SER C 410 5.79 38.06 35.96
CA SER C 410 4.51 38.75 35.82
C SER C 410 4.70 40.25 35.78
N ARG C 411 3.77 40.92 35.11
CA ARG C 411 3.68 42.37 35.12
C ARG C 411 2.22 42.71 35.43
N LEU C 412 2.02 43.71 36.29
CA LEU C 412 0.73 44.23 36.64
C LEU C 412 0.39 45.44 35.76
N CYS C 413 -0.79 45.40 35.17
CA CYS C 413 -1.34 46.57 34.46
C CYS C 413 -2.55 47.10 35.19
N VAL C 414 -2.43 48.32 35.73
CA VAL C 414 -3.54 48.94 36.47
C VAL C 414 -4.21 49.96 35.52
N VAL C 415 -5.47 49.72 35.22
CA VAL C 415 -6.18 50.57 34.29
C VAL C 415 -6.71 51.79 35.07
N ASP C 416 -6.47 52.97 34.53
CA ASP C 416 -6.89 54.21 35.15
C ASP C 416 -8.35 54.49 34.72
N THR C 417 -9.25 54.32 35.67
CA THR C 417 -10.66 54.31 35.36
C THR C 417 -11.41 54.40 36.69
N ASN C 418 -12.67 54.82 36.62
CA ASN C 418 -13.52 54.81 37.81
C ASN C 418 -14.68 53.85 37.65
N GLU C 419 -14.66 53.05 36.60
CA GLU C 419 -15.79 52.20 36.19
C GLU C 419 -16.22 50.96 37.03
N GLY C 420 -15.42 50.53 37.99
CA GLY C 420 -15.71 49.26 38.70
C GLY C 420 -15.32 48.00 37.95
N HIS C 421 -15.87 46.85 38.37
CA HIS C 421 -15.51 45.56 37.79
C HIS C 421 -15.77 45.53 36.26
N ASP C 422 -16.83 46.22 35.86
CA ASP C 422 -17.19 46.44 34.44
C ASP C 422 -16.10 47.04 33.57
N PHE C 423 -15.03 47.56 34.16
CA PHE C 423 -14.01 48.29 33.40
C PHE C 423 -13.45 47.51 32.19
N PHE C 424 -13.35 46.17 32.30
CA PHE C 424 -12.67 45.41 31.24
C PHE C 424 -13.52 45.44 29.96
N VAL C 425 -14.80 45.68 30.11
CA VAL C 425 -15.71 45.90 29.00
C VAL C 425 -15.83 47.42 28.60
N MET C 426 -15.86 48.32 29.60
CA MET C 426 -16.07 49.75 29.38
C MET C 426 -14.81 50.36 28.79
N GLU C 427 -13.67 49.88 29.26
CA GLU C 427 -12.36 50.41 28.84
C GLU C 427 -11.68 49.43 27.86
N ALA C 428 -12.46 48.82 26.99
CA ALA C 428 -11.97 47.73 26.14
C ALA C 428 -10.75 48.13 25.31
N ASP C 429 -10.72 49.37 24.82
CA ASP C 429 -9.55 49.89 24.10
C ASP C 429 -8.25 49.83 24.90
N LYS C 430 -8.31 50.22 26.18
CA LYS C 430 -7.16 50.14 27.08
C LYS C 430 -6.73 48.69 27.36
N VAL C 431 -7.72 47.82 27.53
CA VAL C 431 -7.45 46.37 27.64
C VAL C 431 -6.81 45.79 26.33
N ASN C 432 -7.39 46.17 25.19
CA ASN C 432 -6.80 45.79 23.90
C ASN C 432 -5.31 46.15 23.82
N ASP C 433 -4.97 47.41 24.12
CA ASP C 433 -3.61 47.90 23.91
C ASP C 433 -2.64 47.21 24.84
N ALA C 434 -3.08 46.98 26.09
CA ALA C 434 -2.27 46.20 27.06
C ALA C 434 -2.05 44.73 26.60
N VAL C 435 -3.12 44.08 26.18
CA VAL C 435 -3.02 42.69 25.72
C VAL C 435 -2.14 42.56 24.45
N ARG C 436 -2.38 43.42 23.45
CA ARG C 436 -1.58 43.43 22.23
C ARG C 436 -0.12 43.71 22.48
N GLY C 437 0.18 44.69 23.34
CA GLY C 437 1.57 45.02 23.68
C GLY C 437 2.30 43.85 24.33
N PHE C 438 1.58 43.10 25.14
CA PHE C 438 2.16 41.95 25.83
C PHE C 438 2.36 40.77 24.86
N LEU C 439 1.36 40.51 24.04
CA LEU C 439 1.46 39.52 22.94
C LEU C 439 2.57 39.85 21.93
N ASP C 440 2.83 41.14 21.70
CA ASP C 440 3.90 41.61 20.79
C ASP C 440 5.32 41.42 21.31
N GLN C 441 5.48 41.31 22.64
CA GLN C 441 6.81 41.16 23.28
C GLN C 441 7.47 39.83 22.87
N ASN D 66 78.39 -47.98 4.51
CA ASN D 66 77.01 -47.59 4.99
C ASN D 66 76.69 -48.11 6.43
N ARG D 67 76.83 -47.25 7.43
CA ARG D 67 76.64 -47.66 8.82
C ARG D 67 75.19 -48.00 9.16
N PHE D 68 74.24 -47.47 8.37
CA PHE D 68 72.83 -47.74 8.59
C PHE D 68 72.48 -49.17 8.17
N GLU D 69 72.95 -49.54 6.98
CA GLU D 69 72.82 -50.88 6.44
C GLU D 69 73.63 -51.91 7.28
N ALA D 70 74.81 -51.51 7.77
CA ALA D 70 75.64 -52.39 8.60
C ALA D 70 74.98 -52.79 9.96
N SER D 71 74.05 -51.96 10.44
CA SER D 71 73.41 -52.19 11.73
C SER D 71 72.32 -53.28 11.69
N LEU D 72 71.97 -53.74 10.49
CA LEU D 72 70.82 -54.60 10.30
C LEU D 72 71.17 -56.07 10.48
N ASP D 73 70.17 -56.90 10.79
CA ASP D 73 70.27 -58.34 10.59
C ASP D 73 70.55 -58.66 9.11
N ALA D 74 70.94 -59.90 8.88
CA ALA D 74 71.21 -60.39 7.54
C ALA D 74 69.98 -60.18 6.66
N GLN D 75 70.21 -59.77 5.42
CA GLN D 75 69.14 -59.64 4.42
C GLN D 75 69.77 -59.95 3.05
N ASP D 76 68.94 -59.98 2.01
CA ASP D 76 69.42 -60.19 0.65
C ASP D 76 69.49 -58.89 -0.18
N ILE D 77 70.36 -58.88 -1.17
CA ILE D 77 70.41 -57.82 -2.16
C ILE D 77 70.23 -58.41 -3.56
N ALA D 78 69.26 -57.90 -4.31
CA ALA D 78 69.21 -58.17 -5.73
C ALA D 78 69.84 -56.99 -6.45
N ARG D 79 70.50 -57.24 -7.57
CA ARG D 79 71.09 -56.17 -8.37
CA ARG D 79 71.03 -56.14 -8.34
C ARG D 79 70.42 -56.06 -9.74
N ILE D 80 69.89 -54.88 -10.05
CA ILE D 80 69.26 -54.57 -11.34
C ILE D 80 70.29 -53.73 -12.11
N SER D 81 70.72 -54.19 -13.28
CA SER D 81 71.83 -53.53 -13.93
C SER D 81 71.45 -52.18 -14.51
N LEU D 82 70.23 -52.06 -15.02
CA LEU D 82 69.67 -50.80 -15.49
C LEU D 82 68.24 -50.65 -15.04
N PHE D 83 67.91 -49.44 -14.58
CA PHE D 83 66.52 -49.12 -14.24
C PHE D 83 66.16 -47.70 -14.62
N THR D 84 65.13 -47.54 -15.45
CA THR D 84 64.67 -46.19 -15.86
C THR D 84 63.56 -45.63 -14.96
N LEU D 85 63.93 -44.60 -14.21
CA LEU D 85 62.98 -43.89 -13.34
C LEU D 85 61.93 -43.22 -14.20
N GLU D 86 60.74 -43.04 -13.66
CA GLU D 86 59.69 -42.38 -14.41
C GLU D 86 60.00 -40.91 -14.81
N SER D 87 61.03 -40.30 -14.19
CA SER D 87 61.60 -39.04 -14.65
C SER D 87 62.41 -39.15 -15.93
N GLY D 88 62.78 -40.38 -16.33
CA GLY D 88 63.64 -40.60 -17.48
C GLY D 88 65.09 -40.73 -17.08
N VAL D 89 65.40 -40.43 -15.82
CA VAL D 89 66.76 -40.71 -15.29
C VAL D 89 66.99 -42.24 -15.18
N ILE D 90 68.18 -42.67 -15.58
CA ILE D 90 68.56 -44.07 -15.59
C ILE D 90 69.50 -44.33 -14.43
N LEU D 91 69.12 -45.27 -13.57
CA LEU D 91 70.01 -45.79 -12.52
C LEU D 91 70.71 -47.05 -13.05
N ARG D 92 71.95 -47.28 -12.64
CA ARG D 92 72.75 -48.47 -13.05
C ARG D 92 73.23 -49.24 -11.84
N ASP D 93 73.41 -50.55 -11.97
CA ASP D 93 74.06 -51.34 -10.91
C ASP D 93 73.30 -51.12 -9.59
N VAL D 94 72.00 -51.30 -9.63
CA VAL D 94 71.14 -50.81 -8.57
C VAL D 94 70.82 -51.88 -7.53
N PRO D 95 71.31 -51.73 -6.27
CA PRO D 95 70.93 -52.73 -5.26
C PRO D 95 69.48 -52.58 -4.80
N VAL D 96 68.82 -53.70 -4.61
CA VAL D 96 67.54 -53.70 -3.95
C VAL D 96 67.65 -54.69 -2.80
N ALA D 97 67.55 -54.17 -1.56
CA ALA D 97 67.59 -55.02 -0.40
C ALA D 97 66.22 -55.56 -0.13
N TYR D 98 66.17 -56.78 0.40
CA TYR D 98 64.92 -57.41 0.79
C TYR D 98 65.16 -58.48 1.87
N LYS D 99 64.07 -58.80 2.55
CA LYS D 99 64.04 -59.82 3.59
C LYS D 99 62.77 -60.62 3.36
N SER D 100 62.92 -61.93 3.37
CA SER D 100 61.77 -62.81 3.22
C SER D 100 61.68 -63.82 4.37
N TRP D 101 60.49 -64.36 4.57
CA TRP D 101 60.25 -65.38 5.58
C TRP D 101 59.38 -66.42 4.94
N GLY D 102 59.54 -67.68 5.33
CA GLY D 102 58.76 -68.75 4.76
C GLY D 102 59.28 -69.18 3.40
N ARG D 103 58.49 -69.96 2.69
CA ARG D 103 58.94 -70.65 1.48
C ARG D 103 57.81 -70.56 0.43
N MET D 104 58.19 -70.31 -0.83
CA MET D 104 57.24 -70.43 -1.92
C MET D 104 56.73 -71.85 -2.06
N ASN D 105 55.44 -71.99 -2.36
CA ASN D 105 54.88 -73.28 -2.79
C ASN D 105 55.29 -73.62 -4.23
N VAL D 106 54.86 -74.79 -4.70
CA VAL D 106 55.25 -75.29 -6.02
C VAL D 106 54.78 -74.34 -7.14
N SER D 107 53.53 -73.88 -7.02
CA SER D 107 52.91 -72.92 -7.95
C SER D 107 53.55 -71.51 -7.92
N ARG D 108 54.33 -71.24 -6.86
CA ARG D 108 54.88 -69.92 -6.55
C ARG D 108 53.84 -68.80 -6.60
N ASP D 109 52.66 -69.07 -6.03
CA ASP D 109 51.56 -68.12 -5.98
C ASP D 109 51.11 -67.76 -4.55
N ASN D 110 51.94 -68.10 -3.56
CA ASN D 110 51.61 -67.86 -2.16
C ASN D 110 52.46 -66.67 -1.60
N CYS D 111 52.79 -65.72 -2.47
CA CYS D 111 53.60 -64.60 -2.05
C CYS D 111 52.72 -63.53 -1.37
N VAL D 112 53.17 -63.06 -0.21
CA VAL D 112 52.59 -61.88 0.41
C VAL D 112 53.64 -60.81 0.47
N ILE D 113 53.34 -59.64 -0.09
CA ILE D 113 54.27 -58.50 -0.01
C ILE D 113 53.86 -57.59 1.14
N VAL D 114 54.84 -57.23 1.97
CA VAL D 114 54.66 -56.22 3.01
C VAL D 114 55.47 -54.99 2.65
N CYS D 115 54.80 -53.83 2.66
CA CYS D 115 55.44 -52.58 2.28
C CYS D 115 55.72 -51.82 3.56
N HIS D 116 57.00 -51.45 3.76
CA HIS D 116 57.43 -50.87 5.02
C HIS D 116 57.13 -49.36 5.12
N THR D 117 57.56 -48.73 6.21
CA THR D 117 57.25 -47.34 6.47
C THR D 117 58.46 -46.46 6.15
N LEU D 118 58.22 -45.16 6.17
CA LEU D 118 59.20 -44.12 5.81
C LEU D 118 60.61 -44.35 6.36
N THR D 119 60.73 -44.62 7.64
CA THR D 119 62.04 -44.71 8.26
C THR D 119 62.43 -46.13 8.71
N SER D 120 61.65 -47.13 8.31
CA SER D 120 62.02 -48.51 8.63
C SER D 120 62.83 -49.17 7.54
N SER D 121 63.47 -50.28 7.88
CA SER D 121 64.15 -51.12 6.93
C SER D 121 63.13 -52.14 6.42
N ALA D 122 63.61 -53.18 5.72
CA ALA D 122 62.75 -54.25 5.23
C ALA D 122 62.45 -55.28 6.33
N HIS D 123 63.11 -55.15 7.47
CA HIS D 123 62.90 -56.04 8.59
C HIS D 123 61.62 -55.76 9.39
N VAL D 124 60.49 -56.16 8.78
CA VAL D 124 59.13 -55.89 9.29
C VAL D 124 58.93 -56.41 10.71
N THR D 125 59.61 -57.50 11.01
CA THR D 125 59.55 -58.16 12.29
C THR D 125 59.97 -57.24 13.43
N SER D 126 60.80 -56.23 13.15
CA SER D 126 61.29 -55.40 14.21
C SER D 126 60.22 -54.41 14.74
N TRP D 127 59.18 -54.14 13.96
CA TRP D 127 58.11 -53.28 14.45
C TRP D 127 56.72 -53.85 14.32
N TRP D 128 56.57 -54.92 13.54
CA TRP D 128 55.36 -55.72 13.52
C TRP D 128 55.58 -57.19 13.98
N PRO D 129 56.33 -57.43 15.08
CA PRO D 129 56.67 -58.83 15.41
C PRO D 129 55.47 -59.76 15.59
N THR D 130 54.36 -59.25 16.13
CA THR D 130 53.25 -60.12 16.45
C THR D 130 52.40 -60.54 15.26
N LEU D 131 52.69 -59.95 14.08
CA LEU D 131 51.94 -60.32 12.86
C LEU D 131 52.48 -61.57 12.17
N PHE D 132 53.63 -62.07 12.65
CA PHE D 132 54.35 -63.19 12.04
C PHE D 132 54.18 -64.48 12.79
N GLY D 133 53.97 -65.55 12.04
CA GLY D 133 53.98 -66.87 12.59
C GLY D 133 52.75 -67.66 12.26
N GLN D 134 52.77 -68.92 12.64
CA GLN D 134 51.66 -69.83 12.46
CA GLN D 134 51.63 -69.81 12.42
C GLN D 134 50.35 -69.25 13.06
N GLY D 135 49.28 -69.26 12.27
CA GLY D 135 47.99 -68.72 12.68
C GLY D 135 47.90 -67.20 12.77
N ARG D 136 48.97 -66.49 12.44
CA ARG D 136 48.98 -65.02 12.45
C ARG D 136 48.80 -64.50 11.00
N ALA D 137 48.70 -63.18 10.82
CA ALA D 137 48.46 -62.60 9.49
C ALA D 137 49.57 -62.94 8.49
N PHE D 138 50.81 -62.76 8.89
CA PHE D 138 51.94 -63.18 8.07
C PHE D 138 52.37 -64.61 8.47
N ASP D 139 51.57 -65.56 8.02
CA ASP D 139 51.75 -66.96 8.38
C ASP D 139 52.84 -67.57 7.51
N THR D 140 54.01 -67.74 8.08
CA THR D 140 55.19 -68.26 7.39
C THR D 140 55.13 -69.77 7.11
N SER D 141 54.04 -70.42 7.57
CA SER D 141 53.71 -71.82 7.28
CA SER D 141 53.79 -71.81 7.26
C SER D 141 52.89 -71.96 6.01
N ARG D 142 52.25 -70.87 5.59
CA ARG D 142 51.35 -70.86 4.44
C ARG D 142 51.92 -70.02 3.31
N TYR D 143 52.64 -68.96 3.65
CA TYR D 143 53.00 -67.92 2.70
C TYR D 143 54.50 -67.72 2.59
N PHE D 144 54.91 -67.19 1.44
CA PHE D 144 56.21 -66.61 1.25
C PHE D 144 56.10 -65.08 1.45
N ILE D 145 56.53 -64.59 2.62
CA ILE D 145 56.33 -63.20 2.97
C ILE D 145 57.60 -62.48 2.57
N ILE D 146 57.48 -61.35 1.92
CA ILE D 146 58.67 -60.59 1.52
C ILE D 146 58.46 -59.08 1.68
N CYS D 147 59.47 -58.43 2.19
CA CYS D 147 59.46 -56.99 2.20
C CYS D 147 60.71 -56.48 1.50
N LEU D 148 60.53 -55.50 0.61
CA LEU D 148 61.66 -54.87 -0.11
C LEU D 148 61.85 -53.41 0.30
N ASN D 149 63.10 -53.02 0.44
CA ASN D 149 63.52 -51.70 0.87
C ASN D 149 63.31 -50.74 -0.32
N TYR D 150 62.59 -49.65 -0.08
CA TYR D 150 62.40 -48.57 -1.07
C TYR D 150 63.71 -47.95 -1.54
N LEU D 151 63.75 -47.48 -2.79
CA LEU D 151 64.83 -46.59 -3.24
C LEU D 151 64.83 -45.29 -2.40
N GLY D 152 66.01 -44.73 -2.13
CA GLY D 152 66.09 -43.56 -1.29
C GLY D 152 66.34 -43.84 0.19
N SER D 153 66.23 -45.09 0.58
CA SER D 153 66.36 -45.48 1.96
C SER D 153 67.83 -45.77 2.32
N PRO D 154 68.22 -45.60 3.61
CA PRO D 154 69.62 -45.95 3.98
C PRO D 154 69.85 -47.45 4.20
N PHE D 155 68.81 -48.26 4.08
CA PHE D 155 68.86 -49.65 4.57
C PHE D 155 69.15 -50.77 3.55
N GLY D 156 69.82 -50.40 2.45
CA GLY D 156 70.38 -51.37 1.50
C GLY D 156 70.04 -51.13 0.04
N SER D 157 68.85 -50.61 -0.23
CA SER D 157 68.47 -50.29 -1.60
C SER D 157 69.21 -49.02 -2.03
N ALA D 158 69.23 -48.78 -3.33
CA ALA D 158 69.91 -47.63 -3.88
C ALA D 158 69.31 -46.34 -3.26
N GLY D 159 70.19 -45.45 -2.86
CA GLY D 159 69.79 -44.20 -2.23
C GLY D 159 71.05 -43.40 -1.93
N PRO D 160 70.88 -42.26 -1.27
CA PRO D 160 71.96 -41.37 -0.84
C PRO D 160 73.16 -42.04 -0.18
N CYS D 161 72.91 -43.12 0.56
CA CYS D 161 74.00 -43.80 1.28
C CYS D 161 74.68 -44.93 0.49
N SER D 162 74.15 -45.27 -0.67
CA SER D 162 74.70 -46.35 -1.44
C SER D 162 75.72 -45.90 -2.51
N PRO D 163 76.66 -46.80 -2.88
CA PRO D 163 77.76 -46.37 -3.79
C PRO D 163 77.26 -45.84 -5.14
N ASP D 164 77.84 -44.72 -5.56
CA ASP D 164 77.54 -44.09 -6.84
C ASP D 164 78.39 -44.74 -7.92
N PRO D 165 77.76 -45.48 -8.86
CA PRO D 165 78.55 -46.18 -9.87
C PRO D 165 79.38 -45.26 -10.79
N ASP D 166 78.95 -44.01 -10.95
CA ASP D 166 79.69 -43.06 -11.76
C ASP D 166 80.81 -42.39 -10.97
N ALA D 167 81.22 -43.10 -9.91
CA ALA D 167 82.42 -42.85 -9.11
C ALA D 167 83.09 -44.21 -8.88
N GLU D 168 82.71 -45.20 -9.70
CA GLU D 168 83.18 -46.61 -9.59
C GLU D 168 82.83 -47.29 -8.27
N GLY D 169 81.86 -46.72 -7.54
CA GLY D 169 81.41 -47.28 -6.26
C GLY D 169 82.30 -46.91 -5.09
N GLN D 170 83.20 -45.94 -5.32
CA GLN D 170 84.17 -45.54 -4.30
C GLN D 170 83.56 -44.50 -3.37
N ARG D 171 82.51 -43.82 -3.86
CA ARG D 171 81.77 -42.84 -3.07
C ARG D 171 80.25 -43.07 -3.14
N PRO D 172 79.48 -42.53 -2.18
CA PRO D 172 78.04 -42.59 -2.27
C PRO D 172 77.40 -41.50 -3.13
N TYR D 173 76.17 -41.76 -3.60
CA TYR D 173 75.36 -40.74 -4.23
C TYR D 173 75.27 -39.42 -3.46
N GLY D 174 75.12 -39.50 -2.14
CA GLY D 174 74.96 -38.31 -1.30
C GLY D 174 73.76 -37.48 -1.68
N ALA D 175 73.96 -36.17 -1.81
CA ALA D 175 72.86 -35.23 -2.15
C ALA D 175 72.34 -35.36 -3.58
N LYS D 176 73.05 -36.12 -4.40
CA LYS D 176 72.78 -36.24 -5.84
C LYS D 176 71.97 -37.47 -6.26
N PHE D 177 71.46 -38.24 -5.30
CA PHE D 177 70.57 -39.35 -5.64
C PHE D 177 69.26 -38.81 -6.28
N PRO D 178 68.91 -39.32 -7.48
CA PRO D 178 67.79 -38.83 -8.24
C PRO D 178 66.48 -39.03 -7.50
N ARG D 179 65.54 -38.13 -7.78
CA ARG D 179 64.17 -38.25 -7.31
CA ARG D 179 64.19 -38.29 -7.26
C ARG D 179 63.54 -39.56 -7.77
N THR D 180 62.87 -40.26 -6.86
CA THR D 180 62.16 -41.50 -7.17
C THR D 180 60.71 -41.38 -6.72
N THR D 181 59.87 -42.19 -7.29
CA THR D 181 58.46 -42.10 -6.99
C THR D 181 58.05 -43.42 -6.36
N ILE D 182 56.85 -43.44 -5.78
CA ILE D 182 56.22 -44.64 -5.31
C ILE D 182 56.16 -45.68 -6.48
N ARG D 183 55.74 -45.23 -7.64
CA ARG D 183 55.69 -46.08 -8.81
C ARG D 183 57.04 -46.66 -9.20
N ASP D 184 58.10 -45.89 -9.11
CA ASP D 184 59.47 -46.39 -9.38
C ASP D 184 59.78 -47.58 -8.49
N ASP D 185 59.43 -47.44 -7.19
CA ASP D 185 59.67 -48.50 -6.19
C ASP D 185 58.96 -49.79 -6.55
N VAL D 186 57.65 -49.68 -6.79
CA VAL D 186 56.83 -50.81 -7.07
C VAL D 186 57.37 -51.55 -8.30
N ARG D 187 57.83 -50.78 -9.30
CA ARG D 187 58.29 -51.34 -10.57
C ARG D 187 59.61 -52.06 -10.45
N ILE D 188 60.61 -51.47 -9.79
CA ILE D 188 61.86 -52.17 -9.57
C ILE D 188 61.70 -53.40 -8.63
N HIS D 189 60.78 -53.32 -7.66
CA HIS D 189 60.50 -54.44 -6.74
C HIS D 189 59.90 -55.61 -7.49
N ARG D 190 58.98 -55.31 -8.39
CA ARG D 190 58.41 -56.35 -9.22
C ARG D 190 59.48 -57.06 -10.11
N GLN D 191 60.47 -56.32 -10.59
CA GLN D 191 61.60 -56.93 -11.29
C GLN D 191 62.43 -57.90 -10.42
N VAL D 192 62.64 -57.53 -9.16
CA VAL D 192 63.23 -58.46 -8.19
C VAL D 192 62.39 -59.71 -7.99
N LEU D 193 61.10 -59.55 -7.88
CA LEU D 193 60.26 -60.71 -7.66
C LEU D 193 60.26 -61.67 -8.86
N ASP D 194 60.28 -61.11 -10.07
CA ASP D 194 60.43 -61.89 -11.29
C ASP D 194 61.68 -62.74 -11.25
N ARG D 195 62.81 -62.14 -10.87
CA ARG D 195 64.04 -62.87 -10.68
C ARG D 195 63.98 -64.00 -9.65
N LEU D 196 63.27 -63.76 -8.56
CA LEU D 196 63.04 -64.77 -7.52
C LEU D 196 62.08 -65.90 -7.97
N GLY D 197 61.36 -65.67 -9.04
CA GLY D 197 60.45 -66.66 -9.61
C GLY D 197 59.02 -66.58 -9.09
N VAL D 198 58.67 -65.48 -8.42
CA VAL D 198 57.29 -65.34 -7.91
C VAL D 198 56.33 -65.25 -9.11
N ARG D 199 55.26 -66.03 -9.07
CA ARG D 199 54.31 -66.03 -10.17
C ARG D 199 53.05 -65.25 -9.90
N GLN D 200 52.59 -65.26 -8.64
CA GLN D 200 51.38 -64.52 -8.26
C GLN D 200 51.51 -64.03 -6.81
N ILE D 201 50.92 -62.88 -6.55
CA ILE D 201 50.91 -62.31 -5.20
C ILE D 201 49.55 -62.50 -4.52
N ALA D 202 49.58 -63.24 -3.42
CA ALA D 202 48.39 -63.56 -2.67
C ALA D 202 47.79 -62.29 -2.03
N ALA D 203 48.66 -61.42 -1.52
CA ALA D 203 48.22 -60.17 -0.89
C ALA D 203 49.35 -59.16 -0.83
N VAL D 204 49.02 -57.87 -0.97
CA VAL D 204 49.91 -56.82 -0.51
C VAL D 204 49.36 -56.00 0.68
N VAL D 205 50.22 -55.79 1.69
CA VAL D 205 49.84 -55.22 3.00
C VAL D 205 50.84 -54.12 3.32
N GLY D 206 50.34 -52.95 3.64
CA GLY D 206 51.22 -51.85 4.02
C GLY D 206 50.47 -50.72 4.70
N ALA D 207 51.12 -50.08 5.67
CA ALA D 207 50.57 -48.96 6.43
C ALA D 207 51.33 -47.69 6.13
N SER D 208 50.58 -46.59 6.14
CA SER D 208 51.15 -45.23 6.05
C SER D 208 51.82 -45.08 4.65
N MET D 209 53.12 -44.81 4.57
CA MET D 209 53.80 -44.82 3.24
C MET D 209 53.56 -46.13 2.49
N GLY D 210 53.70 -47.25 3.20
CA GLY D 210 53.51 -48.54 2.59
C GLY D 210 52.12 -48.78 2.08
N GLY D 211 51.13 -48.15 2.70
CA GLY D 211 49.77 -48.15 2.13
C GLY D 211 49.71 -47.50 0.74
N MET D 212 50.62 -46.56 0.45
CA MET D 212 50.64 -45.88 -0.83
C MET D 212 51.20 -46.81 -1.95
N HIS D 213 52.37 -47.40 -1.68
CA HIS D 213 52.88 -48.53 -2.47
C HIS D 213 51.87 -49.66 -2.67
N THR D 214 51.13 -50.02 -1.61
CA THR D 214 50.08 -51.06 -1.66
C THR D 214 48.98 -50.76 -2.71
N LEU D 215 48.48 -49.52 -2.68
CA LEU D 215 47.50 -49.09 -3.67
C LEU D 215 48.11 -49.12 -5.06
N GLU D 216 49.36 -48.68 -5.21
CA GLU D 216 50.04 -48.78 -6.51
C GLU D 216 50.21 -50.23 -7.02
N TRP D 217 50.62 -51.16 -6.12
CA TRP D 217 50.70 -52.60 -6.49
C TRP D 217 49.43 -53.13 -7.17
N ALA D 218 48.28 -52.73 -6.65
CA ALA D 218 46.97 -53.17 -7.16
C ALA D 218 46.86 -52.96 -8.68
N PHE D 219 47.55 -51.95 -9.19
CA PHE D 219 47.38 -51.58 -10.60
C PHE D 219 48.10 -52.49 -11.58
N PHE D 220 48.84 -53.47 -11.07
CA PHE D 220 49.20 -54.64 -11.86
C PHE D 220 48.05 -55.57 -12.26
N GLY D 221 46.86 -55.40 -11.69
CA GLY D 221 45.69 -56.23 -12.05
C GLY D 221 45.49 -57.40 -11.11
N PRO D 222 44.24 -57.94 -11.03
CA PRO D 222 43.84 -59.00 -10.07
C PRO D 222 44.44 -60.36 -10.38
N GLU D 223 45.10 -60.44 -11.53
CA GLU D 223 45.74 -61.62 -12.02
C GLU D 223 47.07 -61.81 -11.31
N TYR D 224 47.85 -60.73 -11.26
CA TYR D 224 49.11 -60.72 -10.59
C TYR D 224 48.99 -60.44 -9.07
N VAL D 225 48.15 -59.48 -8.69
CA VAL D 225 47.95 -59.11 -7.28
C VAL D 225 46.53 -59.43 -6.91
N ARG D 226 46.34 -60.46 -6.06
CA ARG D 226 45.00 -60.96 -5.71
C ARG D 226 44.19 -60.14 -4.72
N LYS D 227 44.87 -59.54 -3.73
CA LYS D 227 44.19 -58.84 -2.62
C LYS D 227 45.10 -57.72 -2.14
N ILE D 228 44.49 -56.64 -1.62
CA ILE D 228 45.26 -55.57 -1.02
C ILE D 228 44.73 -55.17 0.37
N VAL D 229 45.64 -54.81 1.26
CA VAL D 229 45.29 -54.29 2.57
C VAL D 229 46.04 -52.97 2.76
N PRO D 230 45.50 -51.85 2.27
CA PRO D 230 46.03 -50.50 2.61
C PRO D 230 45.57 -50.02 4.02
N ILE D 231 46.51 -49.51 4.78
CA ILE D 231 46.27 -49.17 6.17
C ILE D 231 46.75 -47.76 6.42
N ALA D 232 45.86 -46.91 6.95
CA ALA D 232 46.26 -45.61 7.51
C ALA D 232 47.08 -44.82 6.47
N THR D 233 46.43 -44.52 5.36
CA THR D 233 47.15 -44.07 4.19
C THR D 233 46.31 -43.13 3.31
N SER D 234 46.85 -42.75 2.14
CA SER D 234 46.09 -41.92 1.19
C SER D 234 46.26 -42.35 -0.28
N CYS D 235 45.37 -41.84 -1.13
CA CYS D 235 45.40 -42.11 -2.57
C CYS D 235 46.26 -41.11 -3.32
N ARG D 236 46.54 -39.97 -2.70
CA ARG D 236 47.44 -38.94 -3.29
C ARG D 236 47.83 -37.94 -2.23
N GLN D 237 48.81 -37.09 -2.53
CA GLN D 237 49.30 -36.11 -1.60
C GLN D 237 48.22 -35.10 -1.27
N SER D 238 48.16 -34.67 0.02
CA SER D 238 47.24 -33.64 0.46
C SER D 238 48.05 -32.45 0.89
N GLY D 239 47.44 -31.26 0.92
CA GLY D 239 48.19 -30.06 1.33
C GLY D 239 48.60 -30.12 2.81
N TRP D 240 47.79 -30.80 3.61
CA TRP D 240 48.05 -31.01 5.06
C TRP D 240 49.34 -31.81 5.31
N CYS D 241 49.44 -33.01 4.72
CA CYS D 241 50.70 -33.78 4.84
C CYS D 241 51.87 -33.10 4.15
N ALA D 242 51.64 -32.48 3.00
CA ALA D 242 52.71 -31.76 2.33
C ALA D 242 53.31 -30.68 3.18
N ALA D 243 52.46 -29.96 3.89
CA ALA D 243 52.92 -28.85 4.76
C ALA D 243 53.72 -29.39 5.97
N TRP D 244 53.21 -30.41 6.64
CA TRP D 244 53.95 -31.07 7.76
C TRP D 244 55.34 -31.56 7.39
N PHE D 245 55.41 -32.35 6.33
CA PHE D 245 56.69 -32.87 5.82
C PHE D 245 57.63 -31.84 5.21
N GLU D 246 57.11 -30.85 4.49
CA GLU D 246 57.96 -29.69 4.09
C GLU D 246 58.57 -28.94 5.29
N THR D 247 57.75 -28.68 6.32
CA THR D 247 58.22 -28.08 7.55
C THR D 247 59.35 -28.92 8.16
N GLN D 248 59.19 -30.23 8.25
CA GLN D 248 60.29 -31.10 8.72
C GLN D 248 61.55 -30.99 7.85
N ARG D 249 61.40 -31.02 6.53
CA ARG D 249 62.55 -30.88 5.64
C ARG D 249 63.28 -29.55 5.83
N GLN D 250 62.53 -28.43 5.95
CA GLN D 250 63.11 -27.10 6.22
C GLN D 250 63.98 -27.05 7.50
N CYS D 251 63.62 -27.83 8.54
CA CYS D 251 64.49 -27.96 9.74
C CYS D 251 65.87 -28.48 9.37
N ILE D 252 65.90 -29.48 8.47
CA ILE D 252 67.18 -30.00 7.95
C ILE D 252 67.90 -28.94 7.08
N TYR D 253 67.17 -28.34 6.13
CA TYR D 253 67.74 -27.30 5.28
C TYR D 253 68.38 -26.18 6.10
N ASP D 254 67.75 -25.83 7.24
CA ASP D 254 68.18 -24.67 8.03
C ASP D 254 69.27 -24.96 9.04
N ASP D 255 69.54 -26.24 9.24
CA ASP D 255 70.68 -26.68 10.06
C ASP D 255 71.99 -26.34 9.32
N PRO D 256 72.87 -25.54 9.97
CA PRO D 256 74.15 -25.18 9.32
C PRO D 256 75.07 -26.37 8.98
N LYS D 257 74.86 -27.51 9.64
CA LYS D 257 75.62 -28.72 9.38
C LYS D 257 75.21 -29.49 8.11
N TYR D 258 74.08 -29.09 7.53
CA TYR D 258 73.52 -29.73 6.33
C TYR D 258 74.35 -29.45 5.08
N LEU D 259 74.78 -28.21 4.90
CA LEU D 259 75.81 -27.91 3.91
C LEU D 259 75.31 -28.31 2.51
N ASP D 260 74.04 -28.05 2.24
CA ASP D 260 73.43 -28.37 0.95
C ASP D 260 73.39 -29.86 0.60
N GLY D 261 73.45 -30.73 1.61
CA GLY D 261 73.47 -32.14 1.39
C GLY D 261 74.86 -32.72 1.32
N GLU D 262 75.88 -31.84 1.38
CA GLU D 262 77.28 -32.24 1.27
C GLU D 262 77.95 -32.56 2.59
N TYR D 263 77.18 -32.72 3.66
CA TYR D 263 77.74 -33.03 4.99
C TYR D 263 78.48 -34.39 4.98
N ASP D 264 79.43 -34.57 5.90
CA ASP D 264 80.02 -35.88 6.16
C ASP D 264 79.00 -36.78 6.89
N VAL D 265 78.94 -38.05 6.50
CA VAL D 265 77.93 -38.99 7.01
C VAL D 265 77.99 -39.20 8.53
N ASP D 266 79.15 -38.87 9.11
CA ASP D 266 79.31 -38.96 10.56
C ASP D 266 79.20 -37.60 11.26
N ASP D 267 78.92 -36.56 10.47
CA ASP D 267 78.65 -35.22 11.00
C ASP D 267 77.33 -34.68 10.40
N GLN D 268 76.25 -35.42 10.64
CA GLN D 268 74.90 -35.12 10.17
C GLN D 268 74.36 -33.78 10.67
N PRO D 269 73.33 -33.22 9.97
CA PRO D 269 72.55 -32.11 10.57
C PRO D 269 71.63 -32.63 11.68
N VAL D 270 72.23 -32.89 12.83
CA VAL D 270 71.56 -33.55 13.96
C VAL D 270 70.39 -32.71 14.54
N ARG D 271 70.56 -31.40 14.62
CA ARG D 271 69.49 -30.53 15.11
C ARG D 271 68.28 -30.53 14.20
N GLY D 272 68.53 -30.48 12.90
CA GLY D 272 67.48 -30.59 11.89
C GLY D 272 66.72 -31.91 12.01
N LEU D 273 67.45 -33.02 12.11
CA LEU D 273 66.85 -34.35 12.17
C LEU D 273 66.03 -34.53 13.43
N GLU D 274 66.60 -34.08 14.55
CA GLU D 274 65.92 -34.05 15.85
C GLU D 274 64.60 -33.32 15.81
N THR D 275 64.62 -32.09 15.29
CA THR D 275 63.40 -31.28 15.22
C THR D 275 62.38 -31.87 14.26
N ALA D 276 62.83 -32.41 13.14
CA ALA D 276 61.93 -33.08 12.21
C ALA D 276 61.17 -34.23 12.90
N ARG D 277 61.88 -35.13 13.60
CA ARG D 277 61.20 -36.24 14.33
C ARG D 277 60.31 -35.79 15.48
N LYS D 278 60.71 -34.77 16.24
CA LYS D 278 59.84 -34.26 17.27
C LYS D 278 58.51 -33.87 16.68
N ILE D 279 58.54 -33.17 15.56
CA ILE D 279 57.32 -32.75 14.86
C ILE D 279 56.59 -33.97 14.40
N ALA D 280 57.30 -34.90 13.75
CA ALA D 280 56.65 -36.07 13.12
C ALA D 280 55.96 -36.89 14.18
N ASN D 281 56.67 -37.16 15.26
CA ASN D 281 56.14 -37.97 16.37
C ASN D 281 54.86 -37.48 16.91
N LEU D 282 54.69 -36.15 17.02
CA LEU D 282 53.38 -35.62 17.53
C LEU D 282 52.26 -35.69 16.50
N THR D 283 52.59 -35.47 15.21
CA THR D 283 51.61 -35.73 14.14
C THR D 283 51.18 -37.19 14.10
N TYR D 284 52.01 -38.11 14.60
CA TYR D 284 51.65 -39.55 14.67
C TYR D 284 50.80 -39.94 15.87
N LYS D 285 50.71 -39.04 16.85
CA LYS D 285 49.87 -39.29 18.03
C LYS D 285 48.53 -38.55 17.97
N SER D 286 47.84 -38.50 19.09
CA SER D 286 46.59 -37.79 19.18
C SER D 286 46.61 -37.05 20.49
N LYS D 287 45.70 -36.10 20.63
CA LYS D 287 45.51 -35.40 21.88
C LYS D 287 45.23 -36.34 23.07
N PRO D 288 44.17 -37.16 22.99
CA PRO D 288 43.96 -38.13 24.07
C PRO D 288 45.20 -38.99 24.44
N ALA D 289 45.96 -39.48 23.44
CA ALA D 289 47.18 -40.27 23.67
C ALA D 289 48.24 -39.44 24.39
N MET D 290 48.47 -38.21 23.95
CA MET D 290 49.45 -37.36 24.68
C MET D 290 48.98 -36.90 26.08
N ASP D 291 47.68 -36.66 26.23
CA ASP D 291 47.09 -36.29 27.54
C ASP D 291 47.17 -37.43 28.57
N GLU D 292 47.11 -38.68 28.11
CA GLU D 292 47.26 -39.85 28.97
C GLU D 292 48.75 -39.96 29.39
N ARG D 293 49.64 -39.62 28.48
CA ARG D 293 51.07 -39.79 28.76
C ARG D 293 51.61 -38.68 29.70
N PHE D 294 51.07 -37.47 29.57
CA PHE D 294 51.55 -36.34 30.35
C PHE D 294 50.37 -35.52 30.82
N HIS D 295 50.27 -35.34 32.13
CA HIS D 295 49.13 -34.62 32.71
C HIS D 295 49.52 -33.94 34.01
N MET D 296 48.78 -32.91 34.37
CA MET D 296 49.00 -32.20 35.65
C MET D 296 48.54 -33.05 36.87
N GLN D 328 55.15 -38.79 33.55
CA GLN D 328 53.74 -38.41 33.54
C GLN D 328 53.42 -36.96 33.95
N PRO D 329 54.31 -36.28 34.70
CA PRO D 329 54.06 -34.82 34.82
C PRO D 329 54.39 -33.96 33.58
N ILE D 330 53.79 -32.76 33.51
CA ILE D 330 53.99 -31.81 32.38
C ILE D 330 55.47 -31.42 32.21
N GLU D 331 56.20 -31.42 33.32
CA GLU D 331 57.59 -31.03 33.36
C GLU D 331 58.48 -32.07 32.68
N ALA D 332 57.96 -33.31 32.58
CA ALA D 332 58.68 -34.41 31.90
C ALA D 332 58.59 -34.38 30.36
N VAL D 333 57.79 -33.45 29.80
CA VAL D 333 57.59 -33.37 28.33
C VAL D 333 58.92 -33.04 27.64
N SER D 334 59.63 -32.08 28.20
CA SER D 334 60.90 -31.62 27.63
C SER D 334 61.87 -32.76 27.33
N SER D 335 62.15 -33.56 28.36
CA SER D 335 63.02 -34.72 28.32
C SER D 335 62.54 -35.80 27.33
N TYR D 336 61.25 -36.10 27.35
CA TYR D 336 60.63 -37.03 26.42
C TYR D 336 60.85 -36.62 24.94
N LEU D 337 60.67 -35.33 24.64
CA LEU D 337 60.88 -34.79 23.30
C LEU D 337 62.35 -34.88 22.89
N ARG D 338 63.26 -34.46 23.76
CA ARG D 338 64.72 -34.61 23.51
C ARG D 338 65.16 -36.05 23.29
N TYR D 339 64.67 -36.98 24.10
CA TYR D 339 65.03 -38.39 23.95
C TYR D 339 64.59 -38.95 22.59
N GLN D 340 63.31 -38.72 22.25
CA GLN D 340 62.74 -39.24 21.01
C GLN D 340 63.57 -38.77 19.83
N ALA D 341 63.91 -37.49 19.85
CA ALA D 341 64.57 -36.83 18.73
C ALA D 341 66.00 -37.34 18.53
N GLN D 342 66.76 -37.35 19.62
CA GLN D 342 68.15 -37.82 19.63
C GLN D 342 68.25 -39.26 19.16
N LYS D 343 67.32 -40.09 19.57
CA LYS D 343 67.26 -41.50 19.19
C LYS D 343 67.17 -41.65 17.66
N PHE D 344 66.27 -40.88 17.04
CA PHE D 344 66.12 -40.89 15.58
C PHE D 344 67.30 -40.30 14.87
N ALA D 345 67.77 -39.14 15.34
CA ALA D 345 68.89 -38.45 14.69
C ALA D 345 70.16 -39.26 14.66
N ALA D 346 70.34 -40.15 15.63
CA ALA D 346 71.52 -41.06 15.67
C ALA D 346 71.41 -42.22 14.67
N SER D 347 70.22 -42.48 14.18
CA SER D 347 69.99 -43.73 13.48
C SER D 347 69.44 -43.57 12.05
N PHE D 348 69.45 -42.34 11.52
CA PHE D 348 68.93 -42.07 10.17
C PHE D 348 69.76 -41.04 9.43
N ASP D 349 69.68 -41.06 8.10
CA ASP D 349 70.45 -40.13 7.30
C ASP D 349 69.55 -39.00 6.79
N ALA D 350 70.11 -37.79 6.79
CA ALA D 350 69.34 -36.57 6.43
C ALA D 350 68.93 -36.54 4.97
N ASN D 351 69.89 -36.78 4.06
CA ASN D 351 69.61 -36.90 2.63
C ASN D 351 68.54 -37.92 2.29
N CYS D 352 68.60 -39.10 2.90
CA CYS D 352 67.55 -40.13 2.75
C CYS D 352 66.19 -39.69 3.31
N TYR D 353 66.20 -38.94 4.41
CA TYR D 353 64.95 -38.44 4.99
C TYR D 353 64.28 -37.52 3.97
N ILE D 354 65.07 -36.60 3.38
CA ILE D 354 64.62 -35.74 2.32
C ILE D 354 64.11 -36.58 1.16
N ALA D 355 64.98 -37.44 0.63
CA ALA D 355 64.63 -38.30 -0.53
C ALA D 355 63.32 -39.05 -0.41
N MET D 356 63.16 -39.73 0.72
CA MET D 356 61.92 -40.48 1.02
C MET D 356 60.63 -39.70 1.23
N THR D 357 60.72 -38.56 1.94
CA THR D 357 59.49 -37.76 2.15
C THR D 357 59.05 -37.13 0.82
N LEU D 358 60.01 -36.81 -0.04
CA LEU D 358 59.69 -36.27 -1.35
C LEU D 358 58.80 -37.20 -2.16
N LYS D 359 58.84 -38.49 -1.83
CA LYS D 359 58.01 -39.48 -2.48
C LYS D 359 56.55 -39.23 -2.23
N PHE D 360 56.26 -38.74 -1.01
CA PHE D 360 54.87 -38.41 -0.65
C PHE D 360 54.24 -37.45 -1.67
N ASP D 361 55.04 -36.50 -2.15
CA ASP D 361 54.53 -35.37 -2.95
C ASP D 361 54.11 -35.76 -4.36
N THR D 362 54.65 -36.85 -4.88
CA THR D 362 54.30 -37.33 -6.22
C THR D 362 53.33 -38.48 -6.17
N HIS D 363 52.89 -38.87 -4.97
CA HIS D 363 51.92 -39.93 -4.85
C HIS D 363 50.56 -39.49 -5.39
N ASP D 364 50.01 -40.27 -6.32
CA ASP D 364 48.68 -40.01 -6.85
C ASP D 364 48.26 -41.17 -7.71
N ILE D 365 47.31 -41.96 -7.25
CA ILE D 365 46.99 -43.17 -8.01
C ILE D 365 46.24 -42.88 -9.32
N SER D 366 45.81 -41.63 -9.48
CA SER D 366 45.02 -41.28 -10.65
C SER D 366 45.90 -40.76 -11.79
N ARG D 367 47.11 -40.26 -11.50
CA ARG D 367 47.90 -39.63 -12.57
C ARG D 367 48.26 -40.61 -13.70
N GLY D 368 47.94 -40.16 -14.91
CA GLY D 368 48.12 -40.96 -16.12
C GLY D 368 47.09 -42.05 -16.26
N ARG D 369 46.12 -42.13 -15.38
CA ARG D 369 45.16 -43.26 -15.44
C ARG D 369 43.68 -42.82 -15.51
N ALA D 370 43.32 -41.82 -14.73
CA ALA D 370 41.92 -41.46 -14.56
C ALA D 370 41.78 -39.98 -14.31
N GLY D 371 40.55 -39.47 -14.48
CA GLY D 371 40.28 -38.03 -14.37
C GLY D 371 40.09 -37.60 -12.94
N SER D 372 39.88 -38.58 -12.06
CA SER D 372 39.72 -38.29 -10.64
C SER D 372 40.18 -39.46 -9.76
N ILE D 373 40.29 -39.20 -8.45
CA ILE D 373 40.65 -40.24 -7.48
C ILE D 373 39.57 -41.34 -7.40
N PRO D 374 38.26 -40.95 -7.30
CA PRO D 374 37.22 -41.99 -7.32
C PRO D 374 37.23 -42.87 -8.56
N GLU D 375 37.58 -42.31 -9.70
CA GLU D 375 37.64 -43.10 -10.93
C GLU D 375 38.83 -44.07 -10.94
N ALA D 376 39.98 -43.62 -10.43
CA ALA D 376 41.16 -44.48 -10.25
C ALA D 376 40.88 -45.60 -9.26
N LEU D 377 40.27 -45.27 -8.13
CA LEU D 377 39.87 -46.29 -7.14
C LEU D 377 38.96 -47.36 -7.74
N ALA D 378 38.01 -46.92 -8.58
CA ALA D 378 37.08 -47.85 -9.27
C ALA D 378 37.80 -48.87 -10.18
N MET D 379 39.00 -48.53 -10.66
CA MET D 379 39.82 -49.49 -11.44
C MET D 379 40.48 -50.60 -10.59
N ILE D 380 40.33 -50.53 -9.26
CA ILE D 380 40.93 -51.54 -8.38
C ILE D 380 39.94 -52.64 -8.16
N THR D 381 40.19 -53.76 -8.82
CA THR D 381 39.24 -54.85 -8.92
C THR D 381 39.41 -56.00 -7.87
N GLN D 382 40.60 -56.06 -7.26
CA GLN D 382 40.90 -56.97 -6.16
C GLN D 382 40.01 -56.77 -4.94
N PRO D 383 39.74 -57.83 -4.20
CA PRO D 383 39.25 -57.58 -2.85
C PRO D 383 40.24 -56.70 -2.03
N ALA D 384 39.68 -55.79 -1.23
CA ALA D 384 40.48 -54.82 -0.47
C ALA D 384 39.93 -54.73 0.94
N LEU D 385 40.83 -54.70 1.91
CA LEU D 385 40.49 -54.44 3.32
C LEU D 385 41.19 -53.15 3.65
N ILE D 386 40.40 -52.12 3.97
CA ILE D 386 40.91 -50.82 4.29
C ILE D 386 40.89 -50.66 5.83
N ILE D 387 42.04 -50.40 6.42
CA ILE D 387 42.12 -50.29 7.88
C ILE D 387 42.54 -48.87 8.28
N CYS D 388 41.79 -48.29 9.20
CA CYS D 388 42.03 -46.92 9.68
C CYS D 388 41.56 -46.72 11.14
N ALA D 389 41.94 -45.58 11.73
CA ALA D 389 41.48 -45.12 13.04
C ALA D 389 40.89 -43.69 12.90
N ARG D 390 39.73 -43.45 13.52
CA ARG D 390 39.12 -42.10 13.49
C ARG D 390 40.08 -41.05 14.11
N SER D 391 41.01 -41.49 14.95
CA SER D 391 41.88 -40.55 15.68
C SER D 391 43.18 -40.23 14.93
N ASP D 392 43.32 -40.76 13.71
CA ASP D 392 44.50 -40.52 12.88
C ASP D 392 44.47 -39.03 12.44
N GLY D 393 45.50 -38.27 12.82
CA GLY D 393 45.57 -36.84 12.54
C GLY D 393 46.15 -36.48 11.18
N LEU D 394 46.69 -37.48 10.48
CA LEU D 394 47.34 -37.24 9.16
C LEU D 394 46.51 -37.76 8.01
N TYR D 395 45.91 -38.95 8.17
CA TYR D 395 45.10 -39.62 7.12
C TYR D 395 43.71 -39.82 7.69
N SER D 396 42.75 -39.14 7.11
CA SER D 396 41.48 -38.95 7.73
C SER D 396 40.61 -40.16 7.55
N PHE D 397 39.68 -40.32 8.49
CA PHE D 397 38.66 -41.33 8.43
C PHE D 397 37.83 -41.17 7.15
N ASP D 398 37.49 -39.93 6.80
CA ASP D 398 36.72 -39.64 5.58
C ASP D 398 37.39 -40.14 4.29
N GLU D 399 38.71 -40.00 4.21
CA GLU D 399 39.44 -40.43 3.01
C GLU D 399 39.54 -41.94 2.87
N HIS D 400 39.54 -42.65 3.98
CA HIS D 400 39.34 -44.09 3.97
C HIS D 400 37.96 -44.53 3.62
N VAL D 401 36.95 -43.84 4.16
CA VAL D 401 35.57 -44.07 3.72
C VAL D 401 35.42 -43.89 2.20
N GLU D 402 35.98 -42.81 1.64
CA GLU D 402 36.01 -42.58 0.20
C GLU D 402 36.61 -43.78 -0.57
N MET D 403 37.77 -44.28 -0.11
CA MET D 403 38.36 -45.52 -0.67
C MET D 403 37.34 -46.62 -0.70
N GLY D 404 36.63 -46.81 0.42
CA GLY D 404 35.68 -47.90 0.59
C GLY D 404 34.48 -47.75 -0.34
N ARG D 405 34.15 -46.49 -0.68
CA ARG D 405 33.04 -46.16 -1.55
C ARG D 405 33.33 -46.49 -3.03
N SER D 406 34.56 -46.22 -3.44
CA SER D 406 34.94 -46.36 -4.82
C SER D 406 35.58 -47.68 -5.21
N ILE D 407 36.28 -48.35 -4.29
CA ILE D 407 36.81 -49.68 -4.59
C ILE D 407 35.64 -50.64 -4.51
N PRO D 408 35.27 -51.27 -5.66
CA PRO D 408 34.04 -52.07 -5.74
C PRO D 408 33.95 -53.28 -4.81
N ASN D 409 35.07 -53.93 -4.53
CA ASN D 409 35.03 -55.07 -3.63
C ASN D 409 35.90 -54.78 -2.40
N SER D 410 35.43 -53.89 -1.54
CA SER D 410 36.21 -53.45 -0.38
C SER D 410 35.40 -53.56 0.91
N ARG D 411 36.11 -53.70 2.02
CA ARG D 411 35.52 -53.64 3.33
C ARG D 411 36.40 -52.71 4.17
N LEU D 412 35.76 -51.85 4.95
CA LEU D 412 36.44 -50.95 5.85
C LEU D 412 36.52 -51.55 7.25
N CYS D 413 37.71 -51.51 7.81
CA CYS D 413 37.91 -51.90 9.22
C CYS D 413 38.33 -50.69 10.01
N VAL D 414 37.48 -50.25 10.93
CA VAL D 414 37.80 -49.09 11.78
C VAL D 414 38.26 -49.61 13.15
N VAL D 415 39.51 -49.34 13.49
CA VAL D 415 40.07 -49.84 14.74
C VAL D 415 39.63 -48.88 15.87
N ASP D 416 39.05 -49.45 16.92
CA ASP D 416 38.61 -48.69 18.08
C ASP D 416 39.83 -48.40 18.98
N THR D 417 40.26 -47.15 18.97
CA THR D 417 41.47 -46.78 19.63
C THR D 417 41.52 -45.27 19.73
N ASN D 418 42.39 -44.75 20.60
CA ASN D 418 42.64 -43.31 20.67
C ASN D 418 44.06 -42.93 20.31
N GLU D 419 44.81 -43.86 19.72
CA GLU D 419 46.24 -43.71 19.53
C GLU D 419 46.79 -42.78 18.40
N GLY D 420 45.93 -42.29 17.52
CA GLY D 420 46.45 -41.54 16.35
C GLY D 420 47.06 -42.40 15.26
N HIS D 421 47.83 -41.77 14.36
CA HIS D 421 48.38 -42.47 13.19
C HIS D 421 49.17 -43.74 13.57
N ASP D 422 49.89 -43.67 14.70
CA ASP D 422 50.66 -44.76 15.33
C ASP D 422 49.84 -46.00 15.67
N PHE D 423 48.52 -45.94 15.56
CA PHE D 423 47.68 -47.07 15.96
C PHE D 423 48.08 -48.42 15.32
N PHE D 424 48.59 -48.40 14.08
CA PHE D 424 48.78 -49.65 13.36
C PHE D 424 49.95 -50.43 13.98
N VAL D 425 50.85 -49.70 14.66
CA VAL D 425 51.88 -50.28 15.51
C VAL D 425 51.43 -50.55 16.97
N MET D 426 50.66 -49.62 17.56
CA MET D 426 50.25 -49.73 18.96
C MET D 426 49.18 -50.81 19.14
N GLU D 427 48.29 -50.90 18.15
CA GLU D 427 47.19 -51.86 18.17
C GLU D 427 47.47 -53.02 17.23
N ALA D 428 48.73 -53.46 17.17
CA ALA D 428 49.16 -54.47 16.22
C ALA D 428 48.31 -55.75 16.28
N ASP D 429 47.96 -56.18 17.48
CA ASP D 429 47.05 -57.34 17.66
C ASP D 429 45.71 -57.21 16.93
N LYS D 430 45.09 -56.02 17.01
CA LYS D 430 43.87 -55.73 16.26
C LYS D 430 44.06 -55.73 14.73
N VAL D 431 45.16 -55.14 14.29
CA VAL D 431 45.57 -55.18 12.86
C VAL D 431 45.82 -56.64 12.38
N ASN D 432 46.62 -57.40 13.15
CA ASN D 432 46.80 -58.83 12.89
C ASN D 432 45.47 -59.56 12.64
N ASP D 433 44.51 -59.41 13.57
CA ASP D 433 43.28 -60.17 13.53
C ASP D 433 42.45 -59.80 12.35
N ALA D 434 42.39 -58.50 12.03
CA ALA D 434 41.75 -58.01 10.81
C ALA D 434 42.41 -58.56 9.50
N VAL D 435 43.73 -58.44 9.41
CA VAL D 435 44.46 -58.93 8.24
C VAL D 435 44.29 -60.46 8.06
N ARG D 436 44.50 -61.22 9.13
CA ARG D 436 44.34 -62.67 9.10
C ARG D 436 42.95 -63.11 8.73
N GLY D 437 41.92 -62.48 9.31
CA GLY D 437 40.54 -62.74 8.94
C GLY D 437 40.23 -62.51 7.47
N PHE D 438 40.84 -61.49 6.89
CA PHE D 438 40.65 -61.15 5.48
C PHE D 438 41.39 -62.14 4.58
N LEU D 439 42.65 -62.39 4.89
CA LEU D 439 43.42 -63.44 4.22
C LEU D 439 42.75 -64.84 4.29
N ASP D 440 42.05 -65.13 5.39
CA ASP D 440 41.33 -66.41 5.56
C ASP D 440 40.09 -66.59 4.70
N GLN D 441 39.49 -65.50 4.23
CA GLN D 441 38.28 -65.59 3.40
C GLN D 441 38.53 -66.20 2.01
N ASN E 66 14.21 -1.45 -46.98
CA ASN E 66 12.85 -1.53 -46.35
C ASN E 66 12.69 -2.86 -45.58
N ARG E 67 12.93 -2.77 -44.27
CA ARG E 67 12.89 -3.96 -43.41
C ARG E 67 11.50 -4.55 -43.25
N PHE E 68 10.47 -3.70 -43.43
CA PHE E 68 9.09 -4.15 -43.33
C PHE E 68 8.71 -5.05 -44.52
N GLU E 69 9.04 -4.58 -45.72
CA GLU E 69 8.84 -5.32 -46.94
C GLU E 69 9.69 -6.60 -46.96
N ALA E 70 10.94 -6.51 -46.49
CA ALA E 70 11.84 -7.67 -46.40
C ALA E 70 11.32 -8.82 -45.54
N SER E 71 10.48 -8.52 -44.57
CA SER E 71 9.97 -9.50 -43.62
C SER E 71 8.91 -10.43 -44.22
N LEU E 72 8.44 -10.09 -45.40
CA LEU E 72 7.26 -10.75 -45.98
C LEU E 72 7.62 -11.98 -46.78
N ASP E 73 6.64 -12.84 -46.96
CA ASP E 73 6.73 -13.90 -47.96
C ASP E 73 6.85 -13.25 -49.35
N ALA E 74 7.20 -14.07 -50.35
CA ALA E 74 7.34 -13.63 -51.72
C ALA E 74 6.04 -13.02 -52.23
N GLN E 75 6.17 -11.91 -52.95
CA GLN E 75 5.02 -11.24 -53.53
C GLN E 75 5.45 -10.58 -54.86
N ASP E 76 4.47 -10.15 -55.65
CA ASP E 76 4.75 -9.43 -56.91
C ASP E 76 4.72 -7.93 -56.79
N ILE E 77 5.46 -7.27 -57.69
CA ILE E 77 5.45 -5.80 -57.81
C ILE E 77 5.12 -5.41 -59.25
N ALA E 78 4.09 -4.60 -59.42
CA ALA E 78 3.86 -3.93 -60.68
C ALA E 78 4.38 -2.51 -60.55
N ARG E 79 5.03 -2.01 -61.59
CA ARG E 79 5.51 -0.67 -61.62
C ARG E 79 4.73 0.21 -62.59
N ILE E 80 4.20 1.32 -62.05
CA ILE E 80 3.40 2.28 -62.82
C ILE E 80 4.29 3.49 -63.06
N SER E 81 4.64 3.74 -64.32
CA SER E 81 5.67 4.78 -64.61
C SER E 81 5.18 6.22 -64.23
N LEU E 82 3.91 6.51 -64.45
CA LEU E 82 3.34 7.78 -64.00
C LEU E 82 1.95 7.60 -63.44
N PHE E 83 1.71 8.17 -62.27
CA PHE E 83 0.37 8.13 -61.67
C PHE E 83 -0.04 9.51 -61.10
N THR E 84 -1.17 10.02 -61.54
CA THR E 84 -1.64 11.30 -61.04
C THR E 84 -2.61 11.08 -59.88
N LEU E 85 -2.20 11.47 -58.69
CA LEU E 85 -3.06 11.45 -57.51
C LEU E 85 -4.17 12.46 -57.70
N GLU E 86 -5.29 12.29 -56.99
CA GLU E 86 -6.44 13.18 -57.23
C GLU E 86 -6.17 14.62 -56.79
N SER E 87 -5.15 14.80 -55.96
CA SER E 87 -4.67 16.11 -55.58
C SER E 87 -4.06 16.84 -56.79
N GLY E 88 -3.62 16.07 -57.79
CA GLY E 88 -2.85 16.57 -58.89
C GLY E 88 -1.36 16.27 -58.81
N VAL E 89 -0.87 15.90 -57.64
CA VAL E 89 0.50 15.46 -57.49
C VAL E 89 0.77 14.16 -58.32
N ILE E 90 1.86 14.17 -59.07
CA ILE E 90 2.20 13.07 -59.93
C ILE E 90 3.30 12.19 -59.25
N LEU E 91 2.99 10.92 -59.06
CA LEU E 91 4.00 9.97 -58.59
C LEU E 91 4.66 9.31 -59.79
N ARG E 92 5.97 9.07 -59.71
CA ARG E 92 6.71 8.44 -60.80
C ARG E 92 7.33 7.10 -60.40
N ASP E 93 7.42 6.18 -61.36
CA ASP E 93 8.02 4.86 -61.17
C ASP E 93 7.44 4.21 -59.91
N VAL E 94 6.12 4.04 -59.90
CA VAL E 94 5.36 3.75 -58.69
C VAL E 94 5.22 2.24 -58.49
N PRO E 95 5.84 1.67 -57.42
CA PRO E 95 5.59 0.24 -57.20
C PRO E 95 4.22 -0.02 -56.56
N VAL E 96 3.53 -1.03 -57.05
CA VAL E 96 2.35 -1.52 -56.42
C VAL E 96 2.56 -3.02 -56.15
N ALA E 97 2.62 -3.38 -54.87
CA ALA E 97 2.80 -4.78 -54.48
C ALA E 97 1.45 -5.47 -54.44
N TYR E 98 1.47 -6.76 -54.73
CA TYR E 98 0.30 -7.53 -54.69
C TYR E 98 0.65 -9.02 -54.47
N LYS E 99 -0.36 -9.79 -54.11
CA LYS E 99 -0.23 -11.19 -53.94
C LYS E 99 -1.51 -11.78 -54.49
N SER E 100 -1.40 -12.80 -55.34
CA SER E 100 -2.56 -13.54 -55.82
C SER E 100 -2.44 -15.03 -55.52
N TRP E 101 -3.60 -15.70 -55.50
CA TRP E 101 -3.75 -17.11 -55.31
C TRP E 101 -4.69 -17.59 -56.37
N GLY E 102 -4.45 -18.79 -56.90
CA GLY E 102 -5.36 -19.36 -57.88
C GLY E 102 -5.05 -18.86 -59.27
N ARG E 103 -5.94 -19.17 -60.19
CA ARG E 103 -5.70 -18.95 -61.61
C ARG E 103 -6.95 -18.32 -62.26
N MET E 104 -6.75 -17.32 -63.10
CA MET E 104 -7.86 -16.81 -63.91
C MET E 104 -8.38 -17.86 -64.87
N ASN E 105 -9.69 -17.93 -65.02
CA ASN E 105 -10.29 -18.74 -66.06
C ASN E 105 -10.09 -18.07 -67.48
N VAL E 106 -10.72 -18.61 -68.51
CA VAL E 106 -10.35 -18.18 -69.85
C VAL E 106 -11.05 -16.87 -70.15
N SER E 107 -12.24 -16.71 -69.59
CA SER E 107 -12.95 -15.42 -69.67
C SER E 107 -12.32 -14.32 -68.82
N ARG E 108 -11.39 -14.68 -67.94
CA ARG E 108 -10.72 -13.79 -67.00
CA ARG E 108 -10.73 -13.70 -67.09
C ARG E 108 -11.74 -12.92 -66.21
N ASP E 109 -12.83 -13.59 -65.82
CA ASP E 109 -13.94 -12.98 -65.11
C ASP E 109 -14.25 -13.64 -63.75
N ASN E 110 -13.27 -14.36 -63.18
CA ASN E 110 -13.41 -15.05 -61.90
C ASN E 110 -12.46 -14.43 -60.86
N CYS E 111 -12.23 -13.12 -60.96
CA CYS E 111 -11.35 -12.40 -60.05
C CYS E 111 -12.11 -11.99 -58.81
N VAL E 112 -11.51 -12.28 -57.69
CA VAL E 112 -12.03 -11.82 -56.40
C VAL E 112 -10.94 -10.92 -55.83
N ILE E 113 -11.29 -9.67 -55.53
CA ILE E 113 -10.35 -8.73 -54.88
C ILE E 113 -10.63 -8.73 -53.38
N VAL E 114 -9.56 -8.89 -52.60
CA VAL E 114 -9.66 -8.70 -51.16
C VAL E 114 -8.90 -7.44 -50.80
N CYS E 115 -9.52 -6.60 -49.99
CA CYS E 115 -8.89 -5.36 -49.61
C CYS E 115 -8.44 -5.52 -48.17
N HIS E 116 -7.18 -5.21 -47.90
CA HIS E 116 -6.57 -5.49 -46.57
C HIS E 116 -6.83 -4.39 -45.50
N THR E 117 -6.27 -4.58 -44.30
CA THR E 117 -6.54 -3.65 -43.22
C THR E 117 -5.39 -2.65 -43.10
N LEU E 118 -5.60 -1.67 -42.23
CA LEU E 118 -4.67 -0.61 -41.95
C LEU E 118 -3.21 -1.01 -41.82
N THR E 119 -2.94 -2.03 -41.03
CA THR E 119 -1.55 -2.37 -40.71
C THR E 119 -1.08 -3.73 -41.27
N SER E 120 -1.92 -4.38 -42.04
CA SER E 120 -1.49 -5.60 -42.73
C SER E 120 -0.79 -5.35 -44.09
N SER E 121 -0.16 -6.39 -44.61
CA SER E 121 0.39 -6.38 -45.97
C SER E 121 -0.68 -6.98 -46.88
N ALA E 122 -0.34 -7.27 -48.11
CA ALA E 122 -1.28 -7.93 -49.05
C ALA E 122 -1.48 -9.42 -48.76
N HIS E 123 -0.65 -10.00 -47.90
CA HIS E 123 -0.70 -11.45 -47.57
C HIS E 123 -1.84 -11.80 -46.65
N VAL E 124 -3.03 -11.86 -47.21
CA VAL E 124 -4.30 -11.99 -46.45
C VAL E 124 -4.36 -13.30 -45.66
N THR E 125 -3.73 -14.33 -46.23
CA THR E 125 -3.57 -15.63 -45.59
C THR E 125 -2.98 -15.54 -44.18
N SER E 126 -2.14 -14.55 -43.92
CA SER E 126 -1.55 -14.45 -42.61
C SER E 126 -2.53 -14.07 -41.44
N TRP E 127 -3.66 -13.41 -41.74
CA TRP E 127 -4.62 -13.12 -40.68
C TRP E 127 -6.03 -13.61 -40.98
N TRP E 128 -6.27 -13.98 -42.23
CA TRP E 128 -7.51 -14.66 -42.61
C TRP E 128 -7.24 -16.06 -43.20
N PRO E 129 -6.37 -16.87 -42.56
CA PRO E 129 -6.01 -18.19 -43.18
C PRO E 129 -7.23 -19.11 -43.46
N THR E 130 -8.23 -19.08 -42.59
CA THR E 130 -9.33 -20.00 -42.77
C THR E 130 -10.33 -19.65 -43.82
N LEU E 131 -10.16 -18.51 -44.50
CA LEU E 131 -11.06 -18.15 -45.61
C LEU E 131 -10.57 -18.66 -46.96
N PHE E 132 -9.36 -19.23 -47.00
CA PHE E 132 -8.75 -19.76 -48.21
C PHE E 132 -8.86 -21.27 -48.36
N GLY E 133 -8.97 -21.74 -49.61
CA GLY E 133 -8.94 -23.18 -49.91
C GLY E 133 -10.23 -23.71 -50.51
N GLN E 134 -10.21 -25.01 -50.87
CA GLN E 134 -11.35 -25.70 -51.49
C GLN E 134 -12.58 -25.60 -50.62
N GLY E 135 -13.70 -25.17 -51.19
CA GLY E 135 -14.97 -25.10 -50.47
C GLY E 135 -15.04 -23.95 -49.44
N ARG E 136 -13.94 -23.20 -49.27
CA ARG E 136 -13.93 -21.94 -48.44
C ARG E 136 -14.27 -20.71 -49.31
N ALA E 137 -14.38 -19.55 -48.67
CA ALA E 137 -14.80 -18.32 -49.35
C ALA E 137 -13.85 -18.02 -50.51
N PHE E 138 -12.54 -17.98 -50.21
CA PHE E 138 -11.55 -17.66 -51.19
C PHE E 138 -11.05 -18.97 -51.80
N ASP E 139 -11.92 -19.57 -52.59
CA ASP E 139 -11.73 -20.90 -53.15
C ASP E 139 -10.81 -20.87 -54.37
N THR E 140 -9.54 -21.25 -54.19
CA THR E 140 -8.54 -21.04 -55.22
C THR E 140 -8.67 -22.06 -56.36
N SER E 141 -9.73 -22.87 -56.32
CA SER E 141 -10.03 -23.78 -57.40
CA SER E 141 -10.05 -23.79 -57.40
C SER E 141 -11.13 -23.21 -58.29
N ARG E 142 -11.77 -22.12 -57.83
CA ARG E 142 -12.82 -21.44 -58.60
C ARG E 142 -12.43 -20.01 -59.00
N TYR E 143 -11.58 -19.37 -58.20
CA TYR E 143 -11.37 -17.95 -58.33
C TYR E 143 -9.92 -17.64 -58.43
N PHE E 144 -9.61 -16.54 -59.15
CA PHE E 144 -8.33 -15.84 -59.03
C PHE E 144 -8.45 -14.80 -57.88
N ILE E 145 -7.80 -15.05 -56.76
CA ILE E 145 -7.94 -14.14 -55.61
C ILE E 145 -6.74 -13.19 -55.64
N ILE E 146 -6.99 -11.90 -55.46
CA ILE E 146 -5.85 -10.97 -55.43
C ILE E 146 -6.02 -9.88 -54.34
N CYS E 147 -4.91 -9.53 -53.69
CA CYS E 147 -4.90 -8.45 -52.76
C CYS E 147 -3.75 -7.54 -53.09
N LEU E 148 -4.01 -6.24 -53.19
CA LEU E 148 -2.95 -5.26 -53.51
C LEU E 148 -2.69 -4.34 -52.33
N ASN E 149 -1.42 -4.10 -52.05
CA ASN E 149 -0.98 -3.26 -50.97
C ASN E 149 -1.35 -1.75 -51.28
N TYR E 150 -1.93 -1.06 -50.29
CA TYR E 150 -2.31 0.34 -50.44
C TYR E 150 -1.08 1.23 -50.51
N LEU E 151 -1.23 2.36 -51.19
CA LEU E 151 -0.22 3.43 -51.13
C LEU E 151 -0.14 3.92 -49.67
N GLY E 152 1.04 4.24 -49.22
CA GLY E 152 1.20 4.72 -47.85
C GLY E 152 1.71 3.65 -46.91
N SER E 153 1.60 2.40 -47.31
CA SER E 153 1.96 1.21 -46.54
C SER E 153 3.47 0.88 -46.64
N PRO E 154 4.05 0.29 -45.59
CA PRO E 154 5.47 -0.12 -45.65
C PRO E 154 5.71 -1.44 -46.41
N PHE E 155 4.63 -2.10 -46.86
CA PHE E 155 4.72 -3.47 -47.34
C PHE E 155 4.87 -3.73 -48.87
N GLY E 156 5.46 -2.76 -49.59
CA GLY E 156 5.79 -2.96 -50.99
C GLY E 156 5.27 -1.89 -51.94
N SER E 157 4.07 -1.35 -51.69
CA SER E 157 3.56 -0.28 -52.51
C SER E 157 4.24 1.03 -52.17
N ALA E 158 4.14 2.03 -53.06
CA ALA E 158 4.78 3.33 -52.83
C ALA E 158 4.30 3.89 -51.47
N GLY E 159 5.21 4.47 -50.73
CA GLY E 159 4.89 4.98 -49.42
C GLY E 159 6.13 5.59 -48.85
N PRO E 160 6.05 6.07 -47.58
CA PRO E 160 7.20 6.64 -46.85
C PRO E 160 8.48 5.83 -46.88
N CYS E 161 8.36 4.49 -46.91
CA CYS E 161 9.49 3.58 -46.80
C CYS E 161 10.06 3.16 -48.17
N SER E 162 9.43 3.58 -49.23
CA SER E 162 9.88 3.21 -50.55
C SER E 162 10.77 4.29 -51.18
N PRO E 163 11.65 3.88 -52.13
CA PRO E 163 12.61 4.87 -52.70
C PRO E 163 11.94 6.07 -53.42
N ASP E 164 12.46 7.26 -53.17
CA ASP E 164 11.97 8.47 -53.77
C ASP E 164 12.73 8.68 -55.10
N PRO E 165 12.02 8.56 -56.23
CA PRO E 165 12.66 8.68 -57.53
C PRO E 165 13.34 10.06 -57.77
N ASP E 166 12.89 11.10 -57.09
CA ASP E 166 13.51 12.43 -57.23
C ASP E 166 14.72 12.66 -56.32
N ALA E 167 15.31 11.58 -55.83
CA ALA E 167 16.61 11.62 -55.15
C ALA E 167 17.41 10.32 -55.35
N PRO E 172 14.49 7.17 -49.36
CA PRO E 172 13.03 7.01 -49.33
C PRO E 172 12.28 8.32 -49.24
N TYR E 173 10.99 8.30 -49.58
CA TYR E 173 10.13 9.47 -49.43
C TYR E 173 10.12 10.01 -48.01
N GLY E 174 10.17 9.12 -47.02
CA GLY E 174 10.12 9.54 -45.62
C GLY E 174 8.86 10.30 -45.32
N ALA E 175 9.03 11.40 -44.59
CA ALA E 175 7.92 12.25 -44.18
C ALA E 175 7.28 13.03 -45.34
N LYS E 176 7.89 12.97 -46.51
CA LYS E 176 7.43 13.74 -47.65
C LYS E 176 6.52 12.96 -48.63
N PHE E 177 6.15 11.73 -48.30
CA PHE E 177 5.21 10.98 -49.14
C PHE E 177 3.87 11.78 -49.24
N PRO E 178 3.42 12.07 -50.46
CA PRO E 178 2.20 12.84 -50.71
C PRO E 178 0.98 12.16 -50.09
N ARG E 179 -0.01 12.96 -49.73
CA ARG E 179 -1.29 12.46 -49.28
C ARG E 179 -1.99 11.70 -50.40
N THR E 180 -2.53 10.53 -50.06
CA THR E 180 -3.28 9.64 -50.93
C THR E 180 -4.65 9.39 -50.31
N THR E 181 -5.63 9.05 -51.16
CA THR E 181 -6.97 8.81 -50.74
C THR E 181 -7.35 7.35 -50.98
N ILE E 182 -8.43 6.89 -50.36
CA ILE E 182 -9.02 5.62 -50.70
C ILE E 182 -9.21 5.47 -52.24
N ARG E 183 -9.73 6.55 -52.87
CA ARG E 183 -9.95 6.58 -54.31
C ARG E 183 -8.65 6.42 -55.14
N ASP E 184 -7.56 7.03 -54.70
CA ASP E 184 -6.27 6.87 -55.34
C ASP E 184 -5.85 5.40 -55.38
N ASP E 185 -6.00 4.71 -54.24
CA ASP E 185 -5.64 3.28 -54.13
C ASP E 185 -6.50 2.47 -55.07
N VAL E 186 -7.82 2.69 -55.05
CA VAL E 186 -8.70 1.94 -55.96
C VAL E 186 -8.28 2.14 -57.45
N ARG E 187 -8.02 3.40 -57.83
CA ARG E 187 -7.58 3.73 -59.18
C ARG E 187 -6.29 3.04 -59.64
N ILE E 188 -5.21 3.16 -58.87
CA ILE E 188 -3.98 2.54 -59.22
C ILE E 188 -4.07 0.99 -59.16
N HIS E 189 -4.84 0.44 -58.22
CA HIS E 189 -5.07 -1.00 -58.16
C HIS E 189 -5.81 -1.48 -59.41
N ARG E 190 -6.79 -0.75 -59.91
CA ARG E 190 -7.47 -1.16 -61.14
CA ARG E 190 -7.48 -1.14 -61.14
C ARG E 190 -6.53 -1.12 -62.36
N GLN E 191 -5.57 -0.19 -62.37
CA GLN E 191 -4.57 -0.14 -63.42
C GLN E 191 -3.74 -1.44 -63.43
N VAL E 192 -3.34 -1.90 -62.26
CA VAL E 192 -2.63 -3.18 -62.12
C VAL E 192 -3.48 -4.34 -62.62
N LEU E 193 -4.76 -4.39 -62.26
CA LEU E 193 -5.60 -5.45 -62.73
C LEU E 193 -5.78 -5.46 -64.27
N ASP E 194 -5.82 -4.26 -64.88
CA ASP E 194 -5.86 -4.14 -66.35
C ASP E 194 -4.58 -4.74 -66.99
N ARG E 195 -3.42 -4.47 -66.38
CA ARG E 195 -2.15 -5.04 -66.79
C ARG E 195 -2.15 -6.57 -66.74
N LEU E 196 -2.73 -7.14 -65.69
CA LEU E 196 -2.89 -8.60 -65.52
C LEU E 196 -3.95 -9.17 -66.43
N GLY E 197 -4.78 -8.33 -67.03
CA GLY E 197 -5.78 -8.81 -67.95
C GLY E 197 -7.11 -9.19 -67.36
N VAL E 198 -7.40 -8.69 -66.16
CA VAL E 198 -8.64 -9.05 -65.53
C VAL E 198 -9.73 -8.37 -66.35
N ARG E 199 -10.75 -9.13 -66.70
CA ARG E 199 -11.81 -8.62 -67.54
C ARG E 199 -13.03 -8.26 -66.70
N GLN E 200 -13.30 -9.06 -65.66
CA GLN E 200 -14.39 -8.79 -64.77
C GLN E 200 -14.09 -9.25 -63.36
N ILE E 201 -14.63 -8.52 -62.38
CA ILE E 201 -14.43 -8.88 -60.97
C ILE E 201 -15.68 -9.55 -60.40
N ALA E 202 -15.52 -10.79 -59.95
CA ALA E 202 -16.61 -11.58 -59.41
C ALA E 202 -17.09 -10.99 -58.06
N ALA E 203 -16.15 -10.53 -57.25
CA ALA E 203 -16.51 -9.86 -55.99
C ALA E 203 -15.34 -9.04 -55.49
N VAL E 204 -15.65 -7.96 -54.77
CA VAL E 204 -14.69 -7.40 -53.81
C VAL E 204 -15.13 -7.49 -52.35
N VAL E 205 -14.18 -7.88 -51.51
CA VAL E 205 -14.44 -8.20 -50.13
C VAL E 205 -13.40 -7.44 -49.32
N GLY E 206 -13.84 -6.74 -48.28
CA GLY E 206 -12.89 -6.06 -47.42
C GLY E 206 -13.52 -5.62 -46.12
N ALA E 207 -12.70 -5.63 -45.07
CA ALA E 207 -13.17 -5.28 -43.73
C ALA E 207 -12.47 -4.02 -43.25
N SER E 208 -13.19 -3.20 -42.48
CA SER E 208 -12.60 -2.05 -41.79
C SER E 208 -12.11 -1.05 -42.84
N MET E 209 -10.84 -0.65 -42.83
CA MET E 209 -10.35 0.18 -43.90
C MET E 209 -10.66 -0.45 -45.28
N GLY E 210 -10.46 -1.77 -45.40
CA GLY E 210 -10.74 -2.49 -46.66
C GLY E 210 -12.19 -2.42 -47.10
N GLY E 211 -13.12 -2.22 -46.16
CA GLY E 211 -14.53 -2.04 -46.52
C GLY E 211 -14.79 -0.65 -47.15
N MET E 212 -13.92 0.29 -46.87
CA MET E 212 -13.98 1.62 -47.49
C MET E 212 -13.56 1.55 -48.99
N HIS E 213 -12.39 0.98 -49.24
CA HIS E 213 -11.97 0.62 -50.61
C HIS E 213 -13.06 -0.17 -51.37
N THR E 214 -13.65 -1.17 -50.71
CA THR E 214 -14.71 -2.01 -51.26
C THR E 214 -15.89 -1.23 -51.76
N LEU E 215 -16.35 -0.28 -50.95
CA LEU E 215 -17.46 0.60 -51.37
C LEU E 215 -17.08 1.47 -52.53
N GLU E 216 -15.85 1.95 -52.54
CA GLU E 216 -15.34 2.73 -53.65
C GLU E 216 -15.23 1.93 -54.96
N TRP E 217 -14.77 0.66 -54.86
CA TRP E 217 -14.70 -0.28 -56.01
C TRP E 217 -16.03 -0.41 -56.70
N ALA E 218 -17.09 -0.44 -55.90
CA ALA E 218 -18.47 -0.61 -56.41
C ALA E 218 -18.91 0.45 -57.46
N PHE E 219 -18.31 1.63 -57.39
CA PHE E 219 -18.68 2.72 -58.29
C PHE E 219 -18.21 2.55 -59.73
N PHE E 220 -17.33 1.57 -59.98
CA PHE E 220 -16.98 1.17 -61.37
C PHE E 220 -18.19 0.54 -62.10
N GLY E 221 -19.18 0.11 -61.33
CA GLY E 221 -20.45 -0.31 -61.85
C GLY E 221 -20.55 -1.84 -61.91
N PRO E 222 -21.78 -2.35 -62.04
CA PRO E 222 -22.05 -3.78 -61.98
C PRO E 222 -21.50 -4.61 -63.16
N GLU E 223 -21.15 -3.99 -64.28
CA GLU E 223 -20.54 -4.78 -65.32
C GLU E 223 -19.05 -5.07 -65.08
N TYR E 224 -18.33 -4.21 -64.35
CA TYR E 224 -16.94 -4.51 -64.00
C TYR E 224 -16.83 -5.21 -62.64
N VAL E 225 -17.65 -4.76 -61.68
CA VAL E 225 -17.62 -5.28 -60.31
C VAL E 225 -19.00 -5.91 -60.02
N ARG E 226 -19.06 -7.24 -60.02
CA ARG E 226 -20.36 -7.94 -59.93
C ARG E 226 -21.02 -7.95 -58.56
N LYS E 227 -20.21 -7.97 -57.50
CA LYS E 227 -20.71 -8.09 -56.14
C LYS E 227 -19.74 -7.42 -55.18
N ILE E 228 -20.25 -6.93 -54.06
CA ILE E 228 -19.37 -6.38 -53.01
C ILE E 228 -19.75 -6.96 -51.63
N VAL E 229 -18.73 -7.12 -50.79
CA VAL E 229 -18.91 -7.50 -49.38
C VAL E 229 -18.15 -6.53 -48.46
N PRO E 230 -18.76 -5.34 -48.18
CA PRO E 230 -18.23 -4.44 -47.14
C PRO E 230 -18.51 -4.95 -45.69
N ILE E 231 -17.47 -4.99 -44.88
CA ILE E 231 -17.55 -5.55 -43.56
C ILE E 231 -17.02 -4.55 -42.56
N ALA E 232 -17.79 -4.24 -41.50
CA ALA E 232 -17.27 -3.52 -40.34
C ALA E 232 -16.60 -2.23 -40.80
N THR E 233 -17.37 -1.35 -41.42
CA THR E 233 -16.77 -0.22 -42.10
C THR E 233 -17.70 0.99 -42.10
N SER E 234 -17.31 2.06 -42.82
CA SER E 234 -18.17 3.22 -43.01
C SER E 234 -18.19 3.78 -44.46
N CYS E 235 -19.16 4.64 -44.74
CA CYS E 235 -19.32 5.36 -46.02
C CYS E 235 -18.55 6.67 -46.08
N ARG E 236 -18.20 7.22 -44.92
CA ARG E 236 -17.35 8.41 -44.88
C ARG E 236 -16.80 8.54 -43.48
N GLN E 237 -15.77 9.39 -43.33
CA GLN E 237 -15.20 9.69 -42.03
C GLN E 237 -16.24 10.28 -41.04
N SER E 238 -16.17 9.82 -39.80
CA SER E 238 -17.02 10.32 -38.69
C SER E 238 -16.13 11.09 -37.70
N GLY E 239 -16.72 12.00 -36.92
CA GLY E 239 -15.96 12.70 -35.89
C GLY E 239 -15.38 11.77 -34.82
N TRP E 240 -16.16 10.77 -34.42
CA TRP E 240 -15.66 9.70 -33.51
C TRP E 240 -14.33 9.05 -33.96
N CYS E 241 -14.31 8.41 -35.13
CA CYS E 241 -13.09 7.81 -35.62
C CYS E 241 -12.01 8.83 -35.89
N ALA E 242 -12.38 10.00 -36.43
CA ALA E 242 -11.37 11.03 -36.67
C ALA E 242 -10.63 11.37 -35.37
N ALA E 243 -11.38 11.44 -34.26
CA ALA E 243 -10.84 11.82 -32.95
C ALA E 243 -9.95 10.75 -32.35
N TRP E 244 -10.39 9.48 -32.45
CA TRP E 244 -9.54 8.34 -32.06
C TRP E 244 -8.21 8.24 -32.83
N PHE E 245 -8.29 8.37 -34.15
CA PHE E 245 -7.09 8.25 -34.95
C PHE E 245 -6.15 9.46 -34.87
N GLU E 246 -6.70 10.67 -34.77
CA GLU E 246 -5.87 11.85 -34.48
C GLU E 246 -5.17 11.77 -33.08
N THR E 247 -5.89 11.33 -32.05
CA THR E 247 -5.28 11.08 -30.75
C THR E 247 -4.08 10.14 -30.92
N GLN E 248 -4.26 9.08 -31.71
CA GLN E 248 -3.15 8.17 -31.96
C GLN E 248 -1.97 8.86 -32.69
N ARG E 249 -2.26 9.67 -33.70
CA ARG E 249 -1.20 10.37 -34.41
C ARG E 249 -0.43 11.32 -33.52
N GLN E 250 -1.14 12.08 -32.68
CA GLN E 250 -0.51 12.96 -31.70
C GLN E 250 0.47 12.27 -30.76
N CYS E 251 0.19 11.02 -30.37
CA CYS E 251 1.17 10.20 -29.64
C CYS E 251 2.51 10.11 -30.36
N ILE E 252 2.45 9.91 -31.69
CA ILE E 252 3.65 9.87 -32.53
C ILE E 252 4.27 11.28 -32.63
N TYR E 253 3.47 12.27 -32.98
CA TYR E 253 3.96 13.64 -33.12
C TYR E 253 4.69 14.09 -31.82
N ASP E 254 4.18 13.63 -30.65
CA ASP E 254 4.70 14.10 -29.35
C ASP E 254 5.92 13.34 -28.86
N ASP E 255 6.21 12.23 -29.50
CA ASP E 255 7.40 11.45 -29.22
C ASP E 255 8.64 12.23 -29.72
N PRO E 256 9.64 12.47 -28.83
CA PRO E 256 10.83 13.22 -29.24
C PRO E 256 11.70 12.52 -30.29
N LYS E 257 11.50 11.21 -30.45
CA LYS E 257 12.22 10.47 -31.45
C LYS E 257 11.65 10.65 -32.84
N TYR E 258 10.51 11.33 -32.96
CA TYR E 258 9.80 11.43 -34.22
C TYR E 258 10.51 12.40 -35.15
N LEU E 259 11.02 13.49 -34.56
CA LEU E 259 11.85 14.44 -35.26
C LEU E 259 11.19 14.96 -36.54
N ASP E 260 9.91 15.29 -36.47
CA ASP E 260 9.15 15.76 -37.64
C ASP E 260 9.05 14.78 -38.82
N GLY E 261 9.20 13.49 -38.55
CA GLY E 261 9.16 12.51 -39.61
C GLY E 261 10.55 12.17 -40.15
N GLU E 262 11.57 12.84 -39.61
CA GLU E 262 12.95 12.71 -40.10
C GLU E 262 13.75 11.68 -39.34
N TYR E 263 13.08 10.87 -38.51
CA TYR E 263 13.76 9.81 -37.76
C TYR E 263 14.44 8.77 -38.66
N ASP E 264 15.53 8.19 -38.18
CA ASP E 264 16.11 7.00 -38.81
C ASP E 264 15.16 5.81 -38.67
N VAL E 265 15.01 5.04 -39.74
CA VAL E 265 14.07 3.92 -39.79
C VAL E 265 14.30 2.85 -38.70
N ASP E 266 15.51 2.81 -38.15
CA ASP E 266 15.82 1.84 -37.12
C ASP E 266 15.83 2.49 -35.74
N ASP E 267 15.46 3.77 -35.69
CA ASP E 267 15.30 4.51 -34.43
C ASP E 267 13.90 5.19 -34.43
N GLN E 268 12.85 4.37 -34.56
CA GLN E 268 11.46 4.84 -34.64
C GLN E 268 10.99 5.55 -33.35
N PRO E 269 9.95 6.41 -33.46
CA PRO E 269 9.30 6.92 -32.27
C PRO E 269 8.48 5.78 -31.58
N VAL E 270 9.21 4.91 -30.91
CA VAL E 270 8.65 3.69 -30.34
C VAL E 270 7.55 3.91 -29.27
N ARG E 271 7.75 4.89 -28.39
CA ARG E 271 6.73 5.24 -27.39
C ARG E 271 5.44 5.71 -28.03
N GLY E 272 5.55 6.58 -29.02
CA GLY E 272 4.41 6.99 -29.80
C GLY E 272 3.64 5.85 -30.47
N LEU E 273 4.34 4.98 -31.18
CA LEU E 273 3.74 3.80 -31.83
C LEU E 273 3.09 2.85 -30.83
N GLU E 274 3.77 2.64 -29.70
CA GLU E 274 3.25 1.75 -28.66
C GLU E 274 1.92 2.27 -28.12
N THR E 275 1.88 3.56 -27.85
CA THR E 275 0.72 4.17 -27.24
C THR E 275 -0.43 4.20 -28.25
N ALA E 276 -0.11 4.52 -29.50
CA ALA E 276 -1.12 4.45 -30.55
C ALA E 276 -1.77 3.05 -30.59
N ARG E 277 -0.96 2.00 -30.49
CA ARG E 277 -1.48 0.59 -30.50
C ARG E 277 -2.34 0.23 -29.36
N LYS E 278 -1.91 0.59 -28.16
CA LYS E 278 -2.70 0.30 -26.96
C LYS E 278 -4.07 0.89 -27.10
N ILE E 279 -4.14 2.17 -27.52
CA ILE E 279 -5.40 2.82 -27.75
C ILE E 279 -6.18 2.10 -28.84
N ALA E 280 -5.54 1.87 -30.01
CA ALA E 280 -6.28 1.24 -31.13
C ALA E 280 -6.87 -0.13 -30.72
N ASN E 281 -6.05 -0.95 -30.09
CA ASN E 281 -6.46 -2.28 -29.60
C ASN E 281 -7.73 -2.27 -28.79
N LEU E 282 -7.85 -1.31 -27.87
CA LEU E 282 -9.05 -1.20 -27.07
C LEU E 282 -10.27 -0.73 -27.85
N THR E 283 -10.07 0.22 -28.78
CA THR E 283 -11.17 0.64 -29.64
C THR E 283 -11.63 -0.50 -30.57
N TYR E 284 -10.75 -1.48 -30.83
CA TYR E 284 -11.09 -2.71 -31.62
C TYR E 284 -11.85 -3.83 -30.86
N LYS E 285 -11.88 -3.75 -29.52
CA LYS E 285 -12.52 -4.74 -28.69
C LYS E 285 -13.81 -4.16 -28.14
N SER E 286 -14.31 -4.74 -27.07
CA SER E 286 -15.53 -4.27 -26.46
C SER E 286 -15.35 -4.45 -24.95
N LYS E 287 -16.25 -3.83 -24.17
CA LYS E 287 -16.34 -4.05 -22.74
C LYS E 287 -16.47 -5.54 -22.37
N PRO E 288 -17.51 -6.24 -22.87
CA PRO E 288 -17.62 -7.68 -22.53
C PRO E 288 -16.38 -8.53 -22.94
N ALA E 289 -15.72 -8.20 -24.05
CA ALA E 289 -14.55 -8.97 -24.48
C ALA E 289 -13.37 -8.77 -23.55
N MET E 290 -13.11 -7.52 -23.19
CA MET E 290 -12.07 -7.23 -22.22
C MET E 290 -12.39 -7.76 -20.81
N ASP E 291 -13.67 -7.73 -20.42
CA ASP E 291 -14.11 -8.23 -19.12
C ASP E 291 -13.94 -9.75 -19.00
N GLU E 292 -14.12 -10.48 -20.12
CA GLU E 292 -13.85 -11.93 -20.17
C GLU E 292 -12.36 -12.23 -20.08
N ARG E 293 -11.54 -11.42 -20.71
CA ARG E 293 -10.10 -11.57 -20.66
C ARG E 293 -9.44 -11.18 -19.33
N PHE E 294 -9.98 -10.17 -18.63
CA PHE E 294 -9.43 -9.69 -17.36
C PHE E 294 -10.54 -9.43 -16.37
N HIS E 295 -10.48 -10.10 -15.23
CA HIS E 295 -11.50 -9.95 -14.20
C HIS E 295 -10.96 -10.18 -12.80
N MET E 296 -11.66 -9.61 -11.82
CA MET E 296 -11.35 -9.82 -10.41
C MET E 296 -11.75 -11.25 -9.94
N ALA E 297 -11.15 -11.73 -8.85
CA ALA E 297 -11.60 -12.99 -8.23
C ALA E 297 -12.99 -12.83 -7.58
N PRO E 298 -13.71 -13.95 -7.34
CA PRO E 298 -14.97 -13.83 -6.57
C PRO E 298 -14.72 -13.25 -5.17
N GLY E 299 -15.69 -12.47 -4.66
CA GLY E 299 -15.54 -11.76 -3.39
C GLY E 299 -15.01 -12.64 -2.26
N VAL E 300 -15.59 -13.84 -2.15
CA VAL E 300 -15.09 -14.86 -1.23
C VAL E 300 -15.01 -16.24 -1.95
N GLY E 327 -2.77 -12.64 -19.01
CA GLY E 327 -3.14 -13.31 -17.79
C GLY E 327 -4.64 -13.45 -17.89
N GLN E 328 -5.33 -13.31 -16.74
CA GLN E 328 -6.82 -13.17 -16.62
C GLN E 328 -7.17 -12.31 -15.35
N PRO E 329 -6.31 -12.29 -14.30
CA PRO E 329 -6.49 -11.28 -13.24
C PRO E 329 -6.20 -9.83 -13.66
N ILE E 330 -6.74 -8.88 -12.93
CA ILE E 330 -6.62 -7.44 -13.28
C ILE E 330 -5.18 -6.94 -13.21
N GLU E 331 -4.40 -7.52 -12.34
CA GLU E 331 -2.98 -7.24 -12.27
C GLU E 331 -2.23 -7.58 -13.57
N ALA E 332 -2.82 -8.46 -14.39
CA ALA E 332 -2.18 -8.87 -15.64
C ALA E 332 -2.36 -7.87 -16.80
N VAL E 333 -3.23 -6.89 -16.61
CA VAL E 333 -3.61 -5.96 -17.70
C VAL E 333 -2.35 -5.21 -18.18
N SER E 334 -1.52 -4.81 -17.23
CA SER E 334 -0.35 -4.02 -17.51
C SER E 334 0.59 -4.68 -18.52
N SER E 335 0.96 -5.90 -18.18
CA SER E 335 1.78 -6.74 -19.02
C SER E 335 1.16 -6.99 -20.41
N TYR E 336 -0.13 -7.27 -20.44
CA TYR E 336 -0.85 -7.44 -21.69
C TYR E 336 -0.75 -6.21 -22.64
N LEU E 337 -0.97 -5.01 -22.11
CA LEU E 337 -0.86 -3.77 -22.84
C LEU E 337 0.56 -3.54 -23.38
N ARG E 338 1.57 -3.77 -22.55
CA ARG E 338 2.95 -3.56 -22.93
C ARG E 338 3.35 -4.51 -24.02
N TYR E 339 2.92 -5.77 -23.92
CA TYR E 339 3.23 -6.78 -24.92
C TYR E 339 2.61 -6.42 -26.29
N GLN E 340 1.29 -6.19 -26.31
CA GLN E 340 0.58 -5.75 -27.52
C GLN E 340 1.28 -4.56 -28.18
N ALA E 341 1.59 -3.55 -27.38
CA ALA E 341 2.19 -2.29 -27.89
C ALA E 341 3.58 -2.50 -28.50
N GLN E 342 4.45 -3.17 -27.75
CA GLN E 342 5.81 -3.50 -28.21
C GLN E 342 5.87 -4.32 -29.52
N LYS E 343 4.98 -5.29 -29.64
CA LYS E 343 4.86 -6.14 -30.82
C LYS E 343 4.58 -5.27 -32.08
N PHE E 344 3.61 -4.37 -31.96
CA PHE E 344 3.28 -3.46 -33.03
C PHE E 344 4.39 -2.47 -33.37
N ALA E 345 4.99 -1.88 -32.35
CA ALA E 345 6.04 -0.88 -32.55
C ALA E 345 7.31 -1.42 -33.23
N ALA E 346 7.56 -2.73 -33.06
CA ALA E 346 8.70 -3.40 -33.67
C ALA E 346 8.48 -3.72 -35.15
N SER E 347 7.23 -3.72 -35.57
CA SER E 347 6.87 -4.22 -36.90
C SER E 347 6.11 -3.24 -37.83
N PHE E 348 6.10 -1.95 -37.52
CA PHE E 348 5.41 -0.98 -38.38
C PHE E 348 6.16 0.33 -38.36
N ASP E 349 5.92 1.14 -39.40
CA ASP E 349 6.64 2.41 -39.53
C ASP E 349 5.75 3.58 -39.13
N ALA E 350 6.31 4.55 -38.42
CA ALA E 350 5.55 5.69 -37.88
C ALA E 350 4.97 6.61 -38.99
N ASN E 351 5.83 7.04 -39.94
CA ASN E 351 5.38 7.82 -41.11
C ASN E 351 4.26 7.15 -41.94
N CYS E 352 4.37 5.84 -42.14
CA CYS E 352 3.30 5.08 -42.78
C CYS E 352 2.04 5.06 -41.94
N TYR E 353 2.17 4.93 -40.62
CA TYR E 353 0.97 4.92 -39.76
C TYR E 353 0.22 6.25 -39.88
N ILE E 354 0.98 7.34 -39.90
CA ILE E 354 0.42 8.68 -40.16
C ILE E 354 -0.20 8.76 -41.55
N ALA E 355 0.57 8.41 -42.60
CA ALA E 355 0.06 8.43 -43.97
C ALA E 355 -1.25 7.70 -44.13
N MET E 356 -1.31 6.47 -43.61
CA MET E 356 -2.46 5.63 -43.83
C MET E 356 -3.68 6.00 -43.01
N THR E 357 -3.51 6.37 -41.73
CA THR E 357 -4.67 6.83 -40.96
C THR E 357 -5.25 8.15 -41.51
N LEU E 358 -4.39 9.02 -42.06
CA LEU E 358 -4.88 10.23 -42.67
C LEU E 358 -5.81 9.96 -43.88
N LYS E 359 -5.73 8.75 -44.47
CA LYS E 359 -6.61 8.34 -45.60
C LYS E 359 -8.05 8.23 -45.11
N PHE E 360 -8.22 7.85 -43.85
CA PHE E 360 -9.52 7.76 -43.25
C PHE E 360 -10.24 9.10 -43.37
N ASP E 361 -9.52 10.19 -43.10
CA ASP E 361 -10.11 11.54 -43.06
C ASP E 361 -10.72 12.02 -44.38
N THR E 362 -10.27 11.48 -45.50
CA THR E 362 -10.81 11.92 -46.79
C THR E 362 -11.73 10.89 -47.42
N HIS E 363 -12.11 9.88 -46.64
CA HIS E 363 -13.05 8.90 -47.13
C HIS E 363 -14.48 9.47 -47.13
N ASP E 364 -15.16 9.40 -48.26
CA ASP E 364 -16.51 9.89 -48.39
C ASP E 364 -17.02 9.46 -49.75
N ILE E 365 -17.82 8.41 -49.79
CA ILE E 365 -18.26 7.91 -51.09
C ILE E 365 -19.17 8.92 -51.89
N SER E 366 -19.65 9.97 -51.22
CA SER E 366 -20.55 10.95 -51.84
C SER E 366 -19.79 12.15 -52.43
N ARG E 367 -18.57 12.39 -52.00
CA ARG E 367 -17.94 13.61 -52.39
C ARG E 367 -17.72 13.67 -53.94
N GLY E 368 -18.16 14.79 -54.55
CA GLY E 368 -18.19 14.96 -55.99
C GLY E 368 -19.22 14.17 -56.77
N ARG E 369 -19.90 13.25 -56.11
CA ARG E 369 -20.79 12.34 -56.81
C ARG E 369 -22.25 12.59 -56.50
N ALA E 370 -22.56 12.94 -55.26
CA ALA E 370 -23.96 13.01 -54.83
C ALA E 370 -24.10 14.00 -53.71
N GLY E 371 -25.32 14.40 -53.41
CA GLY E 371 -25.55 15.43 -52.41
C GLY E 371 -25.60 14.89 -51.01
N SER E 372 -25.70 13.57 -50.88
CA SER E 372 -25.73 12.93 -49.56
C SER E 372 -25.21 11.52 -49.64
N ILE E 373 -24.93 10.95 -48.48
CA ILE E 373 -24.54 9.55 -48.36
C ILE E 373 -25.62 8.58 -48.88
N PRO E 374 -26.89 8.72 -48.44
CA PRO E 374 -27.96 7.85 -48.98
C PRO E 374 -28.09 7.90 -50.51
N GLU E 375 -27.84 9.05 -51.11
CA GLU E 375 -27.90 9.20 -52.53
C GLU E 375 -26.72 8.54 -53.24
N ALA E 376 -25.53 8.60 -52.65
CA ALA E 376 -24.36 7.87 -53.19
C ALA E 376 -24.55 6.34 -53.07
N LEU E 377 -25.02 5.88 -51.92
CA LEU E 377 -25.33 4.47 -51.71
C LEU E 377 -26.30 3.93 -52.77
N ALA E 378 -27.29 4.75 -53.15
CA ALA E 378 -28.34 4.33 -54.09
C ALA E 378 -27.77 4.11 -55.50
N MET E 379 -26.57 4.65 -55.76
CA MET E 379 -25.86 4.46 -57.01
C MET E 379 -25.11 3.13 -57.02
N ILE E 380 -25.14 2.42 -55.91
CA ILE E 380 -24.49 1.10 -55.87
C ILE E 380 -25.50 0.05 -56.29
N THR E 381 -25.30 -0.48 -57.49
CA THR E 381 -26.27 -1.29 -58.16
C THR E 381 -26.03 -2.80 -58.06
N GLN E 382 -24.77 -3.20 -57.82
CA GLN E 382 -24.36 -4.61 -57.51
C GLN E 382 -25.13 -5.16 -56.34
N PRO E 383 -25.36 -6.48 -56.31
CA PRO E 383 -25.68 -7.16 -55.02
C PRO E 383 -24.60 -6.90 -53.94
N ALA E 384 -25.04 -6.58 -52.71
CA ALA E 384 -24.11 -6.29 -51.60
C ALA E 384 -24.46 -7.11 -50.41
N LEU E 385 -23.44 -7.68 -49.77
CA LEU E 385 -23.58 -8.30 -48.47
C LEU E 385 -22.79 -7.45 -47.43
N ILE E 386 -23.51 -6.87 -46.46
CA ILE E 386 -22.95 -5.97 -45.45
C ILE E 386 -22.81 -6.77 -44.18
N ILE E 387 -21.59 -6.91 -43.68
CA ILE E 387 -21.36 -7.71 -42.49
C ILE E 387 -20.87 -6.83 -41.33
N CYS E 388 -21.54 -6.97 -40.19
CA CYS E 388 -21.25 -6.13 -39.02
C CYS E 388 -21.57 -6.87 -37.74
N ALA E 389 -21.13 -6.28 -36.61
CA ALA E 389 -21.45 -6.73 -35.24
C ALA E 389 -21.94 -5.51 -34.43
N ARG E 390 -23.01 -5.72 -33.66
CA ARG E 390 -23.54 -4.74 -32.68
CA ARG E 390 -23.52 -4.68 -32.77
C ARG E 390 -22.47 -4.18 -31.75
N SER E 391 -21.55 -5.04 -31.35
CA SER E 391 -20.51 -4.69 -30.37
C SER E 391 -19.29 -3.91 -30.94
N ASP E 392 -19.31 -3.63 -32.25
CA ASP E 392 -18.24 -2.82 -32.89
C ASP E 392 -18.37 -1.38 -32.34
N GLY E 393 -17.32 -0.88 -31.70
CA GLY E 393 -17.38 0.44 -31.05
C GLY E 393 -16.86 1.58 -31.93
N LEU E 394 -16.34 1.25 -33.11
CA LEU E 394 -15.87 2.26 -34.05
C LEU E 394 -16.85 2.48 -35.21
N TYR E 395 -17.37 1.38 -35.77
CA TYR E 395 -18.28 1.43 -36.91
C TYR E 395 -19.61 0.89 -36.43
N SER E 396 -20.58 1.76 -36.26
CA SER E 396 -21.80 1.39 -35.59
C SER E 396 -22.72 0.47 -36.38
N PHE E 397 -23.57 -0.23 -35.65
CA PHE E 397 -24.58 -1.07 -36.22
C PHE E 397 -25.53 -0.23 -37.08
N ASP E 398 -25.90 0.94 -36.55
CA ASP E 398 -26.80 1.89 -37.26
C ASP E 398 -26.26 2.33 -38.62
N GLU E 399 -24.96 2.52 -38.73
CA GLU E 399 -24.44 2.97 -40.01
C GLU E 399 -24.41 1.87 -41.09
N HIS E 400 -24.30 0.61 -40.64
CA HIS E 400 -24.48 -0.56 -41.50
C HIS E 400 -25.93 -0.78 -41.90
N VAL E 401 -26.85 -0.55 -40.95
CA VAL E 401 -28.27 -0.47 -41.26
C VAL E 401 -28.57 0.62 -42.32
N GLU E 402 -28.00 1.81 -42.16
CA GLU E 402 -28.13 2.87 -43.19
C GLU E 402 -27.60 2.43 -44.57
N MET E 403 -26.49 1.67 -44.63
CA MET E 403 -26.01 1.14 -45.89
C MET E 403 -27.05 0.23 -46.52
N GLY E 404 -27.56 -0.69 -45.72
CA GLY E 404 -28.58 -1.62 -46.19
C GLY E 404 -29.86 -0.97 -46.70
N ARG E 405 -30.21 0.20 -46.17
CA ARG E 405 -31.43 0.88 -46.55
C ARG E 405 -31.30 1.54 -47.89
N SER E 406 -30.10 2.06 -48.16
CA SER E 406 -29.92 2.83 -49.39
C SER E 406 -29.32 2.07 -50.58
N ILE E 407 -28.51 1.03 -50.32
CA ILE E 407 -28.09 0.16 -51.40
C ILE E 407 -29.31 -0.72 -51.77
N PRO E 408 -29.84 -0.56 -53.01
CA PRO E 408 -31.11 -1.18 -53.44
C PRO E 408 -31.13 -2.71 -53.42
N ASN E 409 -30.00 -3.35 -53.73
CA ASN E 409 -29.93 -4.81 -53.69
C ASN E 409 -28.91 -5.26 -52.64
N SER E 410 -29.27 -5.11 -51.37
CA SER E 410 -28.35 -5.46 -50.29
C SER E 410 -28.99 -6.36 -49.24
N ARG E 411 -28.14 -7.09 -48.54
CA ARG E 411 -28.56 -7.86 -47.37
C ARG E 411 -27.57 -7.60 -46.21
N LEU E 412 -28.11 -7.45 -45.02
CA LEU E 412 -27.31 -7.17 -43.86
C LEU E 412 -27.12 -8.46 -43.10
N CYS E 413 -25.88 -8.80 -42.82
CA CYS E 413 -25.51 -9.93 -41.98
C CYS E 413 -24.94 -9.42 -40.63
N VAL E 414 -25.67 -9.63 -39.55
CA VAL E 414 -25.24 -9.26 -38.21
C VAL E 414 -24.65 -10.50 -37.52
N VAL E 415 -23.37 -10.43 -37.21
CA VAL E 415 -22.72 -11.53 -36.57
C VAL E 415 -22.98 -11.45 -35.06
N ASP E 416 -23.41 -12.56 -34.49
CA ASP E 416 -23.68 -12.68 -33.03
C ASP E 416 -22.39 -12.89 -32.25
N THR E 417 -21.87 -11.81 -31.70
CA THR E 417 -20.55 -11.90 -31.12
C THR E 417 -20.35 -10.74 -30.14
N ASN E 418 -19.45 -10.90 -29.19
CA ASN E 418 -19.12 -9.78 -28.29
C ASN E 418 -17.73 -9.21 -28.54
N GLU E 419 -17.11 -9.61 -29.66
CA GLU E 419 -15.69 -9.35 -29.89
C GLU E 419 -15.32 -7.87 -30.29
N GLY E 420 -16.31 -7.07 -30.67
CA GLY E 420 -16.06 -5.70 -31.10
C GLY E 420 -15.64 -5.65 -32.56
N HIS E 421 -14.94 -4.59 -32.94
CA HIS E 421 -14.44 -4.43 -34.32
C HIS E 421 -13.60 -5.62 -34.83
N ASP E 422 -12.78 -6.17 -33.95
CA ASP E 422 -11.98 -7.37 -34.20
C ASP E 422 -12.76 -8.64 -34.58
N PHE E 423 -14.10 -8.60 -34.52
CA PHE E 423 -14.88 -9.81 -34.82
C PHE E 423 -14.55 -10.44 -36.22
N PHE E 424 -14.23 -9.62 -37.22
CA PHE E 424 -14.11 -10.18 -38.59
C PHE E 424 -12.90 -11.10 -38.66
N VAL E 425 -11.98 -10.94 -37.71
CA VAL E 425 -10.86 -11.83 -37.55
C VAL E 425 -11.08 -12.96 -36.52
N MET E 426 -11.81 -12.67 -35.43
CA MET E 426 -12.05 -13.63 -34.36
C MET E 426 -13.13 -14.61 -34.74
N GLU E 427 -14.09 -14.16 -35.53
CA GLU E 427 -15.22 -14.98 -35.98
C GLU E 427 -15.03 -15.32 -37.47
N ALA E 428 -13.78 -15.59 -37.85
CA ALA E 428 -13.45 -15.79 -39.26
C ALA E 428 -14.29 -16.89 -39.93
N ASP E 429 -14.60 -17.94 -39.18
CA ASP E 429 -15.47 -19.01 -39.71
C ASP E 429 -16.85 -18.55 -40.08
N LYS E 430 -17.44 -17.71 -39.25
CA LYS E 430 -18.76 -17.16 -39.57
C LYS E 430 -18.69 -16.19 -40.77
N VAL E 431 -17.62 -15.41 -40.83
CA VAL E 431 -17.42 -14.54 -41.97
C VAL E 431 -17.18 -15.39 -43.26
N ASN E 432 -16.31 -16.41 -43.18
CA ASN E 432 -16.14 -17.36 -44.29
C ASN E 432 -17.47 -17.88 -44.82
N ASP E 433 -18.29 -18.46 -43.94
CA ASP E 433 -19.58 -19.03 -44.35
C ASP E 433 -20.52 -18.04 -44.98
N ALA E 434 -20.59 -16.83 -44.43
CA ALA E 434 -21.43 -15.77 -45.01
C ALA E 434 -20.99 -15.39 -46.42
N VAL E 435 -19.67 -15.20 -46.58
CA VAL E 435 -19.08 -14.76 -47.85
C VAL E 435 -19.22 -15.85 -48.93
N ARG E 436 -18.84 -17.08 -48.60
CA ARG E 436 -19.05 -18.25 -49.45
C ARG E 436 -20.51 -18.40 -49.91
N GLY E 437 -21.46 -18.32 -48.97
CA GLY E 437 -22.88 -18.43 -49.30
C GLY E 437 -23.38 -17.34 -50.27
N PHE E 438 -22.78 -16.16 -50.19
CA PHE E 438 -23.16 -15.02 -51.05
C PHE E 438 -22.52 -15.15 -52.43
N LEU E 439 -21.24 -15.53 -52.45
CA LEU E 439 -20.57 -15.84 -53.70
C LEU E 439 -21.22 -17.01 -54.47
N ASP E 440 -21.86 -17.95 -53.75
CA ASP E 440 -22.50 -19.11 -54.36
C ASP E 440 -23.82 -18.77 -55.01
N GLN E 441 -24.45 -17.68 -54.61
CA GLN E 441 -25.76 -17.30 -55.16
C GLN E 441 -25.70 -16.91 -56.65
N ASN F 66 -37.46 37.43 3.18
CA ASN F 66 -36.70 38.26 2.16
C ASN F 66 -36.49 37.52 0.82
N ARG F 67 -37.39 37.75 -0.13
CA ARG F 67 -37.37 37.04 -1.42
C ARG F 67 -36.23 37.47 -2.32
N PHE F 68 -35.65 38.64 -2.04
CA PHE F 68 -34.49 39.11 -2.80
C PHE F 68 -33.26 38.32 -2.41
N GLU F 69 -33.03 38.25 -1.11
CA GLU F 69 -31.95 37.43 -0.55
C GLU F 69 -32.13 35.94 -0.89
N ALA F 70 -33.37 35.46 -0.85
CA ALA F 70 -33.65 34.05 -1.18
C ALA F 70 -33.28 33.65 -2.62
N SER F 71 -33.20 34.63 -3.51
CA SER F 71 -32.97 34.34 -4.94
C SER F 71 -31.50 34.05 -5.25
N LEU F 72 -30.63 34.35 -4.29
CA LEU F 72 -29.19 34.39 -4.53
C LEU F 72 -28.53 33.02 -4.39
N ASP F 73 -27.37 32.81 -5.02
CA ASP F 73 -26.54 31.66 -4.70
C ASP F 73 -26.12 31.75 -3.23
N ALA F 74 -25.49 30.69 -2.74
CA ALA F 74 -25.01 30.65 -1.35
C ALA F 74 -24.01 31.78 -1.08
N GLN F 75 -24.14 32.41 0.10
CA GLN F 75 -23.22 33.44 0.52
C GLN F 75 -23.09 33.37 2.04
N ASP F 76 -22.14 34.10 2.61
CA ASP F 76 -21.96 34.15 4.07
C ASP F 76 -22.59 35.38 4.72
N ILE F 77 -22.97 35.24 6.00
CA ILE F 77 -23.44 36.34 6.82
C ILE F 77 -22.55 36.45 8.06
N ALA F 78 -22.02 37.65 8.32
CA ALA F 78 -21.40 37.94 9.60
C ALA F 78 -22.38 38.79 10.37
N ARG F 79 -22.44 38.62 11.69
CA ARG F 79 -23.40 39.37 12.48
C ARG F 79 -22.62 40.24 13.44
N ILE F 80 -22.95 41.53 13.45
CA ILE F 80 -22.28 42.52 14.29
C ILE F 80 -23.30 42.91 15.34
N SER F 81 -23.02 42.59 16.61
CA SER F 81 -24.02 42.75 17.65
C SER F 81 -24.44 44.22 17.84
N LEU F 82 -23.48 45.15 17.82
CA LEU F 82 -23.77 46.58 17.90
C LEU F 82 -22.91 47.38 16.94
N PHE F 83 -23.53 48.32 16.20
CA PHE F 83 -22.78 49.19 15.28
C PHE F 83 -23.33 50.59 15.34
N THR F 84 -22.46 51.55 15.59
CA THR F 84 -22.87 52.92 15.64
C THR F 84 -22.69 53.60 14.28
N LEU F 85 -23.81 54.00 13.67
CA LEU F 85 -23.78 54.82 12.45
C LEU F 85 -23.17 56.16 12.71
N GLU F 86 -22.68 56.84 11.69
CA GLU F 86 -22.09 58.16 11.94
C GLU F 86 -23.11 59.25 12.32
N SER F 87 -24.40 58.94 12.15
CA SER F 87 -25.45 59.80 12.64
C SER F 87 -25.56 59.74 14.18
N GLY F 88 -25.05 58.66 14.77
CA GLY F 88 -25.20 58.42 16.19
C GLY F 88 -26.22 57.33 16.43
N VAL F 89 -26.99 56.96 15.41
CA VAL F 89 -27.95 55.87 15.59
C VAL F 89 -27.16 54.57 15.75
N ILE F 90 -27.67 53.65 16.58
CA ILE F 90 -27.01 52.40 16.84
C ILE F 90 -27.85 51.30 16.26
N LEU F 91 -27.24 50.46 15.43
CA LEU F 91 -27.92 49.29 14.90
C LEU F 91 -27.48 48.12 15.75
N ARG F 92 -28.34 47.10 15.85
CA ARG F 92 -28.12 45.96 16.74
C ARG F 92 -28.33 44.68 15.98
N ASP F 93 -27.50 43.70 16.24
CA ASP F 93 -27.69 42.37 15.64
C ASP F 93 -27.61 42.48 14.11
N VAL F 94 -26.56 43.17 13.65
CA VAL F 94 -26.47 43.63 12.24
C VAL F 94 -25.92 42.56 11.30
N PRO F 95 -26.75 42.03 10.40
CA PRO F 95 -26.13 41.13 9.43
C PRO F 95 -25.36 41.87 8.31
N VAL F 96 -24.27 41.28 7.86
CA VAL F 96 -23.52 41.82 6.74
C VAL F 96 -23.29 40.61 5.87
N ALA F 97 -23.95 40.56 4.72
CA ALA F 97 -23.73 39.50 3.75
C ALA F 97 -22.49 39.75 2.91
N TYR F 98 -21.87 38.66 2.47
CA TYR F 98 -20.70 38.77 1.63
C TYR F 98 -20.52 37.51 0.86
N LYS F 99 -19.76 37.60 -0.20
CA LYS F 99 -19.46 36.45 -1.00
C LYS F 99 -17.98 36.60 -1.34
N SER F 100 -17.21 35.51 -1.20
CA SER F 100 -15.80 35.50 -1.56
C SER F 100 -15.47 34.39 -2.56
N TRP F 101 -14.31 34.51 -3.19
CA TRP F 101 -13.82 33.54 -4.16
C TRP F 101 -12.35 33.41 -3.87
N GLY F 102 -11.84 32.18 -3.92
CA GLY F 102 -10.43 31.96 -3.72
C GLY F 102 -10.13 31.84 -2.25
N ARG F 103 -8.87 32.01 -1.90
CA ARG F 103 -8.39 31.63 -0.60
C ARG F 103 -7.31 32.63 -0.23
N MET F 104 -7.23 33.01 1.03
CA MET F 104 -6.13 33.85 1.48
C MET F 104 -4.80 33.07 1.49
N ASN F 105 -3.71 33.76 1.18
CA ASN F 105 -2.39 33.18 1.34
C ASN F 105 -1.95 33.15 2.81
N VAL F 106 -0.74 32.64 3.03
CA VAL F 106 -0.21 32.46 4.39
C VAL F 106 -0.11 33.80 5.12
N SER F 107 0.33 34.82 4.40
CA SER F 107 0.43 36.18 4.93
C SER F 107 -0.89 36.90 5.02
N ARG F 108 -1.95 36.34 4.43
CA ARG F 108 -3.29 36.92 4.51
C ARG F 108 -3.30 38.39 3.95
N ASP F 109 -2.53 38.61 2.88
CA ASP F 109 -2.32 39.94 2.31
C ASP F 109 -2.58 39.97 0.79
N ASN F 110 -3.32 38.97 0.30
CA ASN F 110 -3.65 38.86 -1.11
C ASN F 110 -5.14 39.12 -1.30
N CYS F 111 -5.73 39.99 -0.47
CA CYS F 111 -7.16 40.26 -0.49
C CYS F 111 -7.50 41.31 -1.53
N VAL F 112 -8.48 41.01 -2.36
CA VAL F 112 -9.02 42.02 -3.29
C VAL F 112 -10.48 42.25 -2.95
N ILE F 113 -10.81 43.51 -2.66
CA ILE F 113 -12.19 43.92 -2.36
C ILE F 113 -12.86 44.49 -3.63
N VAL F 114 -14.00 43.96 -3.97
CA VAL F 114 -14.76 44.49 -5.05
C VAL F 114 -15.96 45.13 -4.42
N CYS F 115 -16.26 46.38 -4.82
CA CYS F 115 -17.38 47.07 -4.25
C CYS F 115 -18.45 47.08 -5.32
N HIS F 116 -19.66 46.66 -4.95
CA HIS F 116 -20.74 46.44 -5.94
C HIS F 116 -21.53 47.73 -6.27
N THR F 117 -22.57 47.59 -7.08
CA THR F 117 -23.27 48.78 -7.60
C THR F 117 -24.60 48.91 -6.82
N LEU F 118 -25.28 50.04 -7.01
CA LEU F 118 -26.56 50.36 -6.39
C LEU F 118 -27.58 49.20 -6.25
N THR F 119 -27.84 48.48 -7.31
CA THR F 119 -28.94 47.52 -7.29
C THR F 119 -28.48 46.04 -7.40
N SER F 120 -27.16 45.82 -7.37
CA SER F 120 -26.66 44.45 -7.38
C SER F 120 -26.54 43.91 -5.96
N SER F 121 -26.30 42.60 -5.88
CA SER F 121 -25.98 41.91 -4.65
C SER F 121 -24.48 41.85 -4.62
N ALA F 122 -23.93 41.13 -3.66
CA ALA F 122 -22.47 40.90 -3.55
C ALA F 122 -21.92 39.91 -4.64
N HIS F 123 -22.83 39.28 -5.40
CA HIS F 123 -22.41 38.28 -6.39
C HIS F 123 -21.93 38.89 -7.71
N VAL F 124 -20.71 39.41 -7.65
CA VAL F 124 -20.09 40.21 -8.73
C VAL F 124 -19.99 39.42 -10.04
N THR F 125 -19.87 38.09 -9.90
CA THR F 125 -19.86 37.19 -11.04
C THR F 125 -21.10 37.31 -11.95
N SER F 126 -22.24 37.70 -11.40
CA SER F 126 -23.44 37.77 -12.16
C SER F 126 -23.53 38.97 -13.13
N TRP F 127 -22.67 39.98 -13.00
CA TRP F 127 -22.64 41.06 -13.97
C TRP F 127 -21.23 41.42 -14.49
N TRP F 128 -20.22 40.91 -13.80
CA TRP F 128 -18.83 41.06 -14.23
C TRP F 128 -18.16 39.67 -14.37
N PRO F 129 -18.86 38.70 -15.04
CA PRO F 129 -18.30 37.32 -15.08
C PRO F 129 -16.94 37.25 -15.73
N THR F 130 -16.67 38.07 -16.72
CA THR F 130 -15.44 37.91 -17.47
C THR F 130 -14.22 38.53 -16.80
N LEU F 131 -14.41 39.13 -15.61
CA LEU F 131 -13.25 39.63 -14.81
C LEU F 131 -12.72 38.57 -13.87
N PHE F 132 -13.41 37.43 -13.78
CA PHE F 132 -13.03 36.30 -12.91
C PHE F 132 -12.31 35.17 -13.65
N GLY F 133 -11.30 34.57 -13.01
CA GLY F 133 -10.65 33.38 -13.56
C GLY F 133 -9.15 33.54 -13.75
N GLN F 134 -8.49 32.40 -13.99
CA GLN F 134 -7.03 32.34 -14.16
C GLN F 134 -6.62 33.33 -15.23
N GLY F 135 -5.66 34.20 -14.94
CA GLY F 135 -5.18 35.17 -15.92
C GLY F 135 -6.08 36.38 -16.16
N ARG F 136 -7.22 36.45 -15.46
CA ARG F 136 -8.11 37.63 -15.50
C ARG F 136 -7.81 38.53 -14.29
N ALA F 137 -8.48 39.68 -14.20
CA ALA F 137 -8.27 40.64 -13.10
C ALA F 137 -8.52 39.99 -11.72
N PHE F 138 -9.68 39.36 -11.56
CA PHE F 138 -10.04 38.72 -10.32
C PHE F 138 -9.62 37.23 -10.39
N ASP F 139 -8.31 37.03 -10.25
CA ASP F 139 -7.67 35.76 -10.54
C ASP F 139 -7.64 35.00 -9.22
N THR F 140 -8.56 34.06 -9.07
CA THR F 140 -8.72 33.33 -7.81
C THR F 140 -7.56 32.38 -7.53
N SER F 141 -6.57 32.33 -8.41
CA SER F 141 -5.39 31.52 -8.15
C SER F 141 -4.31 32.37 -7.52
N ARG F 142 -4.53 33.68 -7.54
CA ARG F 142 -3.60 34.61 -6.88
C ARG F 142 -4.23 35.31 -5.69
N TYR F 143 -5.54 35.56 -5.75
CA TYR F 143 -6.17 36.46 -4.82
C TYR F 143 -7.33 35.82 -4.11
N PHE F 144 -7.57 36.30 -2.90
CA PHE F 144 -8.84 36.08 -2.18
C PHE F 144 -9.76 37.26 -2.51
N ILE F 145 -10.77 37.02 -3.35
CA ILE F 145 -11.64 38.12 -3.83
C ILE F 145 -12.88 38.17 -2.94
N ILE F 146 -13.17 39.34 -2.38
CA ILE F 146 -14.35 39.49 -1.58
C ILE F 146 -15.23 40.70 -1.94
N CYS F 147 -16.54 40.50 -1.89
CA CYS F 147 -17.49 41.59 -2.08
C CYS F 147 -18.54 41.47 -0.98
N LEU F 148 -18.75 42.58 -0.24
CA LEU F 148 -19.70 42.64 0.88
C LEU F 148 -20.87 43.53 0.47
N ASN F 149 -22.08 43.11 0.85
CA ASN F 149 -23.32 43.80 0.55
C ASN F 149 -23.44 45.09 1.41
N TYR F 150 -23.85 46.21 0.78
CA TYR F 150 -23.98 47.48 1.46
C TYR F 150 -25.17 47.44 2.40
N LEU F 151 -25.11 48.24 3.45
CA LEU F 151 -26.28 48.46 4.28
C LEU F 151 -27.38 49.15 3.43
N GLY F 152 -28.63 48.76 3.63
CA GLY F 152 -29.70 49.43 2.90
C GLY F 152 -30.12 48.63 1.70
N SER F 153 -29.31 47.64 1.36
CA SER F 153 -29.55 46.74 0.23
C SER F 153 -30.51 45.58 0.65
N PRO F 154 -31.32 45.04 -0.32
CA PRO F 154 -32.18 43.88 0.01
C PRO F 154 -31.47 42.54 -0.01
N PHE F 155 -30.16 42.52 -0.26
CA PHE F 155 -29.49 41.27 -0.62
C PHE F 155 -28.68 40.56 0.49
N GLY F 156 -29.06 40.82 1.76
CA GLY F 156 -28.52 40.07 2.90
C GLY F 156 -28.01 40.91 4.04
N SER F 157 -27.39 42.09 3.75
CA SER F 157 -26.96 42.98 4.79
C SER F 157 -28.18 43.70 5.38
N ALA F 158 -27.99 44.32 6.54
CA ALA F 158 -29.06 45.03 7.23
C ALA F 158 -29.60 46.10 6.28
N GLY F 159 -30.93 46.14 6.15
CA GLY F 159 -31.63 47.25 5.52
C GLY F 159 -33.11 47.06 5.69
N PRO F 160 -33.90 47.83 4.92
CA PRO F 160 -35.38 47.78 4.99
C PRO F 160 -36.01 46.40 4.99
N CYS F 161 -35.39 45.46 4.27
CA CYS F 161 -35.95 44.10 4.12
C CYS F 161 -35.54 43.10 5.22
N SER F 162 -34.68 43.53 6.14
CA SER F 162 -34.11 42.58 7.09
C SER F 162 -34.80 42.76 8.45
N PRO F 163 -34.81 41.69 9.29
CA PRO F 163 -35.56 41.75 10.55
C PRO F 163 -35.13 42.90 11.45
N ASP F 164 -36.08 43.63 11.98
CA ASP F 164 -35.81 44.70 12.95
C ASP F 164 -35.75 44.07 14.36
N PRO F 165 -34.53 44.09 14.98
CA PRO F 165 -34.35 43.42 16.29
C PRO F 165 -35.25 44.00 17.39
N ASP F 166 -35.69 45.25 17.22
CA ASP F 166 -36.53 45.90 18.22
C ASP F 166 -38.04 45.70 18.01
N ALA F 167 -38.42 44.71 17.18
CA ALA F 167 -39.83 44.45 16.91
C ALA F 167 -40.23 43.05 17.39
N PRO F 172 -39.67 43.40 9.60
CA PRO F 172 -38.50 44.05 9.01
C PRO F 172 -38.49 45.51 9.35
N TYR F 173 -37.33 46.18 9.22
CA TYR F 173 -37.21 47.61 9.50
C TYR F 173 -38.16 48.42 8.64
N GLY F 174 -38.41 47.95 7.40
CA GLY F 174 -39.26 48.65 6.43
C GLY F 174 -38.82 50.09 6.20
N ALA F 175 -39.75 51.02 6.37
CA ALA F 175 -39.46 52.43 6.09
C ALA F 175 -38.63 53.09 7.19
N LYS F 176 -38.36 52.34 8.25
CA LYS F 176 -37.72 52.92 9.42
C LYS F 176 -36.22 52.56 9.52
N PHE F 177 -35.65 51.97 8.45
CA PHE F 177 -34.21 51.72 8.44
C PHE F 177 -33.45 53.05 8.46
N PRO F 178 -32.53 53.22 9.43
CA PRO F 178 -31.76 54.45 9.56
C PRO F 178 -30.92 54.85 8.33
N ARG F 179 -30.71 56.16 8.11
CA ARG F 179 -29.78 56.64 7.09
C ARG F 179 -28.37 56.16 7.38
N THR F 180 -27.73 55.63 6.34
CA THR F 180 -26.36 55.15 6.41
C THR F 180 -25.56 55.90 5.37
N THR F 181 -24.27 56.09 5.65
CA THR F 181 -23.39 56.73 4.69
C THR F 181 -22.49 55.71 3.98
N ILE F 182 -21.75 56.17 2.99
CA ILE F 182 -20.73 55.36 2.30
C ILE F 182 -19.69 54.92 3.38
N ARG F 183 -19.31 55.84 4.26
CA ARG F 183 -18.36 55.58 5.35
C ARG F 183 -18.85 54.53 6.38
N ASP F 184 -20.12 54.55 6.77
CA ASP F 184 -20.71 53.46 7.56
C ASP F 184 -20.48 52.11 6.92
N ASP F 185 -20.72 52.01 5.61
CA ASP F 185 -20.49 50.75 4.87
C ASP F 185 -19.04 50.29 4.97
N VAL F 186 -18.11 51.19 4.67
CA VAL F 186 -16.71 50.84 4.66
C VAL F 186 -16.30 50.38 6.08
N ARG F 187 -16.81 51.10 7.08
CA ARG F 187 -16.48 50.82 8.47
C ARG F 187 -17.01 49.49 8.95
N ILE F 188 -18.27 49.16 8.65
CA ILE F 188 -18.80 47.86 9.02
C ILE F 188 -18.26 46.70 8.18
N HIS F 189 -17.95 46.94 6.90
CA HIS F 189 -17.22 45.96 6.09
C HIS F 189 -15.82 45.68 6.64
N ARG F 190 -15.09 46.72 7.06
CA ARG F 190 -13.78 46.51 7.64
C ARG F 190 -13.83 45.67 8.96
N GLN F 191 -14.88 45.85 9.75
CA GLN F 191 -15.16 44.98 10.88
C GLN F 191 -15.27 43.49 10.53
N VAL F 192 -16.05 43.17 9.52
CA VAL F 192 -16.13 41.81 8.98
C VAL F 192 -14.74 41.28 8.54
N LEU F 193 -13.99 42.09 7.80
CA LEU F 193 -12.67 41.65 7.34
C LEU F 193 -11.76 41.30 8.53
N ASP F 194 -11.89 42.08 9.61
CA ASP F 194 -11.06 41.93 10.82
C ASP F 194 -11.41 40.62 11.52
N ARG F 195 -12.69 40.28 11.54
CA ARG F 195 -13.11 38.95 11.96
C ARG F 195 -12.67 37.76 11.11
N LEU F 196 -12.56 37.97 9.79
CA LEU F 196 -12.07 36.95 8.87
C LEU F 196 -10.53 36.85 8.90
N GLY F 197 -9.87 37.84 9.48
CA GLY F 197 -8.44 37.80 9.63
C GLY F 197 -7.65 38.29 8.45
N VAL F 198 -8.22 39.23 7.70
CA VAL F 198 -7.51 39.85 6.59
C VAL F 198 -6.44 40.77 7.16
N ARG F 199 -5.20 40.60 6.69
CA ARG F 199 -4.06 41.38 7.17
C ARG F 199 -3.84 42.65 6.37
N GLN F 200 -3.98 42.50 5.06
CA GLN F 200 -3.73 43.58 4.17
C GLN F 200 -4.54 43.39 2.90
N ILE F 201 -4.96 44.51 2.32
CA ILE F 201 -5.71 44.47 1.07
C ILE F 201 -4.84 44.85 -0.13
N ALA F 202 -4.69 43.90 -1.05
CA ALA F 202 -3.91 44.11 -2.26
C ALA F 202 -4.48 45.21 -3.17
N ALA F 203 -5.80 45.24 -3.34
CA ALA F 203 -6.46 46.30 -4.09
C ALA F 203 -7.92 46.37 -3.71
N VAL F 204 -8.48 47.57 -3.81
CA VAL F 204 -9.92 47.72 -3.92
C VAL F 204 -10.42 48.28 -5.26
N VAL F 205 -11.45 47.64 -5.79
CA VAL F 205 -11.95 47.92 -7.14
C VAL F 205 -13.48 48.12 -7.06
N GLY F 206 -13.96 49.21 -7.61
CA GLY F 206 -15.38 49.40 -7.73
C GLY F 206 -15.74 50.49 -8.71
N ALA F 207 -16.94 50.35 -9.25
CA ALA F 207 -17.48 51.21 -10.25
C ALA F 207 -18.77 51.83 -9.76
N SER F 208 -18.99 53.09 -10.16
CA SER F 208 -20.18 53.82 -9.85
C SER F 208 -20.29 54.06 -8.35
N MET F 209 -21.41 53.64 -7.73
CA MET F 209 -21.48 53.61 -6.26
C MET F 209 -20.26 52.95 -5.62
N GLY F 210 -19.82 51.81 -6.18
CA GLY F 210 -18.66 51.12 -5.67
C GLY F 210 -17.38 51.89 -5.76
N GLY F 211 -17.33 52.87 -6.69
CA GLY F 211 -16.17 53.74 -6.80
C GLY F 211 -16.09 54.69 -5.63
N MET F 212 -17.24 55.01 -5.04
CA MET F 212 -17.31 55.92 -3.91
C MET F 212 -16.72 55.27 -2.65
N HIS F 213 -17.23 54.09 -2.31
CA HIS F 213 -16.63 53.17 -1.33
C HIS F 213 -15.16 52.91 -1.54
N THR F 214 -14.77 52.63 -2.80
CA THR F 214 -13.38 52.47 -3.13
C THR F 214 -12.47 53.62 -2.65
N LEU F 215 -12.87 54.85 -2.98
CA LEU F 215 -12.21 56.06 -2.50
C LEU F 215 -12.16 56.14 -0.96
N GLU F 216 -13.27 55.83 -0.31
CA GLU F 216 -13.30 55.84 1.14
C GLU F 216 -12.40 54.74 1.75
N TRP F 217 -12.36 53.54 1.13
CA TRP F 217 -11.44 52.49 1.58
C TRP F 217 -10.00 53.01 1.65
N ALA F 218 -9.62 53.88 0.69
CA ALA F 218 -8.24 54.39 0.60
C ALA F 218 -7.76 55.08 1.90
N PHE F 219 -8.70 55.67 2.62
CA PHE F 219 -8.36 56.48 3.77
C PHE F 219 -7.99 55.64 5.02
N PHE F 220 -8.10 54.30 4.94
CA PHE F 220 -7.42 53.45 5.93
C PHE F 220 -5.90 53.55 5.85
N GLY F 221 -5.36 54.02 4.73
CA GLY F 221 -3.89 54.22 4.56
C GLY F 221 -3.25 53.13 3.74
N PRO F 222 -2.04 53.40 3.19
CA PRO F 222 -1.36 52.52 2.23
C PRO F 222 -0.83 51.24 2.85
N GLU F 223 -0.92 51.14 4.18
CA GLU F 223 -0.42 49.99 4.87
C GLU F 223 -1.50 48.93 4.94
N TYR F 224 -2.76 49.34 4.99
CA TYR F 224 -3.85 48.39 5.00
C TYR F 224 -4.42 48.17 3.58
N VAL F 225 -4.56 49.26 2.82
CA VAL F 225 -5.07 49.20 1.44
C VAL F 225 -3.96 49.62 0.46
N ARG F 226 -3.45 48.68 -0.33
CA ARG F 226 -2.22 48.95 -1.11
C ARG F 226 -2.48 49.72 -2.41
N LYS F 227 -3.65 49.51 -2.99
CA LYS F 227 -3.98 50.04 -4.30
C LYS F 227 -5.49 50.27 -4.41
N ILE F 228 -5.88 51.27 -5.22
CA ILE F 228 -7.28 51.46 -5.51
C ILE F 228 -7.57 51.59 -6.99
N VAL F 229 -8.76 51.11 -7.40
CA VAL F 229 -9.25 51.28 -8.76
C VAL F 229 -10.66 51.84 -8.74
N PRO F 230 -10.78 53.17 -8.58
CA PRO F 230 -12.09 53.83 -8.77
C PRO F 230 -12.50 53.95 -10.25
N ILE F 231 -13.72 53.53 -10.55
CA ILE F 231 -14.19 53.49 -11.94
C ILE F 231 -15.54 54.23 -12.05
N ALA F 232 -15.65 55.16 -13.00
CA ALA F 232 -16.96 55.78 -13.32
C ALA F 232 -17.66 56.29 -12.06
N THR F 233 -17.03 57.24 -11.36
CA THR F 233 -17.48 57.56 -10.02
C THR F 233 -17.24 59.03 -9.68
N SER F 234 -17.56 59.42 -8.45
CA SER F 234 -17.26 60.76 -7.97
C SER F 234 -16.61 60.79 -6.56
N CYS F 235 -16.05 61.96 -6.22
CA CYS F 235 -15.46 62.25 -4.88
C CYS F 235 -16.46 62.75 -3.84
N ARG F 236 -17.57 63.33 -4.31
CA ARG F 236 -18.67 63.74 -3.45
C ARG F 236 -19.95 63.82 -4.27
N GLN F 237 -21.11 63.94 -3.64
CA GLN F 237 -22.37 64.15 -4.39
C GLN F 237 -22.32 65.47 -5.19
N SER F 238 -22.82 65.42 -6.44
CA SER F 238 -23.00 66.63 -7.28
C SER F 238 -24.47 66.98 -7.34
N GLY F 239 -24.80 68.24 -7.63
CA GLY F 239 -26.18 68.64 -7.81
C GLY F 239 -26.85 67.90 -8.95
N TRP F 240 -26.09 67.58 -9.98
CA TRP F 240 -26.60 66.82 -11.14
C TRP F 240 -27.11 65.45 -10.79
N CYS F 241 -26.28 64.64 -10.13
CA CYS F 241 -26.71 63.31 -9.66
C CYS F 241 -27.74 63.32 -8.55
N ALA F 242 -27.63 64.29 -7.64
CA ALA F 242 -28.68 64.43 -6.63
C ALA F 242 -30.05 64.65 -7.28
N ALA F 243 -30.10 65.51 -8.31
CA ALA F 243 -31.39 65.83 -9.02
C ALA F 243 -31.95 64.64 -9.72
N TRP F 244 -31.13 63.93 -10.48
CA TRP F 244 -31.58 62.69 -11.15
C TRP F 244 -32.13 61.61 -10.19
N PHE F 245 -31.43 61.39 -9.11
CA PHE F 245 -31.85 60.38 -8.14
C PHE F 245 -33.04 60.79 -7.28
N GLU F 246 -33.12 62.07 -6.91
CA GLU F 246 -34.28 62.63 -6.22
C GLU F 246 -35.57 62.49 -7.10
N THR F 247 -35.44 62.85 -8.38
CA THR F 247 -36.54 62.62 -9.38
C THR F 247 -37.01 61.15 -9.36
N GLN F 248 -36.05 60.21 -9.37
CA GLN F 248 -36.41 58.79 -9.27
C GLN F 248 -37.15 58.45 -7.96
N ARG F 249 -36.64 58.94 -6.85
CA ARG F 249 -37.29 58.71 -5.54
C ARG F 249 -38.73 59.28 -5.52
N GLN F 250 -38.91 60.52 -5.96
CA GLN F 250 -40.27 61.11 -6.11
C GLN F 250 -41.29 60.31 -6.92
N CYS F 251 -40.85 59.61 -7.99
CA CYS F 251 -41.71 58.64 -8.68
C CYS F 251 -42.25 57.61 -7.74
N ILE F 252 -41.39 57.11 -6.82
CA ILE F 252 -41.82 56.13 -5.81
C ILE F 252 -42.73 56.80 -4.74
N TYR F 253 -42.29 57.93 -4.20
CA TYR F 253 -43.11 58.65 -3.23
C TYR F 253 -44.52 58.96 -3.77
N ASP F 254 -44.66 59.08 -5.10
CA ASP F 254 -45.90 59.55 -5.72
C ASP F 254 -46.80 58.43 -6.14
N ASP F 255 -46.27 57.21 -6.14
CA ASP F 255 -47.05 56.01 -6.40
C ASP F 255 -47.98 55.74 -5.21
N PRO F 256 -49.31 55.66 -5.47
CA PRO F 256 -50.26 55.48 -4.33
C PRO F 256 -50.05 54.16 -3.59
N LYS F 257 -49.42 53.19 -4.23
CA LYS F 257 -49.10 51.88 -3.62
C LYS F 257 -47.94 51.95 -2.62
N TYR F 258 -47.26 53.09 -2.56
CA TYR F 258 -46.08 53.24 -1.71
C TYR F 258 -46.44 53.35 -0.23
N LEU F 259 -47.53 54.07 0.05
CA LEU F 259 -48.12 54.14 1.41
C LEU F 259 -47.11 54.59 2.46
N ASP F 260 -46.31 55.60 2.12
CA ASP F 260 -45.26 56.09 3.04
C ASP F 260 -44.20 55.06 3.44
N GLY F 261 -44.04 54.04 2.63
CA GLY F 261 -43.07 53.00 2.93
C GLY F 261 -43.69 51.78 3.59
N GLU F 262 -45.00 51.86 3.86
CA GLU F 262 -45.68 50.79 4.62
C GLU F 262 -46.35 49.77 3.72
N TYR F 263 -45.98 49.74 2.45
CA TYR F 263 -46.54 48.77 1.51
C TYR F 263 -46.18 47.35 1.90
N ASP F 264 -47.00 46.37 1.47
CA ASP F 264 -46.65 44.93 1.59
C ASP F 264 -45.56 44.54 0.57
N VAL F 265 -44.58 43.74 1.00
CA VAL F 265 -43.42 43.43 0.15
C VAL F 265 -43.79 42.82 -1.21
N ASP F 266 -44.98 42.22 -1.27
CA ASP F 266 -45.44 41.58 -2.51
C ASP F 266 -46.45 42.46 -3.26
N ASP F 267 -46.72 43.66 -2.73
CA ASP F 267 -47.53 44.67 -3.41
C ASP F 267 -46.74 46.01 -3.46
N GLN F 268 -45.57 45.97 -4.11
CA GLN F 268 -44.65 47.11 -4.24
C GLN F 268 -45.32 48.28 -4.96
N PRO F 269 -44.81 49.52 -4.77
CA PRO F 269 -45.12 50.60 -5.70
C PRO F 269 -44.41 50.38 -7.08
N VAL F 270 -44.91 49.42 -7.84
CA VAL F 270 -44.37 49.01 -9.12
C VAL F 270 -44.26 50.09 -10.21
N ARG F 271 -45.26 50.97 -10.32
CA ARG F 271 -45.20 52.06 -11.29
C ARG F 271 -44.06 52.98 -10.96
N GLY F 272 -43.90 53.31 -9.69
CA GLY F 272 -42.83 54.18 -9.26
C GLY F 272 -41.45 53.62 -9.50
N LEU F 273 -41.30 52.33 -9.20
CA LEU F 273 -40.03 51.64 -9.46
C LEU F 273 -39.72 51.51 -10.96
N GLU F 274 -40.77 51.19 -11.75
CA GLU F 274 -40.65 51.13 -13.19
C GLU F 274 -40.13 52.44 -13.76
N THR F 275 -40.79 53.54 -13.39
CA THR F 275 -40.43 54.86 -13.91
C THR F 275 -39.02 55.29 -13.47
N ALA F 276 -38.70 55.02 -12.20
CA ALA F 276 -37.36 55.27 -11.65
C ALA F 276 -36.29 54.59 -12.48
N ARG F 277 -36.51 53.31 -12.80
CA ARG F 277 -35.55 52.57 -13.64
C ARG F 277 -35.45 53.01 -15.09
N LYS F 278 -36.58 53.37 -15.71
CA LYS F 278 -36.53 53.95 -17.08
C LYS F 278 -35.62 55.19 -17.09
N ILE F 279 -35.86 56.09 -16.16
CA ILE F 279 -35.02 57.29 -16.08
C ILE F 279 -33.54 56.88 -15.85
N ALA F 280 -33.30 56.05 -14.84
CA ALA F 280 -31.93 55.61 -14.51
C ALA F 280 -31.20 54.98 -15.71
N ASN F 281 -31.85 54.02 -16.35
CA ASN F 281 -31.34 53.43 -17.59
C ASN F 281 -30.86 54.42 -18.62
N LEU F 282 -31.64 55.45 -18.89
CA LEU F 282 -31.23 56.42 -19.91
C LEU F 282 -30.07 57.26 -19.48
N THR F 283 -30.03 57.66 -18.19
CA THR F 283 -28.85 58.39 -17.65
C THR F 283 -27.58 57.52 -17.70
N TYR F 284 -27.77 56.21 -17.77
CA TYR F 284 -26.63 55.26 -17.83
C TYR F 284 -26.09 55.07 -19.26
N LYS F 285 -26.82 55.57 -20.24
CA LYS F 285 -26.46 55.42 -21.65
C LYS F 285 -25.99 56.75 -22.21
N SER F 286 -25.83 56.82 -23.52
CA SER F 286 -25.43 58.06 -24.13
C SER F 286 -26.25 58.20 -25.39
N LYS F 287 -26.15 59.38 -25.99
CA LYS F 287 -26.90 59.70 -27.21
C LYS F 287 -26.47 58.80 -28.35
N PRO F 288 -25.16 58.69 -28.63
CA PRO F 288 -24.69 57.75 -29.69
C PRO F 288 -25.12 56.29 -29.46
N ALA F 289 -25.16 55.83 -28.20
CA ALA F 289 -25.55 54.45 -27.91
C ALA F 289 -27.00 54.25 -28.23
N MET F 290 -27.84 55.18 -27.80
CA MET F 290 -29.27 55.06 -28.05
C MET F 290 -29.60 55.26 -29.52
N ASP F 291 -28.83 56.11 -30.19
CA ASP F 291 -29.05 56.35 -31.61
C ASP F 291 -28.69 55.14 -32.48
N GLU F 292 -27.70 54.35 -32.04
CA GLU F 292 -27.37 53.07 -32.67
C GLU F 292 -28.48 52.06 -32.44
N ARG F 293 -29.04 52.04 -31.23
CA ARG F 293 -30.04 51.04 -30.86
C ARG F 293 -31.37 51.31 -31.55
N PHE F 294 -31.71 52.58 -31.74
CA PHE F 294 -33.01 52.95 -32.29
C PHE F 294 -32.82 54.09 -33.25
N HIS F 295 -33.29 53.90 -34.48
CA HIS F 295 -33.16 54.90 -35.54
C HIS F 295 -34.28 54.79 -36.57
N MET F 296 -34.50 55.89 -37.29
CA MET F 296 -35.46 55.91 -38.41
C MET F 296 -34.94 55.15 -39.64
N GLY F 327 -36.15 46.45 -31.03
CA GLY F 327 -34.97 46.70 -31.84
C GLY F 327 -35.13 47.96 -32.68
N GLN F 328 -34.32 48.10 -33.72
CA GLN F 328 -33.94 49.42 -34.22
C GLN F 328 -34.96 50.46 -34.74
N PRO F 329 -36.19 50.07 -35.17
CA PRO F 329 -37.07 51.21 -35.51
C PRO F 329 -37.49 52.05 -34.29
N ILE F 330 -37.82 53.31 -34.52
CA ILE F 330 -38.16 54.20 -33.39
C ILE F 330 -39.42 53.75 -32.67
N GLU F 331 -40.29 53.07 -33.40
CA GLU F 331 -41.50 52.48 -32.86
C GLU F 331 -41.23 51.44 -31.75
N ALA F 332 -40.04 50.79 -31.79
CA ALA F 332 -39.64 49.75 -30.82
C ALA F 332 -39.16 50.29 -29.45
N VAL F 333 -38.99 51.63 -29.34
CA VAL F 333 -38.49 52.27 -28.12
C VAL F 333 -39.42 52.05 -26.95
N SER F 334 -40.72 52.12 -27.21
CA SER F 334 -41.73 51.99 -26.18
C SER F 334 -41.59 50.65 -25.46
N SER F 335 -41.64 49.58 -26.26
CA SER F 335 -41.52 48.21 -25.80
C SER F 335 -40.22 47.99 -25.04
N TYR F 336 -39.12 48.51 -25.56
CA TYR F 336 -37.85 48.42 -24.92
C TYR F 336 -37.85 49.06 -23.49
N LEU F 337 -38.43 50.25 -23.35
CA LEU F 337 -38.54 50.94 -22.06
C LEU F 337 -39.43 50.16 -21.04
N ARG F 338 -40.58 49.66 -21.50
CA ARG F 338 -41.45 48.86 -20.64
C ARG F 338 -40.72 47.58 -20.18
N TYR F 339 -39.99 46.94 -21.08
CA TYR F 339 -39.34 45.68 -20.73
C TYR F 339 -38.28 45.85 -19.66
N GLN F 340 -37.38 46.81 -19.89
CA GLN F 340 -36.34 47.20 -18.92
C GLN F 340 -36.89 47.50 -17.53
N ALA F 341 -37.95 48.32 -17.51
CA ALA F 341 -38.60 48.83 -16.29
C ALA F 341 -39.24 47.71 -15.47
N GLN F 342 -40.06 46.90 -16.13
CA GLN F 342 -40.75 45.76 -15.52
C GLN F 342 -39.80 44.72 -14.91
N LYS F 343 -38.74 44.43 -15.63
CA LYS F 343 -37.70 43.55 -15.19
C LYS F 343 -37.15 44.01 -13.83
N PHE F 344 -36.76 45.28 -13.75
CA PHE F 344 -36.22 45.83 -12.51
C PHE F 344 -37.24 45.84 -11.39
N ALA F 345 -38.47 46.28 -11.68
CA ALA F 345 -39.53 46.48 -10.66
C ALA F 345 -39.96 45.17 -10.01
N ALA F 346 -39.62 44.06 -10.64
CA ALA F 346 -40.06 42.73 -10.17
C ALA F 346 -38.99 42.14 -9.26
N SER F 347 -37.78 42.71 -9.31
CA SER F 347 -36.63 42.12 -8.66
C SER F 347 -35.89 43.07 -7.71
N PHE F 348 -36.52 44.20 -7.32
CA PHE F 348 -35.92 45.10 -6.31
C PHE F 348 -36.97 45.64 -5.37
N ASP F 349 -36.53 46.23 -4.26
CA ASP F 349 -37.45 46.76 -3.25
C ASP F 349 -37.41 48.27 -3.21
N ALA F 350 -38.57 48.92 -3.07
CA ALA F 350 -38.69 50.40 -3.15
C ALA F 350 -38.02 51.13 -1.99
N ASN F 351 -38.25 50.64 -0.78
CA ASN F 351 -37.62 51.20 0.41
C ASN F 351 -36.11 51.11 0.32
N CYS F 352 -35.59 49.95 -0.14
CA CYS F 352 -34.15 49.79 -0.36
C CYS F 352 -33.62 50.74 -1.44
N TYR F 353 -34.42 50.96 -2.48
CA TYR F 353 -34.01 51.91 -3.55
C TYR F 353 -33.87 53.31 -3.03
N ILE F 354 -34.79 53.69 -2.17
CA ILE F 354 -34.73 54.98 -1.47
C ILE F 354 -33.54 55.05 -0.54
N ALA F 355 -33.39 54.07 0.34
CA ALA F 355 -32.27 53.99 1.31
C ALA F 355 -30.92 54.13 0.60
N MET F 356 -30.74 53.34 -0.45
CA MET F 356 -29.46 53.27 -1.16
C MET F 356 -29.09 54.50 -1.98
N THR F 357 -30.05 55.04 -2.73
CA THR F 357 -29.80 56.29 -3.47
C THR F 357 -29.54 57.49 -2.56
N LEU F 358 -30.20 57.54 -1.42
CA LEU F 358 -29.93 58.56 -0.40
C LEU F 358 -28.51 58.54 0.13
N LYS F 359 -27.86 57.38 0.09
CA LYS F 359 -26.42 57.22 0.45
C LYS F 359 -25.55 58.07 -0.43
N PHE F 360 -25.96 58.21 -1.70
CA PHE F 360 -25.22 59.06 -2.67
C PHE F 360 -25.03 60.42 -2.11
N ASP F 361 -26.05 60.94 -1.44
CA ASP F 361 -26.10 62.38 -1.01
C ASP F 361 -25.11 62.70 0.11
N THR F 362 -24.70 61.67 0.84
CA THR F 362 -23.78 61.88 1.96
C THR F 362 -22.36 61.58 1.56
N HIS F 363 -22.16 61.23 0.29
CA HIS F 363 -20.81 60.91 -0.14
C HIS F 363 -20.04 62.22 -0.27
N ASP F 364 -18.89 62.28 0.42
CA ASP F 364 -17.93 63.40 0.27
C ASP F 364 -16.66 62.98 0.95
N ILE F 365 -15.62 62.70 0.17
CA ILE F 365 -14.35 62.25 0.77
C ILE F 365 -13.60 63.32 1.61
N SER F 366 -14.02 64.59 1.51
CA SER F 366 -13.36 65.66 2.25
C SER F 366 -14.04 65.95 3.59
N ARG F 367 -15.24 65.42 3.83
CA ARG F 367 -15.95 65.83 5.02
C ARG F 367 -15.19 65.37 6.26
N GLY F 368 -14.89 66.31 7.14
CA GLY F 368 -14.17 65.98 8.37
C GLY F 368 -12.68 65.88 8.14
N ARG F 369 -12.23 66.09 6.91
CA ARG F 369 -10.87 65.70 6.50
C ARG F 369 -10.01 66.81 5.88
N ALA F 370 -10.64 67.64 5.05
CA ALA F 370 -9.90 68.64 4.33
C ALA F 370 -10.81 69.77 3.92
N GLY F 371 -10.22 70.90 3.59
CA GLY F 371 -10.98 72.09 3.21
C GLY F 371 -11.54 72.01 1.79
N SER F 372 -11.04 71.07 0.99
CA SER F 372 -11.47 70.92 -0.40
C SER F 372 -11.29 69.48 -0.94
N ILE F 373 -11.94 69.22 -2.06
CA ILE F 373 -11.86 67.92 -2.69
C ILE F 373 -10.43 67.62 -3.18
N PRO F 374 -9.77 68.60 -3.87
CA PRO F 374 -8.36 68.39 -4.23
C PRO F 374 -7.44 68.06 -3.05
N GLU F 375 -7.70 68.68 -1.91
CA GLU F 375 -6.83 68.45 -0.74
C GLU F 375 -7.05 67.06 -0.15
N ALA F 376 -8.31 66.62 -0.09
CA ALA F 376 -8.66 65.28 0.32
C ALA F 376 -8.03 64.21 -0.62
N LEU F 377 -8.14 64.42 -1.94
CA LEU F 377 -7.51 63.50 -2.92
C LEU F 377 -6.00 63.40 -2.70
N ALA F 378 -5.36 64.53 -2.35
CA ALA F 378 -3.90 64.59 -2.09
C ALA F 378 -3.48 63.71 -0.92
N MET F 379 -4.40 63.41 -0.02
CA MET F 379 -4.16 62.50 1.11
C MET F 379 -4.22 61.01 0.73
N ILE F 380 -4.53 60.72 -0.54
CA ILE F 380 -4.55 59.34 -1.03
C ILE F 380 -3.17 58.98 -1.59
N THR F 381 -2.49 58.13 -0.86
CA THR F 381 -1.09 57.90 -1.06
C THR F 381 -0.82 56.63 -1.87
N GLN F 382 -1.83 55.74 -1.94
CA GLN F 382 -1.75 54.47 -2.71
C GLN F 382 -1.63 54.74 -4.21
N PRO F 383 -0.99 53.83 -4.95
CA PRO F 383 -1.19 53.87 -6.40
C PRO F 383 -2.69 53.77 -6.74
N ALA F 384 -3.14 54.58 -7.68
CA ALA F 384 -4.54 54.56 -8.08
C ALA F 384 -4.69 54.41 -9.58
N LEU F 385 -5.64 53.59 -10.03
CA LEU F 385 -5.99 53.57 -11.42
C LEU F 385 -7.41 54.06 -11.56
N ILE F 386 -7.58 55.21 -12.22
CA ILE F 386 -8.88 55.80 -12.45
C ILE F 386 -9.41 55.44 -13.82
N ILE F 387 -10.58 54.83 -13.88
CA ILE F 387 -11.10 54.35 -15.15
C ILE F 387 -12.41 55.07 -15.46
N CYS F 388 -12.52 55.64 -16.65
CA CYS F 388 -13.70 56.39 -17.06
C CYS F 388 -13.96 56.37 -18.58
N ALA F 389 -15.14 56.85 -18.98
CA ALA F 389 -15.51 57.04 -20.38
C ALA F 389 -15.96 58.53 -20.58
N ARG F 390 -15.59 59.11 -21.72
CA ARG F 390 -15.95 60.50 -22.08
C ARG F 390 -17.47 60.65 -22.22
N SER F 391 -18.11 59.58 -22.61
CA SER F 391 -19.54 59.60 -22.89
C SER F 391 -20.44 59.36 -21.66
N ASP F 392 -19.84 59.17 -20.48
CA ASP F 392 -20.57 59.00 -19.21
C ASP F 392 -21.35 60.28 -18.86
N GLY F 393 -22.68 60.18 -18.80
CA GLY F 393 -23.53 61.36 -18.62
C GLY F 393 -23.81 61.68 -17.15
N LEU F 394 -23.38 60.82 -16.24
CA LEU F 394 -23.54 61.08 -14.79
C LEU F 394 -22.24 61.50 -14.12
N TYR F 395 -21.18 60.76 -14.39
CA TYR F 395 -19.88 61.02 -13.76
C TYR F 395 -18.97 61.50 -14.87
N SER F 396 -18.62 62.78 -14.82
CA SER F 396 -17.92 63.45 -15.92
C SER F 396 -16.44 63.08 -16.07
N PHE F 397 -15.99 63.19 -17.30
CA PHE F 397 -14.59 63.07 -17.63
C PHE F 397 -13.76 64.06 -16.78
N ASP F 398 -14.23 65.31 -16.65
CA ASP F 398 -13.51 66.33 -15.88
C ASP F 398 -13.34 65.96 -14.41
N GLU F 399 -14.35 65.34 -13.80
CA GLU F 399 -14.15 64.98 -12.39
C GLU F 399 -13.17 63.83 -12.18
N HIS F 400 -13.05 62.98 -13.19
CA HIS F 400 -12.01 61.93 -13.20
C HIS F 400 -10.62 62.50 -13.44
N VAL F 401 -10.53 63.50 -14.33
CA VAL F 401 -9.30 64.26 -14.50
C VAL F 401 -8.88 64.93 -13.18
N GLU F 402 -9.84 65.54 -12.47
CA GLU F 402 -9.54 66.10 -11.16
C GLU F 402 -8.97 65.08 -10.20
N MET F 403 -9.54 63.86 -10.17
CA MET F 403 -8.97 62.77 -9.31
C MET F 403 -7.53 62.48 -9.69
N GLY F 404 -7.28 62.32 -10.98
CA GLY F 404 -5.96 62.05 -11.48
C GLY F 404 -4.94 63.14 -11.22
N ARG F 405 -5.36 64.40 -11.29
CA ARG F 405 -4.46 65.50 -10.97
C ARG F 405 -3.98 65.50 -9.52
N SER F 406 -4.91 65.29 -8.58
CA SER F 406 -4.66 65.49 -7.15
C SER F 406 -4.21 64.26 -6.36
N ILE F 407 -4.58 63.05 -6.80
CA ILE F 407 -4.02 61.82 -6.23
C ILE F 407 -2.58 61.68 -6.78
N PRO F 408 -1.57 61.81 -5.90
CA PRO F 408 -0.17 61.92 -6.34
C PRO F 408 0.34 60.77 -7.23
N ASN F 409 -0.03 59.53 -6.88
CA ASN F 409 0.43 58.35 -7.63
C ASN F 409 -0.72 57.71 -8.39
N SER F 410 -1.16 58.33 -9.46
CA SER F 410 -2.36 57.87 -10.14
C SER F 410 -2.14 57.78 -11.63
N ARG F 411 -2.94 56.98 -12.29
CA ARG F 411 -2.94 56.93 -13.73
C ARG F 411 -4.41 56.97 -14.14
N LEU F 412 -4.71 57.68 -15.23
CA LEU F 412 -6.05 57.80 -15.72
C LEU F 412 -6.21 56.96 -16.97
N CYS F 413 -7.23 56.11 -16.99
CA CYS F 413 -7.50 55.26 -18.11
C CYS F 413 -8.84 55.68 -18.71
N VAL F 414 -8.80 56.16 -19.93
CA VAL F 414 -10.02 56.55 -20.63
C VAL F 414 -10.35 55.46 -21.58
N VAL F 415 -11.49 54.83 -21.36
CA VAL F 415 -11.91 53.77 -22.25
C VAL F 415 -12.50 54.39 -23.53
N ASP F 416 -12.03 53.93 -24.68
CA ASP F 416 -12.58 54.33 -25.97
C ASP F 416 -13.90 53.60 -26.24
N THR F 417 -15.00 54.31 -26.11
CA THR F 417 -16.34 53.69 -26.20
C THR F 417 -17.36 54.80 -26.38
N ASN F 418 -18.54 54.50 -26.93
CA ASN F 418 -19.60 55.49 -27.00
C ASN F 418 -20.71 55.11 -26.05
N GLU F 419 -20.44 54.09 -25.24
CA GLU F 419 -21.37 53.77 -24.24
C GLU F 419 -21.25 54.91 -23.19
N GLY F 420 -22.27 55.07 -22.41
CA GLY F 420 -22.20 56.03 -21.36
C GLY F 420 -21.73 55.35 -20.11
N HIS F 421 -22.42 55.66 -19.00
CA HIS F 421 -22.05 55.17 -17.68
C HIS F 421 -21.94 53.64 -17.63
N ASP F 422 -22.86 52.98 -18.35
CA ASP F 422 -22.87 51.54 -18.63
C ASP F 422 -21.60 50.91 -19.15
N PHE F 423 -20.64 51.70 -19.58
CA PHE F 423 -19.45 51.11 -20.27
C PHE F 423 -18.69 50.08 -19.41
N PHE F 424 -18.72 50.23 -18.08
CA PHE F 424 -17.90 49.34 -17.23
C PHE F 424 -18.45 47.89 -17.24
N VAL F 425 -19.72 47.76 -17.55
CA VAL F 425 -20.34 46.46 -17.83
C VAL F 425 -20.25 46.05 -19.34
N MET F 426 -20.46 47.00 -20.25
CA MET F 426 -20.47 46.71 -21.71
C MET F 426 -19.08 46.48 -22.28
N GLU F 427 -18.09 47.16 -21.73
CA GLU F 427 -16.69 47.02 -22.18
C GLU F 427 -15.90 46.32 -21.10
N ALA F 428 -16.51 45.28 -20.53
CA ALA F 428 -15.91 44.54 -19.41
C ALA F 428 -14.51 43.99 -19.74
N ASP F 429 -14.32 43.53 -20.97
CA ASP F 429 -13.01 43.10 -21.40
C ASP F 429 -11.95 44.17 -21.29
N LYS F 430 -12.25 45.39 -21.72
CA LYS F 430 -11.29 46.49 -21.61
C LYS F 430 -11.02 46.86 -20.15
N VAL F 431 -12.07 46.85 -19.34
CA VAL F 431 -11.94 47.08 -17.91
C VAL F 431 -11.11 45.98 -17.26
N ASN F 432 -11.42 44.72 -17.57
CA ASN F 432 -10.58 43.59 -17.14
C ASN F 432 -9.09 43.80 -17.43
N ASP F 433 -8.74 44.04 -18.70
CA ASP F 433 -7.32 44.22 -19.08
C ASP F 433 -6.65 45.38 -18.33
N ALA F 434 -7.36 46.49 -18.15
CA ALA F 434 -6.80 47.63 -17.42
C ALA F 434 -6.57 47.28 -15.95
N VAL F 435 -7.56 46.64 -15.32
CA VAL F 435 -7.43 46.28 -13.91
C VAL F 435 -6.30 45.25 -13.75
N ARG F 436 -6.28 44.23 -14.61
CA ARG F 436 -5.30 43.18 -14.52
C ARG F 436 -3.87 43.72 -14.70
N GLY F 437 -3.67 44.60 -15.66
CA GLY F 437 -2.36 45.19 -15.89
C GLY F 437 -1.85 46.04 -14.75
N PHE F 438 -2.76 46.73 -14.07
CA PHE F 438 -2.42 47.55 -12.91
C PHE F 438 -2.07 46.66 -11.66
N LEU F 439 -2.90 45.68 -11.40
CA LEU F 439 -2.59 44.67 -10.40
C LEU F 439 -1.25 43.94 -10.68
N ASP F 440 -0.92 43.71 -11.95
CA ASP F 440 0.36 43.10 -12.32
C ASP F 440 1.63 43.92 -12.04
N GLN F 441 1.49 45.23 -11.93
CA GLN F 441 2.64 46.12 -11.69
C GLN F 441 3.25 45.96 -10.30
N ASN G 66 38.35 -43.69 -58.60
CA ASN G 66 36.95 -43.89 -58.08
C ASN G 66 36.31 -45.14 -58.69
N ARG G 67 36.32 -46.22 -57.91
CA ARG G 67 35.85 -47.51 -58.40
C ARG G 67 34.32 -47.57 -58.52
N PHE G 68 33.63 -46.71 -57.77
CA PHE G 68 32.19 -46.66 -57.81
C PHE G 68 31.73 -46.06 -59.13
N GLU G 69 32.32 -44.92 -59.48
CA GLU G 69 32.10 -44.24 -60.75
C GLU G 69 32.57 -45.07 -61.94
N ALA G 70 33.73 -45.74 -61.80
CA ALA G 70 34.22 -46.68 -62.84
C ALA G 70 33.26 -47.84 -63.21
N SER G 71 32.39 -48.21 -62.28
CA SER G 71 31.50 -49.37 -62.45
C SER G 71 30.31 -49.08 -63.36
N LEU G 72 30.12 -47.81 -63.69
CA LEU G 72 28.87 -47.37 -64.33
C LEU G 72 28.96 -47.45 -65.85
N ASP G 73 27.81 -47.55 -66.51
CA ASP G 73 27.70 -47.25 -67.93
C ASP G 73 28.14 -45.80 -68.21
N ALA G 74 28.25 -45.47 -69.49
CA ALA G 74 28.73 -44.18 -69.92
C ALA G 74 27.78 -43.07 -69.45
N GLN G 75 28.33 -41.94 -69.03
CA GLN G 75 27.56 -40.81 -68.60
C GLN G 75 28.36 -39.52 -68.90
N ASP G 76 27.71 -38.37 -68.72
CA ASP G 76 28.39 -37.11 -68.95
C ASP G 76 28.80 -36.45 -67.66
N ILE G 77 29.81 -35.59 -67.76
CA ILE G 77 30.25 -34.75 -66.65
C ILE G 77 30.22 -33.31 -67.13
N ALA G 78 29.55 -32.43 -66.40
CA ALA G 78 29.71 -30.99 -66.58
C ALA G 78 30.59 -30.50 -65.43
N ARG G 79 31.48 -29.55 -65.69
CA ARG G 79 32.32 -28.98 -64.65
C ARG G 79 31.93 -27.52 -64.41
N ILE G 80 31.66 -27.21 -63.13
CA ILE G 80 31.37 -25.85 -62.67
C ILE G 80 32.62 -25.32 -62.00
N SER G 81 33.15 -24.18 -62.50
CA SER G 81 34.45 -23.74 -62.01
C SER G 81 34.42 -23.27 -60.59
N LEU G 82 33.37 -22.56 -60.19
CA LEU G 82 33.15 -22.21 -58.77
C LEU G 82 31.71 -22.38 -58.39
N PHE G 83 31.45 -22.95 -57.21
CA PHE G 83 30.07 -23.07 -56.70
C PHE G 83 29.99 -22.79 -55.20
N THR G 84 29.19 -21.79 -54.80
CA THR G 84 29.03 -21.44 -53.42
C THR G 84 27.88 -22.24 -52.78
N LEU G 85 28.22 -23.06 -51.79
CA LEU G 85 27.23 -23.80 -51.02
C LEU G 85 26.53 -22.82 -50.15
N GLU G 86 25.31 -23.15 -49.72
CA GLU G 86 24.56 -22.24 -48.89
C GLU G 86 25.15 -22.01 -47.48
N SER G 87 26.06 -22.90 -47.07
CA SER G 87 26.93 -22.67 -45.91
C SER G 87 27.94 -21.52 -46.15
N GLY G 88 28.22 -21.21 -47.39
CA GLY G 88 29.17 -20.18 -47.69
C GLY G 88 30.50 -20.74 -48.13
N VAL G 89 30.69 -22.05 -47.94
CA VAL G 89 31.86 -22.78 -48.43
C VAL G 89 31.77 -22.86 -49.94
N ILE G 90 32.91 -22.65 -50.58
CA ILE G 90 32.98 -22.55 -52.01
C ILE G 90 33.66 -23.80 -52.52
N LEU G 91 33.02 -24.50 -53.45
CA LEU G 91 33.65 -25.63 -54.12
C LEU G 91 34.21 -25.14 -55.46
N ARG G 92 35.26 -25.79 -55.93
CA ARG G 92 35.98 -25.38 -57.10
C ARG G 92 36.07 -26.54 -58.10
N ASP G 93 36.01 -26.20 -59.38
CA ASP G 93 36.22 -27.18 -60.45
C ASP G 93 35.39 -28.46 -60.21
N VAL G 94 34.08 -28.25 -60.10
CA VAL G 94 33.12 -29.21 -59.56
C VAL G 94 32.46 -30.09 -60.62
N PRO G 95 32.72 -31.44 -60.59
CA PRO G 95 32.08 -32.28 -61.54
C PRO G 95 30.62 -32.53 -61.12
N VAL G 96 29.75 -32.62 -62.12
CA VAL G 96 28.34 -32.95 -61.92
C VAL G 96 28.06 -34.00 -62.97
N ALA G 97 27.81 -35.24 -62.51
CA ALA G 97 27.56 -36.34 -63.41
C ALA G 97 26.08 -36.36 -63.71
N TYR G 98 25.72 -36.73 -64.93
CA TYR G 98 24.35 -36.91 -65.27
C TYR G 98 24.19 -37.93 -66.38
N LYS G 99 22.98 -38.46 -66.51
CA LYS G 99 22.66 -39.39 -67.55
C LYS G 99 21.34 -38.92 -68.12
N SER G 100 21.21 -38.92 -69.44
CA SER G 100 19.97 -38.53 -70.09
C SER G 100 19.54 -39.56 -71.12
N TRP G 101 18.26 -39.55 -71.41
CA TRP G 101 17.64 -40.43 -72.39
C TRP G 101 16.74 -39.56 -73.25
N GLY G 102 16.68 -39.84 -74.54
CA GLY G 102 15.81 -39.10 -75.42
C GLY G 102 16.47 -37.85 -75.93
N ARG G 103 15.70 -36.98 -76.54
CA ARG G 103 16.23 -35.81 -77.23
C ARG G 103 15.35 -34.59 -76.92
N MET G 104 15.98 -33.46 -76.67
CA MET G 104 15.23 -32.20 -76.56
C MET G 104 14.57 -31.83 -77.89
N ASN G 105 13.33 -31.32 -77.83
CA ASN G 105 12.69 -30.72 -78.98
C ASN G 105 13.37 -29.38 -79.27
N VAL G 106 13.05 -28.74 -80.40
CA VAL G 106 13.67 -27.47 -80.72
C VAL G 106 13.30 -26.35 -79.71
N SER G 107 12.10 -26.41 -79.11
CA SER G 107 11.69 -25.48 -78.07
C SER G 107 12.48 -25.68 -76.78
N ARG G 108 13.21 -26.79 -76.69
CA ARG G 108 13.92 -27.19 -75.43
C ARG G 108 13.01 -27.16 -74.18
N ASP G 109 11.76 -27.58 -74.29
CA ASP G 109 10.79 -27.47 -73.20
C ASP G 109 10.12 -28.80 -72.90
N ASN G 110 10.75 -29.88 -73.35
CA ASN G 110 10.23 -31.24 -73.13
C ASN G 110 11.15 -32.00 -72.16
N CYS G 111 11.84 -31.26 -71.30
CA CYS G 111 12.74 -31.85 -70.28
C CYS G 111 12.00 -32.38 -69.07
N VAL G 112 12.21 -33.66 -68.78
CA VAL G 112 11.72 -34.28 -67.55
C VAL G 112 12.94 -34.59 -66.66
N ILE G 113 12.96 -34.04 -65.43
CA ILE G 113 14.01 -34.32 -64.46
C ILE G 113 13.56 -35.46 -63.53
N VAL G 114 14.41 -36.48 -63.40
CA VAL G 114 14.18 -37.57 -62.43
C VAL G 114 15.22 -37.41 -61.36
N CYS G 115 14.76 -37.43 -60.12
CA CYS G 115 15.69 -37.22 -58.98
C CYS G 115 15.85 -38.58 -58.31
N HIS G 116 17.11 -39.00 -58.11
CA HIS G 116 17.39 -40.35 -57.66
C HIS G 116 17.38 -40.48 -56.14
N THR G 117 17.62 -41.70 -55.65
CA THR G 117 17.51 -41.99 -54.24
C THR G 117 18.90 -41.92 -53.61
N LEU G 118 18.92 -41.97 -52.29
CA LEU G 118 20.12 -41.90 -51.45
C LEU G 118 21.37 -42.60 -51.97
N THR G 119 21.24 -43.87 -52.38
CA THR G 119 22.42 -44.67 -52.67
C THR G 119 22.47 -45.07 -54.13
N SER G 120 21.57 -44.52 -54.96
CA SER G 120 21.68 -44.79 -56.37
C SER G 120 22.62 -43.83 -57.12
N SER G 121 23.01 -44.23 -58.33
CA SER G 121 23.65 -43.32 -59.27
C SER G 121 22.54 -42.60 -60.07
N ALA G 122 22.94 -41.90 -61.13
CA ALA G 122 21.98 -41.18 -61.98
C ALA G 122 21.29 -42.15 -62.96
N HIS G 123 21.78 -43.40 -63.03
CA HIS G 123 21.26 -44.40 -63.95
C HIS G 123 19.99 -45.04 -63.44
N VAL G 124 18.90 -44.27 -63.56
CA VAL G 124 17.58 -44.59 -63.02
C VAL G 124 17.06 -45.91 -63.57
N THR G 125 17.38 -46.19 -64.83
CA THR G 125 17.00 -47.42 -65.53
C THR G 125 17.41 -48.67 -64.75
N SER G 126 18.41 -48.55 -63.89
CA SER G 126 18.88 -49.71 -63.22
C SER G 126 17.93 -50.18 -62.10
N TRP G 127 17.12 -49.28 -61.54
CA TRP G 127 16.12 -49.68 -60.55
C TRP G 127 14.65 -49.35 -60.93
N TRP G 128 14.48 -48.46 -61.92
CA TRP G 128 13.16 -48.11 -62.46
C TRP G 128 13.06 -48.45 -63.95
N PRO G 129 13.57 -49.64 -64.37
CA PRO G 129 13.60 -49.94 -65.84
C PRO G 129 12.23 -49.85 -66.55
N THR G 130 11.16 -50.28 -65.88
CA THR G 130 9.86 -50.34 -66.51
C THR G 130 9.15 -49.01 -66.68
N LEU G 131 9.72 -47.93 -66.13
CA LEU G 131 9.14 -46.57 -66.32
C LEU G 131 9.65 -45.91 -67.59
N PHE G 132 10.60 -46.56 -68.26
CA PHE G 132 11.20 -46.02 -69.50
C PHE G 132 10.68 -46.65 -70.79
N GLY G 133 10.59 -45.86 -71.84
CA GLY G 133 10.19 -46.37 -73.15
C GLY G 133 8.91 -45.74 -73.68
N GLN G 134 8.60 -46.03 -74.93
CA GLN G 134 7.43 -45.42 -75.54
C GLN G 134 6.15 -45.92 -74.88
N GLY G 135 5.27 -44.96 -74.63
CA GLY G 135 4.03 -45.21 -73.93
C GLY G 135 4.16 -45.39 -72.44
N ARG G 136 5.39 -45.30 -71.93
CA ARG G 136 5.66 -45.38 -70.47
C ARG G 136 5.82 -43.98 -69.87
N ALA G 137 6.00 -43.90 -68.55
CA ALA G 137 6.05 -42.60 -67.87
C ALA G 137 7.21 -41.75 -68.43
N PHE G 138 8.43 -42.29 -68.41
CA PHE G 138 9.58 -41.66 -69.03
C PHE G 138 9.71 -42.04 -70.51
N ASP G 139 8.85 -41.41 -71.33
CA ASP G 139 8.69 -41.76 -72.75
C ASP G 139 9.77 -41.05 -73.51
N THR G 140 10.79 -41.80 -73.89
CA THR G 140 11.95 -41.27 -74.59
C THR G 140 11.68 -40.86 -76.04
N SER G 141 10.46 -41.07 -76.52
CA SER G 141 10.11 -40.50 -77.82
C SER G 141 9.39 -39.13 -77.72
N ARG G 142 8.95 -38.74 -76.52
CA ARG G 142 8.29 -37.45 -76.28
C ARG G 142 9.17 -36.49 -75.49
N TYR G 143 10.02 -37.03 -74.63
CA TYR G 143 10.73 -36.26 -73.61
C TYR G 143 12.22 -36.41 -73.68
N PHE G 144 12.93 -35.37 -73.27
CA PHE G 144 14.35 -35.46 -72.89
C PHE G 144 14.43 -35.71 -71.36
N ILE G 145 14.68 -36.96 -70.97
CA ILE G 145 14.69 -37.36 -69.54
C ILE G 145 16.12 -37.21 -69.01
N ILE G 146 16.29 -36.57 -67.87
CA ILE G 146 17.61 -36.40 -67.34
C ILE G 146 17.68 -36.61 -65.80
N CYS G 147 18.70 -37.34 -65.36
CA CYS G 147 18.88 -37.49 -63.94
C CYS G 147 20.30 -37.05 -63.67
N LEU G 148 20.47 -36.16 -62.69
CA LEU G 148 21.76 -35.71 -62.29
C LEU G 148 22.14 -36.23 -60.88
N ASN G 149 23.42 -36.57 -60.70
CA ASN G 149 23.96 -37.18 -59.49
C ASN G 149 24.08 -36.09 -58.41
N TYR G 150 23.60 -36.35 -57.20
CA TYR G 150 23.74 -35.38 -56.09
C TYR G 150 25.19 -35.20 -55.65
N LEU G 151 25.51 -34.01 -55.14
CA LEU G 151 26.77 -33.78 -54.46
C LEU G 151 26.84 -34.69 -53.23
N GLY G 152 28.02 -35.22 -52.92
CA GLY G 152 28.11 -36.15 -51.79
C GLY G 152 28.05 -37.61 -52.18
N SER G 153 27.61 -37.90 -53.40
CA SER G 153 27.47 -39.22 -53.93
C SER G 153 28.81 -39.72 -54.55
N PRO G 154 29.05 -41.07 -54.53
CA PRO G 154 30.30 -41.62 -55.13
C PRO G 154 30.25 -41.78 -56.64
N PHE G 155 29.11 -41.47 -57.24
CA PHE G 155 28.82 -41.86 -58.61
C PHE G 155 29.07 -40.82 -59.75
N GLY G 156 29.99 -39.90 -59.53
CA GLY G 156 30.39 -38.96 -60.55
C GLY G 156 30.40 -37.47 -60.17
N SER G 157 29.44 -37.03 -59.34
CA SER G 157 29.41 -35.63 -58.91
C SER G 157 30.37 -35.47 -57.76
N ALA G 158 30.75 -34.23 -57.49
CA ALA G 158 31.68 -33.93 -56.43
C ALA G 158 31.19 -34.55 -55.11
N GLY G 159 32.09 -35.25 -54.42
CA GLY G 159 31.78 -35.83 -53.14
C GLY G 159 33.07 -36.32 -52.53
N PRO G 160 32.97 -37.02 -51.37
CA PRO G 160 34.14 -37.64 -50.68
C PRO G 160 35.09 -38.44 -51.59
N CYS G 161 34.56 -39.11 -52.61
CA CYS G 161 35.37 -39.92 -53.53
C CYS G 161 35.98 -39.21 -54.75
N SER G 162 35.68 -37.95 -54.93
CA SER G 162 36.16 -37.22 -56.07
C SER G 162 37.41 -36.40 -55.72
N PRO G 163 38.26 -36.11 -56.72
CA PRO G 163 39.51 -35.42 -56.44
C PRO G 163 39.31 -34.04 -55.80
N ASP G 164 40.11 -33.77 -54.78
CA ASP G 164 40.10 -32.47 -54.11
C ASP G 164 41.07 -31.54 -54.85
N PRO G 165 40.55 -30.49 -55.53
CA PRO G 165 41.39 -29.61 -56.34
C PRO G 165 42.50 -28.88 -55.52
N ASP G 166 42.29 -28.68 -54.21
CA ASP G 166 43.28 -28.05 -53.34
C ASP G 166 44.25 -29.03 -52.70
N ALA G 167 44.23 -30.29 -53.13
CA ALA G 167 45.08 -31.32 -52.53
C ALA G 167 46.17 -31.76 -53.50
N ARG G 171 44.34 -35.72 -54.27
CA ARG G 171 43.75 -36.69 -53.33
C ARG G 171 42.27 -36.41 -53.24
N PRO G 172 41.45 -37.45 -52.97
CA PRO G 172 40.04 -37.13 -52.84
C PRO G 172 39.72 -36.28 -51.60
N TYR G 173 38.57 -35.61 -51.63
CA TYR G 173 38.07 -34.88 -50.47
C TYR G 173 38.00 -35.75 -49.21
N GLY G 174 37.61 -37.01 -49.38
CA GLY G 174 37.46 -37.91 -48.23
C GLY G 174 36.49 -37.37 -47.20
N ALA G 175 36.92 -37.38 -45.94
CA ALA G 175 36.05 -36.96 -44.83
C ALA G 175 35.87 -35.42 -44.77
N LYS G 176 36.63 -34.70 -45.59
CA LYS G 176 36.63 -33.24 -45.57
C LYS G 176 35.64 -32.60 -46.58
N PHE G 177 34.85 -33.42 -47.28
CA PHE G 177 33.85 -32.91 -48.21
C PHE G 177 32.81 -32.08 -47.44
N PRO G 178 32.59 -30.83 -47.88
CA PRO G 178 31.73 -29.91 -47.19
C PRO G 178 30.29 -30.44 -47.11
N ARG G 179 29.57 -30.07 -46.06
CA ARG G 179 28.14 -30.32 -45.94
C ARG G 179 27.37 -29.64 -47.07
N THR G 180 26.44 -30.37 -47.71
CA THR G 180 25.64 -29.82 -48.79
C THR G 180 24.18 -30.00 -48.41
N THR G 181 23.32 -29.17 -49.00
CA THR G 181 21.88 -29.25 -48.79
C THR G 181 21.15 -29.79 -50.01
N ILE G 182 19.88 -30.15 -49.83
CA ILE G 182 19.00 -30.45 -50.94
C ILE G 182 19.02 -29.26 -51.95
N ARG G 183 18.97 -28.02 -51.44
CA ARG G 183 18.93 -26.80 -52.25
C ARG G 183 20.25 -26.57 -53.02
N ASP G 184 21.38 -26.88 -52.41
CA ASP G 184 22.67 -26.82 -53.12
C ASP G 184 22.64 -27.71 -54.37
N ASP G 185 22.09 -28.94 -54.24
CA ASP G 185 21.95 -29.86 -55.38
C ASP G 185 21.09 -29.27 -56.46
N VAL G 186 19.92 -28.82 -56.10
CA VAL G 186 19.00 -28.27 -57.07
C VAL G 186 19.65 -27.06 -57.81
N ARG G 187 20.42 -26.27 -57.08
CA ARG G 187 21.04 -25.07 -57.67
C ARG G 187 22.14 -25.41 -58.66
N ILE G 188 23.01 -26.37 -58.29
CA ILE G 188 24.08 -26.72 -59.16
C ILE G 188 23.59 -27.49 -60.33
N HIS G 189 22.54 -28.28 -60.16
CA HIS G 189 21.91 -29.03 -61.24
C HIS G 189 21.22 -28.06 -62.24
N ARG G 190 20.58 -27.01 -61.71
CA ARG G 190 20.01 -25.97 -62.55
CA ARG G 190 20.01 -25.94 -62.52
C ARG G 190 21.07 -25.29 -63.40
N GLN G 191 22.26 -25.04 -62.84
CA GLN G 191 23.37 -24.53 -63.62
C GLN G 191 23.71 -25.42 -64.82
N VAL G 192 23.71 -26.74 -64.61
CA VAL G 192 24.02 -27.67 -65.67
C VAL G 192 22.93 -27.65 -66.75
N LEU G 193 21.68 -27.63 -66.33
CA LEU G 193 20.57 -27.50 -67.23
C LEU G 193 20.61 -26.22 -68.10
N ASP G 194 21.01 -25.09 -67.50
CA ASP G 194 21.18 -23.83 -68.23
C ASP G 194 22.26 -23.97 -69.28
N ARG G 195 23.35 -24.66 -68.94
CA ARG G 195 24.44 -24.88 -69.86
C ARG G 195 24.07 -25.80 -71.03
N LEU G 196 23.19 -26.78 -70.79
CA LEU G 196 22.65 -27.64 -71.86
C LEU G 196 21.57 -26.93 -72.69
N GLY G 197 21.17 -25.73 -72.26
CA GLY G 197 20.18 -24.95 -73.02
C GLY G 197 18.73 -25.31 -72.73
N VAL G 198 18.46 -25.94 -71.58
CA VAL G 198 17.08 -26.24 -71.21
C VAL G 198 16.35 -24.93 -70.93
N ARG G 199 15.19 -24.76 -71.55
CA ARG G 199 14.37 -23.55 -71.40
CA ARG G 199 14.40 -23.56 -71.34
C ARG G 199 13.22 -23.81 -70.41
N GLN G 200 12.63 -24.99 -70.49
CA GLN G 200 11.53 -25.26 -69.58
C GLN G 200 11.48 -26.74 -69.25
N ILE G 201 10.99 -27.04 -68.06
CA ILE G 201 10.91 -28.39 -67.57
C ILE G 201 9.49 -28.85 -67.55
N ALA G 202 9.20 -29.89 -68.32
CA ALA G 202 7.85 -30.42 -68.42
C ALA G 202 7.35 -31.06 -67.08
N ALA G 203 8.25 -31.74 -66.38
CA ALA G 203 7.90 -32.35 -65.11
C ALA G 203 9.15 -32.68 -64.32
N VAL G 204 9.06 -32.55 -62.99
CA VAL G 204 10.02 -33.18 -62.11
C VAL G 204 9.43 -34.35 -61.30
N VAL G 205 10.16 -35.47 -61.28
CA VAL G 205 9.67 -36.72 -60.64
C VAL G 205 10.77 -37.28 -59.73
N GLY G 206 10.39 -37.66 -58.52
CA GLY G 206 11.35 -38.17 -57.57
C GLY G 206 10.74 -38.86 -56.37
N ALA G 207 11.35 -39.94 -55.93
CA ALA G 207 10.86 -40.70 -54.76
C ALA G 207 11.86 -40.65 -53.65
N SER G 208 11.31 -40.54 -52.42
CA SER G 208 12.14 -40.58 -51.21
C SER G 208 13.08 -39.34 -51.11
N MET G 209 14.40 -39.51 -51.04
CA MET G 209 15.25 -38.34 -51.14
C MET G 209 14.96 -37.48 -52.38
N GLY G 210 14.73 -38.11 -53.54
CA GLY G 210 14.47 -37.38 -54.76
C GLY G 210 13.14 -36.64 -54.73
N GLY G 211 12.22 -37.04 -53.86
CA GLY G 211 10.97 -36.28 -53.64
C GLY G 211 11.22 -34.98 -52.91
N MET G 212 12.32 -34.92 -52.17
CA MET G 212 12.69 -33.70 -51.46
C MET G 212 13.22 -32.67 -52.45
N HIS G 213 14.19 -33.08 -53.28
CA HIS G 213 14.66 -32.30 -54.42
C HIS G 213 13.50 -31.86 -55.30
N THR G 214 12.55 -32.75 -55.56
CA THR G 214 11.39 -32.44 -56.42
C THR G 214 10.59 -31.24 -55.87
N LEU G 215 10.29 -31.26 -54.57
CA LEU G 215 9.61 -30.17 -53.90
C LEU G 215 10.41 -28.86 -53.99
N GLU G 216 11.73 -28.94 -53.79
CA GLU G 216 12.64 -27.83 -54.02
C GLU G 216 12.69 -27.27 -55.47
N TRP G 217 12.79 -28.14 -56.50
CA TRP G 217 12.67 -27.72 -57.90
C TRP G 217 11.42 -26.86 -58.15
N ALA G 218 10.30 -27.21 -57.50
CA ALA G 218 9.02 -26.50 -57.69
C ALA G 218 9.09 -24.99 -57.45
N PHE G 219 9.99 -24.57 -56.54
CA PHE G 219 10.13 -23.18 -56.13
C PHE G 219 10.73 -22.24 -57.18
N PHE G 220 11.27 -22.82 -58.25
CA PHE G 220 11.64 -22.02 -59.44
C PHE G 220 10.39 -21.43 -60.11
N GLY G 221 9.22 -22.03 -59.85
CA GLY G 221 7.95 -21.46 -60.28
C GLY G 221 7.44 -22.08 -61.57
N PRO G 222 6.15 -21.86 -61.89
CA PRO G 222 5.45 -22.48 -63.01
C PRO G 222 5.97 -22.07 -64.40
N GLU G 223 6.76 -21.00 -64.44
CA GLU G 223 7.36 -20.55 -65.67
CA GLU G 223 7.40 -20.52 -65.67
C GLU G 223 8.49 -21.50 -66.09
N TYR G 224 9.20 -22.04 -65.11
CA TYR G 224 10.31 -22.90 -65.41
C TYR G 224 9.99 -24.38 -65.23
N VAL G 225 9.21 -24.71 -64.21
CA VAL G 225 8.84 -26.08 -63.88
C VAL G 225 7.32 -26.21 -63.97
N ARG G 226 6.84 -27.02 -64.90
CA ARG G 226 5.38 -27.06 -65.19
C ARG G 226 4.56 -27.99 -64.29
N LYS G 227 5.19 -29.09 -63.84
CA LYS G 227 4.52 -30.11 -63.03
C LYS G 227 5.49 -30.82 -62.12
N ILE G 228 5.02 -31.31 -60.99
CA ILE G 228 5.84 -32.05 -60.07
C ILE G 228 5.15 -33.37 -59.64
N VAL G 229 5.97 -34.39 -59.43
CA VAL G 229 5.51 -35.67 -58.91
C VAL G 229 6.40 -36.09 -57.73
N PRO G 230 6.11 -35.54 -56.53
CA PRO G 230 6.80 -36.03 -55.32
C PRO G 230 6.24 -37.39 -54.80
N ILE G 231 7.12 -38.35 -54.53
CA ILE G 231 6.67 -39.68 -54.21
C ILE G 231 7.34 -40.09 -52.92
N ALA G 232 6.52 -40.55 -51.94
CA ALA G 232 7.06 -41.24 -50.76
C ALA G 232 8.14 -40.37 -50.13
N THR G 233 7.77 -39.15 -49.72
CA THR G 233 8.78 -38.18 -49.31
C THR G 233 8.31 -37.29 -48.14
N SER G 234 9.10 -36.28 -47.79
CA SER G 234 8.62 -35.29 -46.82
C SER G 234 8.95 -33.89 -47.26
N CYS G 235 8.39 -32.90 -46.54
CA CYS G 235 8.68 -31.45 -46.73
C CYS G 235 9.82 -30.92 -45.89
N ARG G 236 10.13 -31.61 -44.80
CA ARG G 236 11.28 -31.26 -43.97
C ARG G 236 11.70 -32.45 -43.13
N GLN G 237 12.93 -32.42 -42.61
CA GLN G 237 13.37 -33.47 -41.70
C GLN G 237 12.41 -33.61 -40.49
N SER G 238 12.08 -34.88 -40.19
CA SER G 238 11.34 -35.25 -38.96
C SER G 238 12.29 -35.89 -37.95
N GLY G 239 11.90 -35.81 -36.68
CA GLY G 239 12.71 -36.41 -35.61
C GLY G 239 12.87 -37.93 -35.74
N TRP G 240 11.81 -38.60 -36.19
CA TRP G 240 11.83 -40.06 -36.55
C TRP G 240 12.88 -40.44 -37.57
N CYS G 241 12.85 -39.79 -38.75
CA CYS G 241 13.87 -40.06 -39.77
C CYS G 241 15.25 -39.65 -39.33
N ALA G 242 15.38 -38.49 -38.69
CA ALA G 242 16.69 -38.07 -38.13
C ALA G 242 17.28 -39.10 -37.18
N ALA G 243 16.46 -39.66 -36.28
CA ALA G 243 16.91 -40.75 -35.37
C ALA G 243 17.35 -42.02 -36.09
N TRP G 244 16.57 -42.47 -37.06
CA TRP G 244 16.94 -43.67 -37.85
C TRP G 244 18.24 -43.51 -38.63
N PHE G 245 18.42 -42.36 -39.28
CA PHE G 245 19.63 -42.14 -40.08
C PHE G 245 20.87 -41.83 -39.24
N GLU G 246 20.69 -41.19 -38.10
CA GLU G 246 21.79 -40.97 -37.14
C GLU G 246 22.28 -42.30 -36.45
N THR G 247 21.35 -43.16 -36.09
CA THR G 247 21.67 -44.54 -35.70
C THR G 247 22.52 -45.24 -36.76
N GLN G 248 22.13 -45.13 -38.04
CA GLN G 248 22.90 -45.75 -39.14
C GLN G 248 24.29 -45.18 -39.25
N ARG G 249 24.41 -43.87 -39.11
CA ARG G 249 25.71 -43.21 -39.21
C ARG G 249 26.58 -43.62 -38.03
N GLN G 250 26.02 -43.63 -36.83
CA GLN G 250 26.78 -44.12 -35.64
C GLN G 250 27.38 -45.54 -35.79
N CYS G 251 26.70 -46.43 -36.55
CA CYS G 251 27.27 -47.74 -36.89
C CYS G 251 28.60 -47.58 -37.58
N ILE G 252 28.67 -46.62 -38.50
CA ILE G 252 29.90 -46.36 -39.26
C ILE G 252 30.93 -45.66 -38.37
N TYR G 253 30.50 -44.66 -37.64
CA TYR G 253 31.37 -43.99 -36.68
C TYR G 253 32.05 -44.96 -35.71
N ASP G 254 31.33 -46.01 -35.33
CA ASP G 254 31.80 -46.93 -34.27
C ASP G 254 32.64 -48.09 -34.79
N ASP G 255 32.66 -48.27 -36.11
CA ASP G 255 33.50 -49.24 -36.73
C ASP G 255 34.95 -48.77 -36.65
N PRO G 256 35.84 -49.58 -36.04
CA PRO G 256 37.27 -49.20 -35.89
C PRO G 256 38.03 -49.07 -37.22
N LYS G 257 37.46 -49.56 -38.32
CA LYS G 257 38.04 -49.33 -39.66
C LYS G 257 37.75 -47.95 -40.27
N TYR G 258 36.82 -47.21 -39.64
CA TYR G 258 36.36 -45.90 -40.12
C TYR G 258 37.45 -44.85 -39.99
N LEU G 259 38.15 -44.84 -38.86
CA LEU G 259 39.36 -44.02 -38.69
C LEU G 259 39.11 -42.53 -38.90
N ASP G 260 37.96 -42.06 -38.41
CA ASP G 260 37.53 -40.66 -38.59
C ASP G 260 37.28 -40.20 -40.03
N GLY G 261 37.04 -41.15 -40.93
CA GLY G 261 36.85 -40.87 -42.30
C GLY G 261 38.11 -41.02 -43.11
N GLU G 262 39.20 -41.37 -42.44
CA GLU G 262 40.51 -41.43 -43.07
C GLU G 262 40.89 -42.82 -43.59
N TYR G 263 39.93 -43.73 -43.65
CA TYR G 263 40.16 -45.10 -44.12
C TYR G 263 40.60 -45.11 -45.58
N ASP G 264 41.40 -46.11 -45.96
CA ASP G 264 41.68 -46.36 -47.39
C ASP G 264 40.43 -46.85 -48.11
N VAL G 265 40.16 -46.32 -49.30
CA VAL G 265 38.93 -46.61 -50.07
C VAL G 265 38.66 -48.11 -50.36
N ASP G 266 39.71 -48.92 -50.21
CA ASP G 266 39.60 -50.36 -50.44
C ASP G 266 39.62 -51.12 -49.12
N ASP G 267 39.65 -50.38 -48.02
CA ASP G 267 39.52 -50.92 -46.67
C ASP G 267 38.45 -50.14 -45.89
N GLN G 268 37.22 -50.15 -46.44
CA GLN G 268 36.05 -49.47 -45.85
C GLN G 268 35.69 -50.00 -44.46
N PRO G 269 35.00 -49.17 -43.64
CA PRO G 269 34.32 -49.70 -42.46
C PRO G 269 33.10 -50.54 -42.88
N VAL G 270 33.39 -51.76 -43.34
CA VAL G 270 32.41 -52.67 -43.92
C VAL G 270 31.32 -53.12 -42.94
N ARG G 271 31.70 -53.39 -41.69
CA ARG G 271 30.72 -53.80 -40.66
C ARG G 271 29.72 -52.71 -40.42
N GLY G 272 30.23 -51.50 -40.22
CA GLY G 272 29.41 -50.28 -40.07
C GLY G 272 28.41 -50.10 -41.18
N LEU G 273 28.90 -50.16 -42.41
CA LEU G 273 28.08 -50.02 -43.63
C LEU G 273 27.02 -51.08 -43.76
N GLU G 274 27.42 -52.34 -43.55
CA GLU G 274 26.49 -53.47 -43.49
C GLU G 274 25.38 -53.23 -42.50
N THR G 275 25.72 -52.85 -41.29
CA THR G 275 24.70 -52.66 -40.24
C THR G 275 23.76 -51.50 -40.58
N ALA G 276 24.34 -50.38 -41.02
CA ALA G 276 23.55 -49.24 -41.47
C ALA G 276 22.51 -49.67 -42.47
N ARG G 277 22.93 -50.46 -43.46
CA ARG G 277 22.05 -50.91 -44.50
C ARG G 277 21.01 -51.96 -44.11
N LYS G 278 21.35 -52.88 -43.20
CA LYS G 278 20.36 -53.80 -42.64
C LYS G 278 19.24 -52.97 -42.03
N ILE G 279 19.63 -51.99 -41.23
CA ILE G 279 18.63 -51.15 -40.55
C ILE G 279 17.78 -50.41 -41.56
N ALA G 280 18.44 -49.78 -42.53
CA ALA G 280 17.74 -49.00 -43.57
C ALA G 280 16.73 -49.87 -44.31
N ASN G 281 17.19 -51.04 -44.72
CA ASN G 281 16.37 -51.95 -45.52
CA ASN G 281 16.39 -51.96 -45.52
C ASN G 281 15.08 -52.38 -44.82
N LEU G 282 15.13 -52.58 -43.51
CA LEU G 282 13.91 -52.90 -42.74
C LEU G 282 12.99 -51.72 -42.57
N THR G 283 13.56 -50.53 -42.33
CA THR G 283 12.74 -49.29 -42.32
C THR G 283 12.00 -49.03 -43.63
N TYR G 284 12.57 -49.56 -44.75
CA TYR G 284 11.94 -49.49 -46.11
C TYR G 284 10.81 -50.53 -46.35
N LYS G 285 10.67 -51.50 -45.44
CA LYS G 285 9.65 -52.51 -45.62
C LYS G 285 8.51 -52.27 -44.67
N SER G 286 7.54 -53.17 -44.64
CA SER G 286 6.47 -53.09 -43.71
C SER G 286 6.37 -54.42 -43.01
N LYS G 287 5.60 -54.46 -41.92
CA LYS G 287 5.38 -55.69 -41.20
C LYS G 287 4.73 -56.77 -42.09
N PRO G 288 3.60 -56.47 -42.77
CA PRO G 288 2.98 -57.43 -43.71
C PRO G 288 3.87 -57.94 -44.85
N ALA G 289 4.79 -57.10 -45.34
CA ALA G 289 5.75 -57.48 -46.36
C ALA G 289 6.84 -58.44 -45.82
N MET G 290 7.40 -58.14 -44.64
CA MET G 290 8.32 -59.09 -44.02
C MET G 290 7.66 -60.40 -43.59
N ASP G 291 6.41 -60.33 -43.11
CA ASP G 291 5.70 -61.50 -42.64
C ASP G 291 5.32 -62.46 -43.79
N GLU G 292 5.11 -61.90 -44.98
CA GLU G 292 4.95 -62.70 -46.20
C GLU G 292 6.22 -63.37 -46.63
N ARG G 293 7.36 -62.69 -46.45
CA ARG G 293 8.63 -63.21 -46.88
C ARG G 293 9.15 -64.28 -45.97
N PHE G 294 8.88 -64.15 -44.66
CA PHE G 294 9.40 -65.08 -43.65
C PHE G 294 8.33 -65.38 -42.67
N HIS G 295 8.04 -66.67 -42.49
CA HIS G 295 6.99 -67.09 -41.58
C HIS G 295 7.21 -68.51 -41.07
N MET G 296 6.58 -68.84 -39.94
CA MET G 296 6.73 -70.16 -39.30
C MET G 296 5.94 -71.21 -40.06
N GLN G 328 11.85 -68.16 -46.98
CA GLN G 328 10.53 -68.21 -46.34
C GLN G 328 10.39 -68.67 -44.84
N PRO G 329 11.16 -69.69 -44.39
CA PRO G 329 11.17 -69.91 -42.93
C PRO G 329 11.77 -68.73 -42.12
N ILE G 330 11.39 -68.64 -40.87
CA ILE G 330 12.01 -67.72 -39.93
C ILE G 330 13.55 -67.85 -39.92
N GLU G 331 14.06 -69.08 -40.06
CA GLU G 331 15.52 -69.37 -40.01
C GLU G 331 16.28 -68.72 -41.16
N ALA G 332 15.58 -68.46 -42.26
CA ALA G 332 16.18 -67.90 -43.48
C ALA G 332 16.43 -66.39 -43.40
N VAL G 333 15.88 -65.75 -42.35
CA VAL G 333 15.98 -64.30 -42.15
C VAL G 333 17.45 -63.83 -42.01
N SER G 334 18.24 -64.60 -41.25
CA SER G 334 19.65 -64.31 -40.97
C SER G 334 20.46 -64.08 -42.24
N SER G 335 20.33 -65.03 -43.16
CA SER G 335 21.09 -65.10 -44.41
C SER G 335 20.63 -63.94 -45.33
N TYR G 336 19.33 -63.73 -45.35
CA TYR G 336 18.74 -62.69 -46.11
C TYR G 336 19.23 -61.27 -45.74
N LEU G 337 19.39 -61.01 -44.43
CA LEU G 337 19.95 -59.76 -43.90
C LEU G 337 21.44 -59.59 -44.25
N ARG G 338 22.23 -60.64 -44.00
CA ARG G 338 23.65 -60.68 -44.36
C ARG G 338 23.81 -60.38 -45.87
N TYR G 339 23.02 -61.03 -46.72
CA TYR G 339 23.22 -60.94 -48.16
C TYR G 339 22.97 -59.49 -48.68
N GLN G 340 21.80 -58.95 -48.32
CA GLN G 340 21.46 -57.56 -48.61
C GLN G 340 22.58 -56.59 -48.18
N ALA G 341 23.01 -56.71 -46.94
CA ALA G 341 23.94 -55.79 -46.34
C ALA G 341 25.31 -55.88 -47.01
N GLN G 342 25.80 -57.10 -47.20
CA GLN G 342 27.11 -57.34 -47.88
C GLN G 342 27.14 -56.80 -49.30
N LYS G 343 26.05 -57.02 -50.02
CA LYS G 343 25.85 -56.50 -51.37
C LYS G 343 26.02 -54.97 -51.48
N PHE G 344 25.31 -54.24 -50.62
CA PHE G 344 25.49 -52.78 -50.49
C PHE G 344 26.90 -52.35 -50.06
N ALA G 345 27.43 -52.93 -48.99
CA ALA G 345 28.73 -52.52 -48.45
C ALA G 345 29.86 -52.67 -49.50
N ALA G 346 29.68 -53.56 -50.47
CA ALA G 346 30.70 -53.83 -51.48
C ALA G 346 30.71 -52.75 -52.55
N SER G 347 29.59 -52.02 -52.66
CA SER G 347 29.33 -51.15 -53.81
C SER G 347 29.03 -49.67 -53.44
N PHE G 348 29.36 -49.24 -52.23
CA PHE G 348 29.14 -47.86 -51.81
C PHE G 348 30.26 -47.43 -50.87
N ASP G 349 30.39 -46.13 -50.66
CA ASP G 349 31.44 -45.59 -49.84
C ASP G 349 30.82 -45.04 -48.54
N ALA G 350 31.49 -45.22 -47.42
CA ALA G 350 31.02 -44.78 -46.09
C ALA G 350 30.97 -43.29 -45.90
N ASN G 351 32.06 -42.58 -46.23
CA ASN G 351 32.03 -41.10 -46.22
C ASN G 351 30.84 -40.53 -47.03
N CYS G 352 30.56 -41.10 -48.20
CA CYS G 352 29.43 -40.68 -49.01
C CYS G 352 28.11 -41.04 -48.35
N TYR G 353 28.05 -42.20 -47.67
CA TYR G 353 26.85 -42.51 -46.90
C TYR G 353 26.55 -41.48 -45.82
N ILE G 354 27.58 -41.12 -45.08
CA ILE G 354 27.51 -40.02 -44.12
C ILE G 354 27.11 -38.67 -44.75
N ALA G 355 27.76 -38.28 -45.83
CA ALA G 355 27.51 -36.99 -46.50
C ALA G 355 26.07 -36.89 -47.02
N MET G 356 25.60 -37.94 -47.68
CA MET G 356 24.25 -37.97 -48.24
C MET G 356 23.10 -37.97 -47.22
N THR G 357 23.23 -38.80 -46.18
CA THR G 357 22.19 -38.86 -45.14
C THR G 357 22.13 -37.58 -44.34
N LEU G 358 23.27 -36.95 -44.13
CA LEU G 358 23.31 -35.64 -43.51
C LEU G 358 22.48 -34.57 -44.25
N LYS G 359 22.36 -34.69 -45.56
CA LYS G 359 21.50 -33.83 -46.39
C LYS G 359 20.08 -33.87 -45.93
N PHE G 360 19.64 -35.04 -45.45
CA PHE G 360 18.25 -35.18 -45.00
C PHE G 360 17.94 -34.12 -43.95
N ASP G 361 18.92 -33.84 -43.08
CA ASP G 361 18.67 -33.06 -41.88
C ASP G 361 18.47 -31.56 -42.22
N THR G 362 18.93 -31.13 -43.39
CA THR G 362 18.80 -29.72 -43.77
C THR G 362 17.60 -29.49 -44.68
N HIS G 363 16.85 -30.53 -44.95
CA HIS G 363 15.70 -30.41 -45.79
C HIS G 363 14.60 -29.66 -45.03
N ASP G 364 14.12 -28.56 -45.61
CA ASP G 364 12.91 -27.88 -45.09
C ASP G 364 12.48 -26.88 -46.15
N ILE G 365 11.35 -27.13 -46.80
CA ILE G 365 10.93 -26.24 -47.91
C ILE G 365 10.45 -24.86 -47.44
N SER G 366 10.23 -24.71 -46.13
CA SER G 366 9.82 -23.45 -45.55
C SER G 366 10.96 -22.53 -45.12
N ARG G 367 12.15 -23.08 -44.90
CA ARG G 367 13.26 -22.25 -44.46
C ARG G 367 13.51 -21.05 -45.38
N GLY G 368 13.48 -19.85 -44.82
CA GLY G 368 13.72 -18.65 -45.62
C GLY G 368 12.53 -18.28 -46.50
N ARG G 369 11.43 -19.05 -46.44
CA ARG G 369 10.31 -18.91 -47.39
C ARG G 369 8.93 -18.63 -46.76
N ALA G 370 8.65 -19.27 -45.63
CA ALA G 370 7.35 -19.20 -45.01
C ALA G 370 7.45 -19.53 -43.52
N GLY G 371 6.39 -19.20 -42.79
CA GLY G 371 6.38 -19.36 -41.34
C GLY G 371 6.06 -20.78 -40.93
N SER G 372 5.58 -21.59 -41.87
CA SER G 372 5.21 -22.96 -41.59
C SER G 372 5.27 -23.83 -42.86
N ILE G 373 5.19 -25.14 -42.68
CA ILE G 373 5.16 -26.08 -43.80
C ILE G 373 3.91 -25.96 -44.67
N PRO G 374 2.70 -25.88 -44.06
CA PRO G 374 1.49 -25.59 -44.87
C PRO G 374 1.58 -24.30 -45.72
N GLU G 375 2.18 -23.26 -45.18
CA GLU G 375 2.31 -22.00 -45.91
C GLU G 375 3.28 -22.13 -47.08
N ALA G 376 4.35 -22.89 -46.89
CA ALA G 376 5.33 -23.15 -47.95
C ALA G 376 4.70 -23.98 -49.06
N LEU G 377 3.95 -25.00 -48.70
CA LEU G 377 3.21 -25.85 -49.64
C LEU G 377 2.25 -25.07 -50.50
N ALA G 378 1.53 -24.12 -49.86
CA ALA G 378 0.62 -23.19 -50.56
C ALA G 378 1.27 -22.33 -51.64
N MET G 379 2.60 -22.12 -51.56
CA MET G 379 3.35 -21.41 -52.60
C MET G 379 3.68 -22.26 -53.84
N ILE G 380 3.38 -23.57 -53.78
CA ILE G 380 3.60 -24.45 -54.92
C ILE G 380 2.40 -24.41 -55.83
N THR G 381 2.60 -23.79 -56.99
CA THR G 381 1.50 -23.37 -57.89
C THR G 381 1.32 -24.32 -59.10
N GLN G 382 2.30 -25.15 -59.36
CA GLN G 382 2.21 -26.21 -60.39
C GLN G 382 1.19 -27.28 -60.02
N PRO G 383 0.59 -27.91 -61.05
CA PRO G 383 -0.11 -29.19 -60.78
C PRO G 383 0.86 -30.24 -60.15
N ALA G 384 0.36 -30.96 -59.16
CA ALA G 384 1.18 -31.91 -58.39
C ALA G 384 0.47 -33.23 -58.22
N LEU G 385 1.21 -34.31 -58.43
CA LEU G 385 0.71 -35.64 -58.14
C LEU G 385 1.55 -36.21 -57.00
N ILE G 386 0.94 -36.43 -55.86
CA ILE G 386 1.61 -36.93 -54.68
C ILE G 386 1.32 -38.42 -54.57
N ILE G 387 2.38 -39.22 -54.64
CA ILE G 387 2.20 -40.67 -54.63
C ILE G 387 2.72 -41.24 -53.32
N CYS G 388 1.90 -42.04 -52.64
CA CYS G 388 2.30 -42.63 -51.36
C CYS G 388 1.67 -44.01 -51.11
N ALA G 389 2.14 -44.70 -50.06
CA ALA G 389 1.53 -45.95 -49.58
C ALA G 389 1.21 -45.78 -48.07
N ARG G 390 0.04 -46.28 -47.64
CA ARG G 390 -0.33 -46.24 -46.21
C ARG G 390 0.68 -46.93 -45.30
N SER G 391 1.36 -47.95 -45.80
CA SER G 391 2.22 -48.82 -44.99
C SER G 391 3.67 -48.32 -44.91
N ASP G 392 3.95 -47.10 -45.44
CA ASP G 392 5.32 -46.52 -45.44
C ASP G 392 5.66 -46.17 -44.02
N GLY G 393 6.70 -46.79 -43.48
CA GLY G 393 7.05 -46.59 -42.09
C GLY G 393 7.93 -45.40 -41.79
N LEU G 394 8.46 -44.76 -42.84
CA LEU G 394 9.32 -43.55 -42.70
C LEU G 394 8.60 -42.21 -43.00
N TYR G 395 7.81 -42.19 -44.07
CA TYR G 395 7.14 -41.00 -44.55
C TYR G 395 5.66 -41.30 -44.50
N SER G 396 4.95 -40.65 -43.59
CA SER G 396 3.62 -41.09 -43.20
C SER G 396 2.58 -40.70 -44.20
N PHE G 397 1.54 -41.51 -44.24
CA PHE G 397 0.34 -41.22 -45.01
C PHE G 397 -0.15 -39.81 -44.71
N ASP G 398 -0.24 -39.48 -43.42
CA ASP G 398 -0.70 -38.16 -42.95
C ASP G 398 0.10 -36.96 -43.49
N GLU G 399 1.43 -37.09 -43.59
CA GLU G 399 2.21 -35.98 -44.16
C GLU G 399 2.02 -35.78 -45.69
N HIS G 400 1.67 -36.86 -46.39
CA HIS G 400 1.25 -36.77 -47.80
C HIS G 400 -0.18 -36.19 -47.94
N VAL G 401 -1.11 -36.59 -47.08
CA VAL G 401 -2.40 -35.92 -47.01
C VAL G 401 -2.23 -34.38 -46.80
N GLU G 402 -1.34 -34.00 -45.88
CA GLU G 402 -1.05 -32.59 -45.62
C GLU G 402 -0.57 -31.87 -46.89
N MET G 403 0.32 -32.51 -47.64
CA MET G 403 0.77 -31.98 -48.92
C MET G 403 -0.41 -31.74 -49.85
N GLY G 404 -1.31 -32.70 -49.92
CA GLY G 404 -2.49 -32.58 -50.81
C GLY G 404 -3.53 -31.53 -50.39
N ARG G 405 -3.62 -31.29 -49.08
CA ARG G 405 -4.48 -30.25 -48.56
C ARG G 405 -3.94 -28.83 -48.85
N SER G 406 -2.62 -28.65 -48.79
CA SER G 406 -2.03 -27.32 -48.87
C SER G 406 -1.55 -26.90 -50.24
N ILE G 407 -1.02 -27.84 -51.02
CA ILE G 407 -0.71 -27.57 -52.44
C ILE G 407 -2.03 -27.34 -53.20
N PRO G 408 -2.27 -26.10 -53.70
CA PRO G 408 -3.59 -25.75 -54.26
C PRO G 408 -4.09 -26.59 -55.47
N ASN G 409 -3.16 -26.99 -56.35
CA ASN G 409 -3.52 -27.82 -57.51
C ASN G 409 -2.89 -29.22 -57.42
N SER G 410 -3.38 -30.04 -56.50
CA SER G 410 -2.73 -31.32 -56.23
C SER G 410 -3.70 -32.45 -56.25
N ARG G 411 -3.22 -33.64 -56.55
CA ARG G 411 -4.01 -34.86 -56.47
C ARG G 411 -3.19 -35.89 -55.70
N LEU G 412 -3.84 -36.61 -54.79
CA LEU G 412 -3.18 -37.62 -54.04
C LEU G 412 -3.44 -38.99 -54.68
N CYS G 413 -2.38 -39.72 -54.95
CA CYS G 413 -2.49 -41.08 -55.40
C CYS G 413 -1.97 -42.05 -54.32
N VAL G 414 -2.90 -42.81 -53.72
CA VAL G 414 -2.60 -43.82 -52.73
C VAL G 414 -2.53 -45.17 -53.38
N VAL G 415 -1.33 -45.74 -53.43
CA VAL G 415 -1.13 -47.02 -54.10
C VAL G 415 -1.61 -48.11 -53.17
N ASP G 416 -2.40 -49.02 -53.72
CA ASP G 416 -2.95 -50.13 -52.92
C ASP G 416 -1.90 -51.23 -52.86
N THR G 417 -1.29 -51.41 -51.70
CA THR G 417 -0.11 -52.30 -51.57
C THR G 417 0.14 -52.46 -50.10
N ASN G 418 0.92 -53.48 -49.74
CA ASN G 418 1.23 -53.72 -48.35
C ASN G 418 2.71 -53.57 -48.21
N GLU G 419 3.33 -53.11 -49.28
CA GLU G 419 4.71 -52.76 -49.19
C GLU G 419 4.83 -51.44 -48.38
N GLY G 420 5.95 -51.27 -47.76
CA GLY G 420 6.23 -50.06 -47.05
C GLY G 420 6.82 -49.04 -47.98
N HIS G 421 7.91 -48.41 -47.52
CA HIS G 421 8.57 -47.37 -48.26
C HIS G 421 9.03 -47.82 -49.63
N ASP G 422 9.47 -49.09 -49.75
CA ASP G 422 10.00 -49.71 -50.97
CA ASP G 422 10.02 -49.52 -51.04
C ASP G 422 8.95 -49.84 -52.08
N PHE G 423 7.68 -49.55 -51.76
CA PHE G 423 6.61 -49.73 -52.75
C PHE G 423 6.87 -49.05 -54.08
N PHE G 424 7.61 -47.93 -54.09
CA PHE G 424 7.76 -47.17 -55.35
C PHE G 424 8.59 -47.94 -56.37
N VAL G 425 9.38 -48.88 -55.86
CA VAL G 425 10.18 -49.79 -56.67
C VAL G 425 9.45 -51.14 -56.90
N MET G 426 8.72 -51.62 -55.88
CA MET G 426 8.03 -52.93 -55.95
C MET G 426 6.78 -52.85 -56.77
N GLU G 427 6.11 -51.69 -56.70
CA GLU G 427 4.88 -51.46 -57.44
C GLU G 427 5.14 -50.52 -58.61
N ALA G 428 6.24 -50.74 -59.32
CA ALA G 428 6.72 -49.82 -60.35
C ALA G 428 5.69 -49.63 -61.43
N ASP G 429 4.97 -50.68 -61.78
CA ASP G 429 3.91 -50.58 -62.80
C ASP G 429 2.79 -49.61 -62.39
N LYS G 430 2.36 -49.71 -61.13
CA LYS G 430 1.37 -48.78 -60.59
C LYS G 430 1.87 -47.34 -60.55
N VAL G 431 3.10 -47.15 -60.10
CA VAL G 431 3.77 -45.83 -60.15
C VAL G 431 3.87 -45.33 -61.63
N ASN G 432 4.34 -46.17 -62.54
CA ASN G 432 4.34 -45.85 -63.98
C ASN G 432 3.00 -45.29 -64.48
N ASP G 433 1.92 -46.06 -64.27
CA ASP G 433 0.59 -45.72 -64.80
C ASP G 433 0.07 -44.40 -64.23
N ALA G 434 0.34 -44.18 -62.94
CA ALA G 434 -0.03 -42.94 -62.27
C ALA G 434 0.75 -41.73 -62.84
N VAL G 435 2.05 -41.88 -63.00
CA VAL G 435 2.89 -40.82 -63.53
C VAL G 435 2.54 -40.51 -64.99
N ARG G 436 2.33 -41.56 -65.78
CA ARG G 436 2.03 -41.42 -67.19
C ARG G 436 0.69 -40.70 -67.36
N GLY G 437 -0.36 -41.17 -66.64
CA GLY G 437 -1.68 -40.52 -66.66
C GLY G 437 -1.64 -39.02 -66.32
N PHE G 438 -0.81 -38.65 -65.34
CA PHE G 438 -0.68 -37.26 -64.91
C PHE G 438 0.07 -36.40 -65.93
N LEU G 439 1.13 -36.94 -66.50
CA LEU G 439 1.85 -36.30 -67.58
C LEU G 439 1.00 -36.12 -68.84
N ASP G 440 0.06 -37.06 -69.06
CA ASP G 440 -0.87 -37.04 -70.21
C ASP G 440 -1.97 -35.99 -70.12
N GLN G 441 -2.23 -35.50 -68.92
CA GLN G 441 -3.30 -34.50 -68.70
C GLN G 441 -3.01 -33.11 -69.28
N ASN H 66 -61.68 76.52 -22.83
CA ASN H 66 -60.20 76.31 -22.84
C ASN H 66 -59.51 77.32 -21.92
N ARG H 67 -59.15 76.88 -20.72
CA ARG H 67 -58.54 77.75 -19.71
C ARG H 67 -57.10 78.11 -20.01
N PHE H 68 -56.44 77.30 -20.84
CA PHE H 68 -55.08 77.60 -21.24
C PHE H 68 -55.06 78.79 -22.19
N GLU H 69 -55.93 78.73 -23.19
CA GLU H 69 -56.12 79.81 -24.15
C GLU H 69 -56.67 81.06 -23.49
N ALA H 70 -57.63 80.91 -22.58
CA ALA H 70 -58.16 82.04 -21.77
C ALA H 70 -57.11 82.85 -20.97
N SER H 71 -56.02 82.20 -20.59
CA SER H 71 -54.99 82.82 -19.73
C SER H 71 -54.11 83.83 -20.48
N LEU H 72 -54.22 83.86 -21.80
CA LEU H 72 -53.26 84.59 -22.65
C LEU H 72 -53.67 86.03 -22.87
N ASP H 73 -52.70 86.87 -23.18
CA ASP H 73 -52.99 88.17 -23.75
C ASP H 73 -53.75 88.02 -25.10
N ALA H 74 -54.24 89.13 -25.62
CA ALA H 74 -55.00 89.15 -26.84
C ALA H 74 -54.17 88.59 -28.03
N GLN H 75 -54.82 87.80 -28.88
CA GLN H 75 -54.16 87.26 -30.05
C GLN H 75 -55.20 87.09 -31.16
N ASP H 76 -54.76 86.72 -32.37
CA ASP H 76 -55.69 86.55 -33.48
C ASP H 76 -55.93 85.08 -33.77
N ILE H 77 -57.07 84.77 -34.35
CA ILE H 77 -57.38 83.44 -34.83
C ILE H 77 -57.71 83.56 -36.30
N ALA H 78 -57.05 82.77 -37.14
CA ALA H 78 -57.51 82.55 -38.50
C ALA H 78 -58.16 81.18 -38.53
N ARG H 79 -59.26 81.06 -39.27
CA ARG H 79 -59.95 79.77 -39.44
C ARG H 79 -59.79 79.21 -40.86
N ILE H 80 -59.32 77.95 -40.94
CA ILE H 80 -59.14 77.23 -42.19
C ILE H 80 -60.28 76.22 -42.30
N SER H 81 -61.10 76.35 -43.35
CA SER H 81 -62.31 75.55 -43.38
C SER H 81 -62.06 74.06 -43.53
N LEU H 82 -61.09 73.67 -44.37
CA LEU H 82 -60.64 72.29 -44.49
C LEU H 82 -59.15 72.27 -44.59
N PHE H 83 -58.49 71.35 -43.87
CA PHE H 83 -57.04 71.16 -43.98
C PHE H 83 -56.67 69.66 -43.94
N THR H 84 -55.96 69.18 -44.97
CA THR H 84 -55.57 67.80 -45.06
C THR H 84 -54.19 67.58 -44.44
N LEU H 85 -54.15 66.75 -43.39
CA LEU H 85 -52.90 66.39 -42.75
C LEU H 85 -52.18 65.44 -43.67
N GLU H 86 -50.86 65.31 -43.50
CA GLU H 86 -50.12 64.46 -44.38
C GLU H 86 -50.38 62.96 -44.17
N SER H 87 -51.03 62.64 -43.04
CA SER H 87 -51.59 61.32 -42.82
C SER H 87 -52.80 61.05 -43.74
N GLY H 88 -53.41 62.12 -44.26
CA GLY H 88 -54.61 61.94 -45.07
C GLY H 88 -55.87 62.26 -44.30
N VAL H 89 -55.76 62.36 -42.98
CA VAL H 89 -56.91 62.84 -42.22
C VAL H 89 -57.18 64.33 -42.41
N ILE H 90 -58.46 64.67 -42.45
CA ILE H 90 -58.89 66.00 -42.81
C ILE H 90 -59.46 66.68 -41.58
N LEU H 91 -58.89 67.82 -41.22
CA LEU H 91 -59.45 68.64 -40.14
C LEU H 91 -60.35 69.71 -40.77
N ARG H 92 -61.42 70.09 -40.07
CA ARG H 92 -62.40 71.08 -40.52
CA ARG H 92 -62.23 71.17 -40.57
C ARG H 92 -62.53 72.26 -39.55
N ASP H 93 -62.83 73.45 -40.09
CA ASP H 93 -63.07 74.64 -39.30
C ASP H 93 -61.93 74.87 -38.28
N VAL H 94 -60.72 74.89 -38.80
CA VAL H 94 -59.49 74.78 -37.99
C VAL H 94 -58.99 76.14 -37.52
N PRO H 95 -58.98 76.38 -36.17
CA PRO H 95 -58.39 77.61 -35.69
C PRO H 95 -56.87 77.53 -35.72
N VAL H 96 -56.24 78.64 -36.08
CA VAL H 96 -54.79 78.79 -36.02
C VAL H 96 -54.59 80.09 -35.28
N ALA H 97 -54.00 80.01 -34.09
CA ALA H 97 -53.76 81.20 -33.29
C ALA H 97 -52.40 81.73 -33.64
N TYR H 98 -52.27 83.04 -33.64
CA TYR H 98 -50.99 83.67 -33.85
C TYR H 98 -50.92 85.03 -33.14
N LYS H 99 -49.70 85.48 -32.91
CA LYS H 99 -49.49 86.76 -32.33
C LYS H 99 -48.42 87.44 -33.18
N SER H 100 -48.63 88.72 -33.48
CA SER H 100 -47.64 89.47 -34.25
C SER H 100 -47.24 90.77 -33.54
N TRP H 101 -46.08 91.27 -33.90
CA TRP H 101 -45.58 92.54 -33.43
C TRP H 101 -45.09 93.30 -34.65
N GLY H 102 -45.29 94.61 -34.64
CA GLY H 102 -44.75 95.43 -35.73
C GLY H 102 -45.73 95.49 -36.88
N ARG H 103 -45.28 96.02 -38.00
CA ARG H 103 -46.16 96.28 -39.12
C ARG H 103 -45.47 95.83 -40.41
N MET H 104 -46.25 95.22 -41.31
CA MET H 104 -45.75 94.92 -42.66
C MET H 104 -45.46 96.20 -43.43
N ASN H 105 -44.35 96.22 -44.19
CA ASN H 105 -44.11 97.31 -45.14
C ASN H 105 -45.09 97.15 -46.32
N VAL H 106 -45.19 98.13 -47.20
CA VAL H 106 -46.05 97.99 -48.37
C VAL H 106 -45.63 96.81 -49.31
N SER H 107 -44.33 96.48 -49.39
CA SER H 107 -43.86 95.35 -50.18
C SER H 107 -44.30 94.02 -49.56
N ARG H 108 -44.72 94.08 -48.29
CA ARG H 108 -45.08 92.88 -47.53
C ARG H 108 -43.97 91.84 -47.52
N ASP H 109 -42.71 92.27 -47.42
CA ASP H 109 -41.57 91.36 -47.51
C ASP H 109 -40.63 91.52 -46.31
N ASN H 110 -41.12 92.09 -45.21
CA ASN H 110 -40.29 92.29 -43.99
C ASN H 110 -40.82 91.38 -42.86
N CYS H 111 -41.40 90.24 -43.23
CA CYS H 111 -41.94 89.30 -42.25
C CYS H 111 -40.88 88.41 -41.67
N VAL H 112 -40.78 88.41 -40.34
CA VAL H 112 -39.93 87.48 -39.61
C VAL H 112 -40.84 86.48 -38.88
N ILE H 113 -40.66 85.18 -39.17
CA ILE H 113 -41.40 84.13 -38.47
C ILE H 113 -40.57 83.61 -37.30
N VAL H 114 -41.16 83.62 -36.09
CA VAL H 114 -40.54 82.98 -34.92
C VAL H 114 -41.29 81.73 -34.61
N CYS H 115 -40.58 80.63 -34.40
CA CYS H 115 -41.23 79.34 -34.18
C CYS H 115 -40.99 78.96 -32.72
N HIS H 116 -42.08 78.66 -32.01
CA HIS H 116 -42.04 78.53 -30.57
C HIS H 116 -41.64 77.12 -30.11
N THR H 117 -41.56 76.92 -28.80
CA THR H 117 -41.11 75.68 -28.24
C THR H 117 -42.28 74.78 -27.87
N LEU H 118 -41.97 73.55 -27.49
CA LEU H 118 -42.94 72.50 -27.21
C LEU H 118 -44.14 72.94 -26.36
N THR H 119 -43.88 73.65 -25.27
CA THR H 119 -44.94 73.93 -24.28
C THR H 119 -45.23 75.42 -24.19
N SER H 120 -44.67 76.22 -25.09
CA SER H 120 -45.05 77.62 -25.08
C SER H 120 -46.29 77.94 -25.96
N SER H 121 -46.83 79.14 -25.77
CA SER H 121 -47.85 79.66 -26.66
C SER H 121 -47.09 80.45 -27.74
N ALA H 122 -47.82 81.24 -28.53
CA ALA H 122 -47.22 82.06 -29.59
C ALA H 122 -46.64 83.35 -29.03
N HIS H 123 -46.94 83.63 -27.76
CA HIS H 123 -46.43 84.83 -27.07
C HIS H 123 -44.97 84.75 -26.67
N VAL H 124 -44.10 84.87 -27.67
CA VAL H 124 -42.65 84.64 -27.57
C VAL H 124 -42.04 85.60 -26.55
N THR H 125 -42.57 86.82 -26.50
CA THR H 125 -42.16 87.85 -25.53
C THR H 125 -42.15 87.34 -24.08
N SER H 126 -42.94 86.32 -23.78
CA SER H 126 -43.01 85.86 -22.40
C SER H 126 -41.77 85.07 -21.96
N TRP H 127 -41.02 84.48 -22.90
CA TRP H 127 -39.78 83.79 -22.55
C TRP H 127 -38.53 84.31 -23.27
N TRP H 128 -38.75 85.09 -24.34
CA TRP H 128 -37.67 85.74 -25.08
C TRP H 128 -37.84 87.27 -25.11
N PRO H 129 -38.21 87.90 -23.94
CA PRO H 129 -38.50 89.36 -23.94
C PRO H 129 -37.35 90.25 -24.49
N THR H 130 -36.11 89.90 -24.20
CA THR H 130 -35.00 90.75 -24.55
C THR H 130 -34.58 90.69 -26.00
N LEU H 131 -35.20 89.81 -26.79
CA LEU H 131 -34.95 89.76 -28.25
C LEU H 131 -35.85 90.75 -29.02
N PHE H 132 -36.78 91.38 -28.33
CA PHE H 132 -37.75 92.31 -28.95
C PHE H 132 -37.45 93.78 -28.74
N GLY H 133 -37.77 94.59 -29.74
CA GLY H 133 -37.59 96.04 -29.64
C GLY H 133 -36.58 96.61 -30.62
N GLN H 134 -36.48 97.94 -30.64
CA GLN H 134 -35.62 98.58 -31.60
C GLN H 134 -34.16 98.28 -31.31
N GLY H 135 -33.44 97.98 -32.39
CA GLY H 135 -32.06 97.60 -32.31
C GLY H 135 -31.81 96.19 -31.78
N ARG H 136 -32.89 95.47 -31.45
CA ARG H 136 -32.81 94.07 -31.02
C ARG H 136 -33.06 93.14 -32.22
N ALA H 137 -32.93 91.83 -32.02
CA ALA H 137 -33.09 90.86 -33.12
C ALA H 137 -34.47 90.96 -33.76
N PHE H 138 -35.52 90.87 -32.94
CA PHE H 138 -36.89 91.07 -33.40
C PHE H 138 -37.30 92.55 -33.34
N ASP H 139 -36.75 93.33 -34.27
CA ASP H 139 -36.84 94.80 -34.25
C ASP H 139 -38.18 95.17 -34.83
N THR H 140 -39.10 95.53 -33.95
CA THR H 140 -40.47 95.82 -34.35
C THR H 140 -40.65 97.15 -35.08
N SER H 141 -39.57 97.89 -35.28
CA SER H 141 -39.62 99.05 -36.17
C SER H 141 -39.14 98.76 -37.62
N ARG H 142 -38.48 97.61 -37.82
CA ARG H 142 -38.05 97.18 -39.16
C ARG H 142 -38.91 96.03 -39.69
N TYR H 143 -39.38 95.19 -38.79
CA TYR H 143 -39.97 93.90 -39.18
C TYR H 143 -41.40 93.71 -38.72
N PHE H 144 -42.15 92.92 -39.48
CA PHE H 144 -43.42 92.36 -39.01
C PHE H 144 -43.14 90.96 -38.43
N ILE H 145 -43.07 90.86 -37.11
CA ILE H 145 -42.68 89.61 -36.45
C ILE H 145 -43.94 88.81 -36.14
N ILE H 146 -43.96 87.54 -36.50
CA ILE H 146 -45.15 86.77 -36.23
C ILE H 146 -44.82 85.34 -35.73
N CYS H 147 -45.61 84.88 -34.74
CA CYS H 147 -45.43 83.55 -34.23
C CYS H 147 -46.81 82.90 -34.25
N LEU H 148 -46.90 81.72 -34.87
CA LEU H 148 -48.14 81.02 -34.92
C LEU H 148 -48.06 79.75 -34.05
N ASN H 149 -49.18 79.44 -33.41
CA ASN H 149 -49.28 78.34 -32.46
C ASN H 149 -49.35 77.02 -33.26
N TYR H 150 -48.55 76.01 -32.89
CA TYR H 150 -48.61 74.67 -33.52
C TYR H 150 -49.95 73.95 -33.28
N LEU H 151 -50.31 73.06 -34.21
CA LEU H 151 -51.44 72.17 -34.02
C LEU H 151 -51.07 71.19 -32.89
N GLY H 152 -52.02 70.86 -32.03
CA GLY H 152 -51.70 69.97 -30.93
C GLY H 152 -51.47 70.71 -29.63
N SER H 153 -51.36 72.03 -29.71
CA SER H 153 -51.05 72.88 -28.59
C SER H 153 -52.35 73.34 -27.90
N PRO H 154 -52.31 73.61 -26.57
CA PRO H 154 -53.54 74.12 -25.87
C PRO H 154 -53.81 75.63 -26.06
N PHE H 155 -52.92 76.31 -26.78
CA PHE H 155 -52.91 77.77 -26.77
C PHE H 155 -53.64 78.54 -27.89
N GLY H 156 -54.64 77.91 -28.49
CA GLY H 156 -55.43 78.58 -29.49
C GLY H 156 -55.57 77.88 -30.86
N SER H 157 -54.53 77.19 -31.31
CA SER H 157 -54.65 76.44 -32.58
C SER H 157 -55.36 75.13 -32.28
N ALA H 158 -55.86 74.49 -33.33
CA ALA H 158 -56.57 73.23 -33.18
C ALA H 158 -55.68 72.19 -32.42
N GLY H 159 -56.28 71.54 -31.43
CA GLY H 159 -55.62 70.49 -30.72
C GLY H 159 -56.62 69.83 -29.82
N PRO H 160 -56.12 68.95 -28.92
CA PRO H 160 -56.99 68.23 -27.92
C PRO H 160 -57.97 69.10 -27.12
N CYS H 161 -57.59 70.35 -26.83
CA CYS H 161 -58.39 71.27 -26.03
C CYS H 161 -59.40 72.14 -26.82
N SER H 162 -59.35 72.06 -28.13
CA SER H 162 -60.16 72.90 -28.94
C SER H 162 -61.42 72.14 -29.40
N PRO H 163 -62.51 72.85 -29.69
CA PRO H 163 -63.79 72.21 -29.99
C PRO H 163 -63.72 71.30 -31.22
N ASP H 164 -64.30 70.11 -31.08
CA ASP H 164 -64.38 69.14 -32.18
C ASP H 164 -65.65 69.46 -33.01
N PRO H 165 -65.47 69.92 -34.26
CA PRO H 165 -66.62 70.34 -35.08
C PRO H 165 -67.63 69.19 -35.36
N ASP H 166 -67.18 67.93 -35.32
CA ASP H 166 -68.06 66.77 -35.53
C ASP H 166 -68.69 66.22 -34.25
N ALA H 167 -68.64 66.99 -33.16
CA ALA H 167 -69.05 66.49 -31.86
C ALA H 167 -70.15 67.36 -31.28
N ARG H 171 -67.93 69.31 -27.98
CA ARG H 171 -66.93 68.76 -27.07
C ARG H 171 -65.56 68.84 -27.73
N PRO H 172 -64.50 69.03 -26.90
CA PRO H 172 -63.18 69.08 -27.49
C PRO H 172 -62.75 67.76 -28.10
N TYR H 173 -61.75 67.83 -28.98
CA TYR H 173 -61.18 66.64 -29.59
C TYR H 173 -60.68 65.64 -28.55
N GLY H 174 -60.14 66.15 -27.44
CA GLY H 174 -59.59 65.31 -26.40
C GLY H 174 -58.50 64.40 -26.92
N ALA H 175 -58.58 63.13 -26.56
CA ALA H 175 -57.58 62.14 -26.95
C ALA H 175 -57.67 61.75 -28.45
N LYS H 176 -58.72 62.20 -29.12
CA LYS H 176 -58.99 61.84 -30.52
C LYS H 176 -58.38 62.82 -31.53
N PHE H 177 -57.65 63.83 -31.06
CA PHE H 177 -56.97 64.75 -31.98
C PHE H 177 -55.96 64.02 -32.85
N PRO H 178 -56.09 64.17 -34.19
CA PRO H 178 -55.26 63.46 -35.13
C PRO H 178 -53.76 63.74 -34.94
N ARG H 179 -52.91 62.76 -35.23
CA ARG H 179 -51.46 62.97 -35.29
C ARG H 179 -51.13 64.03 -36.35
N THR H 180 -50.26 64.98 -35.97
CA THR H 180 -49.82 66.03 -36.89
C THR H 180 -48.32 65.94 -36.99
N THR H 181 -47.79 66.48 -38.10
CA THR H 181 -46.34 66.54 -38.32
C THR H 181 -45.81 67.98 -38.25
N ILE H 182 -44.48 68.11 -38.17
CA ILE H 182 -43.83 69.43 -38.31
C ILE H 182 -44.23 70.11 -39.64
N ARG H 183 -44.22 69.33 -40.73
CA ARG H 183 -44.68 69.79 -42.03
C ARG H 183 -46.16 70.23 -42.07
N ASP H 184 -47.04 69.49 -41.40
CA ASP H 184 -48.45 69.92 -41.30
C ASP H 184 -48.57 71.34 -40.74
N ASP H 185 -47.79 71.63 -39.67
CA ASP H 185 -47.75 72.98 -39.04
C ASP H 185 -47.26 74.02 -40.04
N VAL H 186 -46.13 73.75 -40.67
CA VAL H 186 -45.58 74.68 -41.61
C VAL H 186 -46.60 75.00 -42.75
N ARG H 187 -47.34 73.99 -43.19
CA ARG H 187 -48.27 74.14 -44.29
C ARG H 187 -49.51 74.95 -43.91
N ILE H 188 -50.07 74.68 -42.73
CA ILE H 188 -51.22 75.41 -42.34
C ILE H 188 -50.84 76.82 -41.96
N HIS H 189 -49.63 77.00 -41.46
CA HIS H 189 -49.14 78.34 -41.08
C HIS H 189 -48.92 79.21 -42.35
N ARG H 190 -48.35 78.58 -43.40
CA ARG H 190 -48.20 79.22 -44.68
CA ARG H 190 -48.21 79.19 -44.71
C ARG H 190 -49.55 79.66 -45.26
N GLN H 191 -50.59 78.83 -45.07
CA GLN H 191 -51.93 79.22 -45.49
C GLN H 191 -52.38 80.52 -44.83
N VAL H 192 -52.11 80.65 -43.53
CA VAL H 192 -52.47 81.85 -42.79
C VAL H 192 -51.67 83.07 -43.29
N LEU H 193 -50.37 82.90 -43.52
CA LEU H 193 -49.57 83.98 -44.06
C LEU H 193 -50.03 84.45 -45.46
N ASP H 194 -50.46 83.53 -46.30
CA ASP H 194 -51.04 83.85 -47.59
C ASP H 194 -52.27 84.70 -47.44
N ARG H 195 -53.12 84.33 -46.47
CA ARG H 195 -54.32 85.07 -46.18
C ARG H 195 -54.06 86.50 -45.68
N LEU H 196 -52.99 86.67 -44.88
CA LEU H 196 -52.58 87.99 -44.41
C LEU H 196 -51.84 88.80 -45.48
N GLY H 197 -51.57 88.17 -46.63
CA GLY H 197 -50.95 88.86 -47.74
C GLY H 197 -49.44 88.95 -47.66
N VAL H 198 -48.81 88.04 -46.91
CA VAL H 198 -47.34 88.06 -46.85
C VAL H 198 -46.84 87.58 -48.21
N ARG H 199 -45.85 88.28 -48.75
CA ARG H 199 -45.27 88.06 -50.09
CA ARG H 199 -45.32 87.90 -50.05
C ARG H 199 -43.93 87.33 -49.89
N GLN H 200 -43.15 87.81 -48.93
CA GLN H 200 -41.82 87.21 -48.70
C GLN H 200 -41.44 87.29 -47.25
N ILE H 201 -40.66 86.29 -46.82
CA ILE H 201 -40.22 86.20 -45.44
C ILE H 201 -38.77 86.57 -45.34
N ALA H 202 -38.49 87.59 -44.53
CA ALA H 202 -37.12 88.04 -44.35
C ALA H 202 -36.24 86.99 -43.59
N ALA H 203 -36.81 86.34 -42.59
CA ALA H 203 -36.07 85.33 -41.81
C ALA H 203 -37.03 84.43 -41.07
N VAL H 204 -36.67 83.16 -40.95
CA VAL H 204 -37.29 82.31 -39.93
C VAL H 204 -36.33 81.93 -38.82
N VAL H 205 -36.79 82.12 -37.56
CA VAL H 205 -35.97 81.94 -36.36
C VAL H 205 -36.70 81.00 -35.39
N GLY H 206 -36.00 80.01 -34.87
CA GLY H 206 -36.63 79.04 -33.98
C GLY H 206 -35.64 78.17 -33.24
N ALA H 207 -35.94 77.89 -31.98
CA ALA H 207 -35.08 77.05 -31.13
C ALA H 207 -35.79 75.78 -30.74
N SER H 208 -34.99 74.71 -30.68
CA SER H 208 -35.48 73.41 -30.20
C SER H 208 -36.53 72.80 -31.16
N MET H 209 -37.76 72.53 -30.68
CA MET H 209 -38.84 72.20 -31.61
C MET H 209 -39.00 73.22 -32.75
N GLY H 210 -38.97 74.53 -32.43
CA GLY H 210 -39.12 75.56 -33.46
C GLY H 210 -37.98 75.59 -34.46
N GLY H 211 -36.83 75.03 -34.09
CA GLY H 211 -35.71 74.87 -35.04
C GLY H 211 -36.02 73.83 -36.09
N MET H 212 -36.93 72.92 -35.76
CA MET H 212 -37.32 71.88 -36.67
C MET H 212 -38.25 72.46 -37.72
N HIS H 213 -39.26 73.21 -37.29
CA HIS H 213 -40.11 74.01 -38.19
C HIS H 213 -39.29 74.94 -39.07
N THR H 214 -38.31 75.61 -38.49
CA THR H 214 -37.40 76.49 -39.20
C THR H 214 -36.72 75.82 -40.41
N LEU H 215 -36.14 74.64 -40.18
CA LEU H 215 -35.55 73.85 -41.26
C LEU H 215 -36.57 73.44 -42.34
N GLU H 216 -37.76 73.01 -41.91
CA GLU H 216 -38.91 72.81 -42.81
C GLU H 216 -39.38 74.05 -43.61
N TRP H 217 -39.52 75.22 -42.96
CA TRP H 217 -39.81 76.49 -43.70
C TRP H 217 -38.82 76.74 -44.84
N ALA H 218 -37.56 76.39 -44.64
CA ALA H 218 -36.51 76.65 -45.62
C ALA H 218 -36.79 76.05 -47.02
N PHE H 219 -37.49 74.91 -47.06
CA PHE H 219 -37.76 74.18 -48.28
C PHE H 219 -38.76 74.84 -49.22
N PHE H 220 -39.41 75.91 -48.77
CA PHE H 220 -40.21 76.73 -49.68
C PHE H 220 -39.26 77.46 -50.68
N GLY H 221 -37.98 77.55 -50.32
CA GLY H 221 -36.96 78.06 -51.24
C GLY H 221 -36.65 79.53 -51.01
N PRO H 222 -35.54 80.03 -51.60
CA PRO H 222 -35.01 81.36 -51.35
C PRO H 222 -35.87 82.49 -51.95
N GLU H 223 -36.82 82.14 -52.82
CA GLU H 223 -37.75 83.14 -53.35
CA GLU H 223 -37.81 83.10 -53.37
C GLU H 223 -38.79 83.54 -52.28
N TYR H 224 -39.13 82.62 -51.39
CA TYR H 224 -40.11 82.91 -50.38
C TYR H 224 -39.50 83.17 -49.00
N VAL H 225 -38.48 82.41 -48.63
CA VAL H 225 -37.82 82.49 -47.35
C VAL H 225 -36.36 82.85 -47.58
N ARG H 226 -35.96 84.04 -47.13
CA ARG H 226 -34.62 84.55 -47.49
C ARG H 226 -33.47 84.08 -46.58
N LYS H 227 -33.75 83.86 -45.29
CA LYS H 227 -32.74 83.45 -44.33
C LYS H 227 -33.34 82.55 -43.25
N ILE H 228 -32.53 81.69 -42.67
CA ILE H 228 -33.00 80.85 -41.59
C ILE H 228 -31.99 80.89 -40.40
N VAL H 229 -32.53 80.80 -39.18
CA VAL H 229 -31.74 80.69 -37.95
C VAL H 229 -32.27 79.51 -37.09
N PRO H 230 -31.83 78.27 -37.42
CA PRO H 230 -32.12 77.09 -36.57
C PRO H 230 -31.23 77.04 -35.30
N ILE H 231 -31.87 76.89 -34.15
CA ILE H 231 -31.15 76.97 -32.90
C ILE H 231 -31.41 75.69 -32.08
N ALA H 232 -30.33 75.04 -31.61
CA ALA H 232 -30.45 73.99 -30.59
C ALA H 232 -31.49 72.98 -31.03
N THR H 233 -31.25 72.34 -32.18
CA THR H 233 -32.31 71.58 -32.83
C THR H 233 -31.74 70.36 -33.57
N SER H 234 -32.57 69.63 -34.30
CA SER H 234 -32.06 68.55 -35.14
C SER H 234 -32.73 68.57 -36.51
N CYS H 235 -32.21 67.73 -37.42
CA CYS H 235 -32.77 67.49 -38.76
C CYS H 235 -33.77 66.38 -38.86
N ARG H 236 -33.74 65.45 -37.90
CA ARG H 236 -34.71 64.38 -37.81
C ARG H 236 -34.74 63.80 -36.40
N GLN H 237 -35.80 63.11 -36.04
CA GLN H 237 -35.81 62.38 -34.75
C GLN H 237 -34.62 61.41 -34.57
N SER H 238 -34.04 61.43 -33.36
CA SER H 238 -32.94 60.54 -32.94
C SER H 238 -33.46 59.55 -31.92
N GLY H 239 -32.81 58.39 -31.83
CA GLY H 239 -33.22 57.38 -30.86
C GLY H 239 -33.15 57.86 -29.41
N TRP H 240 -32.14 58.67 -29.10
CA TRP H 240 -31.98 59.39 -27.80
C TRP H 240 -33.15 60.26 -27.41
N CYS H 241 -33.50 61.25 -28.25
CA CYS H 241 -34.67 62.09 -27.96
C CYS H 241 -35.96 61.30 -27.94
N ALA H 242 -36.14 60.39 -28.89
CA ALA H 242 -37.35 59.52 -28.88
C ALA H 242 -37.50 58.74 -27.57
N ALA H 243 -36.40 58.24 -27.02
CA ALA H 243 -36.42 57.53 -25.71
C ALA H 243 -36.80 58.44 -24.52
N TRP H 244 -36.27 59.64 -24.50
CA TRP H 244 -36.54 60.60 -23.43
C TRP H 244 -37.98 61.07 -23.45
N PHE H 245 -38.51 61.34 -24.65
CA PHE H 245 -39.88 61.85 -24.75
C PHE H 245 -40.92 60.75 -24.57
N GLU H 246 -40.58 59.53 -24.98
CA GLU H 246 -41.48 58.37 -24.77
C GLU H 246 -41.57 57.95 -23.25
N THR H 247 -40.42 57.95 -22.58
CA THR H 247 -40.38 57.86 -21.10
C THR H 247 -41.33 58.88 -20.46
N GLN H 248 -41.23 60.15 -20.88
CA GLN H 248 -42.13 61.23 -20.37
C GLN H 248 -43.59 60.92 -20.62
N ARG H 249 -43.92 60.50 -21.84
CA ARG H 249 -45.30 60.18 -22.17
C ARG H 249 -45.81 58.99 -21.32
N GLN H 250 -44.98 57.95 -21.18
CA GLN H 250 -45.33 56.82 -20.29
C GLN H 250 -45.70 57.23 -18.85
N CYS H 251 -45.03 58.25 -18.28
CA CYS H 251 -45.45 58.80 -16.98
C CYS H 251 -46.93 59.19 -17.00
N ILE H 252 -47.35 59.86 -18.08
CA ILE H 252 -48.76 60.27 -18.21
C ILE H 252 -49.66 59.07 -18.47
N TYR H 253 -49.29 58.22 -19.40
CA TYR H 253 -50.05 56.98 -19.66
C TYR H 253 -50.28 56.17 -18.37
N ASP H 254 -49.29 56.19 -17.47
CA ASP H 254 -49.31 55.33 -16.27
C ASP H 254 -50.01 55.94 -15.07
N ASP H 255 -50.35 57.23 -15.19
CA ASP H 255 -51.11 57.92 -14.17
C ASP H 255 -52.56 57.47 -14.26
N PRO H 256 -53.13 56.94 -13.16
CA PRO H 256 -54.54 56.44 -13.18
C PRO H 256 -55.61 57.53 -13.45
N LYS H 257 -55.24 58.80 -13.31
CA LYS H 257 -56.16 59.91 -13.65
C LYS H 257 -56.24 60.20 -15.16
N TYR H 258 -55.35 59.58 -15.94
CA TYR H 258 -55.25 59.79 -17.39
C TYR H 258 -56.46 59.23 -18.11
N LEU H 259 -56.86 58.02 -17.73
CA LEU H 259 -58.12 57.41 -18.22
C LEU H 259 -58.17 57.30 -19.74
N ASP H 260 -57.05 56.91 -20.33
CA ASP H 260 -56.93 56.84 -21.80
C ASP H 260 -57.10 58.15 -22.58
N GLY H 261 -56.93 59.27 -21.89
CA GLY H 261 -57.09 60.56 -22.50
C GLY H 261 -58.45 61.16 -22.24
N GLU H 262 -59.32 60.39 -21.58
CA GLU H 262 -60.70 60.78 -21.34
C GLU H 262 -60.91 61.54 -20.02
N TYR H 263 -59.82 61.97 -19.36
CA TYR H 263 -59.90 62.75 -18.12
C TYR H 263 -60.65 64.05 -18.31
N ASP H 264 -61.33 64.53 -17.25
CA ASP H 264 -61.88 65.90 -17.23
C ASP H 264 -60.75 66.93 -17.22
N VAL H 265 -60.90 67.99 -18.00
CA VAL H 265 -59.83 69.00 -18.16
C VAL H 265 -59.39 69.69 -16.85
N ASP H 266 -60.23 69.58 -15.82
CA ASP H 266 -59.90 70.16 -14.51
C ASP H 266 -59.47 69.09 -13.49
N ASP H 267 -59.36 67.84 -13.97
CA ASP H 267 -58.83 66.73 -13.18
C ASP H 267 -57.78 65.98 -14.03
N GLN H 268 -56.73 66.71 -14.42
CA GLN H 268 -55.61 66.20 -15.23
C GLN H 268 -54.84 65.07 -14.52
N PRO H 269 -54.13 64.21 -15.29
CA PRO H 269 -53.11 63.35 -14.72
C PRO H 269 -51.88 64.15 -14.27
N VAL H 270 -52.03 64.80 -13.12
CA VAL H 270 -51.09 65.78 -12.61
C VAL H 270 -49.75 65.17 -12.21
N ARG H 271 -49.78 64.00 -11.59
CA ARG H 271 -48.56 63.27 -11.22
C ARG H 271 -47.73 62.94 -12.44
N GLY H 272 -48.36 62.37 -13.46
CA GLY H 272 -47.72 62.08 -14.75
C GLY H 272 -47.07 63.28 -15.40
N LEU H 273 -47.84 64.36 -15.50
CA LEU H 273 -47.36 65.62 -16.07
C LEU H 273 -46.18 66.20 -15.35
N GLU H 274 -46.29 66.28 -14.01
CA GLU H 274 -45.18 66.66 -13.11
C GLU H 274 -43.93 65.87 -13.38
N THR H 275 -44.05 64.55 -13.42
CA THR H 275 -42.86 63.68 -13.58
C THR H 275 -42.26 63.85 -14.96
N ALA H 276 -43.12 63.93 -15.97
CA ALA H 276 -42.66 64.21 -17.32
C ALA H 276 -41.79 65.46 -17.38
N ARG H 277 -42.25 66.52 -16.69
CA ARG H 277 -41.58 67.80 -16.71
C ARG H 277 -40.31 67.86 -15.88
N LYS H 278 -40.29 67.20 -14.72
CA LYS H 278 -39.03 67.00 -13.99
C LYS H 278 -37.99 66.42 -14.92
N ILE H 279 -38.38 65.37 -15.61
CA ILE H 279 -37.44 64.69 -16.51
C ILE H 279 -36.99 65.64 -17.61
N ALA H 280 -37.96 66.26 -18.28
CA ALA H 280 -37.64 67.19 -19.36
C ALA H 280 -36.70 68.27 -18.89
N ASN H 281 -37.04 68.89 -17.76
CA ASN H 281 -36.26 70.02 -17.23
C ASN H 281 -34.80 69.67 -17.02
N LEU H 282 -34.52 68.45 -16.55
CA LEU H 282 -33.12 68.01 -16.34
C LEU H 282 -32.39 67.72 -17.63
N THR H 283 -33.09 67.13 -18.60
CA THR H 283 -32.48 66.95 -19.95
C THR H 283 -32.15 68.30 -20.61
N TYR H 284 -32.85 69.37 -20.18
CA TYR H 284 -32.57 70.74 -20.70
C TYR H 284 -31.36 71.43 -20.03
N LYS H 285 -30.85 70.86 -18.95
CA LYS H 285 -29.73 71.46 -18.25
C LYS H 285 -28.46 70.70 -18.54
N SER H 286 -27.37 71.08 -17.89
CA SER H 286 -26.16 70.34 -18.00
C SER H 286 -25.69 70.03 -16.61
N LYS H 287 -24.71 69.12 -16.51
CA LYS H 287 -24.09 68.81 -15.23
C LYS H 287 -23.50 70.05 -14.56
N PRO H 288 -22.64 70.82 -15.26
CA PRO H 288 -22.06 72.05 -14.66
C PRO H 288 -23.07 73.08 -14.20
N ALA H 289 -24.17 73.23 -14.94
CA ALA H 289 -25.25 74.10 -14.55
C ALA H 289 -25.97 73.63 -13.27
N MET H 290 -26.30 72.34 -13.18
CA MET H 290 -26.91 71.83 -11.93
C MET H 290 -25.95 71.85 -10.76
N ASP H 291 -24.66 71.63 -11.03
CA ASP H 291 -23.66 71.58 -9.98
C ASP H 291 -23.41 72.95 -9.35
N GLU H 292 -23.60 73.99 -10.15
CA GLU H 292 -23.56 75.37 -9.69
C GLU H 292 -24.74 75.71 -8.86
N ARG H 293 -25.92 75.20 -9.22
CA ARG H 293 -27.14 75.51 -8.53
C ARG H 293 -27.21 74.80 -7.20
N PHE H 294 -26.70 73.56 -7.15
CA PHE H 294 -26.81 72.71 -5.97
C PHE H 294 -25.49 72.04 -5.71
N HIS H 295 -24.94 72.27 -4.53
CA HIS H 295 -23.66 71.71 -4.16
C HIS H 295 -23.52 71.51 -2.66
N MET H 296 -22.62 70.61 -2.25
CA MET H 296 -22.35 70.35 -0.84
C MET H 296 -21.55 71.51 -0.26
N ALA H 297 -21.70 71.79 1.03
CA ALA H 297 -20.81 72.74 1.72
C ALA H 297 -19.35 72.22 1.78
N PRO H 298 -18.35 73.13 1.72
CA PRO H 298 -16.90 72.79 1.85
C PRO H 298 -16.56 71.89 3.06
N GLY H 299 -15.68 70.91 2.84
CA GLY H 299 -15.34 69.89 3.85
C GLY H 299 -14.93 70.44 5.21
N GLN H 328 -29.32 76.41 -3.11
CA GLN H 328 -27.91 75.96 -3.24
C GLN H 328 -27.37 74.63 -2.58
N PRO H 329 -27.84 74.24 -1.37
CA PRO H 329 -27.45 72.90 -0.92
C PRO H 329 -28.13 71.71 -1.63
N ILE H 330 -27.50 70.54 -1.55
CA ILE H 330 -28.04 69.31 -2.09
C ILE H 330 -29.47 69.06 -1.61
N GLU H 331 -29.73 69.44 -0.34
CA GLU H 331 -31.04 69.28 0.31
C GLU H 331 -32.15 70.06 -0.39
N ALA H 332 -31.79 71.19 -1.01
CA ALA H 332 -32.76 72.10 -1.65
C ALA H 332 -33.22 71.60 -3.04
N VAL H 333 -32.55 70.56 -3.56
CA VAL H 333 -32.87 69.98 -4.87
C VAL H 333 -34.32 69.44 -4.94
N SER H 334 -34.76 68.74 -3.90
CA SER H 334 -36.12 68.18 -3.81
C SER H 334 -37.22 69.20 -4.13
N SER H 335 -37.10 70.35 -3.49
CA SER H 335 -38.12 71.38 -3.44
C SER H 335 -38.11 72.08 -4.81
N TYR H 336 -36.93 72.27 -5.32
CA TYR H 336 -36.74 72.83 -6.61
C TYR H 336 -37.40 72.03 -7.76
N LEU H 337 -37.28 70.70 -7.70
CA LEU H 337 -37.92 69.77 -8.67
C LEU H 337 -39.46 69.78 -8.57
N ARG H 338 -39.97 69.70 -7.35
CA ARG H 338 -41.40 69.81 -7.08
C ARG H 338 -41.93 71.14 -7.61
N TYR H 339 -41.24 72.24 -7.32
CA TYR H 339 -41.79 73.55 -7.66
C TYR H 339 -41.93 73.72 -9.19
N GLN H 340 -40.84 73.48 -9.90
CA GLN H 340 -40.82 73.47 -11.37
C GLN H 340 -41.98 72.62 -11.95
N ALA H 341 -42.10 71.37 -11.47
CA ALA H 341 -42.99 70.40 -12.02
C ALA H 341 -44.45 70.81 -11.78
N GLN H 342 -44.75 71.21 -10.54
CA GLN H 342 -46.09 71.69 -10.16
C GLN H 342 -46.55 72.91 -10.97
N LYS H 343 -45.65 73.86 -11.14
CA LYS H 343 -45.86 75.05 -11.96
C LYS H 343 -46.32 74.70 -13.39
N PHE H 344 -45.57 73.83 -14.08
CA PHE H 344 -45.94 73.32 -15.39
C PHE H 344 -47.27 72.57 -15.41
N ALA H 345 -47.46 71.61 -14.51
CA ALA H 345 -48.64 70.76 -14.55
C ALA H 345 -49.95 71.57 -14.37
N ALA H 346 -49.85 72.75 -13.75
CA ALA H 346 -51.02 73.59 -13.49
C ALA H 346 -51.40 74.35 -14.74
N SER H 347 -50.48 74.47 -15.67
CA SER H 347 -50.62 75.39 -16.76
C SER H 347 -50.51 74.74 -18.18
N PHE H 348 -50.66 73.42 -18.26
CA PHE H 348 -50.59 72.72 -19.54
C PHE H 348 -51.52 71.52 -19.49
N ASP H 349 -51.84 70.99 -20.66
CA ASP H 349 -52.75 69.87 -20.81
C ASP H 349 -51.97 68.63 -21.20
N ALA H 350 -52.31 67.49 -20.61
CA ALA H 350 -51.62 66.21 -20.87
C ALA H 350 -51.79 65.64 -22.29
N ASN H 351 -53.02 65.59 -22.79
CA ASN H 351 -53.28 65.19 -24.19
C ASN H 351 -52.46 66.05 -25.16
N CYS H 352 -52.41 67.36 -24.94
CA CYS H 352 -51.58 68.23 -25.74
C CYS H 352 -50.11 67.93 -25.56
N TYR H 353 -49.69 67.57 -24.34
CA TYR H 353 -48.27 67.17 -24.15
C TYR H 353 -47.91 65.97 -25.00
N ILE H 354 -48.77 64.97 -24.95
CA ILE H 354 -48.69 63.81 -25.83
C ILE H 354 -48.71 64.15 -27.32
N ALA H 355 -49.69 64.92 -27.76
CA ALA H 355 -49.81 65.31 -29.19
C ALA H 355 -48.55 66.00 -29.71
N MET H 356 -48.07 66.98 -28.95
CA MET H 356 -46.89 67.76 -29.34
C MET H 356 -45.57 66.99 -29.36
N THR H 357 -45.30 66.19 -28.32
CA THR H 357 -44.07 65.39 -28.30
C THR H 357 -44.03 64.35 -29.38
N LEU H 358 -45.19 63.80 -29.70
CA LEU H 358 -45.31 62.87 -30.81
C LEU H 358 -44.86 63.46 -32.16
N LYS H 359 -45.03 64.76 -32.33
CA LYS H 359 -44.59 65.47 -33.54
C LYS H 359 -43.12 65.28 -33.78
N PHE H 360 -42.36 65.22 -32.66
CA PHE H 360 -40.91 65.08 -32.75
C PHE H 360 -40.58 63.85 -33.58
N ASP H 361 -41.36 62.78 -33.39
CA ASP H 361 -41.01 61.48 -33.95
C ASP H 361 -41.13 61.45 -35.49
N THR H 362 -41.88 62.38 -36.07
CA THR H 362 -42.04 62.36 -37.53
C THR H 362 -41.19 63.44 -38.21
N HIS H 363 -40.35 64.12 -37.43
CA HIS H 363 -39.47 65.08 -37.98
C HIS H 363 -38.36 64.39 -38.78
N ASP H 364 -38.25 64.75 -40.05
CA ASP H 364 -37.10 64.29 -40.88
C ASP H 364 -37.10 65.13 -42.15
N ILE H 365 -36.13 66.02 -42.28
CA ILE H 365 -36.16 66.94 -43.44
C ILE H 365 -35.84 66.24 -44.78
N SER H 366 -35.41 64.97 -44.70
CA SER H 366 -35.08 64.22 -45.89
C SER H 366 -36.23 63.40 -46.42
N ARG H 367 -37.21 63.08 -45.58
CA ARG H 367 -38.35 62.27 -46.02
CA ARG H 367 -38.41 62.32 -45.94
C ARG H 367 -38.97 62.81 -47.29
N GLY H 368 -38.97 61.97 -48.31
CA GLY H 368 -39.61 62.37 -49.58
C GLY H 368 -38.79 63.35 -50.39
N ARG H 369 -37.59 63.73 -49.93
CA ARG H 369 -36.79 64.81 -50.55
C ARG H 369 -35.38 64.38 -50.99
N ALA H 370 -34.74 63.51 -50.22
CA ALA H 370 -33.36 63.13 -50.45
C ALA H 370 -33.07 61.78 -49.82
N GLY H 371 -31.92 61.21 -50.18
CA GLY H 371 -31.58 59.85 -49.76
C GLY H 371 -30.90 59.83 -48.42
N SER H 372 -30.49 61.01 -47.95
CA SER H 372 -29.84 61.13 -46.66
C SER H 372 -30.06 62.53 -46.07
N ILE H 373 -29.73 62.70 -44.79
CA ILE H 373 -29.77 64.00 -44.13
C ILE H 373 -28.78 65.03 -44.72
N PRO H 374 -27.49 64.63 -44.93
CA PRO H 374 -26.57 65.56 -45.62
C PRO H 374 -27.05 66.07 -46.99
N GLU H 375 -27.73 65.21 -47.76
CA GLU H 375 -28.20 65.59 -49.08
C GLU H 375 -29.39 66.56 -48.98
N ALA H 376 -30.27 66.33 -48.01
CA ALA H 376 -31.37 67.23 -47.71
C ALA H 376 -30.85 68.62 -47.31
N LEU H 377 -29.84 68.65 -46.45
CA LEU H 377 -29.25 69.90 -45.97
C LEU H 377 -28.64 70.68 -47.09
N ALA H 378 -28.05 69.95 -48.06
CA ALA H 378 -27.45 70.57 -49.27
C ALA H 378 -28.47 71.29 -50.19
N MET H 379 -29.76 70.94 -50.06
CA MET H 379 -30.84 71.60 -50.79
C MET H 379 -31.29 72.91 -50.15
N ILE H 380 -30.74 73.23 -48.96
CA ILE H 380 -31.04 74.49 -48.30
C ILE H 380 -30.10 75.58 -48.80
N THR H 381 -30.67 76.51 -49.56
CA THR H 381 -29.92 77.46 -50.38
C THR H 381 -29.82 78.87 -49.77
N GLN H 382 -30.71 79.16 -48.83
CA GLN H 382 -30.66 80.40 -48.02
C GLN H 382 -29.42 80.48 -47.15
N PRO H 383 -28.91 81.72 -46.92
CA PRO H 383 -27.99 81.91 -45.78
C PRO H 383 -28.59 81.36 -44.44
N ALA H 384 -27.76 80.63 -43.70
CA ALA H 384 -28.16 80.01 -42.44
C ALA H 384 -27.22 80.36 -41.29
N LEU H 385 -27.80 80.65 -40.14
CA LEU H 385 -27.02 80.82 -38.92
C LEU H 385 -27.45 79.72 -37.94
N ILE H 386 -26.56 78.79 -37.68
CA ILE H 386 -26.84 77.68 -36.79
C ILE H 386 -26.28 77.97 -35.38
N ILE H 387 -27.17 78.15 -34.42
CA ILE H 387 -26.76 78.47 -33.05
C ILE H 387 -26.88 77.25 -32.15
N CYS H 388 -25.81 76.94 -31.45
CA CYS H 388 -25.78 75.77 -30.52
C CYS H 388 -24.87 76.00 -29.31
N ALA H 389 -24.94 75.09 -28.33
CA ALA H 389 -24.03 75.04 -27.18
C ALA H 389 -23.39 73.63 -27.10
N ARG H 390 -22.08 73.57 -26.80
CA ARG H 390 -21.40 72.28 -26.61
C ARG H 390 -22.04 71.38 -25.54
N SER H 391 -22.63 72.00 -24.52
CA SER H 391 -23.13 71.29 -23.33
C SER H 391 -24.60 70.82 -23.46
N ASP H 392 -25.19 70.98 -24.66
CA ASP H 392 -26.58 70.58 -24.91
C ASP H 392 -26.67 69.07 -24.88
N GLY H 393 -27.42 68.52 -23.95
CA GLY H 393 -27.47 67.07 -23.79
C GLY H 393 -28.51 66.36 -24.64
N LEU H 394 -29.32 67.13 -25.38
CA LEU H 394 -30.34 66.54 -26.28
C LEU H 394 -29.96 66.63 -27.78
N TYR H 395 -29.45 67.80 -28.18
CA TYR H 395 -29.11 68.09 -29.57
C TYR H 395 -27.64 68.38 -29.61
N SER H 396 -26.88 67.47 -30.19
CA SER H 396 -25.45 67.43 -30.00
C SER H 396 -24.71 68.46 -30.81
N PHE H 397 -23.59 68.90 -30.27
CA PHE H 397 -22.68 69.76 -31.00
C PHE H 397 -22.38 69.21 -32.39
N ASP H 398 -22.09 67.92 -32.46
CA ASP H 398 -21.77 67.21 -33.72
C ASP H 398 -22.85 67.29 -34.80
N GLU H 399 -24.13 67.21 -34.41
CA GLU H 399 -25.21 67.33 -35.40
C GLU H 399 -25.41 68.78 -35.94
N HIS H 400 -25.02 69.79 -35.14
CA HIS H 400 -24.96 71.18 -35.61
C HIS H 400 -23.75 71.43 -36.52
N VAL H 401 -22.61 70.83 -36.17
CA VAL H 401 -21.47 70.83 -37.08
C VAL H 401 -21.86 70.22 -38.46
N GLU H 402 -22.55 69.08 -38.43
CA GLU H 402 -23.06 68.45 -39.66
C GLU H 402 -23.94 69.39 -40.49
N MET H 403 -24.89 70.06 -39.83
CA MET H 403 -25.65 71.13 -40.49
C MET H 403 -24.75 72.16 -41.17
N GLY H 404 -23.76 72.66 -40.45
CA GLY H 404 -22.82 73.66 -41.02
C GLY H 404 -21.95 73.18 -42.19
N ARG H 405 -21.62 71.89 -42.19
CA ARG H 405 -20.91 71.27 -43.28
C ARG H 405 -21.72 71.14 -44.56
N SER H 406 -22.99 70.77 -44.45
CA SER H 406 -23.79 70.43 -45.61
C SER H 406 -24.63 71.56 -46.16
N ILE H 407 -25.13 72.45 -45.29
CA ILE H 407 -25.78 73.70 -45.78
C ILE H 407 -24.74 74.61 -46.45
N PRO H 408 -24.84 74.80 -47.78
CA PRO H 408 -23.76 75.49 -48.53
C PRO H 408 -23.42 76.95 -48.09
N ASN H 409 -24.41 77.74 -47.68
CA ASN H 409 -24.18 79.11 -47.20
C ASN H 409 -24.52 79.25 -45.70
N SER H 410 -23.71 78.66 -44.84
CA SER H 410 -24.03 78.61 -43.44
C SER H 410 -22.88 79.07 -42.56
N ARG H 411 -23.19 79.53 -41.37
CA ARG H 411 -22.20 79.90 -40.38
C ARG H 411 -22.66 79.30 -39.08
N LEU H 412 -21.73 78.66 -38.37
CA LEU H 412 -22.03 78.10 -37.10
C LEU H 412 -21.66 79.11 -35.99
N CYS H 413 -22.60 79.34 -35.09
CA CYS H 413 -22.34 80.11 -33.91
C CYS H 413 -22.41 79.24 -32.64
N VAL H 414 -21.25 79.04 -32.00
CA VAL H 414 -21.15 78.27 -30.77
C VAL H 414 -21.11 79.22 -29.59
N VAL H 415 -22.18 79.23 -28.82
CA VAL H 415 -22.29 80.12 -27.67
C VAL H 415 -21.44 79.57 -26.55
N ASP H 416 -20.60 80.43 -25.98
CA ASP H 416 -19.73 80.04 -24.85
C ASP H 416 -20.55 80.06 -23.56
N THR H 417 -20.84 78.90 -23.01
CA THR H 417 -21.75 78.78 -21.89
C THR H 417 -21.64 77.36 -21.33
N ASN H 418 -22.07 77.14 -20.09
CA ASN H 418 -22.08 75.81 -19.51
C ASN H 418 -23.49 75.41 -19.34
N GLU H 419 -24.36 76.24 -19.88
CA GLU H 419 -25.72 75.84 -19.89
C GLU H 419 -25.89 74.68 -20.92
N GLY H 420 -26.86 73.86 -20.70
CA GLY H 420 -27.19 72.83 -21.64
C GLY H 420 -28.18 73.35 -22.66
N HIS H 421 -29.20 72.56 -22.92
CA HIS H 421 -30.19 72.90 -23.94
C HIS H 421 -30.88 74.24 -23.69
N ASP H 422 -31.12 74.55 -22.43
CA ASP H 422 -31.73 75.79 -21.93
CA ASP H 422 -31.83 75.79 -22.14
C ASP H 422 -30.96 77.05 -22.31
N PHE H 423 -29.75 76.90 -22.83
CA PHE H 423 -28.87 78.06 -23.05
C PHE H 423 -29.55 79.14 -23.91
N PHE H 424 -30.46 78.75 -24.82
CA PHE H 424 -31.06 79.74 -25.76
C PHE H 424 -31.97 80.75 -25.03
N VAL H 425 -32.42 80.36 -23.85
CA VAL H 425 -33.19 81.21 -22.94
C VAL H 425 -32.27 81.87 -21.89
N MET H 426 -31.31 81.12 -21.35
CA MET H 426 -30.37 81.63 -20.30
C MET H 426 -29.37 82.63 -20.83
N GLU H 427 -28.93 82.41 -22.06
CA GLU H 427 -27.96 83.29 -22.72
C GLU H 427 -28.66 84.12 -23.80
N ALA H 428 -29.81 84.69 -23.47
CA ALA H 428 -30.68 85.35 -24.47
C ALA H 428 -30.00 86.52 -25.10
N ASP H 429 -29.16 87.20 -24.35
CA ASP H 429 -28.39 88.33 -24.89
C ASP H 429 -27.40 87.92 -25.97
N LYS H 430 -26.71 86.80 -25.76
CA LYS H 430 -25.80 86.24 -26.76
C LYS H 430 -26.54 85.76 -28.01
N VAL H 431 -27.66 85.10 -27.81
CA VAL H 431 -28.53 84.69 -28.92
C VAL H 431 -29.06 85.95 -29.67
N ASN H 432 -29.54 86.94 -28.92
CA ASN H 432 -29.96 88.23 -29.53
C ASN H 432 -28.89 88.82 -30.47
N ASP H 433 -27.67 88.96 -29.97
CA ASP H 433 -26.58 89.63 -30.68
C ASP H 433 -26.19 88.87 -31.94
N ALA H 434 -26.18 87.55 -31.84
CA ALA H 434 -25.90 86.69 -32.99
C ALA H 434 -27.02 86.78 -34.05
N VAL H 435 -28.28 86.75 -33.61
CA VAL H 435 -29.39 86.84 -34.54
C VAL H 435 -29.43 88.23 -35.23
N ARG H 436 -29.22 89.28 -34.46
CA ARG H 436 -29.26 90.62 -35.01
C ARG H 436 -28.11 90.83 -36.00
N GLY H 437 -26.89 90.46 -35.61
CA GLY H 437 -25.76 90.52 -36.52
C GLY H 437 -26.01 89.84 -37.87
N PHE H 438 -26.63 88.66 -37.83
CA PHE H 438 -26.93 87.89 -39.03
C PHE H 438 -28.03 88.53 -39.89
N LEU H 439 -29.06 89.05 -39.24
CA LEU H 439 -30.13 89.77 -39.91
C LEU H 439 -29.63 91.07 -40.56
N ASP H 440 -28.61 91.68 -39.96
CA ASP H 440 -27.99 92.92 -40.42
C ASP H 440 -27.10 92.76 -41.64
N GLN H 441 -26.68 91.54 -41.93
CA GLN H 441 -25.78 91.27 -43.07
C GLN H 441 -26.45 91.43 -44.44
N ASN I 66 -7.53 -62.09 10.76
CA ASN I 66 -6.60 -60.93 10.99
C ASN I 66 -6.17 -60.23 9.68
N ARG I 67 -6.93 -59.19 9.33
CA ARG I 67 -6.69 -58.44 8.11
C ARG I 67 -5.40 -57.64 8.11
N PHE I 68 -4.87 -57.35 9.28
CA PHE I 68 -3.59 -56.64 9.39
C PHE I 68 -2.43 -57.56 9.03
N GLU I 69 -2.43 -58.74 9.61
CA GLU I 69 -1.45 -59.76 9.32
C GLU I 69 -1.59 -60.25 7.86
N ALA I 70 -2.81 -60.38 7.37
CA ALA I 70 -3.05 -60.78 5.96
C ALA I 70 -2.47 -59.81 4.89
N SER I 71 -2.24 -58.56 5.28
CA SER I 71 -1.78 -57.54 4.32
C SER I 71 -0.26 -57.62 4.04
N LEU I 72 0.46 -58.42 4.83
CA LEU I 72 1.91 -58.45 4.84
C LEU I 72 2.47 -59.42 3.83
N ASP I 73 3.73 -59.18 3.45
CA ASP I 73 4.47 -60.17 2.70
C ASP I 73 4.63 -61.40 3.59
N ALA I 74 5.04 -62.49 2.98
CA ALA I 74 5.25 -63.74 3.70
C ALA I 74 6.23 -63.54 4.87
N GLN I 75 5.94 -64.21 5.97
CA GLN I 75 6.86 -64.19 7.11
C GLN I 75 6.74 -65.51 7.85
N ASP I 76 7.62 -65.72 8.82
CA ASP I 76 7.60 -66.94 9.63
C ASP I 76 6.90 -66.73 10.99
N ILE I 77 6.39 -67.83 11.54
CA ILE I 77 5.78 -67.87 12.86
C ILE I 77 6.48 -68.98 13.66
N ALA I 78 7.03 -68.62 14.82
CA ALA I 78 7.40 -69.61 15.84
C ALA I 78 6.25 -69.78 16.84
N ARG I 79 5.99 -71.01 17.23
CA ARG I 79 4.93 -71.30 18.19
C ARG I 79 5.49 -71.69 19.56
N ILE I 80 5.25 -70.86 20.58
CA ILE I 80 5.74 -71.13 21.97
C ILE I 80 4.53 -71.66 22.74
N SER I 81 4.58 -72.93 23.16
CA SER I 81 3.42 -73.54 23.79
C SER I 81 3.00 -72.83 25.11
N LEU I 82 3.98 -72.43 25.92
CA LEU I 82 3.71 -71.72 27.15
C LEU I 82 4.70 -70.58 27.36
N PHE I 83 4.17 -69.39 27.67
CA PHE I 83 5.04 -68.29 28.07
C PHE I 83 4.56 -67.55 29.32
N THR I 84 5.41 -67.44 30.31
CA THR I 84 5.07 -66.69 31.54
C THR I 84 5.46 -65.21 31.45
N LEU I 85 4.45 -64.34 31.36
CA LEU I 85 4.68 -62.89 31.39
C LEU I 85 5.21 -62.53 32.77
N GLU I 86 5.93 -61.42 32.86
CA GLU I 86 6.50 -61.04 34.13
C GLU I 86 5.43 -60.66 35.18
N SER I 87 4.20 -60.39 34.73
CA SER I 87 3.05 -60.24 35.62
C SER I 87 2.70 -61.55 36.33
N GLY I 88 3.15 -62.65 35.75
CA GLY I 88 2.75 -63.97 36.18
C GLY I 88 1.65 -64.59 35.33
N VAL I 89 1.00 -63.80 34.50
CA VAL I 89 -0.01 -64.32 33.58
C VAL I 89 0.68 -65.24 32.55
N ILE I 90 0.07 -66.36 32.28
CA ILE I 90 0.65 -67.31 31.38
C ILE I 90 -0.09 -67.24 30.05
N LEU I 91 0.68 -67.03 28.99
CA LEU I 91 0.15 -67.10 27.64
C LEU I 91 0.36 -68.52 27.07
N ARG I 92 -0.65 -69.00 26.36
CA ARG I 92 -0.63 -70.34 25.78
C ARG I 92 -0.64 -70.30 24.25
N ASP I 93 0.02 -71.30 23.65
CA ASP I 93 0.00 -71.45 22.20
C ASP I 93 0.34 -70.11 21.51
N VAL I 94 1.53 -69.61 21.79
CA VAL I 94 1.88 -68.23 21.48
C VAL I 94 2.61 -68.13 20.10
N PRO I 95 1.98 -67.46 19.12
CA PRO I 95 2.75 -67.17 17.90
C PRO I 95 3.67 -65.99 18.09
N VAL I 96 4.89 -66.13 17.59
CA VAL I 96 5.79 -65.04 17.46
C VAL I 96 6.14 -64.93 15.96
N ALA I 97 5.74 -63.82 15.33
CA ALA I 97 6.10 -63.57 13.94
C ALA I 97 7.49 -62.94 13.83
N TYR I 98 8.19 -63.28 12.77
CA TYR I 98 9.46 -62.69 12.50
C TYR I 98 9.78 -62.76 11.02
N LYS I 99 10.71 -61.93 10.61
CA LYS I 99 11.18 -61.89 9.25
C LYS I 99 12.70 -61.76 9.31
N SER I 100 13.40 -62.53 8.50
CA SER I 100 14.85 -62.46 8.46
C SER I 100 15.33 -62.29 7.04
N TRP I 101 16.55 -61.80 6.91
CA TRP I 101 17.21 -61.58 5.63
C TRP I 101 18.61 -62.09 5.81
N GLY I 102 19.16 -62.75 4.79
CA GLY I 102 20.55 -63.20 4.83
C GLY I 102 20.64 -64.55 5.49
N ARG I 103 21.85 -64.98 5.80
CA ARG I 103 22.08 -66.35 6.20
C ARG I 103 23.05 -66.36 7.37
N MET I 104 22.84 -67.24 8.32
CA MET I 104 23.81 -67.36 9.40
C MET I 104 25.12 -67.94 8.90
N ASN I 105 26.25 -67.50 9.43
CA ASN I 105 27.52 -68.16 9.16
C ASN I 105 27.61 -69.49 9.95
N VAL I 106 28.76 -70.18 9.86
CA VAL I 106 28.89 -71.54 10.46
C VAL I 106 28.87 -71.45 11.97
N SER I 107 29.52 -70.41 12.49
CA SER I 107 29.55 -70.11 13.93
C SER I 107 28.21 -69.62 14.50
N ARG I 108 27.26 -69.25 13.62
CA ARG I 108 25.98 -68.71 14.04
C ARG I 108 26.16 -67.48 14.97
N ASP I 109 27.13 -66.62 14.63
CA ASP I 109 27.44 -65.44 15.45
C ASP I 109 27.41 -64.11 14.65
N ASN I 110 26.83 -64.14 13.46
CA ASN I 110 26.67 -62.95 12.64
C ASN I 110 25.20 -62.43 12.64
N CYS I 111 24.48 -62.66 13.75
CA CYS I 111 23.10 -62.18 13.90
C CYS I 111 23.00 -60.68 14.22
N VAL I 112 22.23 -59.97 13.40
CA VAL I 112 21.84 -58.58 13.71
C VAL I 112 20.34 -58.52 13.97
N ILE I 113 19.97 -58.10 15.19
CA ILE I 113 18.54 -57.92 15.54
C ILE I 113 18.13 -56.48 15.25
N VAL I 114 17.03 -56.29 14.51
CA VAL I 114 16.45 -54.99 14.35
C VAL I 114 15.16 -54.95 15.17
N CYS I 115 15.02 -53.94 16.00
CA CYS I 115 13.78 -53.80 16.80
C CYS I 115 12.85 -52.74 16.14
N HIS I 116 11.60 -53.12 15.84
CA HIS I 116 10.71 -52.26 15.08
C HIS I 116 10.02 -51.12 15.91
N THR I 117 9.16 -50.34 15.28
CA THR I 117 8.53 -49.20 15.95
C THR I 117 7.11 -49.61 16.30
N LEU I 118 6.43 -48.73 17.03
CA LEU I 118 5.10 -48.94 17.59
C LEU I 118 4.05 -49.51 16.62
N THR I 119 3.98 -48.96 15.43
CA THR I 119 2.90 -49.35 14.53
C THR I 119 3.42 -50.06 13.27
N SER I 120 4.71 -50.34 13.22
CA SER I 120 5.17 -51.17 12.13
C SER I 120 5.06 -52.69 12.37
N SER I 121 5.18 -53.48 11.29
CA SER I 121 5.34 -54.92 11.38
C SER I 121 6.80 -55.28 11.55
N ALA I 122 7.14 -56.56 11.44
CA ALA I 122 8.54 -56.97 11.43
C ALA I 122 9.27 -56.70 10.12
N HIS I 123 8.54 -56.24 9.09
CA HIS I 123 9.12 -56.04 7.74
C HIS I 123 9.82 -54.68 7.62
N VAL I 124 11.03 -54.61 8.14
CA VAL I 124 11.80 -53.38 8.34
C VAL I 124 12.07 -52.69 7.00
N THR I 125 12.22 -53.51 5.97
CA THR I 125 12.44 -53.06 4.60
C THR I 125 11.35 -52.10 4.13
N SER I 126 10.18 -52.11 4.75
CA SER I 126 9.12 -51.28 4.24
C SER I 126 9.23 -49.82 4.66
N TRP I 127 9.95 -49.54 5.75
CA TRP I 127 10.17 -48.16 6.12
C TRP I 127 11.66 -47.78 6.29
N TRP I 128 12.52 -48.80 6.34
CA TRP I 128 13.95 -48.61 6.29
C TRP I 128 14.62 -49.32 5.07
N PRO I 129 14.04 -49.15 3.86
CA PRO I 129 14.57 -49.91 2.71
C PRO I 129 16.03 -49.64 2.34
N THR I 130 16.53 -48.42 2.60
CA THR I 130 17.87 -48.06 2.19
C THR I 130 18.97 -48.49 3.16
N LEU I 131 18.58 -49.09 4.27
CA LEU I 131 19.57 -49.64 5.20
C LEU I 131 19.98 -51.06 4.84
N PHE I 132 19.26 -51.66 3.88
CA PHE I 132 19.48 -53.04 3.44
C PHE I 132 20.29 -53.17 2.15
N GLY I 133 21.17 -54.16 2.10
CA GLY I 133 21.95 -54.46 0.88
C GLY I 133 23.46 -54.43 1.06
N GLN I 134 24.16 -54.84 0.01
CA GLN I 134 25.65 -54.90 0.02
C GLN I 134 26.24 -53.54 0.33
N GLY I 135 27.14 -53.52 1.30
CA GLY I 135 27.76 -52.28 1.69
C GLY I 135 26.90 -51.37 2.55
N ARG I 136 25.64 -51.72 2.78
CA ARG I 136 24.77 -50.91 3.67
C ARG I 136 24.85 -51.45 5.11
N ALA I 137 24.12 -50.83 6.02
CA ALA I 137 24.14 -51.20 7.44
C ALA I 137 23.73 -52.66 7.63
N PHE I 138 22.56 -53.01 7.09
CA PHE I 138 22.04 -54.36 7.14
C PHE I 138 22.45 -55.11 5.87
N ASP I 139 23.73 -55.46 5.86
CA ASP I 139 24.39 -56.09 4.72
C ASP I 139 24.16 -57.59 4.74
N THR I 140 23.24 -58.04 3.89
CA THR I 140 22.77 -59.44 3.91
C THR I 140 23.79 -60.43 3.33
N SER I 141 24.98 -59.92 2.98
CA SER I 141 26.13 -60.74 2.56
CA SER I 141 26.12 -60.74 2.56
C SER I 141 27.08 -60.97 3.73
N ARG I 142 26.91 -60.21 4.81
CA ARG I 142 27.70 -60.35 6.00
C ARG I 142 26.91 -60.89 7.21
N TYR I 143 25.63 -60.54 7.27
CA TYR I 143 24.86 -60.77 8.49
C TYR I 143 23.59 -61.51 8.21
N PHE I 144 23.13 -62.26 9.22
CA PHE I 144 21.77 -62.74 9.34
C PHE I 144 20.96 -61.64 10.10
N ILE I 145 20.11 -60.92 9.37
CA ILE I 145 19.37 -59.83 9.95
C ILE I 145 18.00 -60.38 10.30
N ILE I 146 17.50 -60.07 11.50
CA ILE I 146 16.18 -60.57 11.92
C ILE I 146 15.39 -59.50 12.68
N CYS I 147 14.10 -59.44 12.45
CA CYS I 147 13.24 -58.56 13.22
C CYS I 147 12.06 -59.37 13.61
N LEU I 148 11.72 -59.34 14.91
CA LEU I 148 10.56 -60.06 15.44
C LEU I 148 9.43 -59.11 15.88
N ASN I 149 8.19 -59.52 15.66
CA ASN I 149 7.02 -58.70 15.95
C ASN I 149 6.76 -58.74 17.48
N TYR I 150 6.61 -57.58 18.11
CA TYR I 150 6.28 -57.47 19.53
C TYR I 150 4.93 -58.12 19.88
N LEU I 151 4.83 -58.62 21.10
CA LEU I 151 3.51 -58.96 21.67
C LEU I 151 2.60 -57.69 21.74
N GLY I 152 1.31 -57.88 21.46
CA GLY I 152 0.38 -56.73 21.42
C GLY I 152 0.16 -56.11 20.05
N SER I 153 1.01 -56.44 19.09
CA SER I 153 0.94 -55.96 17.72
C SER I 153 -0.07 -56.76 16.90
N PRO I 154 -0.71 -56.13 15.90
CA PRO I 154 -1.63 -56.82 14.99
C PRO I 154 -0.95 -57.66 13.87
N PHE I 155 0.37 -57.67 13.82
CA PHE I 155 1.11 -58.13 12.63
C PHE I 155 1.73 -59.54 12.69
N GLY I 156 1.17 -60.42 13.54
CA GLY I 156 1.58 -61.81 13.58
C GLY I 156 1.86 -62.41 14.96
N SER I 157 2.47 -61.65 15.85
CA SER I 157 2.72 -62.10 17.20
C SER I 157 1.45 -62.03 18.00
N ALA I 158 1.44 -62.71 19.14
CA ALA I 158 0.24 -62.78 20.00
C ALA I 158 -0.14 -61.35 20.41
N GLY I 159 -1.43 -61.07 20.37
CA GLY I 159 -1.94 -59.75 20.61
C GLY I 159 -3.44 -59.79 20.49
N PRO I 160 -4.10 -58.63 20.68
CA PRO I 160 -5.57 -58.50 20.59
C PRO I 160 -6.24 -59.10 19.31
N CYS I 161 -5.53 -59.11 18.20
CA CYS I 161 -6.05 -59.63 16.95
C CYS I 161 -5.78 -61.13 16.73
N SER I 162 -5.05 -61.76 17.64
CA SER I 162 -4.70 -63.13 17.46
C SER I 162 -5.65 -64.09 18.21
N PRO I 163 -5.76 -65.35 17.75
CA PRO I 163 -6.71 -66.28 18.41
C PRO I 163 -6.42 -66.51 19.92
N ASP I 164 -7.49 -66.47 20.70
CA ASP I 164 -7.45 -66.75 22.14
C ASP I 164 -7.61 -68.25 22.37
N PRO I 165 -6.54 -68.94 22.79
CA PRO I 165 -6.58 -70.40 22.93
C PRO I 165 -7.64 -70.91 23.93
N ASP I 166 -8.07 -70.06 24.84
CA ASP I 166 -9.08 -70.42 25.84
C ASP I 166 -10.52 -70.08 25.44
N ALA I 167 -10.71 -69.51 24.27
CA ALA I 167 -12.07 -69.22 23.79
C ALA I 167 -12.53 -70.26 22.77
N ARG I 171 -12.70 -66.82 18.42
CA ARG I 171 -12.55 -65.48 18.98
C ARG I 171 -11.12 -65.16 19.29
N PRO I 172 -10.68 -63.98 18.88
CA PRO I 172 -9.44 -63.35 19.27
C PRO I 172 -9.47 -62.87 20.72
N TYR I 173 -8.30 -62.68 21.32
CA TYR I 173 -8.18 -62.03 22.62
C TYR I 173 -9.02 -60.73 22.73
N GLY I 174 -9.00 -59.90 21.68
CA GLY I 174 -9.69 -58.61 21.73
C GLY I 174 -9.18 -57.68 22.81
N ALA I 175 -10.11 -57.17 23.64
CA ALA I 175 -9.78 -56.27 24.78
C ALA I 175 -9.09 -56.97 25.97
N LYS I 176 -9.10 -58.30 25.95
CA LYS I 176 -8.61 -59.12 27.07
C LYS I 176 -7.16 -59.61 26.93
N PHE I 177 -6.44 -59.18 25.89
CA PHE I 177 -5.02 -59.48 25.79
C PHE I 177 -4.27 -58.90 27.03
N PRO I 178 -3.53 -59.76 27.76
CA PRO I 178 -2.81 -59.36 28.98
C PRO I 178 -1.78 -58.31 28.71
N ARG I 179 -1.51 -57.47 29.70
CA ARG I 179 -0.46 -56.50 29.58
C ARG I 179 0.89 -57.17 29.49
N THR I 180 1.72 -56.61 28.62
CA THR I 180 3.07 -57.09 28.36
C THR I 180 4.03 -55.92 28.51
N THR I 181 5.27 -56.23 28.80
CA THR I 181 6.30 -55.21 28.97
C THR I 181 7.33 -55.32 27.82
N ILE I 182 8.17 -54.31 27.67
CA ILE I 182 9.37 -54.39 26.84
C ILE I 182 10.21 -55.66 27.16
N ARG I 183 10.39 -55.92 28.45
CA ARG I 183 11.10 -57.11 28.93
C ARG I 183 10.48 -58.46 28.50
N ASP I 184 9.16 -58.56 28.50
CA ASP I 184 8.43 -59.75 28.01
C ASP I 184 8.80 -60.04 26.54
N ASP I 185 8.78 -58.98 25.71
CA ASP I 185 9.12 -59.07 24.28
C ASP I 185 10.53 -59.58 24.08
N VAL I 186 11.48 -58.93 24.72
CA VAL I 186 12.87 -59.34 24.68
C VAL I 186 13.00 -60.82 25.08
N ARG I 187 12.31 -61.20 26.17
CA ARG I 187 12.40 -62.59 26.66
C ARG I 187 11.92 -63.61 25.65
N ILE I 188 10.73 -63.43 25.12
CA ILE I 188 10.18 -64.39 24.20
C ILE I 188 10.93 -64.33 22.84
N HIS I 189 11.35 -63.15 22.40
CA HIS I 189 12.24 -63.04 21.23
C HIS I 189 13.55 -63.83 21.37
N ARG I 190 14.23 -63.75 22.51
CA ARG I 190 15.44 -64.56 22.68
CA ARG I 190 15.43 -64.56 22.70
C ARG I 190 15.16 -66.07 22.65
N GLN I 191 13.99 -66.50 23.10
CA GLN I 191 13.58 -67.90 23.00
C GLN I 191 13.48 -68.36 21.54
N VAL I 192 12.86 -67.54 20.70
CA VAL I 192 12.88 -67.80 19.26
C VAL I 192 14.31 -67.86 18.72
N LEU I 193 15.19 -66.95 19.11
CA LEU I 193 16.54 -66.95 18.57
C LEU I 193 17.28 -68.25 18.98
N ASP I 194 17.03 -68.72 20.20
CA ASP I 194 17.60 -69.97 20.67
C ASP I 194 17.13 -71.16 19.81
N ARG I 195 15.86 -71.15 19.44
CA ARG I 195 15.31 -72.16 18.53
C ARG I 195 15.95 -72.14 17.13
N LEU I 196 16.26 -70.93 16.64
CA LEU I 196 16.95 -70.74 15.37
C LEU I 196 18.47 -71.02 15.42
N GLY I 197 19.03 -71.19 16.61
CA GLY I 197 20.39 -71.60 16.76
C GLY I 197 21.36 -70.45 16.86
N VAL I 198 20.84 -69.23 17.08
CA VAL I 198 21.70 -68.07 17.13
C VAL I 198 22.62 -68.26 18.34
N ARG I 199 23.92 -68.21 18.10
CA ARG I 199 24.87 -68.40 19.18
C ARG I 199 25.33 -67.08 19.77
N GLN I 200 25.33 -66.04 18.94
CA GLN I 200 25.77 -64.76 19.43
C GLN I 200 25.17 -63.70 18.56
N ILE I 201 24.94 -62.53 19.14
CA ILE I 201 24.37 -61.42 18.40
C ILE I 201 25.43 -60.37 18.16
N ALA I 202 25.68 -60.06 16.88
CA ALA I 202 26.71 -59.10 16.50
C ALA I 202 26.32 -57.67 16.90
N ALA I 203 25.04 -57.33 16.78
CA ALA I 203 24.54 -56.01 17.16
C ALA I 203 23.04 -56.06 17.31
N VAL I 204 22.51 -55.24 18.21
CA VAL I 204 21.10 -54.90 18.15
C VAL I 204 20.82 -53.41 17.85
N VAL I 205 19.93 -53.15 16.92
CA VAL I 205 19.66 -51.81 16.42
C VAL I 205 18.17 -51.52 16.54
N GLY I 206 17.82 -50.39 17.10
CA GLY I 206 16.39 -50.01 17.18
C GLY I 206 16.20 -48.54 17.51
N ALA I 207 15.12 -47.97 16.94
CA ALA I 207 14.77 -46.58 17.09
C ALA I 207 13.46 -46.51 17.85
N SER I 208 13.36 -45.49 18.72
CA SER I 208 12.11 -45.09 19.38
C SER I 208 11.67 -46.19 20.32
N MET I 209 10.51 -46.79 20.12
CA MET I 209 10.17 -47.97 20.93
C MET I 209 11.23 -49.10 20.80
N GLY I 210 11.69 -49.35 19.57
CA GLY I 210 12.76 -50.32 19.36
C GLY I 210 14.05 -50.02 20.08
N GLY I 211 14.33 -48.76 20.38
CA GLY I 211 15.51 -48.40 21.17
C GLY I 211 15.38 -48.84 22.64
N MET I 212 14.15 -49.00 23.10
CA MET I 212 13.90 -49.42 24.47
C MET I 212 14.21 -50.92 24.59
N HIS I 213 13.66 -51.71 23.66
CA HIS I 213 14.06 -53.12 23.48
C HIS I 213 15.56 -53.27 23.37
N THR I 214 16.20 -52.43 22.55
CA THR I 214 17.65 -52.48 22.34
C THR I 214 18.41 -52.34 23.67
N LEU I 215 18.02 -51.36 24.49
CA LEU I 215 18.67 -51.23 25.81
C LEU I 215 18.43 -52.45 26.71
N GLU I 216 17.22 -53.00 26.70
CA GLU I 216 16.93 -54.21 27.44
C GLU I 216 17.70 -55.45 26.93
N TRP I 217 17.88 -55.60 25.59
CA TRP I 217 18.75 -56.68 25.03
C TRP I 217 20.17 -56.65 25.63
N ALA I 218 20.73 -55.45 25.76
CA ALA I 218 22.08 -55.29 26.28
C ALA I 218 22.34 -55.97 27.63
N PHE I 219 21.30 -56.14 28.43
CA PHE I 219 21.45 -56.76 29.77
C PHE I 219 21.75 -58.27 29.77
N PHE I 220 21.53 -58.93 28.62
CA PHE I 220 22.01 -60.31 28.45
C PHE I 220 23.54 -60.38 28.58
N GLY I 221 24.23 -59.24 28.46
CA GLY I 221 25.67 -59.18 28.61
C GLY I 221 26.45 -59.24 27.30
N PRO I 222 27.71 -58.82 27.34
CA PRO I 222 28.58 -58.67 26.16
C PRO I 222 29.00 -59.97 25.47
N GLU I 223 28.79 -61.11 26.12
CA GLU I 223 29.09 -62.37 25.50
C GLU I 223 27.97 -62.82 24.54
N TYR I 224 26.71 -62.54 24.87
CA TYR I 224 25.62 -62.86 23.97
C TYR I 224 25.31 -61.68 23.01
N VAL I 225 25.32 -60.46 23.54
CA VAL I 225 25.03 -59.27 22.74
C VAL I 225 26.30 -58.40 22.58
N ARG I 226 26.90 -58.37 21.40
CA ARG I 226 28.23 -57.70 21.26
C ARG I 226 28.20 -56.17 21.19
N LYS I 227 27.15 -55.62 20.58
CA LYS I 227 27.03 -54.20 20.39
C LYS I 227 25.59 -53.79 20.40
N ILE I 228 25.35 -52.55 20.81
CA ILE I 228 24.02 -51.96 20.72
C ILE I 228 24.02 -50.58 20.05
N VAL I 229 22.95 -50.33 19.32
CA VAL I 229 22.68 -49.03 18.69
C VAL I 229 21.27 -48.55 19.06
N PRO I 230 21.12 -47.95 20.27
CA PRO I 230 19.85 -47.27 20.61
C PRO I 230 19.69 -45.89 19.88
N ILE I 231 18.54 -45.67 19.31
CA ILE I 231 18.30 -44.49 18.50
C ILE I 231 17.05 -43.81 18.99
N ALA I 232 17.13 -42.51 19.27
CA ALA I 232 15.92 -41.70 19.48
C ALA I 232 14.96 -42.37 20.50
N THR I 233 15.39 -42.51 21.73
CA THR I 233 14.66 -43.38 22.65
C THR I 233 14.91 -42.94 24.09
N SER I 234 14.42 -43.74 25.04
CA SER I 234 14.67 -43.46 26.45
C SER I 234 14.99 -44.75 27.28
N CYS I 235 15.52 -44.52 28.49
CA CYS I 235 15.87 -45.53 29.48
C CYS I 235 14.71 -45.93 30.36
N ARG I 236 13.72 -45.06 30.46
CA ARG I 236 12.46 -45.35 31.18
C ARG I 236 11.36 -44.38 30.73
N GLN I 237 10.12 -44.69 31.10
CA GLN I 237 9.02 -43.80 30.86
C GLN I 237 9.22 -42.46 31.57
N SER I 238 8.89 -41.39 30.84
CA SER I 238 8.88 -40.01 31.35
C SER I 238 7.43 -39.51 31.45
N GLY I 239 7.21 -38.51 32.29
CA GLY I 239 5.90 -37.91 32.46
C GLY I 239 5.42 -37.27 31.18
N TRP I 240 6.35 -36.68 30.45
CA TRP I 240 6.10 -36.07 29.11
C TRP I 240 5.51 -37.06 28.11
N CYS I 241 6.20 -38.15 27.86
CA CYS I 241 5.68 -39.16 26.92
C CYS I 241 4.44 -39.88 27.45
N ALA I 242 4.40 -40.14 28.74
CA ALA I 242 3.21 -40.80 29.33
C ALA I 242 1.94 -39.95 29.11
N ALA I 243 2.09 -38.62 29.18
CA ALA I 243 0.97 -37.68 29.00
C ALA I 243 0.53 -37.64 27.56
N TRP I 244 1.48 -37.61 26.61
CA TRP I 244 1.15 -37.61 25.20
C TRP I 244 0.45 -38.85 24.77
N PHE I 245 0.98 -40.02 25.17
CA PHE I 245 0.35 -41.29 24.83
C PHE I 245 -0.97 -41.62 25.55
N GLU I 246 -1.10 -41.25 26.82
CA GLU I 246 -2.38 -41.30 27.50
C GLU I 246 -3.50 -40.40 26.86
N THR I 247 -3.15 -39.16 26.54
CA THR I 247 -4.03 -38.30 25.71
C THR I 247 -4.49 -39.03 24.43
N GLN I 248 -3.57 -39.62 23.68
CA GLN I 248 -3.94 -40.37 22.48
C GLN I 248 -4.85 -41.55 22.79
N ARG I 249 -4.60 -42.28 23.89
CA ARG I 249 -5.46 -43.41 24.26
C ARG I 249 -6.87 -42.95 24.64
N GLN I 250 -6.96 -41.85 25.37
CA GLN I 250 -8.29 -41.28 25.70
C GLN I 250 -9.17 -40.93 24.48
N CYS I 251 -8.53 -40.52 23.37
CA CYS I 251 -9.24 -40.31 22.12
C CYS I 251 -9.97 -41.56 21.71
N ILE I 252 -9.29 -42.70 21.85
CA ILE I 252 -9.89 -44.01 21.56
C ILE I 252 -10.94 -44.40 22.61
N TYR I 253 -10.59 -44.35 23.88
CA TYR I 253 -11.57 -44.60 24.95
C TYR I 253 -12.86 -43.78 24.77
N ASP I 254 -12.75 -42.52 24.31
CA ASP I 254 -13.90 -41.60 24.18
C ASP I 254 -14.69 -41.69 22.87
N ASP I 255 -14.20 -42.47 21.91
CA ASP I 255 -14.93 -42.76 20.67
C ASP I 255 -16.06 -43.75 21.01
N PRO I 256 -17.31 -43.40 20.69
CA PRO I 256 -18.46 -44.29 20.98
C PRO I 256 -18.44 -45.62 20.22
N LYS I 257 -17.65 -45.70 19.15
CA LYS I 257 -17.45 -46.95 18.45
C LYS I 257 -16.49 -47.92 19.14
N TYR I 258 -15.81 -47.45 20.19
CA TYR I 258 -14.80 -48.26 20.92
C TYR I 258 -15.43 -49.35 21.77
N LEU I 259 -16.55 -49.03 22.41
CA LEU I 259 -17.38 -50.05 23.05
C LEU I 259 -16.59 -50.87 24.07
N ASP I 260 -15.73 -50.20 24.83
CA ASP I 260 -14.85 -50.86 25.80
C ASP I 260 -13.88 -51.89 25.21
N GLY I 261 -13.54 -51.76 23.93
CA GLY I 261 -12.67 -52.70 23.25
C GLY I 261 -13.40 -53.85 22.60
N GLU I 262 -14.73 -53.85 22.70
CA GLU I 262 -15.55 -54.91 22.14
C GLU I 262 -16.08 -54.62 20.74
N TYR I 263 -15.54 -53.60 20.09
CA TYR I 263 -15.89 -53.27 18.70
C TYR I 263 -15.60 -54.42 17.72
N ASP I 264 -16.39 -54.49 16.65
CA ASP I 264 -16.08 -55.38 15.52
C ASP I 264 -14.86 -54.86 14.80
N VAL I 265 -13.99 -55.77 14.37
CA VAL I 265 -12.68 -55.39 13.82
C VAL I 265 -12.78 -54.56 12.53
N ASP I 266 -13.93 -54.66 11.87
CA ASP I 266 -14.16 -53.90 10.65
C ASP I 266 -15.02 -52.63 10.90
N ASP I 267 -15.33 -52.39 12.18
CA ASP I 267 -16.01 -51.18 12.61
C ASP I 267 -15.22 -50.54 13.76
N GLN I 268 -13.97 -50.20 13.47
CA GLN I 268 -13.02 -49.57 14.41
C GLN I 268 -13.49 -48.21 14.95
N PRO I 269 -12.99 -47.82 16.14
CA PRO I 269 -13.16 -46.43 16.60
C PRO I 269 -12.26 -45.52 15.78
N VAL I 270 -12.70 -45.26 14.56
CA VAL I 270 -11.89 -44.58 13.56
C VAL I 270 -11.55 -43.11 13.91
N ARG I 271 -12.51 -42.39 14.50
CA ARG I 271 -12.26 -41.03 14.94
C ARG I 271 -11.19 -40.95 16.01
N GLY I 272 -11.29 -41.83 17.02
CA GLY I 272 -10.26 -41.95 18.04
C GLY I 272 -8.88 -42.25 17.48
N LEU I 273 -8.81 -43.16 16.51
CA LEU I 273 -7.52 -43.56 15.91
C LEU I 273 -6.95 -42.41 15.11
N GLU I 274 -7.81 -41.74 14.33
CA GLU I 274 -7.43 -40.59 13.55
C GLU I 274 -6.83 -39.50 14.40
N THR I 275 -7.48 -39.17 15.50
CA THR I 275 -7.08 -38.08 16.35
C THR I 275 -5.80 -38.45 17.11
N ALA I 276 -5.73 -39.70 17.55
CA ALA I 276 -4.51 -40.22 18.20
C ALA I 276 -3.30 -40.04 17.25
N ARG I 277 -3.46 -40.41 15.99
CA ARG I 277 -2.41 -40.24 15.02
C ARG I 277 -2.06 -38.84 14.62
N LYS I 278 -3.06 -37.94 14.49
CA LYS I 278 -2.74 -36.53 14.25
C LYS I 278 -1.84 -36.01 15.34
N ILE I 279 -2.16 -36.37 16.60
CA ILE I 279 -1.40 -35.89 17.73
C ILE I 279 0.00 -36.47 17.67
N ALA I 280 0.08 -37.81 17.57
CA ALA I 280 1.39 -38.49 17.44
C ALA I 280 2.22 -37.89 16.34
N ASN I 281 1.65 -37.74 15.15
CA ASN I 281 2.38 -37.16 13.99
C ASN I 281 3.08 -35.87 14.27
N LEU I 282 2.38 -34.95 14.96
CA LEU I 282 3.00 -33.66 15.31
C LEU I 282 4.05 -33.76 16.37
N THR I 283 3.86 -34.63 17.35
CA THR I 283 4.94 -34.83 18.36
C THR I 283 6.19 -35.43 17.70
N TYR I 284 6.02 -36.14 16.57
CA TYR I 284 7.15 -36.70 15.80
C TYR I 284 7.90 -35.69 14.87
N LYS I 285 7.35 -34.48 14.73
CA LYS I 285 7.97 -33.45 13.91
C LYS I 285 8.61 -32.42 14.81
N SER I 286 8.94 -31.29 14.24
CA SER I 286 9.50 -30.19 14.98
C SER I 286 8.89 -28.90 14.40
N LYS I 287 9.05 -27.81 15.13
CA LYS I 287 8.64 -26.48 14.64
C LYS I 287 9.26 -26.11 13.27
N PRO I 288 10.59 -26.15 13.16
CA PRO I 288 11.22 -25.91 11.85
C PRO I 288 10.73 -26.81 10.70
N ALA I 289 10.51 -28.09 10.95
CA ALA I 289 10.05 -28.99 9.92
C ALA I 289 8.62 -28.64 9.46
N MET I 290 7.74 -28.33 10.41
CA MET I 290 6.36 -27.95 10.04
C MET I 290 6.33 -26.54 9.41
N ASP I 291 7.21 -25.66 9.82
CA ASP I 291 7.26 -24.31 9.30
C ASP I 291 7.77 -24.28 7.86
N GLU I 292 8.66 -25.24 7.50
CA GLU I 292 9.04 -25.46 6.08
C GLU I 292 7.91 -26.04 5.24
N ARG I 293 7.14 -26.94 5.81
CA ARG I 293 6.07 -27.58 5.08
C ARG I 293 4.87 -26.63 4.84
N PHE I 294 4.56 -25.77 5.81
CA PHE I 294 3.41 -24.92 5.73
C PHE I 294 3.80 -23.53 6.17
N HIS I 295 3.57 -22.56 5.30
CA HIS I 295 3.90 -21.20 5.63
C HIS I 295 3.01 -20.18 4.93
N MET I 296 2.96 -18.98 5.47
CA MET I 296 2.19 -17.90 4.89
C MET I 296 2.92 -17.28 3.70
N ALA I 297 2.19 -16.55 2.88
CA ALA I 297 2.78 -15.76 1.79
C ALA I 297 3.61 -14.58 2.35
N PRO I 298 4.64 -14.12 1.60
CA PRO I 298 5.36 -12.86 1.97
C PRO I 298 4.45 -11.60 2.03
N GLY I 299 4.76 -10.69 2.97
CA GLY I 299 3.93 -9.51 3.32
C GLY I 299 3.28 -8.73 2.16
N VAL I 300 4.11 -8.15 1.29
CA VAL I 300 3.60 -7.60 0.02
C VAL I 300 4.33 -8.26 -1.15
N GLY I 327 0.94 -29.60 1.36
CA GLY I 327 0.61 -28.42 0.60
C GLY I 327 1.80 -27.49 0.82
N GLN I 328 1.57 -26.18 0.82
CA GLN I 328 2.41 -25.21 1.54
C GLN I 328 1.84 -23.91 2.09
N PRO I 329 0.70 -23.40 1.55
CA PRO I 329 -0.01 -22.32 2.27
C PRO I 329 -0.59 -22.84 3.60
N ILE I 330 -0.81 -21.94 4.55
CA ILE I 330 -1.38 -22.34 5.84
C ILE I 330 -2.73 -23.09 5.69
N GLU I 331 -3.54 -22.71 4.70
CA GLU I 331 -4.85 -23.31 4.46
C GLU I 331 -4.80 -24.84 4.14
N ALA I 332 -3.66 -25.32 3.65
CA ALA I 332 -3.50 -26.72 3.30
C ALA I 332 -3.23 -27.64 4.52
N VAL I 333 -2.98 -27.05 5.71
CA VAL I 333 -2.74 -27.82 6.95
C VAL I 333 -3.93 -28.75 7.27
N SER I 334 -5.16 -28.24 7.12
CA SER I 334 -6.34 -29.01 7.45
C SER I 334 -6.35 -30.37 6.72
N SER I 335 -6.15 -30.30 5.40
CA SER I 335 -6.16 -31.42 4.48
C SER I 335 -5.05 -32.43 4.77
N TYR I 336 -3.87 -31.91 5.03
CA TYR I 336 -2.73 -32.67 5.42
C TYR I 336 -3.01 -33.52 6.70
N LEU I 337 -3.57 -32.89 7.75
CA LEU I 337 -3.88 -33.57 9.00
C LEU I 337 -4.93 -34.67 8.80
N ARG I 338 -6.01 -34.38 8.06
CA ARG I 338 -7.04 -35.37 7.75
C ARG I 338 -6.44 -36.56 6.98
N TYR I 339 -5.57 -36.28 6.01
CA TYR I 339 -5.00 -37.35 5.16
C TYR I 339 -4.14 -38.30 5.97
N GLN I 340 -3.23 -37.73 6.77
CA GLN I 340 -2.34 -38.51 7.67
C GLN I 340 -3.14 -39.43 8.62
N ALA I 341 -4.14 -38.83 9.25
CA ALA I 341 -4.98 -39.51 10.25
C ALA I 341 -5.76 -40.68 9.67
N GLN I 342 -6.49 -40.41 8.59
CA GLN I 342 -7.28 -41.44 7.91
C GLN I 342 -6.44 -42.64 7.44
N LYS I 343 -5.26 -42.34 6.92
CA LYS I 343 -4.32 -43.35 6.42
C LYS I 343 -3.99 -44.35 7.55
N PHE I 344 -3.67 -43.82 8.70
CA PHE I 344 -3.39 -44.65 9.90
C PHE I 344 -4.62 -45.43 10.40
N ALA I 345 -5.74 -44.74 10.52
CA ALA I 345 -6.95 -45.34 11.06
C ALA I 345 -7.45 -46.53 10.23
N ALA I 346 -7.07 -46.56 8.94
CA ALA I 346 -7.49 -47.61 8.01
C ALA I 346 -6.61 -48.85 8.15
N SER I 347 -5.43 -48.68 8.73
CA SER I 347 -4.40 -49.71 8.69
C SER I 347 -3.83 -50.15 10.08
N PHE I 348 -4.53 -49.84 11.16
CA PHE I 348 -4.10 -50.30 12.49
C PHE I 348 -5.27 -50.61 13.36
N ASP I 349 -5.05 -51.39 14.42
CA ASP I 349 -6.12 -51.81 15.32
C ASP I 349 -6.11 -51.03 16.65
N ALA I 350 -7.29 -50.57 17.11
CA ALA I 350 -7.42 -49.71 18.33
C ALA I 350 -6.94 -50.38 19.63
N ASN I 351 -7.44 -51.58 19.89
CA ASN I 351 -6.92 -52.41 21.00
C ASN I 351 -5.42 -52.62 21.00
N CYS I 352 -4.85 -52.94 19.83
CA CYS I 352 -3.40 -53.08 19.71
C CYS I 352 -2.68 -51.74 19.98
N TYR I 353 -3.25 -50.60 19.55
CA TYR I 353 -2.67 -49.30 19.83
C TYR I 353 -2.60 -49.09 21.32
N ILE I 354 -3.68 -49.42 22.00
CA ILE I 354 -3.75 -49.33 23.45
C ILE I 354 -2.69 -50.21 24.12
N ALA I 355 -2.68 -51.52 23.73
CA ALA I 355 -1.79 -52.54 24.30
C ALA I 355 -0.31 -52.12 24.13
N MET I 356 0.04 -51.72 22.92
CA MET I 356 1.43 -51.30 22.63
C MET I 356 1.93 -50.04 23.30
N THR I 357 1.12 -48.97 23.28
CA THR I 357 1.51 -47.72 23.98
C THR I 357 1.62 -47.93 25.51
N LEU I 358 0.77 -48.76 26.06
CA LEU I 358 0.85 -49.11 27.48
C LEU I 358 2.16 -49.76 27.88
N LYS I 359 2.84 -50.41 26.93
CA LYS I 359 4.21 -50.93 27.15
C LYS I 359 5.22 -49.87 27.49
N PHE I 360 5.02 -48.67 26.96
CA PHE I 360 5.90 -47.56 27.22
C PHE I 360 5.94 -47.24 28.71
N ASP I 361 4.79 -47.39 29.37
CA ASP I 361 4.63 -46.97 30.76
C ASP I 361 5.44 -47.83 31.72
N THR I 362 5.74 -49.07 31.36
CA THR I 362 6.46 -49.98 32.27
C THR I 362 7.91 -50.13 31.88
N HIS I 363 8.35 -49.36 30.89
CA HIS I 363 9.74 -49.33 30.50
C HIS I 363 10.57 -48.68 31.57
N ASP I 364 11.57 -49.39 32.04
CA ASP I 364 12.57 -48.82 32.97
C ASP I 364 13.72 -49.83 33.09
N ILE I 365 14.87 -49.51 32.52
CA ILE I 365 15.99 -50.45 32.54
C ILE I 365 16.58 -50.66 33.94
N SER I 366 16.22 -49.79 34.89
CA SER I 366 16.74 -49.87 36.26
C SER I 366 15.83 -50.70 37.19
N ARG I 367 14.58 -50.92 36.86
CA ARG I 367 13.71 -51.62 37.80
C ARG I 367 14.14 -53.08 38.12
N GLY I 368 14.28 -53.34 39.42
CA GLY I 368 14.79 -54.60 39.95
C GLY I 368 16.31 -54.71 39.86
N ARG I 369 16.97 -53.71 39.28
CA ARG I 369 18.34 -53.90 38.86
C ARG I 369 19.28 -52.92 39.52
N ALA I 370 18.87 -51.66 39.58
CA ALA I 370 19.73 -50.61 40.06
C ALA I 370 18.90 -49.53 40.75
N GLY I 371 19.56 -48.70 41.53
CA GLY I 371 18.88 -47.66 42.30
C GLY I 371 18.59 -46.41 41.48
N SER I 372 19.21 -46.32 40.31
CA SER I 372 18.98 -45.19 39.44
C SER I 372 19.27 -45.53 37.98
N ILE I 373 18.85 -44.66 37.09
CA ILE I 373 19.08 -44.83 35.67
C ILE I 373 20.59 -44.84 35.35
N PRO I 374 21.36 -43.85 35.87
CA PRO I 374 22.81 -43.84 35.61
C PRO I 374 23.50 -45.11 36.06
N GLU I 375 23.04 -45.69 37.15
CA GLU I 375 23.60 -46.91 37.63
C GLU I 375 23.25 -48.11 36.78
N ALA I 376 22.02 -48.15 36.28
CA ALA I 376 21.61 -49.19 35.33
C ALA I 376 22.41 -49.11 34.02
N LEU I 377 22.57 -47.90 33.46
CA LEU I 377 23.37 -47.66 32.23
C LEU I 377 24.82 -48.09 32.36
N ALA I 378 25.41 -47.85 33.52
CA ALA I 378 26.77 -48.31 33.84
C ALA I 378 26.95 -49.82 33.77
N MET I 379 25.87 -50.57 33.89
CA MET I 379 25.89 -52.02 33.76
C MET I 379 25.93 -52.48 32.29
N ILE I 380 25.81 -51.54 31.36
CA ILE I 380 25.87 -51.84 29.94
C ILE I 380 27.32 -51.79 29.47
N THR I 381 27.87 -52.97 29.23
CA THR I 381 29.29 -53.16 29.06
C THR I 381 29.72 -53.28 27.58
N GLN I 382 28.76 -53.56 26.71
CA GLN I 382 28.98 -53.58 25.23
C GLN I 382 29.30 -52.19 24.71
N PRO I 383 30.08 -52.10 23.60
CA PRO I 383 30.12 -50.85 22.85
C PRO I 383 28.70 -50.44 22.44
N ALA I 384 28.41 -49.14 22.57
CA ALA I 384 27.11 -48.56 22.21
C ALA I 384 27.29 -47.35 21.27
N LEU I 385 26.46 -47.29 20.24
CA LEU I 385 26.34 -46.08 19.42
C LEU I 385 24.93 -45.48 19.65
N ILE I 386 24.88 -44.28 20.23
CA ILE I 386 23.63 -43.64 20.55
C ILE I 386 23.33 -42.58 19.51
N ILE I 387 22.20 -42.71 18.82
CA ILE I 387 21.90 -41.82 17.70
C ILE I 387 20.66 -40.98 18.02
N CYS I 388 20.80 -39.66 17.87
CA CYS I 388 19.75 -38.73 18.25
C CYS I 388 19.80 -37.45 17.40
N ALA I 389 18.71 -36.68 17.45
CA ALA I 389 18.65 -35.35 16.83
C ALA I 389 18.26 -34.34 17.92
N ARG I 390 18.85 -33.15 17.87
CA ARG I 390 18.51 -32.11 18.84
C ARG I 390 17.06 -31.73 18.77
N SER I 391 16.47 -31.86 17.58
CA SER I 391 15.12 -31.36 17.29
C SER I 391 14.02 -32.31 17.68
N ASP I 392 14.39 -33.44 18.32
CA ASP I 392 13.41 -34.48 18.74
C ASP I 392 12.60 -33.96 19.91
N GLY I 393 11.27 -33.94 19.76
CA GLY I 393 10.39 -33.35 20.76
C GLY I 393 9.90 -34.31 21.83
N LEU I 394 10.14 -35.60 21.63
CA LEU I 394 9.68 -36.62 22.56
C LEU I 394 10.84 -37.20 23.38
N TYR I 395 11.97 -37.47 22.72
CA TYR I 395 13.16 -38.04 23.39
C TYR I 395 14.30 -37.06 23.28
N SER I 396 14.70 -36.50 24.41
CA SER I 396 15.47 -35.28 24.43
C SER I 396 16.92 -35.56 24.17
N PHE I 397 17.60 -34.55 23.60
CA PHE I 397 19.03 -34.55 23.41
C PHE I 397 19.70 -34.85 24.74
N ASP I 398 19.29 -34.16 25.79
CA ASP I 398 19.88 -34.32 27.11
C ASP I 398 19.85 -35.77 27.63
N GLU I 399 18.74 -36.47 27.42
CA GLU I 399 18.63 -37.87 27.88
C GLU I 399 19.56 -38.84 27.11
N HIS I 400 19.82 -38.53 25.85
CA HIS I 400 20.83 -39.23 25.09
C HIS I 400 22.25 -38.92 25.51
N VAL I 401 22.53 -37.66 25.81
CA VAL I 401 23.79 -37.28 26.48
C VAL I 401 23.98 -38.00 27.81
N GLU I 402 22.92 -38.14 28.60
CA GLU I 402 22.99 -38.97 29.80
C GLU I 402 23.37 -40.43 29.51
N MET I 403 22.73 -41.06 28.52
CA MET I 403 23.16 -42.39 28.06
C MET I 403 24.65 -42.45 27.76
N GLY I 404 25.13 -41.46 27.00
CA GLY I 404 26.54 -41.40 26.59
C GLY I 404 27.47 -41.25 27.78
N ARG I 405 27.02 -40.56 28.84
CA ARG I 405 27.85 -40.32 30.01
C ARG I 405 27.98 -41.55 30.88
N SER I 406 26.92 -42.34 30.96
CA SER I 406 26.91 -43.43 31.93
C SER I 406 27.26 -44.82 31.36
N ILE I 407 26.96 -45.05 30.10
CA ILE I 407 27.43 -46.25 29.41
C ILE I 407 28.95 -46.08 29.17
N PRO I 408 29.79 -46.91 29.85
CA PRO I 408 31.25 -46.73 29.80
C PRO I 408 31.89 -46.79 28.39
N ASN I 409 31.40 -47.65 27.50
CA ASN I 409 31.95 -47.70 26.15
C ASN I 409 30.92 -47.23 25.12
N SER I 410 30.69 -45.91 25.06
CA SER I 410 29.65 -45.40 24.19
C SER I 410 30.14 -44.23 23.35
N ARG I 411 29.50 -44.05 22.21
CA ARG I 411 29.74 -42.90 21.37
C ARG I 411 28.39 -42.31 20.99
N LEU I 412 28.31 -40.99 21.05
CA LEU I 412 27.08 -40.28 20.73
C LEU I 412 27.14 -39.80 19.29
N CYS I 413 26.14 -40.16 18.51
CA CYS I 413 26.02 -39.63 17.19
C CYS I 413 24.82 -38.67 17.08
N VAL I 414 25.11 -37.38 16.90
CA VAL I 414 24.05 -36.37 16.75
C VAL I 414 23.83 -36.08 15.28
N VAL I 415 22.68 -36.47 14.76
CA VAL I 415 22.36 -36.25 13.36
C VAL I 415 21.96 -34.78 13.12
N ASP I 416 22.61 -34.16 12.13
CA ASP I 416 22.35 -32.76 11.76
C ASP I 416 21.10 -32.73 10.90
N THR I 417 20.00 -32.27 11.47
CA THR I 417 18.69 -32.38 10.84
C THR I 417 17.71 -31.50 11.61
N ASN I 418 16.64 -31.07 10.96
CA ASN I 418 15.61 -30.30 11.62
C ASN I 418 14.32 -31.10 11.69
N GLU I 419 14.39 -32.40 11.40
CA GLU I 419 13.18 -33.23 11.23
C GLU I 419 12.32 -33.67 12.47
N GLY I 420 12.88 -33.57 13.67
CA GLY I 420 12.16 -34.05 14.86
C GLY I 420 12.35 -35.56 15.05
N HIS I 421 11.51 -36.18 15.85
CA HIS I 421 11.61 -37.61 16.15
C HIS I 421 11.65 -38.51 14.91
N ASP I 422 10.95 -38.10 13.89
CA ASP I 422 10.89 -38.73 12.59
C ASP I 422 12.22 -38.82 11.87
N PHE I 423 13.26 -38.14 12.36
CA PHE I 423 14.53 -38.06 11.62
C PHE I 423 15.08 -39.45 11.23
N PHE I 424 14.87 -40.46 12.09
CA PHE I 424 15.52 -41.78 11.87
C PHE I 424 15.01 -42.45 10.60
N VAL I 425 13.81 -42.09 10.19
CA VAL I 425 13.22 -42.46 8.91
C VAL I 425 13.51 -41.45 7.74
N MET I 426 13.50 -40.14 8.04
CA MET I 426 13.74 -39.09 7.02
C MET I 426 15.21 -39.00 6.64
N GLU I 427 16.11 -39.14 7.61
CA GLU I 427 17.55 -39.08 7.38
C GLU I 427 18.14 -40.50 7.39
N ALA I 428 17.47 -41.42 6.72
CA ALA I 428 17.87 -42.82 6.71
C ALA I 428 19.30 -43.03 6.21
N ASP I 429 19.72 -42.24 5.25
CA ASP I 429 21.07 -42.35 4.76
C ASP I 429 22.12 -42.05 5.81
N LYS I 430 21.90 -41.00 6.60
CA LYS I 430 22.81 -40.65 7.70
C LYS I 430 22.77 -41.69 8.84
N VAL I 431 21.60 -42.23 9.10
CA VAL I 431 21.47 -43.33 10.04
C VAL I 431 22.21 -44.58 9.51
N ASN I 432 21.98 -44.93 8.24
CA ASN I 432 22.73 -46.04 7.61
C ASN I 432 24.23 -45.90 7.80
N ASP I 433 24.77 -44.73 7.48
CA ASP I 433 26.20 -44.54 7.45
C ASP I 433 26.78 -44.64 8.84
N ALA I 434 26.05 -44.14 9.83
CA ALA I 434 26.49 -44.19 11.24
C ALA I 434 26.49 -45.63 11.75
N VAL I 435 25.40 -46.35 11.47
CA VAL I 435 25.28 -47.73 11.85
C VAL I 435 26.36 -48.61 11.16
N ARG I 436 26.49 -48.48 9.85
CA ARG I 436 27.53 -49.23 9.13
C ARG I 436 28.96 -48.94 9.66
N GLY I 437 29.27 -47.67 9.90
CA GLY I 437 30.59 -47.31 10.44
C GLY I 437 30.90 -47.98 11.78
N PHE I 438 29.87 -48.13 12.61
CA PHE I 438 30.00 -48.71 13.93
C PHE I 438 30.14 -50.24 13.86
N LEU I 439 29.32 -50.88 13.04
CA LEU I 439 29.43 -52.30 12.76
C LEU I 439 30.76 -52.67 12.10
N ASP I 440 31.36 -51.74 11.38
CA ASP I 440 32.68 -51.95 10.77
C ASP I 440 33.84 -51.90 11.75
N GLN I 441 33.59 -51.44 12.97
CA GLN I 441 34.67 -51.26 13.91
C GLN I 441 35.12 -52.58 14.53
N ASN J 66 -49.52 48.15 68.10
CA ASN J 66 -48.14 48.25 67.49
C ASN J 66 -47.15 47.32 68.20
N ARG J 67 -46.91 46.15 67.61
CA ARG J 67 -46.06 45.13 68.24
C ARG J 67 -44.59 45.50 68.19
N PHE J 68 -44.21 46.42 67.31
CA PHE J 68 -42.82 46.87 67.27
C PHE J 68 -42.55 47.76 68.45
N GLU J 69 -43.39 48.77 68.66
CA GLU J 69 -43.33 49.64 69.83
C GLU J 69 -43.47 48.85 71.15
N ALA J 70 -44.41 47.91 71.20
CA ALA J 70 -44.60 47.06 72.41
C ALA J 70 -43.35 46.30 72.86
N SER J 71 -42.45 46.01 71.92
CA SER J 71 -41.25 45.20 72.20
C SER J 71 -40.16 45.99 72.91
N LEU J 72 -40.31 47.31 73.00
CA LEU J 72 -39.23 48.16 73.51
C LEU J 72 -39.25 48.32 75.04
N ASP J 73 -38.07 48.64 75.60
CA ASP J 73 -38.01 49.16 76.98
C ASP J 73 -38.82 50.43 77.10
N ALA J 74 -39.05 50.86 78.34
CA ALA J 74 -39.87 52.04 78.61
C ALA J 74 -39.26 53.29 77.94
N GLN J 75 -40.13 54.12 77.37
CA GLN J 75 -39.73 55.39 76.72
C GLN J 75 -40.86 56.41 76.82
N ASP J 76 -40.57 57.65 76.40
CA ASP J 76 -41.52 58.72 76.57
C ASP J 76 -42.09 59.08 75.23
N ILE J 77 -43.30 59.63 75.25
CA ILE J 77 -43.97 60.12 74.06
C ILE J 77 -44.35 61.57 74.31
N ALA J 78 -44.05 62.44 73.35
CA ALA J 78 -44.51 63.80 73.35
C ALA J 78 -45.55 63.82 72.29
N ARG J 79 -46.55 64.67 72.44
CA ARG J 79 -47.64 64.72 71.51
C ARG J 79 -47.72 66.13 70.95
N ILE J 80 -47.59 66.27 69.62
CA ILE J 80 -47.63 67.58 68.98
C ILE J 80 -48.97 67.63 68.32
N SER J 81 -49.82 68.59 68.70
CA SER J 81 -51.21 68.59 68.21
C SER J 81 -51.30 68.84 66.71
N LEU J 82 -50.54 69.80 66.19
CA LEU J 82 -50.49 70.02 64.72
C LEU J 82 -49.05 70.17 64.25
N PHE J 83 -48.70 69.51 63.15
CA PHE J 83 -47.36 69.70 62.56
C PHE J 83 -47.46 69.80 61.06
N THR J 84 -47.04 70.93 60.49
CA THR J 84 -46.98 71.05 59.04
C THR J 84 -45.66 70.51 58.39
N LEU J 85 -45.81 69.52 57.50
CA LEU J 85 -44.67 68.90 56.82
C LEU J 85 -44.28 69.80 55.69
N GLU J 86 -43.05 69.68 55.22
CA GLU J 86 -42.57 70.65 54.30
C GLU J 86 -43.25 70.50 52.93
N SER J 87 -43.94 69.37 52.72
CA SER J 87 -44.82 69.17 51.57
C SER J 87 -46.07 70.03 51.66
N GLY J 88 -46.44 70.43 52.87
CA GLY J 88 -47.65 71.21 53.07
C GLY J 88 -48.67 70.40 53.82
N VAL J 89 -48.48 69.08 53.84
CA VAL J 89 -49.42 68.18 54.51
C VAL J 89 -49.31 68.42 56.02
N ILE J 90 -50.46 68.37 56.70
CA ILE J 90 -50.52 68.66 58.11
C ILE J 90 -50.86 67.38 58.85
N LEU J 91 -50.04 67.07 59.86
CA LEU J 91 -50.26 65.88 60.66
C LEU J 91 -50.86 66.37 61.97
N ARG J 92 -51.72 65.55 62.58
CA ARG J 92 -52.46 65.94 63.76
C ARG J 92 -52.17 64.95 64.88
N ASP J 93 -52.19 65.42 66.13
CA ASP J 93 -52.12 64.52 67.31
C ASP J 93 -50.93 63.57 67.11
N VAL J 94 -49.75 64.18 66.93
CA VAL J 94 -48.56 63.48 66.38
C VAL J 94 -47.74 62.96 67.53
N PRO J 95 -47.60 61.62 67.66
CA PRO J 95 -46.68 61.17 68.71
C PRO J 95 -45.21 61.25 68.29
N VAL J 96 -44.35 61.53 69.25
CA VAL J 96 -42.92 61.58 69.01
C VAL J 96 -42.33 60.88 70.21
N ALA J 97 -41.81 59.68 69.98
CA ALA J 97 -41.22 58.91 71.08
C ALA J 97 -39.79 59.35 71.26
N TYR J 98 -39.30 59.25 72.49
CA TYR J 98 -37.94 59.56 72.75
C TYR J 98 -37.47 58.84 73.99
N LYS J 99 -36.16 58.78 74.16
CA LYS J 99 -35.59 58.16 75.31
C LYS J 99 -34.45 59.04 75.68
N SER J 100 -34.33 59.35 76.98
CA SER J 100 -33.23 60.19 77.46
C SER J 100 -32.53 59.53 78.61
N TRP J 101 -31.30 59.99 78.87
CA TRP J 101 -30.48 59.46 79.96
C TRP J 101 -29.86 60.67 80.65
N GLY J 102 -29.74 60.62 81.98
CA GLY J 102 -29.05 61.69 82.72
C GLY J 102 -30.04 62.80 83.04
N ARG J 103 -29.51 63.96 83.38
CA ARG J 103 -30.35 65.05 83.89
C ARG J 103 -29.83 66.35 83.38
N MET J 104 -30.73 67.26 83.00
CA MET J 104 -30.33 68.60 82.58
C MET J 104 -29.72 69.36 83.74
N ASN J 105 -28.71 70.19 83.48
CA ASN J 105 -28.20 71.09 84.51
C ASN J 105 -29.15 72.29 84.67
N VAL J 106 -28.69 73.32 85.39
CA VAL J 106 -29.55 74.42 85.80
C VAL J 106 -29.79 75.41 84.64
N SER J 107 -28.74 75.63 83.84
CA SER J 107 -28.83 76.41 82.60
C SER J 107 -29.56 75.67 81.47
N ARG J 108 -29.81 74.36 81.69
CA ARG J 108 -30.40 73.46 80.67
C ARG J 108 -29.72 73.62 79.27
N ASP J 109 -28.39 73.62 79.29
CA ASP J 109 -27.56 73.76 78.09
C ASP J 109 -26.53 72.62 77.98
N ASN J 110 -26.78 71.50 78.66
CA ASN J 110 -25.86 70.35 78.60
C ASN J 110 -26.50 69.18 77.81
N CYS J 111 -27.31 69.54 76.83
CA CYS J 111 -28.07 68.57 76.04
C CYS J 111 -27.23 68.06 74.88
N VAL J 112 -27.06 66.74 74.84
CA VAL J 112 -26.46 66.06 73.68
C VAL J 112 -27.58 65.26 72.98
N ILE J 113 -27.83 65.58 71.70
CA ILE J 113 -28.79 64.83 70.89
C ILE J 113 -28.05 63.74 70.11
N VAL J 114 -28.55 62.49 70.18
CA VAL J 114 -28.06 61.40 69.36
C VAL J 114 -29.11 61.05 68.35
N CYS J 115 -28.74 60.96 67.06
CA CYS J 115 -29.70 60.70 66.01
C CYS J 115 -29.50 59.24 65.61
N HIS J 116 -30.59 58.47 65.54
CA HIS J 116 -30.49 57.03 65.39
C HIS J 116 -30.39 56.58 63.90
N THR J 117 -30.23 55.28 63.67
CA THR J 117 -30.05 54.76 62.31
C THR J 117 -31.41 54.35 61.73
N LEU J 118 -31.39 54.01 60.45
CA LEU J 118 -32.58 53.71 59.65
C LEU J 118 -33.60 52.74 60.31
N THR J 119 -33.11 51.67 60.95
CA THR J 119 -34.02 50.63 61.44
C THR J 119 -33.97 50.44 62.96
N SER J 120 -33.27 51.34 63.65
CA SER J 120 -33.26 51.31 65.11
C SER J 120 -34.41 52.13 65.70
N SER J 121 -34.63 51.94 67.00
CA SER J 121 -35.50 52.81 67.80
C SER J 121 -34.61 53.86 68.46
N ALA J 122 -35.20 54.66 69.33
CA ALA J 122 -34.49 55.73 70.01
C ALA J 122 -33.64 55.16 71.16
N HIS J 123 -33.72 53.85 71.38
CA HIS J 123 -32.90 53.23 72.43
C HIS J 123 -31.46 52.95 71.99
N VAL J 124 -30.67 54.04 71.92
CA VAL J 124 -29.29 54.04 71.42
C VAL J 124 -28.43 53.03 72.16
N THR J 125 -28.71 52.88 73.46
CA THR J 125 -27.99 51.92 74.29
C THR J 125 -27.98 50.49 73.73
N SER J 126 -28.97 50.14 72.94
CA SER J 126 -29.09 48.75 72.49
C SER J 126 -28.13 48.40 71.33
N TRP J 127 -27.56 49.41 70.66
CA TRP J 127 -26.50 49.14 69.68
C TRP J 127 -25.22 49.96 69.88
N TRP J 128 -25.29 50.99 70.71
CA TRP J 128 -24.11 51.73 71.11
C TRP J 128 -23.90 51.70 72.63
N PRO J 129 -24.04 50.53 73.26
CA PRO J 129 -23.97 50.51 74.75
C PRO J 129 -22.67 51.07 75.33
N THR J 130 -21.53 50.86 74.66
CA THR J 130 -20.27 51.25 75.27
C THR J 130 -19.94 52.75 75.10
N LEU J 131 -20.83 53.51 74.44
CA LEU J 131 -20.67 54.95 74.39
C LEU J 131 -21.29 55.66 75.59
N PHE J 132 -21.97 54.90 76.46
CA PHE J 132 -22.68 55.47 77.61
C PHE J 132 -21.92 55.23 78.89
N GLY J 133 -21.99 56.21 79.80
CA GLY J 133 -21.49 56.02 81.14
C GLY J 133 -20.38 57.00 81.51
N GLN J 134 -19.99 56.96 82.78
CA GLN J 134 -19.07 57.92 83.35
C GLN J 134 -17.74 57.80 82.61
N GLY J 135 -17.24 58.91 82.08
CA GLY J 135 -15.95 58.89 81.38
C GLY J 135 -16.03 58.51 79.89
N ARG J 136 -17.24 58.10 79.45
CA ARG J 136 -17.49 57.79 78.04
C ARG J 136 -18.07 59.03 77.32
N ALA J 137 -18.32 58.90 76.01
CA ALA J 137 -18.82 60.02 75.21
C ALA J 137 -20.17 60.52 75.72
N PHE J 138 -21.13 59.60 75.88
CA PHE J 138 -22.44 59.96 76.42
C PHE J 138 -22.43 59.80 77.94
N ASP J 139 -21.78 60.76 78.60
CA ASP J 139 -21.52 60.74 80.03
C ASP J 139 -22.71 61.34 80.81
N THR J 140 -23.49 60.48 81.46
CA THR J 140 -24.77 60.90 82.00
C THR J 140 -24.56 61.63 83.35
N SER J 141 -23.29 61.80 83.73
CA SER J 141 -22.92 62.64 84.89
C SER J 141 -22.67 64.08 84.46
N ARG J 142 -22.46 64.30 83.16
CA ARG J 142 -22.25 65.64 82.64
C ARG J 142 -23.39 66.11 81.75
N TYR J 143 -24.07 65.18 81.07
CA TYR J 143 -24.95 65.60 79.97
C TYR J 143 -26.33 65.06 80.15
N PHE J 144 -27.28 65.75 79.56
CA PHE J 144 -28.63 65.22 79.32
C PHE J 144 -28.62 64.62 77.87
N ILE J 145 -28.60 63.30 77.76
CA ILE J 145 -28.50 62.66 76.43
C ILE J 145 -29.91 62.30 75.98
N ILE J 146 -30.28 62.69 74.77
CA ILE J 146 -31.61 62.37 74.28
C ILE J 146 -31.58 61.86 72.85
N CYS J 147 -32.41 60.86 72.56
CA CYS J 147 -32.57 60.41 71.16
C CYS J 147 -34.06 60.35 70.84
N LEU J 148 -34.49 61.01 69.77
CA LEU J 148 -35.90 60.99 69.40
C LEU J 148 -36.15 60.12 68.15
N ASN J 149 -37.26 59.38 68.17
CA ASN J 149 -37.58 58.47 67.08
C ASN J 149 -38.02 59.26 65.84
N TYR J 150 -37.59 58.87 64.63
CA TYR J 150 -37.96 59.59 63.39
C TYR J 150 -39.41 59.34 63.04
N LEU J 151 -40.02 60.28 62.28
CA LEU J 151 -41.28 60.03 61.62
C LEU J 151 -41.08 58.91 60.57
N GLY J 152 -42.05 58.00 60.44
CA GLY J 152 -41.91 56.95 59.47
C GLY J 152 -41.47 55.65 60.13
N SER J 153 -41.04 55.74 61.37
CA SER J 153 -40.45 54.60 62.06
C SER J 153 -41.56 53.82 62.81
N PRO J 154 -41.39 52.48 63.00
CA PRO J 154 -42.41 51.72 63.79
C PRO J 154 -42.32 51.88 65.30
N PHE J 155 -41.33 52.65 65.80
CA PHE J 155 -40.94 52.51 67.19
C PHE J 155 -41.46 53.59 68.15
N GLY J 156 -42.60 54.16 67.82
CA GLY J 156 -43.25 55.14 68.71
C GLY J 156 -43.68 56.46 68.06
N SER J 157 -42.92 56.95 67.06
CA SER J 157 -43.26 58.25 66.48
C SER J 157 -44.24 57.99 65.39
N ALA J 158 -44.91 59.05 64.92
CA ALA J 158 -45.90 58.91 63.89
C ALA J 158 -45.29 58.22 62.68
N GLY J 159 -46.06 57.31 62.06
CA GLY J 159 -45.57 56.50 60.96
C GLY J 159 -46.65 55.50 60.60
N PRO J 160 -46.40 54.71 59.54
CA PRO J 160 -47.33 53.67 59.07
C PRO J 160 -48.01 52.80 60.15
N CYS J 161 -47.31 52.57 61.27
CA CYS J 161 -47.80 51.68 62.32
C CYS J 161 -48.57 52.39 63.44
N SER J 162 -48.61 53.72 63.37
CA SER J 162 -49.24 54.51 64.44
C SER J 162 -50.67 54.90 64.02
N PRO J 163 -51.58 55.13 65.02
CA PRO J 163 -53.02 55.34 64.68
C PRO J 163 -53.24 56.54 63.78
N ASP J 164 -54.09 56.38 62.77
CA ASP J 164 -54.46 57.48 61.88
C ASP J 164 -55.64 58.25 62.51
N PRO J 165 -55.39 59.53 62.93
CA PRO J 165 -56.44 60.30 63.63
C PRO J 165 -57.70 60.47 62.77
N ASP J 166 -57.55 60.45 61.45
CA ASP J 166 -58.69 60.61 60.54
C ASP J 166 -59.49 59.31 60.24
N ALA J 167 -59.43 58.33 61.14
CA ALA J 167 -60.36 57.19 61.12
C ALA J 167 -60.24 56.34 62.39
N PRO J 172 -54.39 52.25 61.73
CA PRO J 172 -53.11 52.93 61.46
C PRO J 172 -53.05 53.59 60.07
N TYR J 173 -52.12 54.52 59.90
CA TYR J 173 -51.91 55.15 58.59
C TYR J 173 -51.64 54.12 57.51
N GLY J 174 -50.93 53.04 57.86
CA GLY J 174 -50.56 52.00 56.87
C GLY J 174 -49.79 52.58 55.69
N ALA J 175 -50.21 52.21 54.48
CA ALA J 175 -49.53 52.69 53.26
C ALA J 175 -49.78 54.16 52.96
N LYS J 176 -50.58 54.80 53.81
CA LYS J 176 -51.01 56.19 53.53
C LYS J 176 -50.28 57.27 54.34
N PHE J 177 -49.26 56.86 55.11
CA PHE J 177 -48.44 57.83 55.85
C PHE J 177 -47.74 58.75 54.86
N PRO J 178 -47.92 60.06 55.04
CA PRO J 178 -47.38 61.07 54.15
C PRO J 178 -45.87 61.00 54.13
N ARG J 179 -45.28 61.37 53.00
CA ARG J 179 -43.81 61.48 52.89
C ARG J 179 -43.27 62.55 53.85
N THR J 180 -42.19 62.20 54.56
CA THR J 180 -41.48 63.11 55.42
C THR J 180 -40.02 63.24 54.94
N THR J 181 -39.38 64.33 55.34
CA THR J 181 -37.98 64.57 55.00
C THR J 181 -37.13 64.56 56.28
N ILE J 182 -35.81 64.51 56.11
CA ILE J 182 -34.85 64.73 57.23
C ILE J 182 -35.17 66.07 57.99
N ARG J 183 -35.40 67.15 57.25
CA ARG J 183 -35.83 68.43 57.80
C ARG J 183 -37.10 68.36 58.62
N ASP J 184 -38.11 67.62 58.13
CA ASP J 184 -39.35 67.44 58.92
C ASP J 184 -39.04 66.86 60.28
N ASP J 185 -38.26 65.77 60.31
CA ASP J 185 -37.85 65.17 61.59
C ASP J 185 -37.18 66.17 62.52
N VAL J 186 -36.22 66.92 61.99
CA VAL J 186 -35.36 67.78 62.84
C VAL J 186 -36.31 68.86 63.44
N ARG J 187 -37.22 69.36 62.59
CA ARG J 187 -38.20 70.41 63.01
C ARG J 187 -39.19 69.93 64.09
N ILE J 188 -39.72 68.73 63.95
CA ILE J 188 -40.64 68.25 64.95
C ILE J 188 -39.91 67.78 66.19
N HIS J 189 -38.65 67.33 66.03
CA HIS J 189 -37.82 67.01 67.21
C HIS J 189 -37.45 68.27 68.04
N ARG J 190 -37.10 69.35 67.35
CA ARG J 190 -36.93 70.67 67.94
C ARG J 190 -38.12 71.09 68.79
N GLN J 191 -39.32 71.04 68.19
CA GLN J 191 -40.52 71.26 68.99
C GLN J 191 -40.56 70.44 70.27
N VAL J 192 -40.25 69.15 70.22
CA VAL J 192 -40.29 68.34 71.45
C VAL J 192 -39.26 68.81 72.49
N LEU J 193 -38.05 69.13 72.02
CA LEU J 193 -37.00 69.63 72.91
C LEU J 193 -37.36 70.99 73.58
N ASP J 194 -37.98 71.91 72.84
CA ASP J 194 -38.56 73.15 73.41
C ASP J 194 -39.57 72.85 74.54
N ARG J 195 -40.46 71.89 74.31
CA ARG J 195 -41.44 71.49 75.31
CA ARG J 195 -41.44 71.46 75.32
C ARG J 195 -40.81 70.79 76.53
N LEU J 196 -39.63 70.21 76.36
CA LEU J 196 -38.92 69.63 77.50
C LEU J 196 -38.09 70.70 78.20
N GLY J 197 -38.03 71.89 77.62
CA GLY J 197 -37.30 72.99 78.24
C GLY J 197 -35.81 72.98 78.02
N VAL J 198 -35.37 72.29 76.95
CA VAL J 198 -33.94 72.31 76.61
C VAL J 198 -33.62 73.73 76.11
N ARG J 199 -32.64 74.37 76.73
CA ARG J 199 -32.29 75.73 76.35
C ARG J 199 -31.37 75.84 75.08
N GLN J 200 -30.32 75.02 75.06
CA GLN J 200 -29.26 75.10 74.02
C GLN J 200 -28.71 73.71 73.86
N ILE J 201 -28.25 73.36 72.67
CA ILE J 201 -27.68 72.01 72.48
C ILE J 201 -26.14 71.95 72.48
N ALA J 202 -25.56 71.20 73.42
CA ALA J 202 -24.09 71.10 73.49
C ALA J 202 -23.50 70.41 72.28
N ALA J 203 -24.18 69.39 71.77
CA ALA J 203 -23.67 68.70 70.57
C ALA J 203 -24.77 67.87 69.95
N VAL J 204 -24.74 67.74 68.63
CA VAL J 204 -25.52 66.68 68.00
C VAL J 204 -24.64 65.61 67.30
N VAL J 205 -24.93 64.36 67.64
CA VAL J 205 -24.15 63.20 67.18
C VAL J 205 -25.04 62.23 66.42
N GLY J 206 -24.61 61.84 65.22
CA GLY J 206 -25.37 60.86 64.46
C GLY J 206 -24.55 60.19 63.38
N ALA J 207 -24.79 58.89 63.20
CA ALA J 207 -24.17 58.10 62.15
C ALA J 207 -25.15 57.66 61.08
N SER J 208 -24.70 57.73 59.83
CA SER J 208 -25.43 57.14 58.68
C SER J 208 -26.67 57.98 58.39
N MET J 209 -27.88 57.44 58.51
CA MET J 209 -29.04 58.33 58.36
C MET J 209 -29.00 59.50 59.38
N GLY J 210 -28.68 59.18 60.66
CA GLY J 210 -28.59 60.18 61.69
C GLY J 210 -27.52 61.21 61.47
N GLY J 211 -26.65 60.97 60.51
CA GLY J 211 -25.58 61.95 60.21
C GLY J 211 -26.13 62.99 59.28
N MET J 212 -27.20 62.62 58.59
CA MET J 212 -27.93 63.54 57.69
C MET J 212 -28.75 64.53 58.54
N HIS J 213 -29.51 64.02 59.49
CA HIS J 213 -30.17 64.81 60.53
C HIS J 213 -29.19 65.75 61.24
N THR J 214 -28.05 65.22 61.67
CA THR J 214 -27.04 66.00 62.35
C THR J 214 -26.62 67.23 61.55
N LEU J 215 -26.39 67.06 60.26
CA LEU J 215 -26.00 68.17 59.38
C LEU J 215 -27.14 69.21 59.22
N GLU J 216 -28.38 68.72 59.20
CA GLU J 216 -29.56 69.58 59.20
C GLU J 216 -29.77 70.32 60.55
N TRP J 217 -29.54 69.63 61.68
CA TRP J 217 -29.58 70.29 62.95
C TRP J 217 -28.70 71.53 63.00
N ALA J 218 -27.55 71.48 62.29
CA ALA J 218 -26.54 72.55 62.33
C ALA J 218 -27.13 73.88 61.86
N PHE J 219 -28.15 73.80 61.01
CA PHE J 219 -28.61 75.03 60.31
C PHE J 219 -29.53 75.87 61.19
N PHE J 220 -29.74 75.46 62.43
CA PHE J 220 -30.31 76.32 63.45
C PHE J 220 -29.28 77.32 63.98
N GLY J 221 -28.00 77.21 63.57
CA GLY J 221 -26.98 78.19 63.95
C GLY J 221 -26.26 77.80 65.21
N PRO J 222 -25.05 78.38 65.42
CA PRO J 222 -24.15 78.07 66.52
C PRO J 222 -24.63 78.55 67.87
N GLU J 223 -25.66 79.38 67.88
CA GLU J 223 -26.22 79.82 69.12
C GLU J 223 -27.07 78.70 69.74
N TYR J 224 -27.86 78.02 68.90
CA TYR J 224 -28.69 76.94 69.43
C TYR J 224 -27.95 75.55 69.45
N VAL J 225 -27.19 75.27 68.40
CA VAL J 225 -26.45 74.00 68.30
C VAL J 225 -24.93 74.30 68.34
N ARG J 226 -24.26 73.96 69.44
CA ARG J 226 -22.86 74.39 69.61
C ARG J 226 -21.79 73.59 68.86
N LYS J 227 -22.09 72.33 68.54
CA LYS J 227 -21.11 71.42 67.92
C LYS J 227 -21.87 70.32 67.19
N ILE J 228 -21.28 69.81 66.09
CA ILE J 228 -21.84 68.63 65.43
C ILE J 228 -20.80 67.53 65.22
N VAL J 229 -21.24 66.27 65.36
CA VAL J 229 -20.43 65.08 65.00
C VAL J 229 -21.18 64.21 63.95
N PRO J 230 -21.10 64.57 62.67
CA PRO J 230 -21.59 63.69 61.56
C PRO J 230 -20.65 62.50 61.27
N ILE J 231 -21.22 61.31 61.19
CA ILE J 231 -20.42 60.08 61.13
C ILE J 231 -20.98 59.28 59.97
N ALA J 232 -20.12 58.92 59.02
CA ALA J 232 -20.46 57.86 58.03
C ALA J 232 -21.73 58.23 57.26
N THR J 233 -21.68 59.36 56.56
CA THR J 233 -22.90 59.95 56.09
C THR J 233 -22.69 60.78 54.83
N SER J 234 -23.75 61.45 54.39
CA SER J 234 -23.63 62.34 53.25
C SER J 234 -24.38 63.66 53.40
N CYS J 235 -24.08 64.58 52.49
CA CYS J 235 -24.67 65.91 52.43
C CYS J 235 -25.93 65.94 51.58
N ARG J 236 -26.07 64.97 50.67
CA ARG J 236 -27.27 64.83 49.88
C ARG J 236 -27.31 63.43 49.29
N GLN J 237 -28.45 63.05 48.75
CA GLN J 237 -28.58 61.77 48.10
C GLN J 237 -27.59 61.64 46.93
N SER J 238 -27.04 60.43 46.76
CA SER J 238 -26.20 60.10 45.58
C SER J 238 -26.90 59.05 44.73
N GLY J 239 -26.52 58.93 43.46
CA GLY J 239 -27.09 57.87 42.58
C GLY J 239 -26.79 56.42 43.02
N TRP J 240 -25.62 56.24 43.62
CA TRP J 240 -25.18 54.97 44.24
C TRP J 240 -26.11 54.48 45.33
N CYS J 241 -26.28 55.30 46.39
CA CYS J 241 -27.22 54.97 47.46
C CYS J 241 -28.67 54.92 46.96
N ALA J 242 -29.06 55.82 46.09
CA ALA J 242 -30.45 55.74 45.56
C ALA J 242 -30.72 54.42 44.85
N ALA J 243 -29.72 53.95 44.10
CA ALA J 243 -29.87 52.66 43.40
C ALA J 243 -29.96 51.46 44.32
N TRP J 244 -29.08 51.41 45.32
CA TRP J 244 -29.12 50.35 46.31
C TRP J 244 -30.41 50.29 47.09
N PHE J 245 -30.88 51.44 47.58
CA PHE J 245 -32.12 51.48 48.38
C PHE J 245 -33.39 51.29 47.56
N GLU J 246 -33.41 51.80 46.33
CA GLU J 246 -34.53 51.49 45.39
C GLU J 246 -34.63 49.97 45.06
N THR J 247 -33.48 49.35 44.77
CA THR J 247 -33.42 47.86 44.63
C THR J 247 -34.03 47.17 45.83
N GLN J 248 -33.67 47.60 47.02
CA GLN J 248 -34.28 47.05 48.22
C GLN J 248 -35.81 47.21 48.28
N ARG J 249 -36.30 48.38 47.91
CA ARG J 249 -37.74 48.68 48.00
C ARG J 249 -38.49 47.84 46.98
N GLN J 250 -37.93 47.72 45.78
CA GLN J 250 -38.46 46.82 44.76
C GLN J 250 -38.65 45.37 45.21
N CYS J 251 -37.76 44.85 46.06
CA CYS J 251 -37.96 43.49 46.63
C CYS J 251 -39.27 43.45 47.40
N ILE J 252 -39.58 44.53 48.12
CA ILE J 252 -40.83 44.58 48.89
C ILE J 252 -42.01 44.75 47.93
N TYR J 253 -41.87 45.67 46.97
CA TYR J 253 -42.93 45.90 45.98
C TYR J 253 -43.25 44.60 45.26
N ASP J 254 -42.24 43.77 44.96
CA ASP J 254 -42.45 42.55 44.16
C ASP J 254 -42.96 41.35 44.95
N ASP J 255 -42.94 41.44 46.27
CA ASP J 255 -43.48 40.40 47.13
C ASP J 255 -45.03 40.38 47.02
N PRO J 256 -45.62 39.21 46.62
CA PRO J 256 -47.09 39.15 46.48
C PRO J 256 -47.85 39.44 47.76
N LYS J 257 -47.21 39.24 48.91
CA LYS J 257 -47.83 39.55 50.21
C LYS J 257 -47.94 41.03 50.51
N TYR J 258 -47.31 41.88 49.68
CA TYR J 258 -47.22 43.33 49.92
C TYR J 258 -48.56 44.03 49.65
N LEU J 259 -49.27 43.56 48.63
CA LEU J 259 -50.64 44.03 48.33
C LEU J 259 -50.69 45.56 48.32
N ASP J 260 -49.75 46.19 47.66
CA ASP J 260 -49.73 47.67 47.59
C ASP J 260 -49.58 48.43 48.89
N GLY J 261 -49.16 47.72 49.94
CA GLY J 261 -49.02 48.34 51.26
C GLY J 261 -50.19 48.02 52.15
N GLU J 262 -51.18 47.30 51.60
CA GLU J 262 -52.43 47.01 52.33
C GLU J 262 -52.38 45.73 53.13
N TYR J 263 -51.19 45.14 53.29
CA TYR J 263 -51.03 43.86 53.97
C TYR J 263 -51.46 43.97 55.42
N ASP J 264 -51.83 42.83 56.02
CA ASP J 264 -52.06 42.74 57.48
C ASP J 264 -50.72 42.78 58.21
N VAL J 265 -50.67 43.54 59.31
CA VAL J 265 -49.41 43.81 60.00
C VAL J 265 -48.72 42.52 60.50
N ASP J 266 -49.51 41.46 60.65
CA ASP J 266 -48.97 40.17 61.08
C ASP J 266 -48.74 39.21 59.89
N ASP J 267 -49.07 39.67 58.69
CA ASP J 267 -48.78 38.93 57.44
C ASP J 267 -47.95 39.82 56.48
N GLN J 268 -46.78 40.27 56.98
CA GLN J 268 -45.83 41.11 56.23
C GLN J 268 -45.35 40.45 54.91
N PRO J 269 -44.88 41.27 53.95
CA PRO J 269 -44.11 40.76 52.82
C PRO J 269 -42.71 40.37 53.28
N VAL J 270 -42.65 39.25 53.99
CA VAL J 270 -41.45 38.75 54.64
C VAL J 270 -40.28 38.47 53.68
N ARG J 271 -40.57 37.89 52.52
CA ARG J 271 -39.51 37.60 51.53
C ARG J 271 -38.89 38.89 51.02
N GLY J 272 -39.75 39.88 50.76
CA GLY J 272 -39.28 41.21 50.36
C GLY J 272 -38.38 41.84 51.41
N LEU J 273 -38.84 41.85 52.65
CA LEU J 273 -38.03 42.40 53.74
C LEU J 273 -36.72 41.67 53.94
N GLU J 274 -36.78 40.33 53.87
CA GLU J 274 -35.58 39.49 54.02
C GLU J 274 -34.56 39.84 52.97
N THR J 275 -34.97 39.90 51.73
CA THR J 275 -34.06 40.17 50.63
C THR J 275 -33.45 41.58 50.70
N ALA J 276 -34.31 42.60 50.93
CA ALA J 276 -33.88 43.98 51.24
C ALA J 276 -32.77 44.04 52.28
N ARG J 277 -32.93 43.35 53.40
CA ARG J 277 -31.91 43.37 54.45
C ARG J 277 -30.63 42.57 54.15
N LYS J 278 -30.73 41.44 53.42
CA LYS J 278 -29.51 40.74 52.95
C LYS J 278 -28.71 41.71 52.17
N ILE J 279 -29.37 42.40 51.22
CA ILE J 279 -28.66 43.36 50.38
C ILE J 279 -28.03 44.47 51.20
N ALA J 280 -28.82 45.09 52.08
CA ALA J 280 -28.32 46.21 52.93
C ALA J 280 -27.14 45.80 53.78
N ASN J 281 -27.28 44.68 54.47
CA ASN J 281 -26.23 44.15 55.30
C ASN J 281 -24.91 44.03 54.57
N LEU J 282 -24.93 43.49 53.35
CA LEU J 282 -23.68 43.41 52.57
C LEU J 282 -23.13 44.74 52.12
N THR J 283 -24.02 45.68 51.79
CA THR J 283 -23.54 47.06 51.51
C THR J 283 -22.93 47.76 52.73
N TYR J 284 -23.32 47.32 53.93
CA TYR J 284 -22.74 47.83 55.21
C TYR J 284 -21.39 47.22 55.57
N LYS J 285 -20.97 46.19 54.85
CA LYS J 285 -19.71 45.50 55.15
C LYS J 285 -18.65 45.86 54.11
N SER J 286 -17.53 45.19 54.16
CA SER J 286 -16.51 45.43 53.19
C SER J 286 -16.00 44.04 52.78
N LYS J 287 -15.27 43.99 51.68
CA LYS J 287 -14.63 42.78 51.21
C LYS J 287 -13.67 42.15 52.27
N PRO J 288 -12.70 42.93 52.78
CA PRO J 288 -11.83 42.36 53.84
C PRO J 288 -12.61 41.84 55.09
N ALA J 289 -13.70 42.50 55.44
CA ALA J 289 -14.51 42.07 56.58
C ALA J 289 -15.24 40.79 56.31
N MET J 290 -15.85 40.67 55.11
CA MET J 290 -16.51 39.42 54.75
C MET J 290 -15.51 38.30 54.57
N ASP J 291 -14.34 38.62 54.03
CA ASP J 291 -13.29 37.61 53.78
C ASP J 291 -12.72 37.02 55.04
N GLU J 292 -12.70 37.79 56.11
CA GLU J 292 -12.31 37.30 57.44
C GLU J 292 -13.36 36.46 58.09
N ARG J 293 -14.62 36.81 57.86
CA ARG J 293 -15.72 36.01 58.36
C ARG J 293 -15.92 34.67 57.66
N PHE J 294 -15.68 34.63 56.35
CA PHE J 294 -15.94 33.44 55.55
C PHE J 294 -14.79 33.25 54.60
N HIS J 295 -14.14 32.09 54.68
CA HIS J 295 -13.02 31.78 53.78
C HIS J 295 -12.83 30.29 53.56
N MET J 296 -12.13 29.95 52.46
CA MET J 296 -11.91 28.54 52.07
C MET J 296 -10.85 27.88 52.96
N GLY J 327 -20.61 31.27 60.60
CA GLY J 327 -19.31 30.93 61.13
C GLY J 327 -18.21 31.19 60.14
N GLN J 328 -17.23 30.31 60.04
CA GLN J 328 -16.05 30.62 59.24
C GLN J 328 -15.87 30.01 57.84
N PRO J 329 -16.30 28.73 57.59
CA PRO J 329 -16.14 28.24 56.21
C PRO J 329 -17.09 28.93 55.25
N ILE J 330 -16.74 28.97 53.97
CA ILE J 330 -17.58 29.57 52.91
C ILE J 330 -19.01 29.00 52.86
N GLU J 331 -19.16 27.68 53.06
CA GLU J 331 -20.45 26.97 53.02
C GLU J 331 -21.43 27.55 54.04
N ALA J 332 -20.89 28.25 55.04
CA ALA J 332 -21.69 28.80 56.14
C ALA J 332 -22.39 30.12 55.74
N VAL J 333 -22.01 30.69 54.60
CA VAL J 333 -22.48 31.99 54.15
C VAL J 333 -23.98 31.98 53.96
N SER J 334 -24.50 30.87 53.45
CA SER J 334 -25.93 30.76 53.16
C SER J 334 -26.76 30.99 54.44
N SER J 335 -26.35 30.30 55.51
CA SER J 335 -27.09 30.21 56.76
C SER J 335 -27.01 31.57 57.46
N TYR J 336 -25.84 32.17 57.37
CA TYR J 336 -25.63 33.50 57.89
C TYR J 336 -26.59 34.54 57.24
N LEU J 337 -26.67 34.55 55.90
CA LEU J 337 -27.57 35.43 55.18
C LEU J 337 -29.03 35.19 55.55
N ARG J 338 -29.46 33.94 55.62
CA ARG J 338 -30.85 33.61 55.99
C ARG J 338 -31.15 34.07 57.43
N TYR J 339 -30.20 33.87 58.36
CA TYR J 339 -30.39 34.23 59.75
C TYR J 339 -30.57 35.74 59.92
N GLN J 340 -29.65 36.50 59.37
CA GLN J 340 -29.67 37.97 59.41
C GLN J 340 -30.99 38.50 58.88
N ALA J 341 -31.37 38.01 57.70
CA ALA J 341 -32.55 38.48 57.00
C ALA J 341 -33.86 38.19 57.74
N GLN J 342 -34.00 36.97 58.25
CA GLN J 342 -35.17 36.52 59.03
C GLN J 342 -35.34 37.28 60.35
N LYS J 343 -34.22 37.55 61.00
CA LYS J 343 -34.18 38.32 62.25
C LYS J 343 -34.78 39.70 62.03
N PHE J 344 -34.39 40.36 60.94
CA PHE J 344 -34.90 41.68 60.57
C PHE J 344 -36.36 41.66 60.14
N ALA J 345 -36.71 40.69 59.30
CA ALA J 345 -38.04 40.65 58.74
C ALA J 345 -39.12 40.36 59.83
N ALA J 346 -38.71 39.81 60.98
CA ALA J 346 -39.60 39.50 62.10
C ALA J 346 -39.85 40.73 62.99
N SER J 347 -38.98 41.74 62.84
CA SER J 347 -38.92 42.84 63.81
C SER J 347 -38.97 44.23 63.18
N PHE J 348 -39.45 44.33 61.95
CA PHE J 348 -39.62 45.63 61.29
C PHE J 348 -40.81 45.57 60.35
N ASP J 349 -41.31 46.75 59.97
CA ASP J 349 -42.53 46.85 59.14
C ASP J 349 -42.10 47.29 57.76
N ALA J 350 -42.69 46.66 56.73
CA ALA J 350 -42.41 46.95 55.32
C ALA J 350 -42.75 48.40 54.93
N ASN J 351 -43.98 48.83 55.21
CA ASN J 351 -44.38 50.23 54.94
C ASN J 351 -43.44 51.27 55.54
N CYS J 352 -43.07 51.03 56.78
CA CYS J 352 -42.08 51.86 57.45
C CYS J 352 -40.71 51.84 56.76
N TYR J 353 -40.30 50.67 56.29
CA TYR J 353 -39.03 50.57 55.55
C TYR J 353 -39.07 51.39 54.29
N ILE J 354 -40.21 51.32 53.57
CA ILE J 354 -40.40 52.16 52.37
C ILE J 354 -40.40 53.66 52.71
N ALA J 355 -41.16 54.04 53.76
CA ALA J 355 -41.29 55.44 54.20
C ALA J 355 -39.94 56.02 54.60
N MET J 356 -39.19 55.27 55.37
CA MET J 356 -37.90 55.78 55.84
C MET J 356 -36.76 55.88 54.84
N THR J 357 -36.61 54.86 53.99
CA THR J 357 -35.57 54.92 52.95
C THR J 357 -35.91 56.00 51.95
N LEU J 358 -37.20 56.19 51.67
CA LEU J 358 -37.58 57.31 50.77
C LEU J 358 -37.09 58.69 51.24
N LYS J 359 -36.88 58.85 52.52
CA LYS J 359 -36.34 60.07 53.14
C LYS J 359 -34.94 60.42 52.65
N PHE J 360 -34.13 59.36 52.42
CA PHE J 360 -32.80 59.49 51.86
C PHE J 360 -32.87 60.27 50.57
N ASP J 361 -33.93 60.07 49.80
CA ASP J 361 -33.96 60.64 48.43
C ASP J 361 -34.16 62.17 48.36
N THR J 362 -34.68 62.75 49.44
CA THR J 362 -34.92 64.19 49.50
C THR J 362 -33.92 64.87 50.43
N HIS J 363 -32.93 64.12 50.90
CA HIS J 363 -31.89 64.74 51.71
C HIS J 363 -31.00 65.60 50.79
N ASP J 364 -30.80 66.87 51.16
CA ASP J 364 -29.92 67.77 50.41
C ASP J 364 -29.79 69.01 51.22
N ILE J 365 -28.64 69.22 51.87
CA ILE J 365 -28.50 70.37 52.79
C ILE J 365 -28.42 71.73 52.04
N SER J 366 -28.33 71.68 50.72
CA SER J 366 -28.28 72.93 49.94
C SER J 366 -29.63 73.39 49.42
N ARG J 367 -30.65 72.53 49.43
CA ARG J 367 -31.84 72.91 48.73
C ARG J 367 -32.52 74.06 49.44
N GLY J 368 -32.82 75.10 48.67
CA GLY J 368 -33.42 76.30 49.24
C GLY J 368 -32.45 77.17 50.01
N ARG J 369 -31.16 76.77 50.07
CA ARG J 369 -30.16 77.50 50.90
C ARG J 369 -28.94 77.98 50.12
N ALA J 370 -28.48 77.21 49.14
CA ALA J 370 -27.27 77.60 48.44
C ALA J 370 -27.22 77.00 47.05
N GLY J 371 -26.30 77.50 46.21
CA GLY J 371 -26.19 77.01 44.83
C GLY J 371 -25.40 75.72 44.68
N SER J 372 -24.76 75.29 45.76
CA SER J 372 -23.96 74.06 45.72
C SER J 372 -23.77 73.49 47.12
N ILE J 373 -23.28 72.26 47.17
CA ILE J 373 -23.03 71.58 48.44
C ILE J 373 -21.90 72.28 49.21
N PRO J 374 -20.76 72.60 48.53
CA PRO J 374 -19.69 73.35 49.21
C PRO J 374 -20.13 74.70 49.81
N GLU J 375 -21.06 75.37 49.14
CA GLU J 375 -21.57 76.65 49.64
C GLU J 375 -22.50 76.44 50.85
N ALA J 376 -23.27 75.34 50.83
CA ALA J 376 -24.13 74.97 51.99
C ALA J 376 -23.29 74.55 53.21
N LEU J 377 -22.26 73.74 52.98
CA LEU J 377 -21.31 73.36 54.04
C LEU J 377 -20.63 74.59 54.69
N ALA J 378 -20.25 75.56 53.84
CA ALA J 378 -19.60 76.82 54.34
C ALA J 378 -20.49 77.62 55.29
N MET J 379 -21.82 77.43 55.18
CA MET J 379 -22.78 78.05 56.13
C MET J 379 -22.80 77.36 57.50
N ILE J 380 -22.12 76.21 57.62
CA ILE J 380 -21.97 75.54 58.92
C ILE J 380 -20.82 76.14 59.73
N THR J 381 -21.19 76.83 60.81
CA THR J 381 -20.30 77.68 61.55
C THR J 381 -19.85 77.00 62.86
N GLN J 382 -20.62 76.01 63.32
CA GLN J 382 -20.27 75.25 64.50
C GLN J 382 -18.97 74.49 64.28
N PRO J 383 -18.17 74.30 65.34
CA PRO J 383 -17.15 73.26 65.25
C PRO J 383 -17.79 71.93 64.87
N ALA J 384 -17.11 71.19 63.98
CA ALA J 384 -17.60 69.92 63.47
C ALA J 384 -16.52 68.82 63.58
N LEU J 385 -16.86 67.67 64.12
CA LEU J 385 -15.96 66.49 63.98
C LEU J 385 -16.58 65.50 62.98
N ILE J 386 -15.91 65.31 61.85
CA ILE J 386 -16.36 64.37 60.80
C ILE J 386 -15.70 62.99 60.97
N ILE J 387 -16.51 61.96 61.23
CA ILE J 387 -15.95 60.62 61.44
C ILE J 387 -16.31 59.68 60.28
N CYS J 388 -15.28 59.02 59.73
CA CYS J 388 -15.44 58.14 58.57
C CYS J 388 -14.40 57.00 58.52
N ALA J 389 -14.67 56.02 57.65
CA ALA J 389 -13.75 54.92 57.35
C ALA J 389 -13.48 54.91 55.87
N ARG J 390 -12.23 54.70 55.49
CA ARG J 390 -11.88 54.48 54.07
C ARG J 390 -12.63 53.31 53.41
N SER J 391 -12.97 52.30 54.19
CA SER J 391 -13.57 51.07 53.69
C SER J 391 -15.11 51.09 53.57
N ASP J 392 -15.72 52.20 53.96
CA ASP J 392 -17.18 52.39 53.82
C ASP J 392 -17.54 52.37 52.35
N GLY J 393 -18.41 51.43 51.97
CA GLY J 393 -18.76 51.27 50.52
C GLY J 393 -19.97 52.08 50.08
N LEU J 394 -20.63 52.74 51.04
CA LEU J 394 -21.81 53.54 50.73
C LEU J 394 -21.56 55.01 50.80
N TYR J 395 -20.82 55.44 51.83
CA TYR J 395 -20.53 56.86 52.02
C TYR J 395 -19.06 57.01 51.90
N SER J 396 -18.61 57.71 50.85
CA SER J 396 -17.20 57.62 50.46
C SER J 396 -16.24 58.46 51.28
N PHE J 397 -14.99 58.04 51.34
CA PHE J 397 -13.97 58.78 52.04
C PHE J 397 -13.87 60.17 51.43
N ASP J 398 -13.90 60.25 50.09
CA ASP J 398 -13.86 61.54 49.38
C ASP J 398 -14.97 62.53 49.77
N GLU J 399 -16.19 62.05 50.00
CA GLU J 399 -17.28 62.95 50.33
C GLU J 399 -17.17 63.49 51.76
N HIS J 400 -16.54 62.74 52.66
CA HIS J 400 -16.22 63.22 54.01
C HIS J 400 -15.05 64.23 53.96
N VAL J 401 -14.08 63.98 53.09
CA VAL J 401 -13.02 64.95 52.85
C VAL J 401 -13.60 66.27 52.35
N GLU J 402 -14.56 66.22 51.40
CA GLU J 402 -15.25 67.42 50.93
C GLU J 402 -15.98 68.19 52.07
N MET J 403 -16.63 67.46 52.98
CA MET J 403 -17.20 68.06 54.20
C MET J 403 -16.15 68.80 55.02
N GLY J 404 -14.97 68.19 55.18
CA GLY J 404 -13.86 68.86 55.90
C GLY J 404 -13.26 70.11 55.23
N ARG J 405 -13.27 70.13 53.90
CA ARG J 405 -12.74 71.24 53.09
CA ARG J 405 -12.74 71.23 53.10
C ARG J 405 -13.62 72.49 53.22
N SER J 406 -14.94 72.30 53.15
CA SER J 406 -15.90 73.38 53.12
C SER J 406 -16.54 73.81 54.43
N ILE J 407 -16.66 72.92 55.42
CA ILE J 407 -17.05 73.37 56.76
C ILE J 407 -15.85 74.11 57.41
N PRO J 408 -15.98 75.44 57.66
CA PRO J 408 -14.82 76.27 58.06
C PRO J 408 -14.14 75.83 59.38
N ASN J 409 -14.93 75.38 60.37
CA ASN J 409 -14.35 74.92 61.64
C ASN J 409 -14.52 73.42 61.90
N SER J 410 -13.89 72.62 61.06
CA SER J 410 -14.10 71.16 61.10
C SER J 410 -12.79 70.41 61.24
N ARG J 411 -12.88 69.23 61.83
CA ARG J 411 -11.79 68.27 61.86
C ARG J 411 -12.30 66.92 61.35
N LEU J 412 -11.47 66.23 60.57
CA LEU J 412 -11.79 64.92 60.04
C LEU J 412 -11.15 63.82 60.91
N CYS J 413 -11.95 62.87 61.35
CA CYS J 413 -11.44 61.71 62.03
C CYS J 413 -11.60 60.44 61.17
N VAL J 414 -10.47 59.86 60.72
CA VAL J 414 -10.51 58.63 59.94
C VAL J 414 -10.22 57.44 60.81
N VAL J 415 -11.22 56.61 61.04
CA VAL J 415 -11.06 55.44 61.90
C VAL J 415 -10.27 54.37 61.18
N ASP J 416 -9.23 53.85 61.84
CA ASP J 416 -8.40 52.80 61.23
C ASP J 416 -9.10 51.48 61.44
N THR J 417 -9.66 50.93 60.37
CA THR J 417 -10.51 49.77 60.46
C THR J 417 -10.69 49.22 59.05
N ASN J 418 -11.07 47.93 58.95
CA ASN J 418 -11.42 47.34 57.65
C ASN J 418 -12.90 47.03 57.54
N GLU J 419 -13.68 47.58 58.46
CA GLU J 419 -15.08 47.18 58.67
C GLU J 419 -16.20 47.54 57.68
N GLY J 420 -16.01 48.55 56.85
CA GLY J 420 -17.11 49.00 55.98
C GLY J 420 -17.99 49.99 56.71
N HIS J 421 -19.19 50.24 56.15
CA HIS J 421 -20.13 51.23 56.72
C HIS J 421 -20.45 50.95 58.19
N ASP J 422 -20.59 49.66 58.50
CA ASP J 422 -20.80 49.14 59.84
C ASP J 422 -19.76 49.56 60.88
N PHE J 423 -18.63 50.12 60.47
CA PHE J 423 -17.53 50.42 61.44
C PHE J 423 -18.00 51.24 62.66
N PHE J 424 -18.97 52.13 62.50
CA PHE J 424 -19.38 53.01 63.63
C PHE J 424 -19.96 52.20 64.78
N VAL J 425 -20.45 50.99 64.46
CA VAL J 425 -20.91 50.05 65.48
C VAL J 425 -19.81 49.05 65.88
N MET J 426 -18.99 48.60 64.92
CA MET J 426 -17.94 47.59 65.17
C MET J 426 -16.75 48.19 65.91
N GLU J 427 -16.46 49.45 65.61
CA GLU J 427 -15.33 50.14 66.24
C GLU J 427 -15.87 51.16 67.24
N ALA J 428 -16.91 50.76 67.97
CA ALA J 428 -17.58 51.67 68.88
C ALA J 428 -16.63 52.32 69.88
N ASP J 429 -15.62 51.58 70.33
CA ASP J 429 -14.62 52.17 71.25
C ASP J 429 -13.84 53.32 70.61
N LYS J 430 -13.43 53.17 69.34
CA LYS J 430 -12.74 54.26 68.65
C LYS J 430 -13.64 55.46 68.38
N VAL J 431 -14.91 55.20 68.07
CA VAL J 431 -15.88 56.24 67.87
C VAL J 431 -16.15 56.95 69.20
N ASN J 432 -16.23 56.19 70.29
CA ASN J 432 -16.41 56.77 71.62
C ASN J 432 -15.28 57.76 71.98
N ASP J 433 -14.05 57.32 71.82
CA ASP J 433 -12.90 58.12 72.20
C ASP J 433 -12.83 59.38 71.35
N ALA J 434 -13.12 59.27 70.06
CA ALA J 434 -13.17 60.46 69.18
C ALA J 434 -14.28 61.43 69.57
N VAL J 435 -15.46 60.91 69.86
CA VAL J 435 -16.58 61.76 70.28
C VAL J 435 -16.34 62.43 71.64
N ARG J 436 -15.92 61.65 72.63
CA ARG J 436 -15.59 62.22 73.94
C ARG J 436 -14.44 63.27 73.83
N GLY J 437 -13.40 62.97 73.06
CA GLY J 437 -12.28 63.90 72.89
C GLY J 437 -12.71 65.27 72.41
N PHE J 438 -13.64 65.28 71.45
CA PHE J 438 -14.22 66.49 70.87
C PHE J 438 -15.16 67.22 71.84
N LEU J 439 -16.04 66.48 72.48
CA LEU J 439 -16.89 67.03 73.54
C LEU J 439 -16.11 67.62 74.73
N ASP J 440 -14.88 67.11 74.96
CA ASP J 440 -14.02 67.63 76.03
C ASP J 440 -13.35 68.97 75.71
N GLN J 441 -13.23 69.29 74.44
CA GLN J 441 -12.55 70.52 74.04
C GLN J 441 -13.41 71.77 74.28
N SER J 442 -12.94 72.74 75.04
CA SER J 442 -13.52 74.09 74.93
C SER J 442 -12.74 74.84 73.84
N LEU J 443 -13.47 75.29 72.82
CA LEU J 443 -12.86 75.79 71.61
C LEU J 443 -12.71 77.30 71.59
N ASN K 66 62.26 -0.10 22.63
CA ASN K 66 61.38 -1.28 22.30
C ASN K 66 60.71 -1.09 20.93
N ARG K 67 61.27 -1.75 19.92
CA ARG K 67 60.83 -1.55 18.53
C ARG K 67 59.50 -2.25 18.27
N PHE K 68 59.15 -3.23 19.10
CA PHE K 68 57.83 -3.88 18.97
C PHE K 68 56.74 -2.94 19.40
N GLU K 69 56.91 -2.32 20.58
CA GLU K 69 55.98 -1.32 21.11
C GLU K 69 55.92 -0.09 20.18
N ALA K 70 57.07 0.33 19.67
CA ALA K 70 57.12 1.50 18.78
C ALA K 70 56.25 1.34 17.53
N SER K 71 56.03 0.10 17.11
CA SER K 71 55.34 -0.18 15.84
C SER K 71 53.83 -0.02 15.96
N LEU K 72 53.34 0.13 17.19
CA LEU K 72 51.91 0.10 17.44
C LEU K 72 51.23 1.48 17.25
N ASP K 73 49.92 1.45 16.98
CA ASP K 73 49.09 2.66 17.10
C ASP K 73 49.11 3.15 18.54
N ALA K 74 48.65 4.37 18.74
CA ALA K 74 48.66 4.98 20.06
C ALA K 74 47.85 4.12 21.05
N GLN K 75 48.40 3.95 22.26
CA GLN K 75 47.77 3.21 23.36
C GLN K 75 48.18 3.83 24.70
N ASP K 76 47.59 3.34 25.79
CA ASP K 76 47.80 3.93 27.10
C ASP K 76 48.63 3.01 27.92
N ILE K 77 49.29 3.56 28.94
CA ILE K 77 50.09 2.78 29.87
C ILE K 77 49.63 3.21 31.27
N ALA K 78 49.30 2.22 32.12
CA ALA K 78 49.12 2.44 33.53
C ALA K 78 50.38 1.97 34.18
N ARG K 79 50.71 2.53 35.33
CA ARG K 79 51.92 2.18 35.98
C ARG K 79 51.59 1.76 37.38
N ILE K 80 52.00 0.54 37.75
CA ILE K 80 51.71 -0.02 39.07
C ILE K 80 53.03 -0.01 39.80
N SER K 81 53.09 0.68 40.95
CA SER K 81 54.40 0.91 41.59
C SER K 81 54.97 -0.36 42.17
N LEU K 82 54.14 -1.18 42.80
CA LEU K 82 54.59 -2.51 43.25
C LEU K 82 53.54 -3.57 42.93
N PHE K 83 54.00 -4.74 42.46
CA PHE K 83 53.08 -5.86 42.20
C PHE K 83 53.72 -7.15 42.61
N THR K 84 53.09 -7.85 43.55
CA THR K 84 53.56 -9.17 43.95
C THR K 84 53.03 -10.34 43.07
N LEU K 85 53.94 -11.09 42.44
CA LEU K 85 53.57 -12.21 41.58
C LEU K 85 53.27 -13.37 42.48
N GLU K 86 52.53 -14.37 41.99
CA GLU K 86 52.13 -15.41 42.88
C GLU K 86 53.30 -16.30 43.27
N SER K 87 54.44 -16.11 42.60
CA SER K 87 55.66 -16.78 42.98
C SER K 87 56.25 -16.13 44.24
N GLY K 88 55.84 -14.90 44.51
CA GLY K 88 56.40 -14.18 45.64
C GLY K 88 57.32 -13.09 45.17
N VAL K 89 57.79 -13.18 43.93
CA VAL K 89 58.65 -12.15 43.36
C VAL K 89 57.83 -10.86 43.21
N ILE K 90 58.49 -9.72 43.46
CA ILE K 90 57.86 -8.43 43.43
C ILE K 90 58.41 -7.65 42.24
N LEU K 91 57.51 -7.12 41.43
CA LEU K 91 57.90 -6.28 40.30
C LEU K 91 57.67 -4.83 40.72
N ARG K 92 58.49 -3.92 40.17
CA ARG K 92 58.41 -2.51 40.54
C ARG K 92 58.16 -1.61 39.31
N ASP K 93 57.50 -0.46 39.52
CA ASP K 93 57.32 0.53 38.42
C ASP K 93 56.86 -0.23 37.16
N VAL K 94 55.74 -0.98 37.32
CA VAL K 94 55.30 -1.97 36.30
C VAL K 94 54.43 -1.30 35.26
N PRO K 95 54.85 -1.26 33.97
CA PRO K 95 53.89 -0.74 32.99
C PRO K 95 52.85 -1.78 32.59
N VAL K 96 51.63 -1.33 32.34
CA VAL K 96 50.60 -2.18 31.81
C VAL K 96 49.97 -1.37 30.70
N ALA K 97 50.18 -1.81 29.44
CA ALA K 97 49.63 -1.10 28.30
C ALA K 97 48.20 -1.58 28.08
N TYR K 98 47.37 -0.72 27.52
CA TYR K 98 46.00 -1.09 27.24
C TYR K 98 45.46 -0.18 26.17
N LYS K 99 44.37 -0.61 25.56
CA LYS K 99 43.74 0.16 24.54
C LYS K 99 42.27 -0.01 24.82
N SER K 100 41.51 1.07 24.72
CA SER K 100 40.07 1.02 24.94
C SER K 100 39.38 1.77 23.83
N TRP K 101 38.09 1.45 23.68
CA TRP K 101 37.24 2.04 22.67
C TRP K 101 35.95 2.39 23.38
N GLY K 102 35.34 3.51 23.02
CA GLY K 102 34.03 3.88 23.56
C GLY K 102 34.20 4.59 24.89
N ARG K 103 33.10 4.70 25.64
CA ARG K 103 33.07 5.55 26.80
C ARG K 103 32.27 4.88 27.85
N MET K 104 32.72 4.99 29.10
CA MET K 104 31.96 4.40 30.22
C MET K 104 30.66 5.16 30.41
N ASN K 105 29.60 4.47 30.81
CA ASN K 105 28.38 5.16 31.21
C ASN K 105 28.54 5.76 32.63
N VAL K 106 27.43 6.27 33.17
CA VAL K 106 27.42 6.96 34.46
C VAL K 106 27.65 5.98 35.64
N SER K 107 27.04 4.80 35.57
CA SER K 107 27.26 3.75 36.56
C SER K 107 28.62 3.05 36.45
N ARG K 108 29.35 3.33 35.33
CA ARG K 108 30.63 2.69 35.03
C ARG K 108 30.52 1.15 35.14
N ASP K 109 29.44 0.59 34.57
CA ASP K 109 29.18 -0.84 34.65
C ASP K 109 28.94 -1.41 33.25
N ASN K 110 29.41 -0.71 32.22
CA ASN K 110 29.23 -1.17 30.83
C ASN K 110 30.57 -1.61 30.22
N CYS K 111 31.48 -2.07 31.08
CA CYS K 111 32.83 -2.48 30.64
C CYS K 111 32.84 -3.90 30.07
N VAL K 112 33.27 -4.02 28.83
CA VAL K 112 33.59 -5.33 28.22
C VAL K 112 35.13 -5.48 28.11
N ILE K 113 35.69 -6.53 28.75
CA ILE K 113 37.15 -6.80 28.68
C ILE K 113 37.37 -7.85 27.59
N VAL K 114 38.27 -7.55 26.64
CA VAL K 114 38.69 -8.53 25.62
C VAL K 114 40.11 -8.97 25.97
N CYS K 115 40.34 -10.28 26.02
CA CYS K 115 41.63 -10.80 26.38
C CYS K 115 42.31 -11.25 25.06
N HIS K 116 43.57 -10.88 24.87
CA HIS K 116 44.19 -11.04 23.56
C HIS K 116 44.91 -12.39 23.42
N THR K 117 45.49 -12.67 22.26
CA THR K 117 46.12 -13.96 21.99
C THR K 117 47.63 -13.87 22.31
N LEU K 118 48.25 -15.04 22.39
CA LEU K 118 49.67 -15.21 22.63
C LEU K 118 50.63 -14.14 21.97
N THR K 119 50.45 -13.85 20.70
CA THR K 119 51.44 -13.01 20.01
C THR K 119 50.89 -11.67 19.56
N SER K 120 49.65 -11.37 19.92
CA SER K 120 49.08 -10.05 19.61
C SER K 120 49.39 -8.97 20.65
N SER K 121 49.11 -7.72 20.26
CA SER K 121 49.11 -6.59 21.20
C SER K 121 47.68 -6.40 21.69
N ALA K 122 47.46 -5.39 22.51
CA ALA K 122 46.12 -5.05 23.02
C ALA K 122 45.23 -4.46 21.92
N HIS K 123 45.79 -4.24 20.73
CA HIS K 123 44.99 -3.66 19.62
C HIS K 123 44.14 -4.67 18.88
N VAL K 124 43.04 -5.07 19.55
CA VAL K 124 42.14 -6.14 19.09
C VAL K 124 41.60 -5.86 17.70
N THR K 125 41.39 -4.60 17.41
CA THR K 125 40.93 -4.20 16.09
C THR K 125 41.81 -4.72 14.92
N SER K 126 43.07 -4.98 15.18
CA SER K 126 43.97 -5.36 14.10
C SER K 126 43.82 -6.83 13.62
N TRP K 127 43.16 -7.66 14.43
CA TRP K 127 42.84 -9.03 14.00
C TRP K 127 41.38 -9.44 14.18
N TRP K 128 40.63 -8.67 14.97
CA TRP K 128 39.20 -8.83 15.05
C TRP K 128 38.45 -7.54 14.64
N PRO K 129 38.82 -6.93 13.49
CA PRO K 129 38.19 -5.64 13.12
C PRO K 129 36.66 -5.68 12.99
N THR K 130 36.10 -6.78 12.49
CA THR K 130 34.68 -6.82 12.21
C THR K 130 33.80 -7.11 13.45
N LEU K 131 34.43 -7.26 14.62
CA LEU K 131 33.70 -7.41 15.87
C LEU K 131 33.37 -6.08 16.51
N PHE K 132 33.93 -5.00 15.96
CA PHE K 132 33.77 -3.65 16.50
C PHE K 132 32.75 -2.84 15.71
N GLY K 133 32.01 -1.99 16.42
CA GLY K 133 31.18 -0.99 15.75
C GLY K 133 29.71 -1.16 16.10
N GLN K 134 28.90 -0.20 15.64
CA GLN K 134 27.51 -0.12 16.06
C GLN K 134 26.79 -1.35 15.53
N GLY K 135 26.08 -2.04 16.42
CA GLY K 135 25.35 -3.26 16.03
C GLY K 135 26.21 -4.51 16.04
N ARG K 136 27.51 -4.35 16.30
CA ARG K 136 28.42 -5.51 16.38
C ARG K 136 28.62 -5.90 17.86
N ALA K 137 29.35 -6.98 18.09
CA ALA K 137 29.62 -7.45 19.45
C ALA K 137 30.25 -6.34 20.32
N PHE K 138 31.35 -5.77 19.85
CA PHE K 138 32.03 -4.74 20.64
C PHE K 138 31.51 -3.38 20.20
N ASP K 139 30.28 -3.07 20.64
CA ASP K 139 29.51 -1.92 20.19
C ASP K 139 29.87 -0.70 21.03
N THR K 140 30.63 0.22 20.44
CA THR K 140 31.26 1.28 21.24
C THR K 140 30.23 2.38 21.53
N SER K 141 28.98 2.12 21.11
CA SER K 141 27.85 2.99 21.44
C SER K 141 27.15 2.52 22.70
N ARG K 142 27.39 1.28 23.11
CA ARG K 142 26.84 0.75 24.35
C ARG K 142 27.91 0.48 25.40
N TYR K 143 29.12 0.10 24.95
CA TYR K 143 30.06 -0.42 25.92
C TYR K 143 31.35 0.37 25.94
N PHE K 144 32.04 0.28 27.05
CA PHE K 144 33.44 0.66 27.16
C PHE K 144 34.24 -0.65 26.94
N ILE K 145 34.91 -0.77 25.79
CA ILE K 145 35.63 -2.03 25.48
C ILE K 145 37.10 -1.79 25.81
N ILE K 146 37.70 -2.71 26.54
CA ILE K 146 39.11 -2.50 26.88
C ILE K 146 39.93 -3.79 26.70
N CYS K 147 41.14 -3.65 26.17
CA CYS K 147 42.02 -4.85 26.14
C CYS K 147 43.33 -4.48 26.78
N LEU K 148 43.83 -5.28 27.73
CA LEU K 148 45.09 -4.96 28.35
C LEU K 148 46.17 -5.97 27.93
N ASN K 149 47.39 -5.47 27.78
CA ASN K 149 48.51 -6.30 27.32
C ASN K 149 49.03 -7.18 28.48
N TYR K 150 49.28 -8.48 28.20
CA TYR K 150 49.76 -9.42 29.21
C TYR K 150 51.19 -9.08 29.64
N LEU K 151 51.55 -9.46 30.89
CA LEU K 151 52.93 -9.45 31.31
C LEU K 151 53.72 -10.47 30.44
N GLY K 152 54.94 -10.12 30.04
CA GLY K 152 55.75 -11.06 29.26
C GLY K 152 55.68 -10.75 27.78
N SER K 153 54.81 -9.84 27.41
CA SER K 153 54.56 -9.49 26.02
C SER K 153 55.48 -8.33 25.62
N PRO K 154 55.88 -8.25 24.32
CA PRO K 154 56.73 -7.11 23.88
C PRO K 154 55.98 -5.81 23.64
N PHE K 155 54.64 -5.78 23.84
CA PHE K 155 53.82 -4.72 23.28
C PHE K 155 53.37 -3.65 24.29
N GLY K 156 54.13 -3.47 25.36
CA GLY K 156 53.89 -2.33 26.28
C GLY K 156 53.91 -2.69 27.76
N SER K 157 53.41 -3.89 28.10
CA SER K 157 53.38 -4.26 29.51
C SER K 157 54.72 -4.82 29.89
N ALA K 158 54.96 -4.98 31.19
CA ALA K 158 56.24 -5.44 31.67
C ALA K 158 56.58 -6.80 31.08
N GLY K 159 57.84 -6.96 30.67
CA GLY K 159 58.28 -8.20 30.03
C GLY K 159 59.74 -8.05 29.66
N PRO K 160 60.33 -9.11 29.07
CA PRO K 160 61.70 -9.12 28.57
C PRO K 160 62.17 -7.84 27.84
N CYS K 161 61.26 -7.17 27.12
CA CYS K 161 61.62 -5.99 26.31
C CYS K 161 61.44 -4.64 27.01
N SER K 162 60.90 -4.67 28.23
CA SER K 162 60.67 -3.46 28.99
C SER K 162 61.83 -3.18 29.99
N PRO K 163 62.02 -1.89 30.35
CA PRO K 163 63.20 -1.53 31.19
C PRO K 163 63.19 -2.22 32.54
N ASP K 164 64.33 -2.79 32.92
CA ASP K 164 64.49 -3.37 34.23
C ASP K 164 64.84 -2.21 35.21
N PRO K 165 63.93 -1.94 36.20
CA PRO K 165 64.14 -0.86 37.17
C PRO K 165 65.40 -1.05 38.04
N ASP K 166 65.82 -2.30 38.23
CA ASP K 166 67.03 -2.60 39.03
C ASP K 166 68.36 -2.54 38.23
N ALA K 167 68.38 -1.82 37.11
CA ALA K 167 69.60 -1.67 36.31
C ALA K 167 69.54 -0.45 35.40
N PRO K 172 66.86 -3.53 29.55
CA PRO K 172 65.65 -4.34 29.70
C PRO K 172 65.88 -5.59 30.55
N TYR K 173 64.78 -6.19 31.03
CA TYR K 173 64.86 -7.43 31.81
C TYR K 173 65.54 -8.54 30.99
N GLY K 174 65.33 -8.52 29.66
CA GLY K 174 65.86 -9.62 28.80
C GLY K 174 65.47 -11.03 29.28
N ALA K 175 66.45 -11.90 29.47
CA ALA K 175 66.18 -13.30 29.85
C ALA K 175 65.81 -13.45 31.31
N LYS K 176 65.85 -12.33 32.02
CA LYS K 176 65.69 -12.35 33.47
C LYS K 176 64.26 -11.97 33.96
N PHE K 177 63.34 -11.71 33.02
CA PHE K 177 61.94 -11.43 33.38
C PHE K 177 61.35 -12.63 34.13
N PRO K 178 60.85 -12.38 35.35
CA PRO K 178 60.31 -13.41 36.22
C PRO K 178 59.14 -14.13 35.54
N ARG K 179 58.91 -15.39 35.92
CA ARG K 179 57.77 -16.17 35.46
C ARG K 179 56.46 -15.58 35.99
N THR K 180 55.48 -15.39 35.09
CA THR K 180 54.19 -14.91 35.45
C THR K 180 53.14 -15.98 35.10
N THR K 181 51.97 -15.89 35.73
CA THR K 181 50.89 -16.82 35.49
C THR K 181 49.70 -16.11 34.86
N ILE K 182 48.74 -16.89 34.34
CA ILE K 182 47.44 -16.32 33.89
C ILE K 182 46.78 -15.49 35.04
N ARG K 183 46.79 -16.02 36.26
CA ARG K 183 46.31 -15.29 37.45
C ARG K 183 47.04 -13.98 37.75
N ASP K 184 48.35 -13.93 37.51
CA ASP K 184 49.11 -12.70 37.73
C ASP K 184 48.62 -11.62 36.81
N ASP K 185 48.40 -11.94 35.52
CA ASP K 185 47.87 -10.98 34.55
C ASP K 185 46.52 -10.46 34.98
N VAL K 186 45.62 -11.37 35.36
CA VAL K 186 44.24 -10.98 35.65
C VAL K 186 44.26 -10.02 36.89
N ARG K 187 45.15 -10.30 37.83
CA ARG K 187 45.28 -9.45 39.07
C ARG K 187 45.86 -8.08 38.79
N ILE K 188 46.92 -8.00 38.01
CA ILE K 188 47.45 -6.69 37.73
C ILE K 188 46.53 -5.95 36.78
N HIS K 189 45.77 -6.67 35.94
CA HIS K 189 44.85 -6.01 35.02
C HIS K 189 43.68 -5.42 35.79
N ARG K 190 43.20 -6.16 36.79
CA ARG K 190 42.17 -5.73 37.75
C ARG K 190 42.59 -4.43 38.43
N GLN K 191 43.79 -4.42 39.01
CA GLN K 191 44.34 -3.18 39.53
C GLN K 191 44.26 -2.00 38.56
N VAL K 192 44.59 -2.19 37.27
CA VAL K 192 44.52 -1.08 36.32
C VAL K 192 43.07 -0.60 36.11
N LEU K 193 42.13 -1.55 36.01
CA LEU K 193 40.71 -1.24 35.84
C LEU K 193 40.09 -0.45 37.03
N ASP K 194 40.47 -0.84 38.24
CA ASP K 194 40.15 -0.08 39.47
C ASP K 194 40.65 1.38 39.38
N ARG K 195 41.90 1.57 38.95
CA ARG K 195 42.51 2.89 38.71
CA ARG K 195 42.45 2.91 38.75
C ARG K 195 41.77 3.71 37.64
N LEU K 196 41.17 3.03 36.67
CA LEU K 196 40.39 3.72 35.64
C LEU K 196 38.97 3.98 36.12
N GLY K 197 38.62 3.43 37.29
CA GLY K 197 37.28 3.67 37.83
C GLY K 197 36.20 2.77 37.28
N VAL K 198 36.59 1.61 36.73
CA VAL K 198 35.61 0.65 36.25
C VAL K 198 34.92 0.07 37.49
N ARG K 199 33.59 0.15 37.51
CA ARG K 199 32.86 -0.35 38.69
C ARG K 199 32.54 -1.87 38.66
N GLN K 200 31.98 -2.30 37.53
CA GLN K 200 31.52 -3.69 37.35
C GLN K 200 31.82 -4.06 35.91
N ILE K 201 32.03 -5.34 35.64
CA ILE K 201 32.31 -5.78 34.26
C ILE K 201 31.12 -6.49 33.60
N ALA K 202 30.61 -5.91 32.52
CA ALA K 202 29.46 -6.51 31.84
C ALA K 202 29.77 -7.88 31.25
N ALA K 203 30.98 -8.05 30.72
CA ALA K 203 31.38 -9.34 30.13
C ALA K 203 32.90 -9.38 29.98
N VAL K 204 33.47 -10.56 30.12
CA VAL K 204 34.81 -10.80 29.60
C VAL K 204 34.85 -11.85 28.45
N VAL K 205 35.53 -11.46 27.37
CA VAL K 205 35.58 -12.22 26.14
C VAL K 205 37.05 -12.48 25.78
N GLY K 206 37.37 -13.75 25.53
CA GLY K 206 38.74 -14.09 25.09
C GLY K 206 38.79 -15.41 24.36
N ALA K 207 39.66 -15.48 23.33
CA ALA K 207 39.94 -16.74 22.61
C ALA K 207 41.35 -17.27 22.88
N SER K 208 41.44 -18.59 23.00
CA SER K 208 42.73 -19.27 23.02
C SER K 208 43.43 -18.94 24.34
N MET K 209 44.63 -18.35 24.31
CA MET K 209 45.19 -17.91 25.59
C MET K 209 44.22 -17.02 26.38
N GLY K 210 43.63 -16.01 25.71
CA GLY K 210 42.70 -15.14 26.38
C GLY K 210 41.48 -15.79 26.94
N GLY K 211 41.21 -17.04 26.56
CA GLY K 211 40.09 -17.78 27.14
C GLY K 211 40.47 -18.37 28.46
N MET K 212 41.78 -18.51 28.67
CA MET K 212 42.30 -18.97 29.94
C MET K 212 42.17 -17.84 30.98
N HIS K 213 42.63 -16.64 30.62
CA HIS K 213 42.36 -15.42 31.39
C HIS K 213 40.87 -15.20 31.66
N THR K 214 40.03 -15.40 30.64
CA THR K 214 38.58 -15.21 30.79
C THR K 214 38.00 -16.05 31.88
N LEU K 215 38.42 -17.32 31.94
CA LEU K 215 37.93 -18.26 32.97
C LEU K 215 38.49 -17.87 34.35
N GLU K 216 39.72 -17.37 34.40
CA GLU K 216 40.24 -16.85 35.63
C GLU K 216 39.51 -15.55 36.09
N TRP K 217 39.12 -14.67 35.15
CA TRP K 217 38.37 -13.50 35.50
C TRP K 217 37.11 -13.86 36.27
N ALA K 218 36.52 -15.03 35.94
CA ALA K 218 35.20 -15.39 36.44
C ALA K 218 35.26 -15.52 37.95
N PHE K 219 36.44 -15.87 38.46
CA PHE K 219 36.58 -16.20 39.90
C PHE K 219 36.64 -14.97 40.85
N PHE K 220 36.52 -13.78 40.28
CA PHE K 220 36.16 -12.60 41.05
C PHE K 220 34.66 -12.58 41.45
N GLY K 221 33.83 -13.41 40.80
CA GLY K 221 32.44 -13.62 41.23
C GLY K 221 31.49 -12.84 40.40
N PRO K 222 30.19 -13.21 40.45
CA PRO K 222 29.16 -12.65 39.58
C PRO K 222 28.78 -11.22 39.88
N GLU K 223 29.28 -10.71 40.99
CA GLU K 223 29.00 -9.35 41.36
C GLU K 223 29.96 -8.41 40.59
N TYR K 224 31.23 -8.78 40.47
CA TYR K 224 32.17 -7.95 39.72
C TYR K 224 32.18 -8.30 38.17
N VAL K 225 32.04 -9.57 37.84
CA VAL K 225 32.11 -10.01 36.43
C VAL K 225 30.77 -10.66 36.07
N ARG K 226 29.95 -9.97 35.29
CA ARG K 226 28.57 -10.46 35.09
C ARG K 226 28.40 -11.60 34.11
N LYS K 227 29.30 -11.71 33.13
CA LYS K 227 29.20 -12.80 32.11
C LYS K 227 30.60 -13.11 31.57
N ILE K 228 30.80 -14.35 31.11
CA ILE K 228 32.03 -14.72 30.43
C ILE K 228 31.78 -15.40 29.07
N VAL K 229 32.66 -15.13 28.11
CA VAL K 229 32.63 -15.82 26.78
C VAL K 229 34.04 -16.40 26.51
N PRO K 230 34.34 -17.59 27.07
CA PRO K 230 35.57 -18.34 26.71
C PRO K 230 35.45 -19.05 25.34
N ILE K 231 36.49 -18.92 24.53
CA ILE K 231 36.43 -19.30 23.12
C ILE K 231 37.67 -20.10 22.89
N ALA K 232 37.53 -21.35 22.43
CA ALA K 232 38.71 -22.07 21.85
C ALA K 232 39.88 -22.16 22.84
N THR K 233 39.62 -22.78 23.97
CA THR K 233 40.53 -22.66 25.07
C THR K 233 40.46 -23.88 25.97
N SER K 234 41.19 -23.83 27.09
CA SER K 234 41.18 -24.89 28.06
C SER K 234 41.10 -24.40 29.53
N CYS K 235 40.84 -25.36 30.44
CA CYS K 235 40.69 -25.12 31.87
C CYS K 235 41.99 -25.30 32.58
N ARG K 236 42.90 -26.03 31.96
CA ARG K 236 44.26 -26.19 32.46
C ARG K 236 45.13 -26.72 31.34
N GLN K 237 46.44 -26.69 31.57
CA GLN K 237 47.39 -27.22 30.60
C GLN K 237 47.14 -28.72 30.35
N SER K 238 47.24 -29.14 29.08
CA SER K 238 47.20 -30.58 28.70
C SER K 238 48.59 -31.02 28.23
N GLY K 239 48.85 -32.33 28.25
CA GLY K 239 50.17 -32.85 27.75
C GLY K 239 50.39 -32.61 26.25
N TRP K 240 49.28 -32.60 25.50
CA TRP K 240 49.28 -32.28 24.05
C TRP K 240 49.80 -30.88 23.77
N CYS K 241 49.15 -29.85 24.34
CA CYS K 241 49.63 -28.46 24.16
C CYS K 241 50.99 -28.25 24.77
N ALA K 242 51.26 -28.87 25.90
CA ALA K 242 52.58 -28.71 26.53
C ALA K 242 53.69 -29.26 25.63
N ALA K 243 53.41 -30.37 24.95
CA ALA K 243 54.39 -30.95 23.99
C ALA K 243 54.61 -30.07 22.75
N TRP K 244 53.53 -29.60 22.16
CA TRP K 244 53.64 -28.70 21.01
C TRP K 244 54.40 -27.43 21.31
N PHE K 245 54.11 -26.76 22.43
CA PHE K 245 54.76 -25.50 22.78
C PHE K 245 56.18 -25.67 23.26
N GLU K 246 56.45 -26.76 23.97
CA GLU K 246 57.83 -27.05 24.36
C GLU K 246 58.72 -27.30 23.10
N THR K 247 58.21 -28.11 22.17
CA THR K 247 58.90 -28.29 20.86
C THR K 247 59.22 -26.93 20.24
N GLN K 248 58.24 -26.03 20.22
CA GLN K 248 58.49 -24.70 19.71
C GLN K 248 59.63 -23.93 20.44
N ARG K 249 59.60 -23.96 21.78
CA ARG K 249 60.61 -23.31 22.61
C ARG K 249 62.00 -23.93 22.38
N GLN K 250 62.05 -25.28 22.29
CA GLN K 250 63.31 -25.94 21.93
C GLN K 250 63.93 -25.49 20.59
N CYS K 251 63.13 -25.14 19.59
CA CYS K 251 63.69 -24.55 18.35
C CYS K 251 64.48 -23.27 18.67
N ILE K 252 63.96 -22.49 19.62
CA ILE K 252 64.60 -21.22 19.99
C ILE K 252 65.86 -21.53 20.82
N TYR K 253 65.71 -22.41 21.82
CA TYR K 253 66.84 -22.83 22.64
C TYR K 253 67.99 -23.34 21.75
N ASP K 254 67.67 -24.06 20.66
CA ASP K 254 68.70 -24.69 19.83
C ASP K 254 69.32 -23.79 18.78
N ASP K 255 68.73 -22.61 18.55
CA ASP K 255 69.27 -21.61 17.63
C ASP K 255 70.57 -20.99 18.24
N PRO K 256 71.71 -21.10 17.54
CA PRO K 256 72.97 -20.58 18.11
C PRO K 256 72.94 -19.09 18.40
N LYS K 257 72.08 -18.35 17.70
CA LYS K 257 71.88 -16.91 17.96
C LYS K 257 71.17 -16.58 19.26
N TYR K 258 70.66 -17.59 19.97
CA TYR K 258 69.83 -17.41 21.17
C TYR K 258 70.69 -17.06 22.38
N LEU K 259 71.89 -17.64 22.44
CA LEU K 259 72.89 -17.28 23.46
C LEU K 259 72.26 -17.23 24.85
N ASP K 260 71.46 -18.22 25.20
CA ASP K 260 70.85 -18.30 26.54
C ASP K 260 69.90 -17.17 26.90
N GLY K 261 69.44 -16.44 25.89
CA GLY K 261 68.53 -15.33 26.10
C GLY K 261 69.25 -14.00 26.07
N GLU K 262 70.58 -14.05 25.90
CA GLU K 262 71.43 -12.86 26.00
C GLU K 262 71.64 -12.16 24.66
N TYR K 263 70.92 -12.61 23.64
CA TYR K 263 71.07 -12.07 22.29
C TYR K 263 70.77 -10.57 22.25
N ASP K 264 71.35 -9.87 21.27
CA ASP K 264 70.97 -8.48 20.97
C ASP K 264 69.60 -8.42 20.31
N VAL K 265 68.75 -7.48 20.76
CA VAL K 265 67.36 -7.42 20.33
C VAL K 265 67.18 -7.28 18.82
N ASP K 266 68.25 -6.82 18.16
CA ASP K 266 68.22 -6.68 16.70
C ASP K 266 68.95 -7.84 15.98
N ASP K 267 69.46 -8.80 16.76
CA ASP K 267 70.05 -10.03 16.23
C ASP K 267 69.39 -11.25 16.91
N GLN K 268 68.06 -11.34 16.74
CA GLN K 268 67.22 -12.43 17.31
C GLN K 268 67.66 -13.83 16.82
N PRO K 269 67.29 -14.89 17.57
CA PRO K 269 67.37 -16.24 17.05
C PRO K 269 66.24 -16.48 16.06
N VAL K 270 66.40 -15.88 14.88
CA VAL K 270 65.40 -15.85 13.83
C VAL K 270 65.00 -17.24 13.31
N ARG K 271 65.96 -18.14 13.14
CA ARG K 271 65.63 -19.49 12.66
C ARG K 271 64.76 -20.22 13.65
N GLY K 272 65.07 -20.07 14.94
CA GLY K 272 64.24 -20.65 16.00
C GLY K 272 62.84 -20.08 16.01
N LEU K 273 62.72 -18.77 15.89
CA LEU K 273 61.40 -18.14 15.88
C LEU K 273 60.61 -18.54 14.64
N GLU K 274 61.31 -18.59 13.49
CA GLU K 274 60.69 -19.03 12.24
C GLU K 274 60.08 -20.40 12.38
N THR K 275 60.89 -21.36 12.81
CA THR K 275 60.45 -22.74 12.94
C THR K 275 59.31 -22.90 13.95
N ALA K 276 59.45 -22.25 15.12
CA ALA K 276 58.37 -22.19 16.11
C ALA K 276 57.04 -21.76 15.53
N ARG K 277 57.02 -20.68 14.74
CA ARG K 277 55.79 -20.19 14.08
CA ARG K 277 55.75 -20.23 14.14
C ARG K 277 55.23 -21.11 13.02
N LYS K 278 56.13 -21.73 12.21
CA LYS K 278 55.65 -22.69 11.19
C LYS K 278 54.88 -23.76 11.88
N ILE K 279 55.48 -24.33 12.94
CA ILE K 279 54.82 -25.39 13.71
C ILE K 279 53.50 -24.93 14.29
N ALA K 280 53.50 -23.77 14.93
CA ALA K 280 52.28 -23.24 15.61
C ALA K 280 51.18 -23.01 14.61
N ASN K 281 51.55 -22.36 13.52
CA ASN K 281 50.64 -22.06 12.46
C ASN K 281 49.91 -23.32 11.95
N LEU K 282 50.62 -24.45 11.82
CA LEU K 282 49.94 -25.70 11.37
C LEU K 282 49.09 -26.33 12.43
N THR K 283 49.51 -26.20 13.68
CA THR K 283 48.61 -26.61 14.80
C THR K 283 47.33 -25.80 14.89
N TYR K 284 47.36 -24.58 14.38
CA TYR K 284 46.17 -23.70 14.35
C TYR K 284 45.19 -23.99 13.19
N LYS K 285 45.62 -24.75 12.19
CA LYS K 285 44.77 -25.09 11.05
C LYS K 285 44.17 -26.52 11.19
N SER K 286 43.58 -27.01 10.14
CA SER K 286 43.05 -28.34 10.16
C SER K 286 43.43 -28.97 8.83
N LYS K 287 43.22 -30.26 8.72
CA LYS K 287 43.54 -30.97 7.49
C LYS K 287 42.64 -30.48 6.31
N PRO K 288 41.31 -30.45 6.49
CA PRO K 288 40.45 -29.87 5.45
C PRO K 288 40.81 -28.41 5.00
N ALA K 289 41.21 -27.57 5.94
CA ALA K 289 41.61 -26.21 5.64
C ALA K 289 42.88 -26.18 4.85
N MET K 290 43.86 -27.03 5.20
CA MET K 290 45.13 -27.02 4.45
C MET K 290 44.97 -27.65 3.09
N ASP K 291 44.04 -28.59 2.98
CA ASP K 291 43.80 -29.33 1.76
C ASP K 291 43.08 -28.47 0.73
N GLU K 292 42.27 -27.53 1.20
CA GLU K 292 41.65 -26.51 0.33
C GLU K 292 42.62 -25.49 -0.14
N ARG K 293 43.54 -25.08 0.72
CA ARG K 293 44.59 -24.15 0.32
C ARG K 293 45.63 -24.73 -0.66
N PHE K 294 45.98 -26.00 -0.49
CA PHE K 294 47.03 -26.62 -1.27
C PHE K 294 46.57 -27.99 -1.70
N HIS K 295 46.54 -28.21 -3.02
CA HIS K 295 46.16 -29.54 -3.52
C HIS K 295 46.80 -29.84 -4.88
N MET K 296 46.83 -31.13 -5.23
CA MET K 296 47.45 -31.62 -6.49
C MET K 296 46.56 -31.28 -7.71
N GLY K 327 50.00 -20.07 -2.82
CA GLY K 327 48.60 -20.25 -3.15
C GLY K 327 48.25 -21.70 -3.39
N GLN K 328 47.59 -22.00 -4.50
CA GLN K 328 46.91 -23.28 -4.57
C GLN K 328 47.60 -24.63 -4.88
N PRO K 329 48.66 -24.68 -5.73
CA PRO K 329 49.32 -25.99 -6.00
C PRO K 329 50.20 -26.45 -4.85
N ILE K 330 50.36 -27.76 -4.68
CA ILE K 330 51.17 -28.32 -3.58
C ILE K 330 52.63 -27.76 -3.49
N GLU K 331 53.25 -27.44 -4.65
CA GLU K 331 54.61 -26.90 -4.75
C GLU K 331 54.73 -25.53 -4.04
N ALA K 332 53.58 -24.88 -3.84
CA ALA K 332 53.51 -23.54 -3.27
C ALA K 332 53.63 -23.55 -1.73
N VAL K 333 53.52 -24.73 -1.13
CA VAL K 333 53.52 -24.92 0.32
C VAL K 333 54.79 -24.41 0.94
N SER K 334 55.91 -24.62 0.26
CA SER K 334 57.21 -24.24 0.76
C SER K 334 57.29 -22.72 1.02
N SER K 335 56.92 -21.96 0.01
CA SER K 335 56.95 -20.51 -0.03
C SER K 335 55.98 -19.93 1.03
N TYR K 336 54.80 -20.53 1.11
CA TYR K 336 53.84 -20.14 2.10
C TYR K 336 54.41 -20.28 3.53
N LEU K 337 55.03 -21.42 3.86
CA LEU K 337 55.61 -21.65 5.17
C LEU K 337 56.73 -20.66 5.46
N ARG K 338 57.62 -20.44 4.51
CA ARG K 338 58.72 -19.48 4.69
C ARG K 338 58.19 -18.05 4.93
N TYR K 339 57.14 -17.65 4.20
CA TYR K 339 56.61 -16.31 4.30
C TYR K 339 55.98 -16.08 5.69
N GLN K 340 55.15 -17.01 6.11
CA GLN K 340 54.46 -16.90 7.38
C GLN K 340 55.49 -16.79 8.50
N ALA K 341 56.50 -17.63 8.43
CA ALA K 341 57.51 -17.75 9.48
C ALA K 341 58.39 -16.49 9.59
N GLN K 342 58.89 -16.01 8.45
CA GLN K 342 59.68 -14.77 8.37
C GLN K 342 58.93 -13.53 8.86
N LYS K 343 57.67 -13.43 8.50
CA LYS K 343 56.79 -12.34 8.92
C LYS K 343 56.73 -12.25 10.45
N PHE K 344 56.59 -13.41 11.11
CA PHE K 344 56.50 -13.48 12.57
C PHE K 344 57.84 -13.22 13.23
N ALA K 345 58.89 -13.85 12.71
CA ALA K 345 60.21 -13.72 13.29
C ALA K 345 60.76 -12.27 13.25
N ALA K 346 60.25 -11.45 12.32
CA ALA K 346 60.66 -10.03 12.16
C ALA K 346 59.92 -9.11 13.16
N SER K 347 58.82 -9.60 13.74
CA SER K 347 57.90 -8.76 14.50
C SER K 347 57.57 -9.29 15.90
N PHE K 348 58.39 -10.18 16.44
CA PHE K 348 58.21 -10.67 17.81
C PHE K 348 59.56 -10.95 18.44
N ASP K 349 59.60 -10.97 19.77
CA ASP K 349 60.84 -11.20 20.51
C ASP K 349 60.84 -12.66 21.01
N ALA K 350 62.02 -13.30 20.95
CA ALA K 350 62.20 -14.69 21.36
C ALA K 350 62.00 -14.88 22.87
N ASN K 351 62.69 -14.09 23.69
CA ASN K 351 62.50 -14.15 25.15
C ASN K 351 61.04 -14.04 25.60
N CYS K 352 60.32 -13.11 24.99
CA CYS K 352 58.90 -12.95 25.20
C CYS K 352 58.10 -14.16 24.76
N TYR K 353 58.46 -14.76 23.62
CA TYR K 353 57.79 -15.99 23.20
C TYR K 353 57.97 -17.08 24.22
N ILE K 354 59.19 -17.21 24.76
CA ILE K 354 59.45 -18.19 25.80
C ILE K 354 58.64 -17.89 27.09
N ALA K 355 58.65 -16.63 27.52
CA ALA K 355 57.95 -16.17 28.75
C ALA K 355 56.45 -16.39 28.65
N MET K 356 55.86 -16.03 27.52
CA MET K 356 54.43 -16.18 27.38
C MET K 356 53.90 -17.58 27.21
N THR K 357 54.57 -18.43 26.41
CA THR K 357 54.14 -19.81 26.29
C THR K 357 54.31 -20.58 27.57
N LEU K 358 55.39 -20.30 28.31
CA LEU K 358 55.54 -20.87 29.66
C LEU K 358 54.35 -20.61 30.60
N LYS K 359 53.60 -19.55 30.33
CA LYS K 359 52.36 -19.21 31.06
C LYS K 359 51.29 -20.27 30.95
N PHE K 360 51.18 -20.86 29.74
CA PHE K 360 50.27 -21.98 29.45
C PHE K 360 50.51 -23.09 30.46
N ASP K 361 51.75 -23.30 30.87
CA ASP K 361 52.07 -24.52 31.65
C ASP K 361 51.53 -24.48 33.10
N THR K 362 51.28 -23.27 33.59
CA THR K 362 50.81 -23.10 34.98
C THR K 362 49.35 -22.72 35.03
N HIS K 363 48.67 -22.84 33.89
CA HIS K 363 47.26 -22.55 33.85
C HIS K 363 46.54 -23.75 34.46
N ASP K 364 45.69 -23.50 35.45
CA ASP K 364 44.83 -24.53 36.02
C ASP K 364 43.86 -23.84 36.90
N ILE K 365 42.58 -23.77 36.47
CA ILE K 365 41.57 -23.04 37.26
C ILE K 365 41.24 -23.71 38.62
N SER K 366 41.71 -24.93 38.81
CA SER K 366 41.38 -25.63 40.05
C SER K 366 42.45 -25.49 41.13
N ARG K 367 43.67 -25.10 40.76
CA ARG K 367 44.72 -25.13 41.72
C ARG K 367 44.43 -24.17 42.85
N GLY K 368 44.51 -24.68 44.06
CA GLY K 368 44.23 -23.89 45.26
C GLY K 368 42.76 -23.64 45.48
N ARG K 369 41.91 -24.13 44.59
CA ARG K 369 40.45 -23.88 44.69
C ARG K 369 39.64 -25.17 44.85
N ALA K 370 39.93 -26.20 44.06
CA ALA K 370 39.09 -27.39 44.14
C ALA K 370 39.88 -28.64 43.87
N GLY K 371 39.27 -29.79 44.12
CA GLY K 371 39.96 -31.10 43.96
C GLY K 371 39.97 -31.63 42.52
N SER K 372 39.17 -31.00 41.66
CA SER K 372 39.13 -31.41 40.26
C SER K 372 38.69 -30.22 39.39
N ILE K 373 38.83 -30.38 38.09
CA ILE K 373 38.43 -29.35 37.13
C ILE K 373 36.92 -29.18 37.12
N PRO K 374 36.14 -30.28 37.08
CA PRO K 374 34.67 -30.15 37.18
C PRO K 374 34.17 -29.39 38.41
N GLU K 375 34.85 -29.57 39.55
CA GLU K 375 34.47 -28.89 40.77
C GLU K 375 34.86 -27.39 40.71
N ALA K 376 35.98 -27.10 40.05
CA ALA K 376 36.35 -25.69 39.80
C ALA K 376 35.37 -24.99 38.83
N LEU K 377 35.02 -25.65 37.73
CA LEU K 377 34.01 -25.10 36.81
C LEU K 377 32.68 -24.82 37.50
N ALA K 378 32.26 -25.73 38.39
CA ALA K 378 30.98 -25.58 39.14
C ALA K 378 30.95 -24.30 39.98
N MET K 379 32.12 -23.80 40.39
CA MET K 379 32.23 -22.51 41.14
C MET K 379 32.03 -21.28 40.24
N ILE K 380 31.95 -21.51 38.92
CA ILE K 380 31.64 -20.41 37.98
C ILE K 380 30.11 -20.21 37.89
N THR K 381 29.67 -19.09 38.45
CA THR K 381 28.28 -18.84 38.70
C THR K 381 27.70 -17.89 37.64
N GLN K 382 28.57 -17.11 36.99
CA GLN K 382 28.14 -16.23 35.88
C GLN K 382 27.51 -17.04 34.75
N PRO K 383 26.54 -16.45 34.04
CA PRO K 383 26.25 -16.97 32.71
C PRO K 383 27.54 -17.07 31.89
N ALA K 384 27.70 -18.17 31.15
CA ALA K 384 28.82 -18.40 30.27
C ALA K 384 28.40 -18.78 28.84
N LEU K 385 29.00 -18.16 27.84
CA LEU K 385 28.88 -18.68 26.46
C LEU K 385 30.21 -19.32 26.02
N ILE K 386 30.24 -20.64 25.90
CA ILE K 386 31.42 -21.37 25.43
C ILE K 386 31.42 -21.51 23.89
N ILE K 387 32.43 -20.94 23.21
CA ILE K 387 32.52 -21.05 21.74
C ILE K 387 33.68 -21.95 21.31
N CYS K 388 33.39 -22.89 20.41
CA CYS K 388 34.37 -23.85 19.93
C CYS K 388 34.06 -24.38 18.50
N ALA K 389 35.04 -25.05 17.89
CA ALA K 389 34.90 -25.74 16.61
C ALA K 389 35.33 -27.19 16.82
N ARG K 390 34.56 -28.11 16.26
CA ARG K 390 34.96 -29.53 16.20
C ARG K 390 36.33 -29.77 15.57
N SER K 391 36.75 -28.92 14.63
CA SER K 391 37.99 -29.10 13.88
C SER K 391 39.25 -28.53 14.56
N ASP K 392 39.10 -27.94 15.75
CA ASP K 392 40.23 -27.35 16.47
C ASP K 392 41.13 -28.50 16.93
N GLY K 393 42.41 -28.46 16.55
CA GLY K 393 43.30 -29.59 16.85
C GLY K 393 44.11 -29.41 18.12
N LEU K 394 43.95 -28.26 18.78
CA LEU K 394 44.67 -27.99 20.01
C LEU K 394 43.76 -28.06 21.21
N TYR K 395 42.57 -27.47 21.09
CA TYR K 395 41.61 -27.41 22.19
C TYR K 395 40.40 -28.17 21.77
N SER K 396 40.15 -29.30 22.43
CA SER K 396 39.23 -30.30 21.85
C SER K 396 37.77 -29.97 22.06
N PHE K 397 36.94 -30.43 21.13
CA PHE K 397 35.51 -30.31 21.25
C PHE K 397 35.05 -30.88 22.59
N ASP K 398 35.57 -32.06 22.97
CA ASP K 398 35.24 -32.73 24.24
C ASP K 398 35.53 -31.87 25.51
N GLU K 399 36.64 -31.14 25.52
CA GLU K 399 36.95 -30.33 26.68
C GLU K 399 36.05 -29.10 26.82
N HIS K 400 35.56 -28.58 25.69
CA HIS K 400 34.52 -27.55 25.72
C HIS K 400 33.16 -28.11 26.17
N VAL K 401 32.83 -29.31 25.73
CA VAL K 401 31.64 -30.00 26.23
C VAL K 401 31.70 -30.14 27.74
N GLU K 402 32.86 -30.55 28.27
CA GLU K 402 33.07 -30.68 29.72
C GLU K 402 32.87 -29.36 30.48
N MET K 403 33.30 -28.23 29.88
CA MET K 403 32.99 -26.89 30.40
C MET K 403 31.49 -26.64 30.48
N GLY K 404 30.77 -26.97 29.42
CA GLY K 404 29.30 -26.83 29.42
C GLY K 404 28.55 -27.71 30.45
N ARG K 405 29.14 -28.87 30.80
CA ARG K 405 28.54 -29.83 31.73
CA ARG K 405 28.50 -29.81 31.72
C ARG K 405 28.59 -29.32 33.18
N SER K 406 29.74 -28.76 33.56
CA SER K 406 30.00 -28.35 34.92
C SER K 406 29.79 -26.87 35.28
N ILE K 407 29.92 -25.94 34.32
CA ILE K 407 29.48 -24.56 34.59
C ILE K 407 27.94 -24.52 34.60
N PRO K 408 27.33 -24.21 35.78
CA PRO K 408 25.88 -24.40 35.95
C PRO K 408 24.99 -23.52 35.03
N ASN K 409 25.42 -22.28 34.75
CA ASN K 409 24.66 -21.43 33.84
C ASN K 409 25.37 -21.16 32.50
N SER K 410 25.58 -22.23 31.73
CA SER K 410 26.35 -22.11 30.49
C SER K 410 25.58 -22.58 29.25
N ARG K 411 26.00 -22.06 28.12
CA ARG K 411 25.53 -22.52 26.84
C ARG K 411 26.77 -22.72 25.94
N LEU K 412 26.73 -23.77 25.15
CA LEU K 412 27.81 -24.10 24.23
C LEU K 412 27.43 -23.67 22.82
N CYS K 413 28.32 -22.91 22.19
CA CYS K 413 28.16 -22.55 20.80
C CYS K 413 29.22 -23.25 19.92
N VAL K 414 28.77 -24.16 19.05
CA VAL K 414 29.68 -24.87 18.15
C VAL K 414 29.62 -24.22 16.77
N VAL K 415 30.69 -23.54 16.40
CA VAL K 415 30.75 -22.87 15.11
C VAL K 415 30.87 -23.93 13.98
N ASP K 416 30.03 -23.81 12.95
CA ASP K 416 30.08 -24.73 11.80
C ASP K 416 31.16 -24.25 10.85
N THR K 417 32.29 -24.95 10.85
CA THR K 417 33.46 -24.51 10.14
C THR K 417 34.47 -25.65 10.04
N ASN K 418 35.36 -25.60 9.04
CA ASN K 418 36.42 -26.60 8.91
C ASN K 418 37.79 -26.05 9.27
N GLU K 419 37.79 -24.90 9.93
CA GLU K 419 38.96 -24.04 9.99
C GLU K 419 40.10 -24.38 10.96
N GLY K 420 39.85 -25.24 11.93
CA GLY K 420 40.86 -25.50 12.98
C GLY K 420 40.81 -24.45 14.09
N HIS K 421 41.89 -24.40 14.88
CA HIS K 421 41.93 -23.48 16.03
C HIS K 421 41.77 -22.01 15.60
N ASP K 422 42.32 -21.68 14.43
CA ASP K 422 42.19 -20.36 13.78
C ASP K 422 40.73 -19.95 13.49
N PHE K 423 39.76 -20.83 13.69
CA PHE K 423 38.36 -20.46 13.30
C PHE K 423 37.86 -19.17 13.96
N PHE K 424 38.34 -18.86 15.18
CA PHE K 424 37.83 -17.66 15.89
C PHE K 424 38.17 -16.36 15.14
N VAL K 425 39.22 -16.44 14.31
CA VAL K 425 39.66 -15.31 13.47
C VAL K 425 39.07 -15.44 12.03
N MET K 426 39.03 -16.67 11.51
CA MET K 426 38.52 -16.92 10.13
C MET K 426 37.01 -16.80 10.06
N GLU K 427 36.33 -17.21 11.13
CA GLU K 427 34.86 -17.15 11.17
C GLU K 427 34.42 -15.99 12.08
N ALA K 428 35.10 -14.86 11.97
CA ALA K 428 34.86 -13.72 12.84
C ALA K 428 33.39 -13.26 12.82
N ASP K 429 32.75 -13.33 11.66
CA ASP K 429 31.33 -12.96 11.60
C ASP K 429 30.47 -13.86 12.47
N LYS K 430 30.71 -15.18 12.44
CA LYS K 430 29.95 -16.11 13.28
C LYS K 430 30.21 -15.91 14.77
N VAL K 431 31.49 -15.68 15.12
CA VAL K 431 31.87 -15.36 16.46
C VAL K 431 31.22 -14.04 16.92
N ASN K 432 31.25 -13.02 16.05
CA ASN K 432 30.57 -11.76 16.36
C ASN K 432 29.10 -11.94 16.75
N ASP K 433 28.36 -12.59 15.86
CA ASP K 433 26.93 -12.79 16.04
C ASP K 433 26.64 -13.57 17.31
N ALA K 434 27.45 -14.58 17.63
CA ALA K 434 27.26 -15.33 18.86
C ALA K 434 27.53 -14.48 20.10
N VAL K 435 28.61 -13.71 20.07
CA VAL K 435 28.97 -12.85 21.21
C VAL K 435 27.94 -11.76 21.43
N ARG K 436 27.54 -11.09 20.35
CA ARG K 436 26.52 -10.04 20.42
C ARG K 436 25.17 -10.61 20.92
N GLY K 437 24.76 -11.75 20.36
CA GLY K 437 23.51 -12.39 20.81
C GLY K 437 23.47 -12.62 22.32
N PHE K 438 24.61 -13.06 22.86
CA PHE K 438 24.76 -13.34 24.29
C PHE K 438 24.79 -12.05 25.15
N LEU K 439 25.56 -11.08 24.69
CA LEU K 439 25.56 -9.75 25.33
C LEU K 439 24.19 -9.05 25.30
N ASP K 440 23.37 -9.39 24.31
CA ASP K 440 22.01 -8.80 24.17
C ASP K 440 21.00 -9.35 25.16
N GLN K 441 21.22 -10.57 25.64
CA GLN K 441 20.28 -11.22 26.54
C GLN K 441 20.35 -10.60 27.97
N SER K 442 19.23 -10.15 28.50
CA SER K 442 19.17 -10.02 29.97
C SER K 442 18.63 -11.34 30.52
N LEU K 443 19.34 -11.92 31.46
CA LEU K 443 19.04 -13.25 31.92
C LEU K 443 18.34 -13.23 33.27
N ASN L 66 28.07 -63.17 -10.65
CA ASN L 66 26.95 -62.53 -11.47
C ASN L 66 26.58 -61.11 -10.99
N ARG L 67 27.18 -60.10 -11.62
CA ARG L 67 27.01 -58.70 -11.19
C ARG L 67 25.63 -58.14 -11.52
N PHE L 68 24.93 -58.79 -12.45
CA PHE L 68 23.55 -58.40 -12.78
C PHE L 68 22.62 -58.81 -11.65
N GLU L 69 22.70 -60.07 -11.29
CA GLU L 69 21.95 -60.60 -10.14
C GLU L 69 22.32 -59.89 -8.82
N ALA L 70 23.61 -59.55 -8.67
CA ALA L 70 24.06 -58.85 -7.44
C ALA L 70 23.47 -57.44 -7.27
N SER L 71 23.04 -56.83 -8.37
CA SER L 71 22.52 -55.46 -8.33
C SER L 71 21.09 -55.34 -7.78
N LEU L 72 20.41 -56.50 -7.65
CA LEU L 72 18.97 -56.52 -7.40
C LEU L 72 18.61 -56.41 -5.91
N ASP L 73 17.38 -55.99 -5.61
CA ASP L 73 16.88 -56.14 -4.24
C ASP L 73 16.80 -57.65 -3.93
N ALA L 74 16.55 -57.96 -2.66
CA ALA L 74 16.39 -59.35 -2.22
C ALA L 74 15.30 -60.07 -3.04
N GLN L 75 15.55 -61.33 -3.37
CA GLN L 75 14.55 -62.15 -4.07
C GLN L 75 14.77 -63.60 -3.68
N ASP L 76 13.85 -64.49 -4.07
CA ASP L 76 14.01 -65.92 -3.78
C ASP L 76 14.55 -66.75 -4.93
N ILE L 77 15.20 -67.87 -4.60
CA ILE L 77 15.61 -68.85 -5.61
C ILE L 77 15.04 -70.21 -5.27
N ALA L 78 14.35 -70.83 -6.23
CA ALA L 78 14.00 -72.25 -6.11
C ALA L 78 14.98 -73.02 -6.96
N ARG L 79 15.41 -74.20 -6.51
CA ARG L 79 16.27 -75.07 -7.34
C ARG L 79 15.57 -76.29 -7.78
N ILE L 80 15.67 -76.56 -9.08
CA ILE L 80 15.04 -77.70 -9.71
C ILE L 80 16.18 -78.63 -10.12
N SER L 81 16.23 -79.84 -9.52
CA SER L 81 17.42 -80.64 -9.63
C SER L 81 17.61 -81.13 -11.07
N LEU L 82 16.52 -81.47 -11.76
CA LEU L 82 16.56 -81.85 -13.17
C LEU L 82 15.38 -81.28 -13.93
N PHE L 83 15.64 -80.70 -15.10
CA PHE L 83 14.57 -80.16 -15.95
C PHE L 83 14.83 -80.47 -17.43
N THR L 84 13.88 -81.12 -18.06
CA THR L 84 14.03 -81.42 -19.45
C THR L 84 13.41 -80.30 -20.34
N LEU L 85 14.25 -79.66 -21.16
CA LEU L 85 13.81 -78.69 -22.14
C LEU L 85 13.06 -79.37 -23.24
N GLU L 86 12.24 -78.65 -23.97
CA GLU L 86 11.50 -79.30 -25.02
C GLU L 86 12.37 -79.77 -26.22
N SER L 87 13.62 -79.29 -26.25
CA SER L 87 14.60 -79.78 -27.20
C SER L 87 15.07 -81.21 -26.85
N GLY L 88 14.86 -81.61 -25.59
CA GLY L 88 15.35 -82.88 -25.07
C GLY L 88 16.60 -82.68 -24.24
N VAL L 89 17.18 -81.48 -24.29
CA VAL L 89 18.36 -81.20 -23.44
C VAL L 89 17.90 -81.15 -21.97
N ILE L 90 18.75 -81.62 -21.05
CA ILE L 90 18.36 -81.70 -19.66
C ILE L 90 19.24 -80.77 -18.91
N LEU L 91 18.62 -79.88 -18.12
CA LEU L 91 19.35 -78.94 -17.31
C LEU L 91 19.34 -79.49 -15.90
N ARG L 92 20.38 -79.14 -15.14
CA ARG L 92 20.63 -79.77 -13.87
C ARG L 92 20.87 -78.70 -12.86
N ASP L 93 20.36 -78.92 -11.65
CA ASP L 93 20.56 -77.98 -10.53
C ASP L 93 20.10 -76.56 -10.91
N VAL L 94 18.88 -76.48 -11.45
CA VAL L 94 18.41 -75.25 -12.15
C VAL L 94 17.83 -74.21 -11.18
N PRO L 95 18.51 -73.06 -11.03
CA PRO L 95 17.92 -71.98 -10.25
C PRO L 95 16.79 -71.26 -11.02
N VAL L 96 15.74 -70.89 -10.29
CA VAL L 96 14.66 -70.09 -10.85
C VAL L 96 14.44 -69.02 -9.82
N ALA L 97 14.83 -67.79 -10.16
CA ALA L 97 14.61 -66.65 -9.29
C ALA L 97 13.21 -66.12 -9.44
N TYR L 98 12.73 -65.50 -8.36
CA TYR L 98 11.39 -64.93 -8.36
C TYR L 98 11.28 -63.93 -7.25
N LYS L 99 10.30 -63.06 -7.39
CA LYS L 99 10.01 -62.07 -6.39
C LYS L 99 8.52 -62.09 -6.25
N SER L 100 8.03 -62.07 -5.00
CA SER L 100 6.60 -61.99 -4.75
C SER L 100 6.25 -60.85 -3.79
N TRP L 101 4.99 -60.44 -3.80
CA TRP L 101 4.51 -59.36 -2.95
C TRP L 101 3.19 -59.85 -2.43
N GLY L 102 2.92 -59.59 -1.14
CA GLY L 102 1.65 -59.98 -0.56
C GLY L 102 1.69 -61.43 -0.08
N ARG L 103 0.52 -62.02 0.11
CA ARG L 103 0.41 -63.26 0.83
C ARG L 103 -0.72 -64.04 0.18
N MET L 104 -0.59 -65.36 0.11
CA MET L 104 -1.71 -66.18 -0.36
C MET L 104 -2.82 -66.23 0.70
N ASN L 105 -4.07 -66.31 0.26
CA ASN L 105 -5.18 -66.51 1.14
C ASN L 105 -5.28 -67.97 1.56
N VAL L 106 -6.31 -68.27 2.35
CA VAL L 106 -6.49 -69.59 2.93
C VAL L 106 -6.60 -70.67 1.83
N SER L 107 -7.40 -70.39 0.81
CA SER L 107 -7.60 -71.27 -0.35
C SER L 107 -6.47 -71.25 -1.34
N ARG L 108 -5.50 -70.36 -1.14
CA ARG L 108 -4.32 -70.32 -2.01
C ARG L 108 -4.71 -70.14 -3.53
N ASP L 109 -5.74 -69.32 -3.78
CA ASP L 109 -6.29 -69.13 -5.11
C ASP L 109 -6.38 -67.65 -5.52
N ASN L 110 -5.58 -66.81 -4.84
CA ASN L 110 -5.56 -65.38 -5.11
C ASN L 110 -4.21 -64.97 -5.74
N CYS L 111 -3.60 -65.88 -6.52
CA CYS L 111 -2.30 -65.66 -7.10
C CYS L 111 -2.45 -64.90 -8.39
N VAL L 112 -1.65 -63.84 -8.52
CA VAL L 112 -1.51 -63.12 -9.78
C VAL L 112 -0.08 -63.23 -10.25
N ILE L 113 0.09 -63.80 -11.45
CA ILE L 113 1.42 -63.93 -12.09
C ILE L 113 1.65 -62.74 -13.06
N VAL L 114 2.77 -62.05 -12.88
CA VAL L 114 3.15 -61.02 -13.79
C VAL L 114 4.32 -61.57 -14.57
N CYS L 115 4.28 -61.45 -15.90
CA CYS L 115 5.37 -61.95 -16.70
C CYS L 115 6.19 -60.76 -17.19
N HIS L 116 7.51 -60.80 -16.94
CA HIS L 116 8.35 -59.62 -17.20
C HIS L 116 8.81 -59.48 -18.67
N THR L 117 9.65 -58.48 -18.94
CA THR L 117 9.99 -58.15 -20.32
C THR L 117 11.39 -58.72 -20.63
N LEU L 118 11.76 -58.69 -21.90
CA LEU L 118 13.07 -59.15 -22.38
C LEU L 118 14.26 -58.82 -21.47
N THR L 119 14.40 -57.57 -21.06
CA THR L 119 15.66 -57.16 -20.40
C THR L 119 15.47 -56.77 -18.91
N SER L 120 14.27 -56.96 -18.38
CA SER L 120 14.05 -56.68 -16.97
C SER L 120 14.33 -57.91 -16.11
N SER L 121 14.32 -57.71 -14.79
CA SER L 121 14.43 -58.79 -13.82
C SER L 121 13.02 -59.07 -13.42
N ALA L 122 12.83 -59.92 -12.41
CA ALA L 122 11.50 -60.22 -11.85
C ALA L 122 10.95 -59.08 -10.96
N HIS L 123 11.77 -58.05 -10.71
CA HIS L 123 11.32 -56.91 -9.89
C HIS L 123 10.44 -55.89 -10.65
N VAL L 124 9.19 -56.27 -10.84
CA VAL L 124 8.21 -55.53 -11.66
C VAL L 124 7.99 -54.11 -11.15
N THR L 125 8.07 -53.95 -9.84
CA THR L 125 8.01 -52.63 -9.21
C THR L 125 8.99 -51.60 -9.80
N SER L 126 10.09 -52.04 -10.36
CA SER L 126 11.08 -51.11 -10.84
C SER L 126 10.72 -50.43 -12.18
N TRP L 127 9.77 -50.99 -12.94
CA TRP L 127 9.32 -50.32 -14.17
C TRP L 127 7.79 -50.16 -14.28
N TRP L 128 7.08 -50.90 -13.44
CA TRP L 128 5.63 -50.77 -13.31
C TRP L 128 5.22 -50.41 -11.86
N PRO L 129 5.90 -49.39 -11.24
CA PRO L 129 5.60 -49.11 -9.83
C PRO L 129 4.15 -48.73 -9.57
N THR L 130 3.52 -47.99 -10.47
CA THR L 130 2.19 -47.47 -10.18
C THR L 130 1.06 -48.49 -10.36
N LEU L 131 1.39 -49.73 -10.76
CA LEU L 131 0.39 -50.81 -10.80
C LEU L 131 0.29 -51.54 -9.46
N PHE L 132 1.20 -51.22 -8.53
CA PHE L 132 1.23 -51.83 -7.20
C PHE L 132 0.57 -50.97 -6.13
N GLY L 133 -0.14 -51.60 -5.19
CA GLY L 133 -0.67 -50.89 -4.01
C GLY L 133 -2.17 -51.00 -3.85
N GLN L 134 -2.65 -50.56 -2.69
CA GLN L 134 -4.07 -50.60 -2.34
C GLN L 134 -4.89 -49.96 -3.41
N GLY L 135 -5.89 -50.67 -3.93
CA GLY L 135 -6.77 -50.12 -4.94
C GLY L 135 -6.19 -50.02 -6.34
N ARG L 136 -4.93 -50.46 -6.52
CA ARG L 136 -4.31 -50.55 -7.87
C ARG L 136 -4.48 -51.97 -8.42
N ALA L 137 -3.98 -52.23 -9.63
CA ALA L 137 -4.14 -53.56 -10.28
C ALA L 137 -3.49 -54.68 -9.43
N PHE L 138 -2.22 -54.46 -9.03
CA PHE L 138 -1.48 -55.44 -8.26
C PHE L 138 -1.63 -55.10 -6.77
N ASP L 139 -2.81 -55.39 -6.25
CA ASP L 139 -3.26 -54.93 -4.94
C ASP L 139 -2.86 -56.00 -3.96
N THR L 140 -1.75 -55.77 -3.26
CA THR L 140 -1.20 -56.76 -2.36
C THR L 140 -2.06 -56.96 -1.11
N SER L 141 -3.19 -56.29 -1.01
CA SER L 141 -4.13 -56.52 0.09
C SER L 141 -5.14 -57.55 -0.34
N ARG L 142 -5.20 -57.80 -1.65
CA ARG L 142 -6.11 -58.81 -2.17
C ARG L 142 -5.39 -60.01 -2.74
N TYR L 143 -4.21 -59.80 -3.33
CA TYR L 143 -3.55 -60.80 -4.14
C TYR L 143 -2.17 -61.10 -3.65
N PHE L 144 -1.74 -62.34 -3.91
CA PHE L 144 -0.35 -62.78 -3.86
C PHE L 144 0.26 -62.59 -5.26
N ILE L 145 1.10 -61.59 -5.42
CA ILE L 145 1.61 -61.24 -6.76
C ILE L 145 2.98 -61.86 -6.88
N ILE L 146 3.21 -62.60 -7.96
CA ILE L 146 4.51 -63.18 -8.20
C ILE L 146 5.03 -62.99 -9.63
N CYS L 147 6.33 -62.77 -9.72
CA CYS L 147 6.98 -62.68 -11.03
C CYS L 147 8.24 -63.54 -10.96
N LEU L 148 8.45 -64.40 -11.95
CA LEU L 148 9.57 -65.33 -11.97
C LEU L 148 10.43 -64.99 -13.17
N ASN L 149 11.75 -65.01 -12.96
CA ASN L 149 12.75 -64.67 -13.95
C ASN L 149 12.81 -65.81 -15.02
N TYR L 150 12.81 -65.44 -16.31
CA TYR L 150 12.91 -66.38 -17.42
C TYR L 150 14.26 -67.03 -17.47
N LEU L 151 14.30 -68.25 -17.99
CA LEU L 151 15.57 -68.88 -18.33
C LEU L 151 16.29 -68.07 -19.41
N GLY L 152 17.62 -67.91 -19.28
CA GLY L 152 18.36 -67.20 -20.31
C GLY L 152 18.65 -65.77 -19.90
N SER L 153 17.95 -65.32 -18.88
CA SER L 153 18.11 -64.01 -18.29
C SER L 153 19.34 -63.97 -17.31
N PRO L 154 19.98 -62.77 -17.17
CA PRO L 154 21.08 -62.63 -16.21
C PRO L 154 20.65 -62.39 -14.76
N PHE L 155 19.34 -62.35 -14.50
CA PHE L 155 18.85 -61.84 -13.21
C PHE L 155 18.47 -62.87 -12.13
N GLY L 156 19.07 -64.06 -12.22
CA GLY L 156 18.96 -65.06 -11.13
C GLY L 156 18.54 -66.44 -11.58
N SER L 157 17.71 -66.55 -12.64
CA SER L 157 17.38 -67.85 -13.20
C SER L 157 18.52 -68.39 -14.04
N ALA L 158 18.46 -69.68 -14.36
CA ALA L 158 19.52 -70.34 -15.10
C ALA L 158 19.66 -69.61 -16.43
N GLY L 159 20.88 -69.21 -16.79
CA GLY L 159 21.19 -68.81 -18.14
C GLY L 159 22.69 -68.64 -18.26
N PRO L 160 23.13 -67.98 -19.34
CA PRO L 160 24.56 -67.75 -19.65
C PRO L 160 25.41 -67.27 -18.48
N CYS L 161 24.82 -66.50 -17.56
CA CYS L 161 25.57 -65.94 -16.41
C CYS L 161 25.60 -66.81 -15.14
N SER L 162 24.87 -67.92 -15.15
CA SER L 162 24.73 -68.72 -13.94
C SER L 162 25.68 -69.94 -13.99
N PRO L 163 26.09 -70.45 -12.82
CA PRO L 163 27.09 -71.54 -12.80
C PRO L 163 26.66 -72.77 -13.60
N ASP L 164 27.57 -73.31 -14.39
CA ASP L 164 27.34 -74.51 -15.16
C ASP L 164 27.69 -75.73 -14.26
N PRO L 165 26.68 -76.54 -13.87
CA PRO L 165 26.90 -77.65 -12.94
C PRO L 165 27.91 -78.69 -13.48
N ASP L 166 28.05 -78.79 -14.79
CA ASP L 166 28.97 -79.73 -15.40
C ASP L 166 30.39 -79.15 -15.57
N PRO L 172 30.50 -70.34 -15.49
CA PRO L 172 29.13 -70.15 -15.97
C PRO L 172 28.93 -70.85 -17.29
N TYR L 173 27.68 -71.11 -17.67
CA TYR L 173 27.36 -71.69 -18.99
C TYR L 173 27.91 -70.86 -20.16
N GLY L 174 27.95 -69.53 -19.99
CA GLY L 174 28.40 -68.60 -21.06
C GLY L 174 27.69 -68.83 -22.38
N ALA L 175 28.45 -69.05 -23.44
CA ALA L 175 27.84 -69.20 -24.78
C ALA L 175 27.16 -70.56 -24.98
N LYS L 176 27.30 -71.44 -24.00
CA LYS L 176 26.85 -72.82 -24.15
C LYS L 176 25.50 -73.09 -23.52
N PHE L 177 24.82 -72.04 -23.00
CA PHE L 177 23.48 -72.24 -22.42
C PHE L 177 22.52 -72.71 -23.49
N PRO L 178 21.81 -73.84 -23.25
CA PRO L 178 20.91 -74.41 -24.23
C PRO L 178 19.77 -73.47 -24.63
N ARG L 179 19.33 -73.53 -25.89
CA ARG L 179 18.08 -72.89 -26.36
C ARG L 179 16.90 -73.30 -25.51
N THR L 180 16.13 -72.32 -25.08
CA THR L 180 14.91 -72.52 -24.29
C THR L 180 13.77 -71.87 -25.03
N THR L 181 12.58 -72.44 -24.87
CA THR L 181 11.37 -71.84 -25.45
C THR L 181 10.54 -71.07 -24.39
N ILE L 182 9.55 -70.32 -24.87
CA ILE L 182 8.57 -69.66 -24.01
C ILE L 182 7.89 -70.77 -23.12
N ARG L 183 7.55 -71.88 -23.76
CA ARG L 183 6.94 -73.03 -23.07
C ARG L 183 7.83 -73.69 -21.99
N ASP L 184 9.15 -73.74 -22.19
CA ASP L 184 10.07 -74.17 -21.13
C ASP L 184 9.95 -73.29 -19.91
N ASP L 185 9.87 -71.97 -20.14
CA ASP L 185 9.70 -71.01 -19.04
C ASP L 185 8.42 -71.25 -18.27
N VAL L 186 7.32 -71.36 -18.97
CA VAL L 186 6.03 -71.51 -18.32
C VAL L 186 6.07 -72.81 -17.50
N ARG L 187 6.68 -73.84 -18.08
CA ARG L 187 6.74 -75.17 -17.44
C ARG L 187 7.56 -75.19 -16.18
N ILE L 188 8.76 -74.62 -16.19
CA ILE L 188 9.59 -74.61 -15.00
C ILE L 188 9.07 -73.60 -13.94
N HIS L 189 8.39 -72.52 -14.38
CA HIS L 189 7.71 -71.63 -13.46
C HIS L 189 6.52 -72.32 -12.75
N ARG L 190 5.71 -73.08 -13.47
CA ARG L 190 4.64 -73.85 -12.87
C ARG L 190 5.18 -74.86 -11.83
N GLN L 191 6.37 -75.41 -12.07
CA GLN L 191 7.02 -76.26 -11.09
C GLN L 191 7.31 -75.53 -9.77
N VAL L 192 7.85 -74.32 -9.86
CA VAL L 192 8.10 -73.50 -8.68
C VAL L 192 6.78 -73.19 -7.96
N LEU L 193 5.74 -72.81 -8.72
CA LEU L 193 4.45 -72.51 -8.11
C LEU L 193 3.92 -73.73 -7.33
N ASP L 194 4.12 -74.91 -7.89
CA ASP L 194 3.63 -76.17 -7.31
C ASP L 194 4.33 -76.45 -5.98
N ARG L 195 5.62 -76.19 -5.91
CA ARG L 195 6.33 -76.24 -4.67
C ARG L 195 5.95 -75.20 -3.62
N LEU L 196 5.52 -74.00 -4.07
CA LEU L 196 5.03 -72.94 -3.18
C LEU L 196 3.61 -73.24 -2.69
N GLY L 197 2.92 -74.14 -3.36
CA GLY L 197 1.58 -74.52 -2.95
C GLY L 197 0.46 -73.66 -3.51
N VAL L 198 0.70 -73.03 -4.68
CA VAL L 198 -0.34 -72.26 -5.36
C VAL L 198 -1.43 -73.25 -5.87
N ARG L 199 -2.68 -73.01 -5.46
CA ARG L 199 -3.82 -73.86 -5.85
C ARG L 199 -4.40 -73.43 -7.17
N GLN L 200 -4.49 -72.12 -7.36
CA GLN L 200 -5.15 -71.58 -8.52
C GLN L 200 -4.63 -70.18 -8.81
N ILE L 201 -4.58 -69.82 -10.08
CA ILE L 201 -4.15 -68.50 -10.48
C ILE L 201 -5.32 -67.58 -10.88
N ALA L 202 -5.46 -66.48 -10.15
CA ALA L 202 -6.53 -65.54 -10.40
C ALA L 202 -6.40 -64.84 -11.74
N ALA L 203 -5.17 -64.45 -12.09
CA ALA L 203 -4.88 -63.87 -13.39
C ALA L 203 -3.41 -64.01 -13.73
N VAL L 204 -3.14 -64.09 -15.04
CA VAL L 204 -1.80 -63.79 -15.52
C VAL L 204 -1.74 -62.56 -16.44
N VAL L 205 -0.76 -61.70 -16.19
CA VAL L 205 -0.65 -60.41 -16.84
C VAL L 205 0.79 -60.26 -17.38
N GLY L 206 0.93 -59.94 -18.66
CA GLY L 206 2.26 -59.63 -19.17
C GLY L 206 2.21 -58.90 -20.48
N ALA L 207 3.23 -58.09 -20.71
CA ALA L 207 3.33 -57.27 -21.88
C ALA L 207 4.57 -57.67 -22.67
N SER L 208 4.47 -57.55 -24.00
CA SER L 208 5.56 -57.80 -24.92
C SER L 208 5.97 -59.29 -24.85
N MET L 209 7.26 -59.59 -24.55
CA MET L 209 7.66 -60.98 -24.27
C MET L 209 6.73 -61.63 -23.23
N GLY L 210 6.44 -60.89 -22.15
CA GLY L 210 5.54 -61.36 -21.10
C GLY L 210 4.17 -61.75 -21.56
N GLY L 211 3.71 -61.11 -22.66
CA GLY L 211 2.42 -61.45 -23.27
C GLY L 211 2.44 -62.81 -23.95
N MET L 212 3.64 -63.26 -24.38
CA MET L 212 3.79 -64.56 -25.04
C MET L 212 3.65 -65.70 -24.01
N HIS L 213 4.43 -65.60 -22.95
CA HIS L 213 4.25 -66.41 -21.73
C HIS L 213 2.82 -66.40 -21.22
N THR L 214 2.19 -65.23 -21.13
CA THR L 214 0.80 -65.11 -20.68
C THR L 214 -0.17 -66.02 -21.47
N LEU L 215 -0.06 -65.94 -22.81
CA LEU L 215 -0.80 -66.80 -23.74
C LEU L 215 -0.51 -68.30 -23.48
N GLU L 216 0.75 -68.64 -23.30
CA GLU L 216 1.10 -70.04 -22.98
C GLU L 216 0.56 -70.51 -21.62
N TRP L 217 0.64 -69.66 -20.57
CA TRP L 217 -0.01 -69.94 -19.28
C TRP L 217 -1.46 -70.37 -19.47
N ALA L 218 -2.18 -69.74 -20.39
CA ALA L 218 -3.62 -70.03 -20.56
C ALA L 218 -3.91 -71.53 -20.88
N PHE L 219 -2.93 -72.20 -21.47
CA PHE L 219 -3.15 -73.56 -21.95
C PHE L 219 -3.08 -74.63 -20.80
N PHE L 220 -2.78 -74.21 -19.58
CA PHE L 220 -3.05 -75.05 -18.40
C PHE L 220 -4.55 -75.23 -18.16
N GLY L 221 -5.39 -74.37 -18.72
CA GLY L 221 -6.85 -74.55 -18.64
C GLY L 221 -7.46 -73.62 -17.59
N PRO L 222 -8.78 -73.37 -17.68
CA PRO L 222 -9.48 -72.36 -16.88
C PRO L 222 -9.64 -72.74 -15.43
N GLU L 223 -9.27 -73.97 -15.10
CA GLU L 223 -9.38 -74.41 -13.74
C GLU L 223 -8.12 -74.03 -12.95
N TYR L 224 -6.97 -74.00 -13.62
CA TYR L 224 -5.75 -73.56 -12.97
C TYR L 224 -5.50 -72.05 -13.17
N VAL L 225 -5.79 -71.55 -14.37
CA VAL L 225 -5.53 -70.13 -14.72
C VAL L 225 -6.86 -69.49 -15.08
N ARG L 226 -7.37 -68.62 -14.23
CA ARG L 226 -8.76 -68.14 -14.37
C ARG L 226 -8.93 -67.04 -15.43
N LYS L 227 -7.92 -66.21 -15.59
CA LYS L 227 -8.02 -65.02 -16.47
C LYS L 227 -6.65 -64.74 -17.07
N ILE L 228 -6.64 -64.14 -18.26
CA ILE L 228 -5.38 -63.65 -18.81
C ILE L 228 -5.47 -62.20 -19.31
N VAL L 229 -4.35 -61.48 -19.23
CA VAL L 229 -4.21 -60.15 -19.78
C VAL L 229 -2.93 -60.10 -20.62
N PRO L 230 -3.02 -60.57 -21.87
CA PRO L 230 -1.93 -60.33 -22.84
C PRO L 230 -1.90 -58.87 -23.37
N ILE L 231 -0.73 -58.25 -23.30
CA ILE L 231 -0.61 -56.83 -23.65
C ILE L 231 0.54 -56.65 -24.68
N ALA L 232 0.27 -55.97 -25.79
CA ALA L 232 1.34 -55.57 -26.74
C ALA L 232 2.19 -56.78 -27.15
N THR L 233 1.56 -57.78 -27.78
CA THR L 233 2.24 -59.06 -27.91
C THR L 233 1.87 -59.78 -29.19
N SER L 234 2.35 -61.02 -29.34
CA SER L 234 1.92 -61.88 -30.46
C SER L 234 1.59 -63.34 -30.04
N CYS L 235 0.97 -64.07 -30.96
CA CYS L 235 0.64 -65.50 -30.80
C CYS L 235 1.76 -66.41 -31.32
N ARG L 236 2.58 -65.88 -32.22
CA ARG L 236 3.77 -66.61 -32.71
C ARG L 236 4.77 -65.62 -33.27
N GLN L 237 6.01 -66.06 -33.50
CA GLN L 237 7.01 -65.21 -34.15
C GLN L 237 6.57 -64.76 -35.56
N SER L 238 6.75 -63.46 -35.85
CA SER L 238 6.53 -62.93 -37.22
C SER L 238 7.87 -62.73 -37.91
N GLY L 239 7.87 -62.70 -39.24
CA GLY L 239 9.11 -62.38 -40.00
C GLY L 239 9.64 -61.00 -39.69
N TRP L 240 8.73 -60.06 -39.43
CA TRP L 240 9.10 -58.67 -39.07
C TRP L 240 9.92 -58.60 -37.79
N CYS L 241 9.41 -59.16 -36.70
CA CYS L 241 10.14 -59.19 -35.43
C CYS L 241 11.36 -60.06 -35.46
N ALA L 242 11.29 -61.19 -36.17
CA ALA L 242 12.49 -62.02 -36.32
C ALA L 242 13.63 -61.22 -36.97
N ALA L 243 13.29 -60.38 -37.97
CA ALA L 243 14.30 -59.59 -38.74
C ALA L 243 14.91 -58.52 -37.88
N TRP L 244 14.08 -57.77 -37.18
CA TRP L 244 14.58 -56.77 -36.23
C TRP L 244 15.51 -57.33 -35.15
N PHE L 245 15.10 -58.42 -34.53
CA PHE L 245 15.91 -59.03 -33.45
C PHE L 245 17.17 -59.73 -33.93
N GLU L 246 17.10 -60.39 -35.10
CA GLU L 246 18.29 -60.96 -35.75
C GLU L 246 19.32 -59.88 -36.12
N THR L 247 18.86 -58.77 -36.72
CA THR L 247 19.73 -57.60 -36.94
C THR L 247 20.46 -57.17 -35.64
N GLN L 248 19.73 -57.07 -34.53
CA GLN L 248 20.37 -56.69 -33.26
C GLN L 248 21.42 -57.76 -32.83
N ARG L 249 21.05 -59.02 -32.97
CA ARG L 249 22.03 -60.10 -32.62
C ARG L 249 23.29 -60.02 -33.50
N GLN L 250 23.11 -59.80 -34.81
CA GLN L 250 24.28 -59.65 -35.70
C GLN L 250 25.20 -58.51 -35.32
N CYS L 251 24.67 -57.42 -34.76
CA CYS L 251 25.51 -56.35 -34.19
C CYS L 251 26.46 -56.89 -33.15
N ILE L 252 25.95 -57.81 -32.31
CA ILE L 252 26.76 -58.43 -31.26
C ILE L 252 27.76 -59.42 -31.89
N TYR L 253 27.26 -60.32 -32.72
CA TYR L 253 28.10 -61.25 -33.42
C TYR L 253 29.29 -60.58 -34.11
N ASP L 254 29.10 -59.34 -34.57
CA ASP L 254 30.09 -58.67 -35.42
C ASP L 254 31.05 -57.86 -34.63
N ASP L 255 30.75 -57.64 -33.35
CA ASP L 255 31.65 -56.90 -32.45
C ASP L 255 32.86 -57.79 -32.14
N PRO L 256 34.08 -57.31 -32.43
CA PRO L 256 35.28 -58.19 -32.25
C PRO L 256 35.51 -58.63 -30.80
N LYS L 257 34.93 -57.89 -29.86
CA LYS L 257 35.02 -58.18 -28.44
C LYS L 257 34.11 -59.34 -28.02
N TYR L 258 33.24 -59.79 -28.93
CA TYR L 258 32.29 -60.86 -28.64
C TYR L 258 32.97 -62.23 -28.52
N LEU L 259 33.97 -62.47 -29.37
CA LEU L 259 34.81 -63.70 -29.28
C LEU L 259 33.99 -64.99 -29.25
N ASP L 260 32.96 -65.06 -30.10
CA ASP L 260 32.08 -66.24 -30.17
C ASP L 260 31.33 -66.56 -28.89
N GLY L 261 31.17 -65.56 -28.03
CA GLY L 261 30.50 -65.77 -26.75
C GLY L 261 31.48 -65.98 -25.62
N GLU L 262 32.77 -66.02 -25.93
CA GLU L 262 33.78 -66.38 -24.92
C GLU L 262 34.40 -65.15 -24.24
N TYR L 263 33.82 -63.98 -24.49
CA TYR L 263 34.28 -62.74 -23.85
C TYR L 263 34.27 -62.84 -22.32
N ASP L 264 35.15 -62.08 -21.64
CA ASP L 264 35.10 -61.89 -20.17
C ASP L 264 33.90 -60.99 -19.77
N VAL L 265 33.22 -61.35 -18.67
CA VAL L 265 31.96 -60.68 -18.29
C VAL L 265 32.13 -59.17 -18.06
N ASP L 266 33.36 -58.75 -17.82
CA ASP L 266 33.65 -57.35 -17.55
C ASP L 266 34.25 -56.66 -18.78
N ASP L 267 34.40 -57.42 -19.87
CA ASP L 267 34.85 -56.88 -21.15
C ASP L 267 33.87 -57.27 -22.28
N GLN L 268 32.60 -56.86 -22.08
CA GLN L 268 31.47 -57.18 -22.98
C GLN L 268 31.74 -56.68 -24.41
N PRO L 269 31.06 -57.25 -25.43
CA PRO L 269 30.97 -56.56 -26.73
C PRO L 269 30.00 -55.35 -26.62
N VAL L 270 30.49 -54.30 -25.97
CA VAL L 270 29.77 -53.07 -25.71
C VAL L 270 29.22 -52.30 -26.95
N ARG L 271 30.00 -52.20 -28.02
CA ARG L 271 29.54 -51.56 -29.25
C ARG L 271 28.36 -52.31 -29.83
N GLY L 272 28.44 -53.64 -29.82
CA GLY L 272 27.34 -54.46 -30.32
C GLY L 272 26.09 -54.34 -29.49
N LEU L 273 26.25 -54.26 -28.19
CA LEU L 273 25.09 -54.11 -27.28
C LEU L 273 24.47 -52.74 -27.40
N GLU L 274 25.34 -51.71 -27.48
CA GLU L 274 24.88 -50.35 -27.71
C GLU L 274 24.02 -50.24 -28.96
N THR L 275 24.53 -50.76 -30.07
CA THR L 275 23.85 -50.63 -31.34
C THR L 275 22.54 -51.42 -31.35
N ALA L 276 22.57 -52.63 -30.77
CA ALA L 276 21.36 -53.44 -30.59
C ALA L 276 20.27 -52.65 -29.87
N ARG L 277 20.62 -51.98 -28.76
CA ARG L 277 19.67 -51.14 -27.96
CA ARG L 277 19.57 -51.26 -28.04
C ARG L 277 19.14 -49.93 -28.71
N LYS L 278 20.04 -49.24 -29.42
CA LYS L 278 19.58 -48.09 -30.24
C LYS L 278 18.50 -48.56 -31.19
N ILE L 279 18.74 -49.68 -31.87
CA ILE L 279 17.75 -50.16 -32.83
C ILE L 279 16.46 -50.53 -32.09
N ALA L 280 16.59 -51.34 -31.03
CA ALA L 280 15.43 -51.76 -30.25
C ALA L 280 14.60 -50.57 -29.72
N ASN L 281 15.24 -49.63 -29.06
CA ASN L 281 14.56 -48.38 -28.63
C ASN L 281 13.68 -47.70 -29.70
N LEU L 282 14.19 -47.57 -30.91
CA LEU L 282 13.38 -46.94 -31.97
C LEU L 282 12.21 -47.79 -32.43
N THR L 283 12.40 -49.13 -32.52
CA THR L 283 11.28 -50.03 -32.85
C THR L 283 10.22 -49.97 -31.74
N TYR L 284 10.62 -49.50 -30.56
CA TYR L 284 9.68 -49.44 -29.41
C TYR L 284 8.90 -48.12 -29.39
N LYS L 285 9.33 -47.16 -30.21
CA LYS L 285 8.66 -45.86 -30.29
C LYS L 285 7.82 -45.79 -31.55
N SER L 286 7.40 -44.59 -31.89
CA SER L 286 6.63 -44.37 -33.08
C SER L 286 7.10 -43.05 -33.64
N LYS L 287 6.66 -42.78 -34.88
CA LYS L 287 7.02 -41.55 -35.60
C LYS L 287 6.54 -40.31 -34.85
N PRO L 288 5.23 -40.26 -34.52
CA PRO L 288 4.73 -39.13 -33.69
C PRO L 288 5.47 -38.92 -32.36
N ALA L 289 5.88 -39.98 -31.67
CA ALA L 289 6.57 -39.83 -30.39
C ALA L 289 7.92 -39.24 -30.61
N MET L 290 8.61 -39.70 -31.66
CA MET L 290 9.95 -39.22 -31.92
C MET L 290 9.90 -37.79 -32.48
N ASP L 291 8.86 -37.51 -33.25
CA ASP L 291 8.69 -36.19 -33.81
C ASP L 291 8.39 -35.13 -32.74
N GLU L 292 7.72 -35.53 -31.65
CA GLU L 292 7.48 -34.64 -30.51
C GLU L 292 8.77 -34.40 -29.76
N ARG L 293 9.58 -35.45 -29.61
CA ARG L 293 10.78 -35.37 -28.83
C ARG L 293 11.85 -34.53 -29.52
N PHE L 294 11.93 -34.63 -30.84
CA PHE L 294 12.98 -33.99 -31.60
C PHE L 294 12.38 -33.38 -32.84
N HIS L 295 12.54 -32.06 -32.98
CA HIS L 295 12.00 -31.35 -34.15
C HIS L 295 12.86 -30.14 -34.51
N MET L 296 12.73 -29.69 -35.77
CA MET L 296 13.40 -28.46 -36.25
C MET L 296 12.75 -27.19 -35.66
N GLY L 327 17.82 -32.11 -25.84
CA GLY L 327 16.91 -32.98 -26.52
C GLY L 327 15.61 -32.29 -26.83
N GLN L 328 15.57 -31.33 -27.75
CA GLN L 328 14.41 -31.06 -28.62
C GLN L 328 14.82 -30.69 -30.03
N PRO L 329 15.92 -29.99 -30.23
CA PRO L 329 16.41 -29.84 -31.60
C PRO L 329 16.93 -31.14 -32.22
N ILE L 330 16.91 -31.20 -33.56
CA ILE L 330 17.39 -32.35 -34.31
C ILE L 330 18.85 -32.66 -33.94
N GLU L 331 19.60 -31.64 -33.57
CA GLU L 331 21.01 -31.81 -33.21
C GLU L 331 21.22 -32.64 -31.92
N ALA L 332 20.18 -32.69 -31.06
CA ALA L 332 20.22 -33.42 -29.78
C ALA L 332 19.95 -34.95 -29.89
N VAL L 333 19.58 -35.41 -31.09
CA VAL L 333 19.27 -36.82 -31.34
C VAL L 333 20.49 -37.69 -31.12
N SER L 334 21.66 -37.19 -31.49
CA SER L 334 22.89 -37.95 -31.44
C SER L 334 23.19 -38.36 -30.00
N SER L 335 23.23 -37.35 -29.13
CA SER L 335 23.43 -37.48 -27.70
C SER L 335 22.39 -38.38 -27.06
N TYR L 336 21.13 -38.18 -27.41
CA TYR L 336 20.07 -39.02 -26.90
C TYR L 336 20.25 -40.53 -27.23
N LEU L 337 20.59 -40.85 -28.48
CA LEU L 337 20.89 -42.24 -28.87
C LEU L 337 22.13 -42.84 -28.11
N ARG L 338 23.22 -42.08 -27.99
CA ARG L 338 24.40 -42.54 -27.26
C ARG L 338 24.07 -42.79 -25.77
N TYR L 339 23.27 -41.92 -25.17
CA TYR L 339 22.95 -42.07 -23.77
C TYR L 339 22.14 -43.32 -23.48
N GLN L 340 21.10 -43.51 -24.27
CA GLN L 340 20.22 -44.68 -24.17
C GLN L 340 21.00 -45.99 -24.30
N ALA L 341 21.88 -46.03 -25.30
CA ALA L 341 22.66 -47.21 -25.70
C ALA L 341 23.67 -47.58 -24.63
N GLN L 342 24.43 -46.60 -24.17
CA GLN L 342 25.45 -46.78 -23.13
C GLN L 342 24.86 -47.28 -21.79
N LYS L 343 23.77 -46.68 -21.39
CA LYS L 343 23.02 -47.10 -20.23
C LYS L 343 22.73 -48.61 -20.26
N PHE L 344 22.15 -49.08 -21.36
CA PHE L 344 21.81 -50.49 -21.51
C PHE L 344 23.05 -51.37 -21.56
N ALA L 345 24.05 -50.96 -22.34
CA ALA L 345 25.26 -51.78 -22.54
C ALA L 345 26.05 -52.02 -21.25
N ALA L 346 25.83 -51.17 -20.25
CA ALA L 346 26.55 -51.25 -18.98
C ALA L 346 25.84 -52.18 -18.00
N SER L 347 24.58 -52.51 -18.28
CA SER L 347 23.73 -53.17 -17.29
C SER L 347 23.04 -54.45 -17.84
N PHE L 348 23.51 -54.97 -18.99
CA PHE L 348 23.01 -56.27 -19.50
C PHE L 348 24.14 -57.12 -20.05
N ASP L 349 23.87 -58.40 -20.25
CA ASP L 349 24.87 -59.33 -20.78
C ASP L 349 24.55 -59.76 -22.20
N ALA L 350 25.59 -59.85 -23.05
CA ALA L 350 25.41 -60.09 -24.53
C ALA L 350 24.90 -61.49 -24.81
N ASN L 351 25.47 -62.48 -24.14
CA ASN L 351 25.01 -63.87 -24.29
C ASN L 351 23.55 -64.03 -23.89
N CYS L 352 23.18 -63.42 -22.75
CA CYS L 352 21.79 -63.41 -22.34
C CYS L 352 20.90 -62.72 -23.36
N TYR L 353 21.39 -61.63 -23.96
CA TYR L 353 20.58 -60.91 -24.96
C TYR L 353 20.34 -61.77 -26.16
N ILE L 354 21.35 -62.53 -26.56
CA ILE L 354 21.20 -63.52 -27.64
C ILE L 354 20.25 -64.63 -27.26
N ALA L 355 20.45 -65.20 -26.06
CA ALA L 355 19.60 -66.32 -25.58
C ALA L 355 18.16 -65.92 -25.53
N MET L 356 17.89 -64.79 -24.91
CA MET L 356 16.53 -64.30 -24.73
C MET L 356 15.76 -63.92 -25.99
N THR L 357 16.40 -63.17 -26.89
CA THR L 357 15.75 -62.82 -28.15
C THR L 357 15.53 -64.02 -29.06
N LEU L 358 16.40 -65.03 -28.97
CA LEU L 358 16.19 -66.29 -29.69
C LEU L 358 14.94 -67.03 -29.26
N LYS L 359 14.54 -66.85 -27.99
CA LYS L 359 13.24 -67.40 -27.44
C LYS L 359 12.05 -66.92 -28.24
N PHE L 360 12.12 -65.66 -28.72
CA PHE L 360 11.04 -65.07 -29.56
C PHE L 360 10.75 -65.96 -30.72
N ASP L 361 11.80 -66.51 -31.34
CA ASP L 361 11.68 -67.29 -32.61
C ASP L 361 10.94 -68.62 -32.44
N THR L 362 10.87 -69.12 -31.22
CA THR L 362 10.19 -70.43 -31.00
C THR L 362 8.79 -70.23 -30.46
N HIS L 363 8.36 -68.97 -30.41
CA HIS L 363 7.03 -68.71 -29.85
C HIS L 363 6.03 -69.04 -30.92
N ASP L 364 5.08 -69.91 -30.57
CA ASP L 364 3.95 -70.25 -31.44
C ASP L 364 2.96 -71.01 -30.61
N ILE L 365 1.84 -70.38 -30.27
CA ILE L 365 0.84 -71.07 -29.43
C ILE L 365 0.12 -72.27 -30.13
N SER L 366 0.25 -72.37 -31.46
CA SER L 366 -0.41 -73.50 -32.18
C SER L 366 0.51 -74.73 -32.32
N ARG L 367 1.80 -74.59 -32.10
CA ARG L 367 2.65 -75.72 -32.38
C ARG L 367 2.29 -76.89 -31.46
N GLY L 368 2.06 -78.04 -32.07
CA GLY L 368 1.68 -79.23 -31.33
C GLY L 368 0.20 -79.27 -30.94
N ARG L 369 -0.55 -78.22 -31.27
CA ARG L 369 -1.86 -77.98 -30.67
C ARG L 369 -2.99 -77.85 -31.69
N ALA L 370 -2.72 -77.12 -32.77
CA ALA L 370 -3.78 -76.80 -33.73
C ALA L 370 -3.20 -76.54 -35.10
N GLY L 371 -4.07 -76.60 -36.10
CA GLY L 371 -3.62 -76.40 -37.48
C GLY L 371 -3.40 -74.94 -37.86
N SER L 372 -3.86 -74.02 -37.01
CA SER L 372 -3.72 -72.57 -37.26
C SER L 372 -3.75 -71.74 -35.96
N ILE L 373 -3.33 -70.48 -36.07
CA ILE L 373 -3.35 -69.57 -34.93
C ILE L 373 -4.79 -69.27 -34.45
N PRO L 374 -5.73 -69.00 -35.39
CA PRO L 374 -7.13 -68.85 -34.96
C PRO L 374 -7.70 -70.07 -34.20
N GLU L 375 -7.32 -71.26 -34.62
CA GLU L 375 -7.79 -72.47 -33.97
C GLU L 375 -7.20 -72.64 -32.57
N ALA L 376 -5.92 -72.33 -32.42
CA ALA L 376 -5.24 -72.35 -31.12
C ALA L 376 -5.84 -71.30 -30.16
N LEU L 377 -6.14 -70.10 -30.65
CA LEU L 377 -6.74 -69.06 -29.81
C LEU L 377 -8.11 -69.50 -29.29
N ALA L 378 -8.86 -70.20 -30.14
CA ALA L 378 -10.20 -70.70 -29.80
C ALA L 378 -10.19 -71.73 -28.67
N MET L 379 -9.03 -72.33 -28.40
CA MET L 379 -8.88 -73.25 -27.26
C MET L 379 -8.66 -72.49 -25.94
N ILE L 380 -8.56 -71.16 -26.00
CA ILE L 380 -8.40 -70.35 -24.80
C ILE L 380 -9.78 -69.97 -24.25
N THR L 381 -10.12 -70.55 -23.13
CA THR L 381 -11.47 -70.58 -22.64
C THR L 381 -11.70 -69.53 -21.55
N GLN L 382 -10.59 -69.05 -20.96
CA GLN L 382 -10.61 -68.03 -19.88
C GLN L 382 -11.05 -66.69 -20.40
N PRO L 383 -11.69 -65.88 -19.55
CA PRO L 383 -11.85 -64.48 -19.93
C PRO L 383 -10.46 -63.86 -20.22
N ALA L 384 -10.38 -63.09 -21.28
CA ALA L 384 -9.12 -62.46 -21.68
C ALA L 384 -9.30 -60.95 -21.88
N LEU L 385 -8.35 -60.14 -21.40
CA LEU L 385 -8.29 -58.75 -21.75
C LEU L 385 -7.05 -58.48 -22.58
N ILE L 386 -7.25 -58.14 -23.85
CA ILE L 386 -6.17 -57.85 -24.75
C ILE L 386 -5.91 -56.36 -24.81
N ILE L 387 -4.69 -55.95 -24.49
CA ILE L 387 -4.40 -54.52 -24.45
C ILE L 387 -3.35 -54.17 -25.50
N CYS L 388 -3.64 -53.14 -26.29
CA CYS L 388 -2.75 -52.73 -27.38
C CYS L 388 -2.80 -51.23 -27.72
N ALA L 389 -1.82 -50.77 -28.48
CA ALA L 389 -1.85 -49.42 -29.07
C ALA L 389 -1.73 -49.53 -30.61
N ARG L 390 -2.47 -48.66 -31.31
CA ARG L 390 -2.45 -48.61 -32.77
C ARG L 390 -1.06 -48.30 -33.31
N SER L 391 -0.33 -47.49 -32.56
CA SER L 391 0.96 -46.99 -32.97
C SER L 391 2.16 -47.92 -32.70
N ASP L 392 1.91 -49.08 -32.10
CA ASP L 392 2.93 -50.12 -31.84
C ASP L 392 3.52 -50.64 -33.16
N GLY L 393 4.81 -50.44 -33.37
CA GLY L 393 5.42 -50.80 -34.65
C GLY L 393 5.95 -52.22 -34.71
N LEU L 394 5.90 -52.95 -33.61
CA LEU L 394 6.38 -54.35 -33.59
C LEU L 394 5.21 -55.31 -33.60
N TYR L 395 4.23 -55.06 -32.73
CA TYR L 395 3.08 -55.94 -32.54
C TYR L 395 1.84 -55.19 -32.99
N SER L 396 1.29 -55.64 -34.10
CA SER L 396 0.30 -54.85 -34.80
C SER L 396 -1.09 -54.86 -34.14
N PHE L 397 -1.81 -53.78 -34.36
CA PHE L 397 -3.20 -53.70 -34.02
C PHE L 397 -3.99 -54.89 -34.60
N ASP L 398 -3.72 -55.25 -35.85
CA ASP L 398 -4.40 -56.35 -36.51
C ASP L 398 -4.20 -57.71 -35.84
N GLU L 399 -2.99 -57.98 -35.35
CA GLU L 399 -2.81 -59.25 -34.68
C GLU L 399 -3.50 -59.33 -33.30
N HIS L 400 -3.69 -58.18 -32.67
CA HIS L 400 -4.49 -58.10 -31.42
C HIS L 400 -6.00 -58.23 -31.69
N VAL L 401 -6.45 -57.63 -32.80
CA VAL L 401 -7.80 -57.87 -33.30
C VAL L 401 -8.04 -59.38 -33.56
N GLU L 402 -7.09 -60.04 -34.22
CA GLU L 402 -7.19 -61.48 -34.42
C GLU L 402 -7.32 -62.24 -33.09
N MET L 403 -6.53 -61.89 -32.07
CA MET L 403 -6.68 -62.54 -30.74
C MET L 403 -8.09 -62.35 -30.20
N GLY L 404 -8.60 -61.11 -30.28
CA GLY L 404 -9.92 -60.79 -29.78
C GLY L 404 -11.04 -61.49 -30.53
N ARG L 405 -10.84 -61.68 -31.82
CA ARG L 405 -11.79 -62.36 -32.64
C ARG L 405 -11.93 -63.83 -32.26
N SER L 406 -10.79 -64.51 -32.09
CA SER L 406 -10.75 -65.98 -31.91
C SER L 406 -10.79 -66.50 -30.49
N ILE L 407 -10.30 -65.72 -29.51
CA ILE L 407 -10.50 -66.07 -28.09
C ILE L 407 -11.97 -65.79 -27.75
N PRO L 408 -12.77 -66.84 -27.43
CA PRO L 408 -14.24 -66.70 -27.33
C PRO L 408 -14.74 -65.69 -26.30
N ASN L 409 -14.11 -65.64 -25.12
CA ASN L 409 -14.51 -64.69 -24.06
C ASN L 409 -13.46 -63.60 -23.85
N SER L 410 -13.39 -62.64 -24.75
CA SER L 410 -12.28 -61.68 -24.74
C SER L 410 -12.82 -60.30 -24.93
N ARG L 411 -12.07 -59.32 -24.47
CA ARG L 411 -12.38 -57.94 -24.75
C ARG L 411 -11.07 -57.30 -25.19
N LEU L 412 -11.15 -56.40 -26.16
CA LEU L 412 -9.99 -55.71 -26.66
C LEU L 412 -9.98 -54.29 -26.14
N CYS L 413 -8.86 -53.88 -25.58
CA CYS L 413 -8.69 -52.54 -25.06
C CYS L 413 -7.60 -51.85 -25.88
N VAL L 414 -8.00 -50.81 -26.62
CA VAL L 414 -7.07 -50.02 -27.40
C VAL L 414 -6.78 -48.77 -26.63
N VAL L 415 -5.53 -48.61 -26.24
CA VAL L 415 -5.12 -47.43 -25.48
C VAL L 415 -4.93 -46.27 -26.45
N ASP L 416 -5.51 -45.11 -26.09
CA ASP L 416 -5.39 -43.91 -26.90
C ASP L 416 -4.05 -43.24 -26.57
N THR L 417 -3.10 -43.37 -27.50
CA THR L 417 -1.76 -42.90 -27.24
C THR L 417 -1.04 -42.81 -28.58
N ASN L 418 0.02 -42.01 -28.67
CA ASN L 418 0.87 -42.01 -29.87
C ASN L 418 2.18 -42.64 -29.54
N GLU L 419 2.26 -43.22 -28.34
CA GLU L 419 3.43 -43.96 -28.02
C GLU L 419 3.36 -45.23 -28.89
N GLY L 420 4.50 -45.83 -29.10
CA GLY L 420 4.54 -47.04 -29.82
C GLY L 420 4.46 -48.17 -28.85
N HIS L 421 5.30 -49.18 -29.06
CA HIS L 421 5.31 -50.38 -28.23
C HIS L 421 5.53 -50.04 -26.74
N ASP L 422 6.30 -49.00 -26.51
CA ASP L 422 6.58 -48.38 -25.21
C ASP L 422 5.38 -47.98 -24.37
N PHE L 423 4.21 -47.87 -24.99
CA PHE L 423 3.02 -47.36 -24.30
C PHE L 423 2.68 -48.06 -22.97
N PHE L 424 2.98 -49.35 -22.85
CA PHE L 424 2.54 -50.09 -21.64
C PHE L 424 3.32 -49.64 -20.38
N VAL L 425 4.49 -49.07 -20.61
CA VAL L 425 5.26 -48.38 -19.56
C VAL L 425 4.91 -46.87 -19.46
N MET L 426 4.75 -46.19 -20.61
CA MET L 426 4.47 -44.74 -20.62
C MET L 426 3.05 -44.40 -20.17
N GLU L 427 2.10 -45.25 -20.52
CA GLU L 427 0.69 -45.04 -20.16
C GLU L 427 0.31 -46.03 -19.08
N ALA L 428 1.19 -46.20 -18.10
CA ALA L 428 1.00 -47.18 -17.04
C ALA L 428 -0.31 -46.99 -16.27
N ASP L 429 -0.71 -45.74 -16.09
CA ASP L 429 -1.96 -45.45 -15.40
C ASP L 429 -3.15 -46.00 -16.15
N LYS L 430 -3.17 -45.86 -17.47
CA LYS L 430 -4.28 -46.40 -18.28
C LYS L 430 -4.27 -47.93 -18.28
N VAL L 431 -3.06 -48.49 -18.32
CA VAL L 431 -2.88 -49.94 -18.24
C VAL L 431 -3.35 -50.43 -16.88
N ASN L 432 -2.89 -49.77 -15.82
CA ASN L 432 -3.41 -50.06 -14.44
C ASN L 432 -4.92 -50.09 -14.36
N ASP L 433 -5.58 -49.01 -14.80
CA ASP L 433 -7.04 -48.92 -14.71
C ASP L 433 -7.73 -50.04 -15.50
N ALA L 434 -7.21 -50.37 -16.68
CA ALA L 434 -7.79 -51.45 -17.48
C ALA L 434 -7.63 -52.80 -16.79
N VAL L 435 -6.43 -53.07 -16.27
CA VAL L 435 -6.15 -54.34 -15.62
C VAL L 435 -7.01 -54.48 -14.33
N ARG L 436 -7.02 -53.42 -13.51
CA ARG L 436 -7.81 -53.42 -12.29
C ARG L 436 -9.29 -53.62 -12.56
N GLY L 437 -9.85 -52.92 -13.54
CA GLY L 437 -11.26 -53.08 -13.86
C GLY L 437 -11.64 -54.48 -14.28
N PHE L 438 -10.75 -55.14 -15.00
CA PHE L 438 -10.98 -56.51 -15.49
C PHE L 438 -10.87 -57.55 -14.31
N LEU L 439 -9.83 -57.38 -13.49
CA LEU L 439 -9.71 -58.15 -12.26
C LEU L 439 -10.91 -57.93 -11.31
N ASP L 440 -11.54 -56.77 -11.36
CA ASP L 440 -12.71 -56.46 -10.50
C ASP L 440 -14.00 -57.16 -10.92
N GLN L 441 -14.09 -57.53 -12.19
CA GLN L 441 -15.28 -58.20 -12.72
C GLN L 441 -15.57 -59.58 -12.14
N1A COA M . -5.83 -35.70 39.36
C2A COA M . -6.64 -34.64 39.24
N3A COA M . -6.13 -33.40 39.27
C4A COA M . -4.82 -33.20 39.39
C5A COA M . -4.00 -34.25 39.50
C6A COA M . -4.52 -35.51 39.47
N6A COA M . -3.78 -36.53 39.57
N7A COA M . -2.78 -33.77 39.59
C8A COA M . -2.81 -32.47 39.55
N9A COA M . -4.07 -32.10 39.41
C1B COA M . -4.60 -30.76 39.30
C2B COA M . -4.37 -29.83 40.48
O2B COA M . -5.47 -29.89 41.31
C3B COA M . -4.35 -28.48 39.82
O3B COA M . -5.66 -28.02 39.71
P3B COA M . -6.13 -26.61 40.20
O7A COA M . -5.15 -25.62 39.80
O8A COA M . -6.24 -26.71 41.62
O9A COA M . -7.41 -26.27 39.65
C4B COA M . -3.88 -28.80 38.42
O4B COA M . -4.32 -30.11 38.14
C5B COA M . -2.39 -28.61 38.44
O5B COA M . -1.79 -29.01 37.26
P1A COA M . -0.51 -28.33 36.73
O1A COA M . 0.64 -28.65 37.52
O2A COA M . -0.23 -28.66 35.41
O3A COA M . -0.75 -26.76 36.76
P2A COA M . 0.36 -25.60 36.77
O4A COA M . 1.59 -25.97 36.17
O5A COA M . 0.58 -25.11 38.12
O6A COA M . -0.25 -24.46 35.88
CBP COA M . -1.93 -22.87 35.03
CCP COA M . -1.49 -23.84 36.11
CDP COA M . -0.80 -21.93 34.61
CEP COA M . -3.04 -22.01 35.59
CAP COA M . -2.51 -23.67 33.88
OAP COA M . -3.10 -24.80 34.42
C9P COA M . -3.63 -22.97 33.21
O9P COA M . -4.89 -22.85 33.79
N8P COA M . -3.42 -22.51 32.03
C7P COA M . -2.14 -22.35 31.45
C6P COA M . -2.29 -21.87 30.03
C5P COA M . -2.58 -20.40 30.02
O5P COA M . -2.78 -19.84 31.06
N4P COA M . -2.57 -19.75 28.89
C3P COA M . -3.71 -19.65 28.00
C2P COA M . -3.23 -19.65 26.57
S1P COA M . -1.46 -19.34 26.55
C ACT N . -3.38 -1.73 13.71
O ACT N . -2.64 -2.66 13.98
OXT ACT N . -3.11 -0.54 13.96
CH3 ACT N . -4.70 -2.08 13.07
N1A COA O . -9.99 24.05 -30.73
C2A COA O . -9.76 24.42 -29.41
N3A COA O . -10.77 24.27 -28.47
C4A COA O . -11.97 23.80 -28.83
C5A COA O . -12.24 23.45 -30.14
C6A COA O . -11.24 23.56 -31.10
N6A COA O . -11.50 23.31 -32.40
N7A COA O . -13.53 23.02 -30.20
C8A COA O . -14.07 23.10 -28.96
N9A COA O . -13.11 23.59 -28.11
C1B COA O . -13.26 23.82 -26.68
C2B COA O . -14.42 24.78 -26.45
O2B COA O . -13.99 26.10 -26.55
C3B COA O . -14.84 24.47 -25.03
O3B COA O . -13.89 25.11 -24.18
P3B COA O . -14.23 25.68 -22.68
O7A COA O . -12.95 25.70 -21.83
O8A COA O . -14.81 27.06 -22.86
O9A COA O . -15.25 24.75 -22.06
C4B COA O . -14.62 22.96 -24.95
O4B COA O . -13.63 22.64 -25.96
C5B COA O . -15.92 22.22 -25.23
O5B COA O . -15.65 20.92 -25.70
P1A COA O . -16.77 19.75 -25.65
O1A COA O . -17.83 19.97 -26.72
O2A COA O . -16.21 18.34 -25.71
O3A COA O . -17.29 20.01 -24.14
P2A COA O . -18.70 19.44 -23.62
O4A COA O . -19.13 18.24 -24.44
O5A COA O . -19.75 20.56 -23.71
O6A COA O . -18.39 18.94 -22.11
CBP COA O . -17.33 18.95 -19.93
CCP COA O . -17.64 19.74 -21.21
CDP COA O . -18.51 18.05 -19.58
CEP COA O . -17.12 19.99 -18.81
CAP COA O . -16.07 18.03 -20.11
OAP COA O . -15.12 18.60 -21.00
C9P COA O . -15.39 17.66 -18.79
O9P COA O . -14.23 18.32 -18.37
N8P COA O . -15.96 16.72 -18.05
C7P COA O . -15.62 15.31 -18.12
C6P COA O . -16.13 14.58 -16.89
C5P COA O . -14.98 14.45 -15.91
O5P COA O . -13.87 14.99 -16.11
N4P COA O . -15.23 13.71 -14.83
C3P COA O . -14.13 12.98 -14.20
C2P COA O . -14.37 11.49 -14.35
S1P COA O . -16.04 11.24 -15.00
C1 GOL P . -14.47 3.80 -24.89
O1 GOL P . -15.52 4.41 -24.17
C2 GOL P . -14.89 3.66 -26.36
O2 GOL P . -16.27 3.30 -26.42
C3 GOL P . -13.99 2.63 -27.07
O3 GOL P . -14.51 2.28 -28.33
C ACT Q . -17.89 0.44 4.10
O ACT Q . -17.10 0.43 3.13
OXT ACT Q . -19.15 0.27 4.01
CH3 ACT Q . -17.27 0.58 5.45
N1A COA R . -35.02 53.71 32.11
C2A COA R . -34.84 52.57 31.35
N3A COA R . -33.59 52.27 30.83
C4A COA R . -32.53 53.09 31.07
C5A COA R . -32.68 54.26 31.83
C6A COA R . -33.93 54.58 32.34
N6A COA R . -34.09 55.70 33.06
N7A COA R . -31.49 54.89 31.90
C8A COA R . -30.58 54.15 31.22
N9A COA R . -31.21 53.04 30.69
C1B COA R . -30.62 51.96 29.84
C2B COA R . -29.97 52.54 28.58
O2B COA R . -30.94 52.71 27.58
C3B COA R . -28.95 51.47 28.23
O3B COA R . -29.66 50.33 27.76
P3B COA R . -29.34 49.56 26.40
O7A COA R . -29.94 48.17 26.51
O8A COA R . -30.02 50.35 25.29
O9A COA R . -27.85 49.52 26.18
C4B COA R . -28.49 51.01 29.60
O4B COA R . -29.59 51.19 30.50
C5B COA R . -27.26 51.80 30.04
O5B COA R . -27.06 51.46 31.38
P1A COA R . -25.59 51.52 32.04
O1A COA R . -25.21 52.99 32.21
O2A COA R . -25.52 50.74 33.36
O3A COA R . -24.71 50.81 30.88
P2A COA R . -23.08 50.85 30.82
O4A COA R . -22.43 51.42 32.07
O5A COA R . -22.58 51.59 29.59
O6A COA R . -22.79 49.25 30.73
CBP COA R . -22.76 47.06 29.76
CCP COA R . -23.13 48.53 29.56
CDP COA R . -21.23 46.90 29.71
CEP COA R . -23.40 46.25 28.62
CAP COA R . -23.30 46.65 31.15
OAP COA R . -24.67 47.00 31.28
C9P COA R . -23.10 45.18 31.49
O9P COA R . -24.05 44.22 31.07
N8P COA R . -22.01 44.90 32.21
C7P COA R . -21.36 43.60 32.20
C6P COA R . -22.06 42.59 33.12
C5P COA R . -21.81 41.21 32.54
O5P COA R . -22.70 40.65 31.88
N4P COA R . -20.59 40.67 32.74
C3P COA R . -20.18 39.92 33.93
C2P COA R . -18.93 40.52 34.57
S1P COA R . -18.68 42.27 34.12
C ACT S . -5.82 22.06 34.82
O ACT S . -6.74 21.73 35.56
OXT ACT S . -5.39 23.23 34.71
CH3 ACT S . -5.20 21.01 33.99
N1A COA T . 62.54 -38.65 29.48
C2A COA T . 63.22 -39.45 28.58
N3A COA T . 62.54 -40.46 27.90
C4A COA T . 61.22 -40.68 28.15
C5A COA T . 60.52 -39.90 29.06
C6A COA T . 61.18 -38.86 29.74
N6A COA T . 60.53 -38.16 30.69
N7A COA T . 59.23 -40.33 29.10
C8A COA T . 59.10 -41.36 28.24
N9A COA T . 60.33 -41.59 27.64
C1B COA T . 60.67 -42.66 26.65
C2B COA T . 60.39 -44.07 27.19
O2B COA T . 61.47 -44.54 27.96
C3B COA T . 60.27 -44.87 25.91
O3B COA T . 61.58 -45.11 25.44
P3B COA T . 62.09 -46.39 24.60
O7A COA T . 63.08 -45.89 23.56
O8A COA T . 62.73 -47.32 25.60
O9A COA T . 60.91 -47.07 23.94
C4B COA T . 59.61 -43.88 24.96
O4B COA T . 59.97 -42.56 25.39
C5B COA T . 58.11 -44.09 25.03
O5B COA T . 57.58 -42.97 24.37
P1A COA T . 56.09 -43.02 23.76
O1A COA T . 55.10 -43.16 24.93
O2A COA T . 55.81 -41.81 22.88
O3A COA T . 56.17 -44.38 22.89
P2A COA T . 54.87 -45.23 22.37
O4A COA T . 53.58 -44.43 22.31
O5A COA T . 54.72 -46.50 23.22
O6A COA T . 55.35 -45.55 20.86
CBP COA T . 56.88 -46.35 19.18
CCP COA T . 56.52 -46.30 20.66
CDP COA T . 55.79 -47.13 18.42
CEP COA T . 58.23 -47.07 19.05
CAP COA T . 56.96 -44.88 18.68
OAP COA T . 57.88 -44.15 19.48
C9P COA T . 57.34 -44.79 17.21
O9P COA T . 58.70 -44.67 16.84
N8P COA T . 56.33 -44.82 16.32
C7P COA T . 56.29 -43.95 15.16
C6P COA T . 56.18 -44.73 13.85
C5P COA T . 57.39 -44.41 13.00
O5P COA T . 58.37 -43.81 13.50
N4P COA T . 57.36 -44.81 11.71
C3P COA T . 57.62 -43.92 10.58
C2P COA T . 56.36 -43.48 9.81
S1P COA T . 54.77 -43.99 10.54
C ACT U . 52.34 -49.88 -11.10
O ACT U . 52.96 -48.82 -11.18
OXT ACT U . 51.54 -50.15 -10.18
CH3 ACT U . 52.60 -50.88 -12.15
N1A COA V . 1.28 -10.54 -20.74
C2A COA V . 1.83 -10.62 -21.98
N3A COA V . 1.11 -11.08 -23.02
C4A COA V . -0.14 -11.45 -22.89
C5A COA V . -0.75 -11.38 -21.67
C6A COA V . -0.01 -10.91 -20.61
N6A COA V . -0.50 -10.84 -19.45
N7A COA V . -1.97 -11.81 -21.84
C8A COA V . -2.18 -12.14 -23.10
N9A COA V . -1.05 -11.91 -23.75
C1B COA V . -0.79 -11.97 -25.18
C2B COA V . -0.89 -13.36 -25.79
O2B COA V . 0.34 -13.92 -25.83
C3B COA V . -1.28 -13.02 -27.20
O3B COA V . -0.10 -12.80 -27.91
P3B COA V . 0.19 -13.46 -29.29
O7A COA V . -1.06 -13.45 -30.04
O8A COA V . 0.60 -14.75 -28.90
O9A COA V . 1.30 -12.91 -30.03
C4B COA V . -2.04 -11.75 -27.08
O4B COA V . -1.56 -11.10 -25.94
C5B COA V . -3.52 -12.03 -27.00
O5B COA V . -4.27 -10.91 -26.71
P1A COA V . -5.72 -10.79 -27.13
O1A COA V . -6.54 -11.61 -26.32
O2A COA V . -6.24 -9.49 -27.03
O3A COA V . -5.81 -11.22 -28.66
P2A COA V . -7.11 -11.71 -29.51
O4A COA V . -8.34 -11.29 -28.95
O5A COA V . -7.14 -13.15 -29.63
O6A COA V . -6.96 -11.00 -30.90
CBP COA V . -5.79 -10.21 -32.95
CCP COA V . -5.82 -11.12 -31.72
CDP COA V . -7.12 -10.28 -33.71
CEP COA V . -4.72 -10.73 -33.88
CAP COA V . -5.47 -8.77 -32.58
OAP COA V . -4.61 -8.77 -31.50
C9P COA V . -4.80 -7.96 -33.64
O9P COA V . -3.48 -8.23 -33.95
N8P COA V . -5.42 -6.99 -34.25
C7P COA V . -6.83 -6.91 -34.52
C6P COA V . -7.16 -6.76 -35.99
C5P COA V . -6.44 -5.57 -36.51
O5P COA V . -5.52 -5.06 -35.88
N4P COA V . -6.80 -5.05 -37.64
C3P COA V . -6.16 -3.83 -38.03
C2P COA V . -7.15 -2.69 -38.11
S1P COA V . -8.86 -3.23 -37.85
C ACT W . -12.98 5.02 -57.70
O ACT W . -13.30 4.93 -56.51
OXT ACT W . -13.62 4.44 -58.60
CH3 ACT W . -11.75 5.81 -58.02
N1A COA X . -38.96 45.29 -26.79
C2A COA X . -38.73 44.63 -25.58
N3A COA X . -37.42 44.40 -25.17
C4A COA X . -36.37 44.83 -25.92
C5A COA X . -36.60 45.50 -27.11
C6A COA X . -37.88 45.73 -27.54
N6A COA X . -38.06 46.31 -28.72
N7A COA X . -35.40 45.80 -27.66
C8A COA X . -34.42 45.33 -26.85
N9A COA X . -35.01 44.74 -25.77
C1B COA X . -34.31 44.05 -24.67
C2B COA X . -33.51 42.86 -25.18
O2B COA X . -34.31 41.69 -25.21
C3B COA X . -32.39 42.75 -24.15
O3B COA X . -32.92 42.03 -23.05
P3B COA X . -32.09 41.00 -22.11
O7A COA X . -32.92 40.72 -20.86
O8A COA X . -31.83 39.72 -22.88
O9A COA X . -30.76 41.63 -21.75
C4B COA X . -32.21 44.19 -23.69
O4B COA X . -33.40 44.90 -24.00
C5B COA X . -31.01 44.86 -24.35
O5B COA X . -31.19 46.25 -24.26
P1A COA X . -29.90 47.22 -24.30
O1A COA X . -29.38 47.31 -25.72
O2A COA X . -30.20 48.60 -23.75
O3A COA X . -28.92 46.40 -23.32
P2A COA X . -27.32 46.66 -23.19
O4A COA X . -26.97 47.96 -23.89
O5A COA X . -26.58 45.48 -23.78
O6A COA X . -27.05 46.83 -21.59
CBP COA X . -26.97 46.15 -19.24
CCP COA X . -27.30 45.77 -20.68
CDP COA X . -25.61 46.85 -19.21
CEP COA X . -26.86 44.85 -18.43
CAP COA X . -28.05 47.12 -18.68
OAP COA X . -29.29 46.88 -19.32
C9P COA X . -28.28 47.13 -17.18
O9P COA X . -28.93 46.04 -16.53
N8P COA X . -27.92 48.22 -16.48
C7P COA X . -26.61 48.86 -16.49
C6P COA X . -25.69 48.48 -15.32
C5P COA X . -26.07 49.22 -14.05
O5P COA X . -27.06 48.83 -13.42
N4P COA X . -25.30 50.27 -13.69
C3P COA X . -24.97 50.59 -12.30
C2P COA X . -26.19 50.86 -11.41
S1P COA X . -26.75 49.47 -10.36
C ACT Y . -12.99 55.27 6.26
O ACT Y . -14.07 55.65 5.75
OXT ACT Y . -11.91 55.06 5.64
CH3 ACT Y . -12.99 55.04 7.76
N1A COA Z . 19.23 -65.48 -47.93
C2A COA Z . 20.09 -64.79 -48.78
N3A COA Z . 19.58 -64.11 -49.87
C4A COA Z . 18.25 -64.10 -50.11
C5A COA Z . 17.37 -64.76 -49.26
C6A COA Z . 17.87 -65.47 -48.16
N6A COA Z . 17.10 -66.29 -47.47
N7A COA Z . 16.11 -64.57 -49.75
C8A COA Z . 16.17 -63.78 -50.86
N9A COA Z . 17.51 -63.50 -51.09
C1B COA Z . 18.07 -62.57 -52.08
C2B COA Z . 17.42 -62.69 -53.46
O2B COA Z . 17.95 -63.74 -54.23
C3B COA Z . 17.67 -61.32 -54.07
O3B COA Z . 18.96 -61.30 -54.63
P3B COA Z . 19.27 -60.53 -56.02
O7A COA Z . 20.77 -60.32 -56.10
O8A COA Z . 18.88 -61.40 -57.22
O9A COA Z . 18.44 -59.25 -56.02
C4B COA Z . 17.70 -60.39 -52.86
O4B COA Z . 17.82 -61.23 -51.70
C5B COA Z . 16.42 -59.57 -52.80
O5B COA Z . 15.34 -60.44 -52.55
P1A COA Z . 13.84 -59.90 -52.49
O1A COA Z . 12.86 -61.06 -52.53
O2A COA Z . 13.62 -59.03 -51.26
O3A COA Z . 13.72 -59.05 -53.86
P2A COA Z . 12.36 -58.37 -54.40
O4A COA Z . 11.12 -59.13 -53.97
O5A COA Z . 12.39 -58.27 -55.91
O6A COA Z . 12.40 -56.91 -53.71
CBP COA Z . 14.13 -55.19 -54.00
CCP COA Z . 13.60 -56.38 -53.18
CDP COA Z . 13.17 -54.83 -55.14
CEP COA Z . 15.49 -55.59 -54.61
CAP COA Z . 14.27 -54.00 -53.03
OAP COA Z . 14.88 -54.45 -51.82
C9P COA Z . 15.02 -52.82 -53.59
O9P COA Z . 16.43 -52.78 -53.50
N8P COA Z . 14.31 -51.83 -54.13
C7P COA Z . 14.76 -50.45 -54.01
C6P COA Z . 13.93 -49.65 -52.99
C5P COA Z . 14.80 -48.80 -52.07
O5P COA Z . 15.68 -49.36 -51.37
N4P COA Z . 14.57 -47.48 -52.06
C3P COA Z . 14.32 -46.68 -50.87
C2P COA Z . 15.16 -45.39 -50.83
S1P COA Z . 16.98 -45.63 -50.74
C ACT AA . 15.57 -24.01 -54.98
O ACT AA . 14.50 -23.93 -55.64
OXT ACT AA . 15.73 -24.86 -54.11
CH3 ACT AA . 16.69 -23.06 -55.23
N1A COA BA . -36.96 75.17 -4.21
C2A COA BA . -38.13 75.66 -4.68
N3A COA BA . -38.15 76.63 -5.64
C4A COA BA . -37.02 77.12 -6.09
C5A COA BA . -35.85 76.66 -5.61
C6A COA BA . -35.83 75.69 -4.65
N6A COA BA . -34.80 75.53 -3.90
N7A COA BA . -34.89 77.31 -6.23
C8A COA BA . -35.39 78.15 -7.08
N9A COA BA . -36.71 78.03 -7.02
C1B COA BA . -37.61 78.60 -8.00
C2B COA BA . -37.28 80.05 -8.23
O2B COA BA . -37.92 80.89 -7.36
C3B COA BA . -37.76 80.30 -9.63
O3B COA BA . -39.11 80.59 -9.56
P3B COA BA . -39.80 81.58 -10.57
O7A COA BA . -39.32 81.27 -11.92
O8A COA BA . -39.41 82.95 -10.38
O9A COA BA . -41.21 81.48 -10.33
C4B COA BA . -37.61 78.94 -10.25
O4B COA BA . -37.33 78.02 -9.24
C5B COA BA . -36.59 78.97 -11.37
O5B COA BA . -35.33 78.83 -10.87
P1A COA BA . -34.03 79.00 -11.74
O1A COA BA . -32.98 79.51 -10.84
O2A COA BA . -33.62 77.74 -12.33
O3A COA BA . -34.31 80.14 -12.77
P2A COA BA . -33.39 80.61 -13.97
O4A COA BA . -32.00 80.88 -13.55
O5A COA BA . -33.90 81.86 -14.50
O6A COA BA . -33.47 79.51 -15.13
CBP COA BA . -35.36 78.92 -16.73
CCP COA BA . -34.57 78.68 -15.43
CDP COA BA . -34.57 79.31 -17.96
CEP COA BA . -36.45 79.92 -16.42
CAP COA BA . -36.04 77.64 -17.13
OAP COA BA . -37.13 77.54 -16.27
C9P COA BA . -36.39 77.42 -18.59
O9P COA BA . -36.57 78.48 -19.50
N8P COA BA . -36.53 76.12 -18.98
C7P COA BA . -36.99 75.62 -20.29
C6P COA BA . -35.88 75.27 -21.28
C5P COA BA . -36.38 75.16 -22.70
O5P COA BA . -37.22 75.95 -23.09
N4P COA BA . -35.93 74.18 -23.49
C3P COA BA . -36.46 73.98 -24.83
C2P COA BA . -37.49 72.90 -24.90
S1P COA BA . -39.08 73.21 -24.11
C ACT CA . -42.47 72.39 -46.03
O ACT CA . -41.62 73.18 -46.50
OXT ACT CA . -42.28 71.69 -45.02
CH3 ACT CA . -43.81 72.23 -46.71
N1A COA DA . -3.50 -32.58 1.65
C2A COA DA . -3.50 -33.96 1.66
N3A COA DA . -2.29 -34.62 1.81
C4A COA DA . -1.14 -33.96 1.91
C5A COA DA . -1.11 -32.58 1.89
C6A COA DA . -2.31 -31.88 1.75
N6A COA DA . -2.31 -30.54 1.74
N7A COA DA . 0.19 -32.20 2.01
C8A COA DA . 0.97 -33.29 2.12
N9A COA DA . 0.15 -34.39 2.05
C1B COA DA . 0.55 -35.80 2.11
C2B COA DA . 1.51 -36.09 0.97
O2B COA DA . 0.79 -36.44 -0.18
C3B COA DA . 2.28 -37.28 1.51
O3B COA DA . 1.47 -38.42 1.27
P3B COA DA . 2.05 -39.93 1.04
O7A COA DA . 0.91 -40.90 1.15
O8A COA DA . 2.63 -39.95 -0.36
O9A COA DA . 3.17 -40.15 2.07
C4B COA DA . 2.37 -36.98 3.00
O4B COA DA . 1.24 -36.14 3.31
C5B COA DA . 3.70 -36.26 3.28
O5B COA DA . 3.59 -35.48 4.46
P1A COA DA . 4.86 -35.14 5.40
O1A COA DA . 5.69 -34.01 4.83
O2A COA DA . 4.49 -34.83 6.84
O3A COA DA . 5.58 -36.58 5.37
P2A COA DA . 7.16 -36.76 5.67
O4A COA DA . 7.64 -35.61 6.52
O5A COA DA . 7.92 -36.82 4.33
O6A COA DA . 7.24 -38.13 6.53
CBP COA DA . 6.78 -40.45 7.16
CCP COA DA . 6.72 -39.36 6.06
CDP COA DA . 8.15 -40.38 7.83
CEP COA DA . 6.60 -41.80 6.47
CAP COA DA . 5.70 -40.23 8.25
OAP COA DA . 4.48 -39.73 7.72
C9P COA DA . 5.40 -41.48 9.05
O9P COA DA . 4.22 -42.22 8.78
N8P COA DA . 6.28 -41.84 9.98
C7P COA DA . 6.19 -41.49 11.39
C6P COA DA . 7.17 -42.30 12.22
C5P COA DA . 6.45 -43.51 12.78
O5P COA DA . 5.25 -43.72 12.52
N4P COA DA . 7.15 -44.33 13.56
C3P COA DA . 6.43 -45.00 14.65
C2P COA DA . 6.75 -44.32 15.97
S1P COA DA . 8.13 -43.17 15.71
C1 GOL EA . 4.98 -30.15 21.91
O1 GOL EA . 5.50 -28.86 22.20
C2 GOL EA . 5.92 -30.93 20.96
O2 GOL EA . 7.26 -30.50 21.14
C3 GOL EA . 5.83 -32.43 21.24
O3 GOL EA . 6.92 -33.11 20.62
C ACT FA . 16.12 -58.50 29.52
O ACT FA . 17.29 -58.03 29.39
OXT ACT FA . 15.07 -57.81 29.44
CH3 ACT FA . 15.96 -59.96 29.83
N1A COA GA . -25.68 30.98 60.63
C2A COA GA . -26.65 31.73 61.27
N3A COA GA . -26.30 32.88 61.96
C4A COA GA . -24.99 33.27 62.01
C5A COA GA . -24.00 32.55 61.36
C6A COA GA . -24.36 31.39 60.66
N6A COA GA . -23.44 30.60 60.16
N7A COA GA . -22.82 33.17 61.56
C8A COA GA . -23.03 34.28 62.34
N9A COA GA . -24.38 34.36 62.61
C1B COA GA . -25.07 35.35 63.46
C2B COA GA . -24.50 35.36 64.89
O2B COA GA . -25.09 34.35 65.71
C3B COA GA . -24.91 36.74 65.33
O3B COA GA . -26.28 36.64 65.65
P3B COA GA . -26.97 37.49 66.81
O7A COA GA . -28.33 36.83 67.10
O8A COA GA . -26.04 37.49 68.02
O9A COA GA . -27.09 38.90 66.30
C4B COA GA . -24.85 37.59 64.07
O4B COA GA . -24.96 36.69 62.97
C5B COA GA . -23.55 38.40 64.11
O5B COA GA . -22.70 38.12 63.03
P1A COA GA . -22.00 39.34 62.24
O1A COA GA . -20.49 39.18 62.18
O2A COA GA . -22.58 39.53 60.85
O3A COA GA . -22.43 40.59 63.17
P2A COA GA . -21.49 41.86 63.53
O4A COA GA . -20.56 42.14 62.36
O5A COA GA . -20.76 41.58 64.85
O6A COA GA . -22.51 43.11 63.67
CBP COA GA . -24.68 44.19 63.93
CCP COA GA . -23.80 42.98 64.24
CDP COA GA . -23.95 45.46 64.34
CEP COA GA . -25.95 44.06 64.78
CAP COA GA . -25.02 44.26 62.42
OAP COA GA . -25.58 43.04 61.96
C9P COA GA . -25.97 45.41 62.07
O9P COA GA . -27.34 45.29 62.42
N8P COA GA . -25.45 46.47 61.44
C7P COA GA . -26.23 47.61 60.96
C6P COA GA . -25.51 48.93 61.21
C5P COA GA . -25.87 49.99 60.18
O5P COA GA . -25.03 50.47 59.41
N4P COA GA . -27.15 50.39 60.17
C3P COA GA . -27.57 51.64 59.57
C2P COA GA . -29.05 51.63 59.20
S1P COA GA . -30.19 50.66 60.25
C ACT HA . -33.38 72.84 59.87
O ACT HA . -32.75 72.76 60.94
OXT ACT HA . -33.41 71.91 59.04
CH3 ACT HA . -34.12 74.13 59.62
N1A COA IA . 53.94 -17.77 -0.74
C2A COA IA . 54.13 -16.74 0.15
N3A COA IA . 53.04 -16.26 0.86
C4A COA IA . 51.80 -16.81 0.70
C5A COA IA . 51.59 -17.87 -0.18
C6A COA IA . 52.68 -18.33 -0.92
N6A COA IA . 52.47 -19.18 -1.92
N7A COA IA . 50.27 -18.21 -0.12
C8A COA IA . 49.65 -17.39 0.77
N9A COA IA . 50.59 -16.52 1.28
C1B COA IA . 50.41 -15.47 2.31
C2B COA IA . 49.44 -14.41 1.80
O2B COA IA . 50.08 -13.45 1.00
C3B COA IA . 48.91 -13.85 3.12
O3B COA IA . 49.89 -13.01 3.65
P3B COA IA . 49.51 -11.61 4.34
O7A COA IA . 50.74 -10.72 4.17
O8A COA IA . 48.26 -11.03 3.67
O9A COA IA . 49.19 -11.91 5.78
C4B COA IA . 48.88 -15.04 4.07
O4B COA IA . 49.87 -15.95 3.56
C5B COA IA . 47.50 -15.63 4.12
O5B COA IA . 47.59 -17.02 4.08
P1A COA IA . 46.65 -17.93 5.02
O1A COA IA . 45.60 -18.67 4.20
O2A COA IA . 47.45 -18.91 5.85
O3A COA IA . 46.00 -16.80 5.98
P2A COA IA . 44.54 -16.95 6.65
O4A COA IA . 44.09 -18.40 6.61
O5A COA IA . 43.58 -15.99 5.95
O6A COA IA . 44.78 -16.56 8.21
CBP COA IA . 45.70 -15.35 10.08
CCP COA IA . 45.30 -15.32 8.60
CDP COA IA . 44.63 -16.11 10.86
CEP COA IA . 45.79 -13.92 10.61
CAP COA IA . 47.06 -16.07 10.24
OAP COA IA . 47.97 -15.67 9.24
C9P COA IA . 47.65 -15.85 11.60
O9P COA IA . 48.51 -14.75 11.85
N8P COA IA . 47.35 -16.76 12.54
C7P COA IA . 47.36 -16.52 13.96
C6P COA IA . 46.69 -17.69 14.69
C5P COA IA . 45.64 -17.20 15.66
O5P COA IA . 45.26 -16.02 15.64
N4P COA IA . 45.14 -18.12 16.52
C3P COA IA . 45.88 -18.83 17.56
C2P COA IA . 46.08 -18.02 18.83
S1P COA IA . 47.57 -16.98 18.79
C ACT JA . 41.58 -14.56 39.56
O ACT JA . 42.48 -15.36 39.31
OXT ACT JA . 40.76 -14.20 38.70
CH3 ACT JA . 41.45 -13.99 40.95
N1A COA KA . 21.22 -36.30 -24.44
C2A COA KA . 21.39 -37.31 -23.51
N3A COA KA . 20.26 -37.85 -22.91
C4A COA KA . 19.02 -37.41 -23.25
C5A COA KA . 18.85 -36.42 -24.20
C6A COA KA . 19.96 -35.87 -24.79
N6A COA KA . 19.77 -34.85 -25.64
N7A COA KA . 17.53 -36.16 -24.33
C8A COA KA . 16.85 -36.98 -23.48
N9A COA KA . 17.77 -37.77 -22.82
C1B COA KA . 17.49 -38.79 -21.79
C2B COA KA . 16.84 -38.19 -20.54
O2B COA KA . 17.83 -37.81 -19.60
C3B COA KA . 15.97 -39.33 -20.03
O3B COA KA . 16.84 -40.19 -19.32
P3B COA KA . 16.55 -40.91 -17.89
O7A COA KA . 17.78 -41.76 -17.55
O8A COA KA . 16.31 -39.84 -16.84
O9A COA KA . 15.33 -41.79 -18.03
C4B COA KA . 15.63 -40.10 -21.31
O4B COA KA . 16.62 -39.79 -22.29
C5B COA KA . 14.26 -39.75 -21.87
O5B COA KA . 14.22 -40.24 -23.18
P1A COA KA . 12.81 -40.69 -23.81
O1A COA KA . 12.01 -39.44 -24.14
O2A COA KA . 12.97 -41.62 -25.00
O3A COA KA . 12.22 -41.52 -22.54
P2A COA KA . 10.71 -42.09 -22.44
O4A COA KA . 9.98 -41.78 -23.73
O5A COA KA . 10.00 -41.47 -21.24
O6A COA KA . 10.89 -43.70 -22.28
CBP COA KA . 11.28 -45.79 -21.09
CCP COA KA . 11.28 -44.26 -21.04
CDP COA KA . 9.85 -46.24 -21.38
CEP COA KA . 11.67 -46.31 -19.71
CAP COA KA . 12.25 -46.26 -22.20
OAP COA KA . 13.44 -45.51 -22.19
C9P COA KA . 12.60 -47.73 -22.18
O9P COA KA . 13.74 -48.17 -21.46
N8P COA KA . 11.81 -48.56 -22.88
C7P COA KA . 10.98 -49.55 -22.22
C6P COA KA . 10.50 -50.67 -23.14
C5P COA KA . 11.21 -51.95 -22.77
O5P COA KA . 12.43 -51.93 -22.46
N4P COA KA . 10.46 -53.07 -22.79
C3P COA KA . 10.59 -54.14 -23.77
C2P COA KA . 11.98 -54.80 -23.81
S1P COA KA . 12.81 -55.13 -22.21
C ACT LA . 2.13 -74.89 -21.32
O ACT LA . 2.91 -74.34 -22.14
OXT ACT LA . 1.18 -74.30 -20.73
CH3 ACT LA . 2.36 -76.35 -21.02
#